data_5VGZ
#
_entry.id   5VGZ
#
_cell.length_a   1
_cell.length_b   1
_cell.length_c   1
_cell.angle_alpha   90.00
_cell.angle_beta   90.00
_cell.angle_gamma   90.00
#
_symmetry.space_group_name_H-M   'P 1'
#
loop_
_entity.id
_entity.type
_entity.pdbx_description
1 polymer '26S proteasome regulatory subunit 7'
2 polymer '26S proteasome regulatory subunit 4'
3 polymer '26S proteasome regulatory subunit 8'
4 polymer '26S proteasome regulatory subunit 6B'
5 polymer '26S proteasome regulatory subunit 10B'
6 polymer '26S proteasome regulatory subunit 6A'
7 polymer '26S proteasome non-ATPase regulatory subunit 1'
8 polymer '26S proteasome non-ATPase regulatory subunit 3'
9 polymer '26S proteasome non-ATPase regulatory subunit 12'
10 polymer '26S proteasome non-ATPase regulatory subunit 11'
11 polymer '26S proteasome non-ATPase regulatory subunit 6'
12 polymer '26S proteasome non-ATPase regulatory subunit 7'
13 polymer '26S proteasome non-ATPase regulatory subunit 13'
14 polymer '26S proteasome non-ATPase regulatory subunit 4'
15 polymer '26S proteasome non-ATPase regulatory subunit 14'
16 polymer '26S proteasome non-ATPase regulatory subunit 8'
17 polymer '26S proteasome complex subunit SEM1'
18 non-polymer 'ZINC ION'
#
loop_
_entity_poly.entity_id
_entity_poly.type
_entity_poly.pdbx_seq_one_letter_code
_entity_poly.pdbx_strand_id
1 'polypeptide(L)'
;APPALWDLAADKQTLQSEQPLQVARCTKIINADSEDPKYIINVKQFAKFVVDLSDQVAPTDIEEGMRVGVDRNKYQIHIP
LPP
;
A
2 'polypeptide(L)' EEERSKVDDLRGTPMSVGTLEEIIDDNHAIVSTSVGSEHYVSILSFVDKDLLEPGCSVLLNHKVHAVIGVLMD B
3 'polypeptide(L)'
;LEEGKAGSGLRQYYLSKIEELQLIVNDKSQNLRRLQAQRNELNAKVRLLREELQLLQEQGSYVGEVVRAMDKKKVLVKVH
PEGKFVVDVDKNIDINDVTPNCRVALRNDSYTLHKILP
;
C
4 'polypeptide(L)'
;DLYSRYKKLQQELEFLEVQEEYIKDEQKNLKKEFLHAQEEVKRIQSIPLVIGQFLEAVDQNTAIVGSTTGSNYYVRILST
IDRELLKPNASVALHKHSNALVDVLPP
;
D
5 'polypeptide(L)'
;DYRKKLLEHKEIDGRLKELREQLKELTKQYEKSENDLKALQSVGQIVGEVLKQLTEEKFIVKATNGPRYVVGCRRQLDKS
KLKPGTRVALDMTTLTIMRYLPRE
;
E
6 'polypeptide(L)'
;KIMKSEVLRVTHELQAMKDKIKENSEKIKVNKTLPYLVSNVIELLDVDPNDQEEDGANIDLDSQRKGKCAVIKTSTRQTY
FLPVIGLVDAEKLKPGDLVGVNKDSYLILETLPTE
;
F
7 'polypeptide(L)'
;MITSAAGIISLLDEDEPQLKEFALHKLNAVVNDFWAEISESVDKIEVLYEDEGFRSRQFAALVASKVFYHLGAFEESLNY
ALGAGDLFNVNDNSEYVETIIAKCIDHYTKQCVENADLPEGEKKPIDQRLEGIVNKMFQRCLDDHKYKQAIGIALETRRL
DVFEKTILESNDVPGMLAYSLKLCMSLMQNKQFRNKVLRVLVKIYMNLEKPDFINVCQCLIFLDDPQAVSDILEKLVKED
NLLMAYQICFDLYESASQQFLSSVIQNLRTVGTPIASVPGSTNTGTVPGSEKDSDSMETEEKTSSAFVGKTPEASPEPKD
QTLKMIKILSGEMAIELHLQFLIRNNNTDLMILKNTKDAVRNSVCHTATVIANSFMHCGTTSDQFLRDNLEWLARATNWA
KFTATASLGVIHKGHEKEALQLMATYLPKDTSPGSAYQEGGGLYALGLIHANHGGDIIDYLLNQLKNASNDIVRHGGSLG
LGLAAMGTARQDVYDLLKTNLYQDDAVTGEAAGLALGLVMLGSKNAQAIEDMVGYAQETQHEKILRGLAVGIALVMYGRM
EEADALIESLCRDKDPILRRSGMYTVAMAYCGSGNNKAIRRLLHVAVSDVNDDVRRAAVESLGFILFRTPEQCPSVVSLL
SESYNPHVRYGAAMALGICCAGTGNKEAINLLEPMTNDPVNYVRQGALIASALIMIQQTEITCPKVNQFRQLYSKVINDK
HDDVMAKFGAILAQGILDAGGHNVTISLQSRTGHTHMPSVVGVLVFTQFWFWFPLSHFLSLAYTPTCVIGLNKDLKMPKV
QYKSNCKPSTFAYPAPLEVPKEKEKEKVSTAVLSITAKAKKKEKEKEKKEEEKMEVDEAEKKEEKEKKKEPEPNFQLLDN
PARVMPAQLKVLTMPETCRYQPFKPLSIGGIIILKDTSEDIEELVEPVAAHGPKI
;
U
8 'polypeptide(L)'
;PPGGGEQEPPPPPAPQDVEMKEEAATGGGSTGEADGKTAAAAAEHSQRELDTVTLEDIKEHVKQLEKAVSGKEPRFVLRA
LRMLPSTSRRLNHYVLYKAVQGFFTSNNATRDFLLPFLEEPMDTEADLQFRPRTGKAASTPLLPEVEAYLQLLVVIFMMN
SKRYKEAQKISDDLMQKISTQNRRALDLVAAKCYYYHARVYEFLDKLDVVRSFLHARLRTATLRHDADGQATLLNLLLRN
YLHYSLYDQAEKLVSKSVFPEQANNNEWARYLYYTGRIKAIQLEYSEARRTMTNALRKAPQHTAVGFKQTVHKLLIVVEL
LLGEIPDRLQFRQPSLKRSLMPYFLLTQAVRTGNLAKFNQVLDQFGEKFQADGTYTLIIRLRHNVIKTGVRMISLSYSRI
SLADIAQKLQLDSPEDAEFIVAKAIRDGVIEASINHEKGYVQSKEMIDIYSTREPQLAFHQRISFCLDIHNMSVKAMRFP
PKSYNKDL
;
V
9 'polypeptide(L)'
;MADGGSERADGRIVKMEVDYSATVDQRLPECAKLAKEGRLQEVIETLLSLEKQTRTASDMVSTSRILVAVVKMCYEAKEW
DLLNENIMLLSKRRSQLKQAVAKMVQQCCTYVEEITDLPIKLRLIDTLRMVTEGKIYVEIERARLTKTLATIKEQNGDVK
EAASILQELQVETYGSMEKKERVEFILEQMRLCLAVKDYIRTQIISKKINTKFFQEENTEKLKLKYYNLMIQLDQHEGSY
LSICKHYRAIYDTPCIQAESEKWQQALKSVVLYVILAPFDNEQSDLVHRISGDKKLEEIPKYKDLLKLFTTMELMRWSTL
VEDYGMELRKGSLESPATDVFGSTEEGEKRWKDLKNRVVEHNIRIMAKYYTRITMKRMAQLLDLSVDESEAFLSNLVVNK
TIFAKVDRLAGIINFQRPKDPNNLLNDWSQKLNSLMSLVNKTTHLIAKEEMIHNLQ
;
W
10 'polypeptide(L)'
;NDEEAVQVKEQSILELGSLLAKTGQAAELGGLLKYVRPFLNSISKAKAARLVRSLLDLFLDMEAATGQEVELCLECIEWA
KSEKRTFLRQALEARLVSLYFDTKRYQEALHLGSQLLRELKKMDDKALLVEVQLLESKTYHALSNLPKARAALTSARTTA
NAIYCPPKLQATLDMQSGIIHAAEEKDWKTAYSYFYEAFEGYDSIDSPKAITSLKYMLLCKIMLNTPEDVQALVSGKLAL
RYAGRQTEALKCVAQASKNRSLADFEKALTDYRAELRDDPIISTHLAKLYDNLLEQNLIRVIEPFSRVQIEHISSLIKLS
KADVERKLSQMILDKKFHGILDQGEGVLIIFDEPPVDKTYEAALETIQNMSKVVDSLYNKAKKLT
;
X
11 'polypeptide(L)'
;PKNPDLRIAQLRFLLSLPEHRGDAAVRDELMAAVRDNNMAPYYEALCKSLDWQIDVDLLNKMKKANEDELKRLDEELEDA
EKNLGESEIRDAMMAKAEYLCRIGDKEGALTAFRKTYDKTVALGHRLDIVFYLLRIGLFYMDNDLITRNTEKAKSLIEEG
GDWDRRNRLKVYQGLYCVAIRDFKQAAELFLDTVSTFTSYELMDYKTFVTYTVYVSMIALERPDLREKVIKGAEILEVLH
SLPAVRQYLFSLYECRYSVFFQSLAVVEQEMKKDWLFAPHYRYYVREMRIHAYSQLLESYRSLTLGYMAEAFGVGVEFID
QELSRFIAAGRLHCKIDKVNEIVETNRPDSKNWQYQETIKKGDLLLNRVQKLSRVINM
;
Y
12 'polypeptide(L)'
;AVQKVVVHPLVLLSVVDHFNRIGKVGNQKRVVGVLLGSWQKKVLDVSNSFAVPFDEDDKDDSVWFLDHDYLENMYGMFKK
VNARERIVGWYHTGPKLHKNDIAINELMKRYCPNSVLVIIDVKPKDLGLPTEAYISVEEVHDDGTPTSKTFEHVTSEIGA
EEAEEVGVEHLLRDIKDTTVGTLSQRITNQVHGLKGLNSKLLDIRSYLEKVATGKLPINHQIIYQLQDVFNLLPDVSLQE
FVKAFYLKTNDQMVVVYLASLIRSVVALHNLINNKIANRDAEKKEG
;
Z
13 'polypeptide(L)'
;DVPGFLQQSQNSGPGQPAVWHRLEELYTKKLWHQLTLQVLDFVQDPCFAQGDGLIKLYENFISEFEHRVNPLSLVEIILH
VVRQMTDPNVALTFLEKTREKVKSSDEAVILCKTAIGALKLNIGDLQVTKETIEDVEEMLNNLPGVTSVHSRFYDLSSKY
YQTIGNHASYYKDALRFLGCVDIKDLPVSEQQERAFTLGLAGLLGEGVFNFGELLMHPVLESLRNTDRQWLIDTLYAFNS
GNVERFQTLKTAWGQQPDLAANEAQLLRKIQLLCLMEMTFTRPANHRQLTFEEIAKSAKITVNEVELLVMKALSVGLVKG
SIDEVDKRVHMTWVQPRVLDLQQIKGMKDRLEFWCTDVKSMEMLVEHQAHDILT
;
a
14 'polypeptide(L)'
;MVLESTMVCVDNSEYMRNGDFLPTRLQAQQDAVNIVCHSKTRSNPENNVGLITLANDCEVLTTLTPDTGRILSKLHTVQP
KGKITFCTGIRVAHLALKHRQGKNHKMRIIAFVGSPVEDNEKDLVKLAKRLKKEKVNVDIINFGEEEVNTEKLTAFVNTL
NGKDGTGSHLVTVPPGPSLADALISSPILAG
;
b
15 'polypeptide(L)'
;AVDTAEQVYISSLALLKMLKHGRAGVPMEVMGLMLGEFVDDYTVRVIDVFAMPQSGTGVSVEAVDPVFQAKMLDMLKQTG
RPEMVVGWYHSHPGFGCWLSGVDINTQQSFEALSERAVAVVVDPIQSVKGKVVIDAFRLINANMMVLGHEPRQTTSNLGH
LNKPSIQALIHGLNRHYYSITINYRKNELEQKMLLNLHKKSWMEGLTLQDYSEHCKHNESVVKEMLELAKNYNKAVEEED
KMTPEQLAIKNVGKQDPKRHLEEHVDVLMTSNIVQCLAAMLDTVVFK
;
c
16 'polypeptide(L)'
;MYEQLKGEWNRKSPNLSKCGEELGRLKLVLLELNFLPTTGTKLTKQQLILARDILEIGAQWSILRKDIPSFERYMAQLKC
YYFDYKEQLPESAYMHQLLGLNLLFLLSQNRVAEFHTELERLPAKDIQTNVYIKHPVSLEQYLMEGSYNKVFLAKGNIPA
ESYTFFIDILLDTIRDEIAGCIEKAYEKILFTEATRILFFNTPKKMTDYAKKRGWVLGPNNYYSFASQQQKPEDTTIPST
ELAKQVIEYARQLEMIV
;
d
17 'polypeptide(L)' MSEKKQPVDLGLLEEDDEFEEFPAEDWAGLDEDEDAHVWEDNWDDDNVEDDFSNQLRAELEKHGYKMETS e
#
loop_
_chem_comp.id
_chem_comp.type
_chem_comp.name
_chem_comp.formula
ZN non-polymer 'ZINC ION' 'Zn 2'
#
# COMPACT_ATOMS: atom_id res chain seq x y z
N ALA A 1 54.53 50.50 -3.08
CA ALA A 1 54.60 49.81 -1.79
C ALA A 1 55.35 50.56 -0.66
N PRO A 2 56.40 51.35 -0.95
CA PRO A 2 56.86 52.33 0.08
C PRO A 2 55.90 53.49 0.27
N PRO A 3 55.17 53.99 -0.76
CA PRO A 3 54.00 54.82 -0.42
C PRO A 3 52.90 54.06 0.28
N ALA A 4 52.76 52.77 -0.02
CA ALA A 4 51.81 51.91 0.68
C ALA A 4 52.38 51.37 1.99
N LEU A 5 53.61 51.74 2.36
CA LEU A 5 54.19 51.33 3.62
C LEU A 5 53.65 52.15 4.78
N TRP A 6 53.80 53.48 4.69
CA TRP A 6 53.27 54.36 5.73
C TRP A 6 51.74 54.38 5.71
N ASP A 7 51.13 54.21 4.54
CA ASP A 7 49.69 54.09 4.47
C ASP A 7 49.24 52.71 4.94
N LEU A 8 50.11 51.71 4.78
CA LEU A 8 49.83 50.39 5.33
C LEU A 8 49.85 50.41 6.85
N ALA A 9 50.78 51.17 7.44
CA ALA A 9 50.72 51.42 8.88
C ALA A 9 49.55 52.33 9.23
N ALA A 10 49.11 53.14 8.27
CA ALA A 10 47.93 53.98 8.45
C ALA A 10 46.65 53.26 8.05
N ASP A 11 46.71 51.96 7.83
CA ASP A 11 45.53 51.15 7.58
C ASP A 11 44.98 50.56 8.87
N LYS A 12 45.66 50.81 9.99
CA LYS A 12 45.16 50.37 11.29
C LYS A 12 43.87 51.09 11.65
N GLN A 13 43.90 52.42 11.63
CA GLN A 13 42.73 53.22 11.98
C GLN A 13 41.67 53.23 10.90
N THR A 14 41.96 52.66 9.72
CA THR A 14 40.92 52.53 8.70
C THR A 14 39.91 51.44 9.06
N LEU A 15 40.26 50.54 9.98
CA LEU A 15 39.29 49.55 10.43
C LEU A 15 38.35 50.14 11.46
N GLN A 16 38.87 50.95 12.39
CA GLN A 16 38.01 51.70 13.29
C GLN A 16 37.31 52.86 12.60
N SER A 17 37.78 53.24 11.42
CA SER A 17 37.15 54.26 10.61
C SER A 17 36.32 53.66 9.47
N GLU A 18 36.28 52.34 9.38
CA GLU A 18 35.49 51.65 8.36
C GLU A 18 34.04 51.56 8.78
N GLN A 19 33.77 51.51 10.09
CA GLN A 19 32.39 51.57 10.56
C GLN A 19 31.72 52.92 10.31
N PRO A 20 32.41 54.10 10.43
CA PRO A 20 31.82 55.29 9.80
C PRO A 20 32.12 55.38 8.32
N LEU A 21 31.47 56.33 7.62
CA LEU A 21 31.70 56.71 6.22
C LEU A 21 31.28 55.61 5.24
N GLN A 22 30.70 54.54 5.76
CA GLN A 22 30.46 53.34 4.96
C GLN A 22 29.29 53.51 4.00
N VAL A 23 28.42 54.48 4.24
CA VAL A 23 27.08 54.49 3.67
C VAL A 23 27.09 55.15 2.30
N ALA A 24 26.51 54.45 1.31
CA ALA A 24 26.33 54.97 -0.04
C ALA A 24 25.19 54.22 -0.70
N ARG A 25 24.07 54.92 -0.92
CA ARG A 25 22.92 54.39 -1.62
C ARG A 25 23.01 54.70 -3.12
N CYS A 26 24.22 54.58 -3.69
CA CYS A 26 24.54 54.85 -5.10
C CYS A 26 24.24 56.31 -5.49
N THR A 27 24.33 57.21 -4.50
CA THR A 27 24.30 58.67 -4.63
C THR A 27 23.07 59.15 -5.41
N LYS A 28 21.91 58.87 -4.82
CA LYS A 28 20.65 59.21 -5.46
C LYS A 28 20.44 60.72 -5.45
N ILE A 29 19.99 61.24 -6.57
CA ILE A 29 19.63 62.64 -6.69
C ILE A 29 18.15 62.80 -6.41
N ILE A 30 17.77 63.92 -5.79
CA ILE A 30 16.37 64.12 -5.45
C ILE A 30 15.63 64.64 -6.68
N ASN A 31 14.31 64.70 -6.60
CA ASN A 31 13.53 65.27 -7.69
C ASN A 31 12.86 66.56 -7.22
N ALA A 32 12.10 66.46 -6.15
CA ALA A 32 11.43 67.60 -5.55
C ALA A 32 11.31 67.34 -4.06
N ASP A 33 10.45 68.10 -3.41
CA ASP A 33 10.08 67.88 -2.01
C ASP A 33 8.63 68.30 -1.82
N SER A 34 7.80 67.35 -1.40
CA SER A 34 6.39 67.65 -1.15
C SER A 34 6.24 68.53 0.08
N GLU A 35 6.76 68.08 1.21
CA GLU A 35 6.72 68.81 2.47
C GLU A 35 8.09 68.64 3.12
N ASP A 36 8.39 69.50 4.11
CA ASP A 36 9.72 69.48 4.71
C ASP A 36 10.13 68.18 5.43
N PRO A 37 9.24 67.31 5.91
CA PRO A 37 9.71 65.94 6.15
C PRO A 37 10.02 65.14 4.89
N LYS A 38 9.09 65.05 3.95
CA LYS A 38 9.10 64.01 2.92
C LYS A 38 9.71 64.52 1.60
N TYR A 39 10.71 63.81 1.10
CA TYR A 39 11.42 64.18 -0.12
C TYR A 39 11.20 63.12 -1.19
N ILE A 40 10.74 63.52 -2.36
CA ILE A 40 10.59 62.62 -3.49
C ILE A 40 11.94 62.51 -4.22
N ILE A 41 12.51 61.31 -4.19
CA ILE A 41 13.89 61.06 -4.60
C ILE A 41 13.86 59.91 -5.61
N ASN A 42 14.83 59.89 -6.53
CA ASN A 42 14.98 58.78 -7.47
C ASN A 42 16.42 58.28 -7.41
N VAL A 43 16.58 56.97 -7.27
CA VAL A 43 17.90 56.37 -7.41
C VAL A 43 18.24 56.23 -8.89
N LYS A 44 19.52 55.99 -9.18
CA LYS A 44 19.96 55.85 -10.56
C LYS A 44 19.46 54.55 -11.19
N GLN A 45 19.08 53.56 -10.39
CA GLN A 45 18.48 52.33 -10.87
C GLN A 45 16.97 52.43 -11.09
N PHE A 46 16.45 53.65 -11.24
CA PHE A 46 15.08 53.94 -11.65
C PHE A 46 14.06 53.40 -10.65
N ALA A 47 14.39 53.52 -9.37
CA ALA A 47 13.46 53.24 -8.29
C ALA A 47 13.25 54.54 -7.54
N LYS A 48 12.03 55.08 -7.62
CA LYS A 48 11.72 56.36 -6.99
C LYS A 48 11.49 56.12 -5.50
N PHE A 49 12.26 56.81 -4.65
CA PHE A 49 12.21 56.59 -3.21
C PHE A 49 11.74 57.84 -2.48
N VAL A 50 11.28 57.64 -1.24
CA VAL A 50 10.97 58.73 -0.33
C VAL A 50 11.60 58.42 1.02
N VAL A 51 12.40 59.35 1.53
CA VAL A 51 12.91 59.26 2.89
C VAL A 51 12.89 60.66 3.48
N ASP A 52 12.89 60.73 4.81
CA ASP A 52 13.02 62.00 5.48
C ASP A 52 14.49 62.44 5.52
N LEU A 53 14.68 63.74 5.73
CA LEU A 53 16.00 64.30 5.96
C LEU A 53 16.53 63.84 7.31
N SER A 54 17.85 63.68 7.40
CA SER A 54 18.45 63.41 8.69
C SER A 54 18.62 64.71 9.48
N ASP A 55 19.13 64.60 10.70
CA ASP A 55 19.33 65.80 11.49
C ASP A 55 20.66 66.47 11.18
N GLN A 56 21.53 65.83 10.40
CA GLN A 56 22.86 66.37 10.19
C GLN A 56 22.91 67.36 9.03
N VAL A 57 21.86 67.39 8.20
CA VAL A 57 21.81 68.25 7.02
C VAL A 57 20.63 69.19 7.19
N ALA A 58 20.85 70.48 6.92
CA ALA A 58 19.77 71.44 6.98
C ALA A 58 18.88 71.31 5.75
N PRO A 59 17.57 71.58 5.88
CA PRO A 59 16.71 71.60 4.69
C PRO A 59 16.97 72.77 3.78
N THR A 60 17.58 73.85 4.28
CA THR A 60 18.07 74.90 3.42
C THR A 60 19.36 74.50 2.70
N ASP A 61 20.01 73.43 3.14
CA ASP A 61 21.11 72.83 2.43
C ASP A 61 20.65 71.75 1.45
N ILE A 62 19.34 71.61 1.26
CA ILE A 62 18.77 70.78 0.21
C ILE A 62 18.63 71.64 -1.04
N GLU A 63 19.13 71.14 -2.15
CA GLU A 63 18.96 71.79 -3.44
C GLU A 63 18.23 70.83 -4.38
N GLU A 64 17.47 71.41 -5.30
CA GLU A 64 16.67 70.62 -6.23
C GLU A 64 17.57 69.82 -7.17
N GLY A 65 17.36 68.50 -7.18
CA GLY A 65 18.12 67.59 -7.99
C GLY A 65 19.58 67.52 -7.60
N MET A 66 19.86 67.12 -6.36
CA MET A 66 21.20 67.23 -5.80
C MET A 66 21.78 65.85 -5.55
N ARG A 67 22.98 65.61 -6.05
CA ARG A 67 23.77 64.45 -5.68
C ARG A 67 24.36 64.69 -4.30
N VAL A 68 23.99 63.83 -3.33
CA VAL A 68 24.48 63.93 -1.96
C VAL A 68 24.81 62.53 -1.47
N GLY A 69 25.64 62.48 -0.43
CA GLY A 69 25.81 61.25 0.30
C GLY A 69 24.56 60.95 1.11
N VAL A 70 24.16 59.68 1.11
CA VAL A 70 22.92 59.26 1.75
C VAL A 70 23.09 57.81 2.21
N ASP A 71 22.45 57.48 3.33
CA ASP A 71 22.59 56.15 3.93
C ASP A 71 21.98 55.08 3.03
N ARG A 72 22.56 53.87 3.11
CA ARG A 72 21.97 52.70 2.49
C ARG A 72 21.34 51.75 3.49
N ASN A 73 21.31 52.11 4.77
CA ASN A 73 20.69 51.30 5.81
C ASN A 73 19.45 51.98 6.39
N LYS A 74 19.61 53.17 6.96
CA LYS A 74 18.47 53.93 7.47
C LYS A 74 17.99 54.95 6.46
N TYR A 75 18.76 55.12 5.38
CA TYR A 75 18.40 55.75 4.11
C TYR A 75 18.39 57.27 4.24
N GLN A 76 18.83 57.79 5.38
CA GLN A 76 18.80 59.23 5.60
C GLN A 76 20.06 59.89 5.05
N ILE A 77 20.03 61.22 5.00
CA ILE A 77 21.05 62.01 4.31
C ILE A 77 22.11 62.41 5.32
N HIS A 78 23.24 61.70 5.31
CA HIS A 78 24.27 61.98 6.30
C HIS A 78 25.03 63.26 5.97
N ILE A 79 25.54 63.37 4.75
CA ILE A 79 26.39 64.50 4.37
C ILE A 79 26.12 64.85 2.91
N PRO A 80 26.15 66.13 2.54
CA PRO A 80 26.10 66.47 1.12
C PRO A 80 27.46 66.44 0.43
N LEU A 81 27.48 66.82 -0.84
CA LEU A 81 28.70 66.93 -1.64
C LEU A 81 28.48 67.98 -2.72
N PRO A 82 29.51 68.73 -3.09
CA PRO A 82 29.33 69.93 -3.95
C PRO A 82 28.91 69.62 -5.38
N PRO A 83 29.52 68.64 -6.10
CA PRO A 83 28.96 68.56 -7.46
C PRO A 83 27.73 67.67 -7.55
N GLU B 1 55.35 42.71 7.25
CA GLU B 1 55.20 41.50 6.47
C GLU B 1 53.84 40.88 6.78
N GLU B 2 53.54 40.76 8.08
CA GLU B 2 52.20 40.38 8.50
C GLU B 2 51.21 41.51 8.21
N GLU B 3 51.64 42.77 8.35
CA GLU B 3 50.79 43.88 7.97
C GLU B 3 50.64 43.97 6.45
N ARG B 4 51.62 43.47 5.70
CA ARG B 4 51.46 43.36 4.26
C ARG B 4 50.50 42.24 3.90
N SER B 5 50.47 41.20 4.72
CA SER B 5 49.57 40.07 4.51
C SER B 5 48.37 40.08 5.44
N LYS B 6 47.94 41.26 5.93
CA LYS B 6 46.72 41.35 6.71
C LYS B 6 45.58 42.01 5.94
N VAL B 7 45.89 42.75 4.88
CA VAL B 7 44.88 43.32 4.00
C VAL B 7 44.40 42.32 2.96
N ASP B 8 44.88 41.07 3.05
CA ASP B 8 44.45 39.99 2.17
C ASP B 8 42.98 39.66 2.32
N ASP B 9 42.37 39.99 3.47
CA ASP B 9 40.95 39.76 3.69
C ASP B 9 40.09 40.55 2.73
N LEU B 10 40.55 41.75 2.35
CA LEU B 10 39.79 42.61 1.46
C LEU B 10 40.01 42.22 0.01
N ARG B 11 41.23 41.80 -0.33
CA ARG B 11 41.53 41.36 -1.69
C ARG B 11 41.30 39.87 -1.90
N GLY B 12 40.70 39.19 -0.93
CA GLY B 12 40.47 37.77 -1.03
C GLY B 12 39.30 37.42 -1.94
N THR B 13 38.54 36.42 -1.50
CA THR B 13 37.27 36.07 -2.15
C THR B 13 36.29 37.24 -2.27
N PRO B 14 36.04 38.10 -1.22
CA PRO B 14 35.14 39.23 -1.55
C PRO B 14 35.80 40.34 -2.36
N MET B 15 35.96 40.11 -3.66
CA MET B 15 36.64 41.08 -4.50
C MET B 15 35.98 41.13 -5.87
N SER B 16 35.91 42.34 -6.42
CA SER B 16 35.28 42.57 -7.72
C SER B 16 36.11 43.57 -8.50
N VAL B 17 35.80 43.69 -9.79
CA VAL B 17 36.42 44.66 -10.68
C VAL B 17 35.35 45.67 -11.08
N GLY B 18 35.45 46.89 -10.56
CA GLY B 18 34.56 47.96 -10.93
C GLY B 18 35.24 48.96 -11.85
N THR B 19 34.49 50.03 -12.16
CA THR B 19 34.99 51.10 -13.02
C THR B 19 34.98 52.41 -12.25
N LEU B 20 36.16 53.00 -12.07
CA LEU B 20 36.28 54.28 -11.40
C LEU B 20 35.67 55.38 -12.25
N GLU B 21 35.01 56.33 -11.60
CA GLU B 21 34.45 57.47 -12.31
C GLU B 21 35.31 58.71 -12.12
N GLU B 22 35.50 59.14 -10.88
CA GLU B 22 36.34 60.30 -10.61
C GLU B 22 37.01 60.12 -9.25
N ILE B 23 38.05 60.92 -9.01
CA ILE B 23 38.74 60.95 -7.73
C ILE B 23 38.42 62.27 -7.05
N ILE B 24 38.00 62.20 -5.79
CA ILE B 24 37.55 63.36 -5.03
C ILE B 24 38.63 63.72 -4.01
N ASP B 25 38.87 65.04 -3.88
CA ASP B 25 39.83 65.58 -2.93
C ASP B 25 39.46 65.32 -1.47
N ASP B 26 38.22 64.93 -1.19
CA ASP B 26 37.79 64.46 0.12
C ASP B 26 38.18 63.01 0.38
N ASN B 27 39.02 62.42 -0.48
CA ASN B 27 39.69 61.12 -0.44
C ASN B 27 38.72 59.94 -0.47
N HIS B 28 37.43 60.19 -0.63
CA HIS B 28 36.47 59.14 -0.95
C HIS B 28 35.99 59.35 -2.38
N ALA B 29 36.40 58.46 -3.27
CA ALA B 29 36.09 58.61 -4.69
C ALA B 29 34.75 57.95 -5.02
N ILE B 30 34.24 58.20 -6.21
CA ILE B 30 32.97 57.68 -6.66
C ILE B 30 33.23 56.70 -7.80
N VAL B 31 32.67 55.49 -7.69
CA VAL B 31 32.96 54.40 -8.61
C VAL B 31 31.71 54.02 -9.40
N SER B 32 31.84 53.04 -10.29
CA SER B 32 30.72 52.55 -11.09
C SER B 32 30.98 51.09 -11.47
N THR B 33 29.95 50.45 -12.00
CA THR B 33 29.99 49.07 -12.47
C THR B 33 28.87 48.89 -13.49
N SER B 34 28.51 47.64 -13.76
CA SER B 34 27.45 47.33 -14.73
C SER B 34 26.10 47.92 -14.33
N VAL B 35 25.83 48.01 -13.02
CA VAL B 35 24.70 48.82 -12.55
C VAL B 35 25.12 50.24 -12.22
N GLY B 36 26.42 50.54 -12.27
CA GLY B 36 26.91 51.84 -11.85
C GLY B 36 26.70 52.01 -10.36
N SER B 37 27.42 51.26 -9.55
CA SER B 37 27.28 51.38 -8.10
C SER B 37 28.24 52.45 -7.61
N GLU B 38 27.70 53.44 -6.92
CA GLU B 38 28.49 54.56 -6.44
C GLU B 38 28.72 54.42 -4.95
N HIS B 39 29.95 54.09 -4.59
CA HIS B 39 30.32 53.89 -3.20
C HIS B 39 31.60 54.66 -2.94
N TYR B 40 31.65 55.38 -1.84
CA TYR B 40 32.78 56.24 -1.52
C TYR B 40 33.44 55.75 -0.25
N VAL B 41 34.73 55.41 -0.37
CA VAL B 41 35.55 54.92 0.74
C VAL B 41 36.80 55.78 0.79
N SER B 42 37.16 56.22 2.00
CA SER B 42 38.47 56.82 2.21
C SER B 42 39.57 55.83 1.87
N ILE B 43 40.59 56.33 1.17
CA ILE B 43 41.49 55.49 0.38
C ILE B 43 42.38 54.62 1.26
N LEU B 44 42.96 53.60 0.64
CA LEU B 44 43.79 52.60 1.30
C LEU B 44 45.11 52.49 0.57
N SER B 45 45.88 51.46 0.88
CA SER B 45 47.22 51.32 0.31
C SER B 45 47.15 50.79 -1.12
N PHE B 46 48.32 50.75 -1.76
CA PHE B 46 48.65 50.19 -3.08
C PHE B 46 48.07 51.01 -4.24
N VAL B 47 47.25 52.03 -3.97
CA VAL B 47 46.68 52.85 -5.02
C VAL B 47 47.62 54.00 -5.31
N ASP B 48 47.62 54.46 -6.56
CA ASP B 48 48.53 55.52 -6.96
C ASP B 48 47.90 56.90 -6.85
N LYS B 49 46.63 57.00 -7.28
CA LYS B 49 45.69 58.13 -7.20
C LYS B 49 46.13 59.38 -7.98
N ASP B 50 47.31 59.36 -8.58
CA ASP B 50 47.76 60.44 -9.45
C ASP B 50 47.97 59.94 -10.88
N LEU B 51 48.79 58.90 -11.07
CA LEU B 51 48.90 58.22 -12.35
C LEU B 51 47.80 57.18 -12.52
N LEU B 52 46.91 57.07 -11.54
CA LEU B 52 45.71 56.22 -11.65
C LEU B 52 44.83 56.61 -12.83
N GLU B 53 44.84 57.90 -13.22
CA GLU B 53 44.23 58.46 -14.43
C GLU B 53 42.74 58.15 -14.47
N PRO B 54 41.93 58.92 -13.73
CA PRO B 54 40.53 58.54 -13.45
C PRO B 54 39.65 58.29 -14.67
N GLY B 55 38.61 57.51 -14.47
CA GLY B 55 37.77 57.04 -15.55
C GLY B 55 38.09 55.63 -16.02
N CYS B 56 38.82 54.85 -15.25
CA CYS B 56 39.28 53.53 -15.66
C CYS B 56 38.69 52.45 -14.75
N SER B 57 39.12 51.22 -14.98
CA SER B 57 38.66 50.09 -14.19
C SER B 57 39.56 49.86 -12.99
N VAL B 58 38.94 49.71 -11.82
CA VAL B 58 39.67 49.49 -10.56
C VAL B 58 39.08 48.28 -9.85
N LEU B 59 39.54 48.06 -8.62
CA LEU B 59 39.25 46.82 -7.90
C LEU B 59 38.28 47.10 -6.76
N LEU B 60 37.15 46.40 -6.76
CA LEU B 60 36.09 46.58 -5.78
C LEU B 60 35.84 45.27 -5.04
N ASN B 61 34.75 45.24 -4.28
CA ASN B 61 34.52 44.16 -3.33
C ASN B 61 33.04 43.74 -3.35
N HIS B 62 32.77 42.60 -2.73
CA HIS B 62 31.42 42.21 -2.34
C HIS B 62 31.02 42.85 -1.02
N LYS B 63 32.01 43.35 -0.29
CA LYS B 63 31.89 44.06 0.97
C LYS B 63 31.64 45.54 0.69
N VAL B 64 32.00 46.39 1.65
CA VAL B 64 31.76 47.84 1.66
C VAL B 64 32.58 48.58 0.57
N HIS B 65 33.27 47.83 -0.30
CA HIS B 65 33.93 48.30 -1.52
C HIS B 65 35.11 49.22 -1.20
N ALA B 66 35.83 48.89 -0.13
CA ALA B 66 37.06 49.58 0.19
C ALA B 66 38.09 49.23 -0.87
N VAL B 67 38.67 50.26 -1.49
CA VAL B 67 39.59 50.05 -2.60
C VAL B 67 40.93 49.57 -2.06
N ILE B 68 41.18 48.27 -2.21
CA ILE B 68 42.37 47.65 -1.64
C ILE B 68 43.56 47.74 -2.60
N GLY B 69 43.30 48.07 -3.85
CA GLY B 69 44.37 48.17 -4.83
C GLY B 69 43.78 48.46 -6.19
N VAL B 70 44.69 48.61 -7.16
CA VAL B 70 44.32 48.92 -8.52
C VAL B 70 45.08 48.00 -9.47
N LEU B 71 44.53 47.86 -10.67
CA LEU B 71 45.06 46.95 -11.67
C LEU B 71 45.05 47.66 -13.02
N MET B 72 46.23 47.88 -13.58
CA MET B 72 46.34 48.56 -14.86
C MET B 72 45.92 47.64 -16.01
N ASP B 73 45.62 48.24 -17.15
CA ASP B 73 45.22 47.48 -18.32
C ASP B 73 45.51 48.25 -19.61
N LEU C 1 43.08 -50.30 23.90
CA LEU C 1 42.92 -48.86 23.96
C LEU C 1 41.62 -48.52 23.24
N GLU C 2 41.74 -48.03 22.00
CA GLU C 2 40.65 -47.99 21.02
C GLU C 2 39.46 -47.14 21.45
N GLU C 3 39.72 -46.05 22.19
CA GLU C 3 38.64 -45.10 22.45
C GLU C 3 38.98 -43.72 21.89
N GLY C 4 40.15 -43.19 22.27
CA GLY C 4 40.58 -41.91 21.73
C GLY C 4 40.85 -41.99 20.24
N LYS C 5 41.22 -43.16 19.75
CA LYS C 5 41.30 -43.43 18.33
C LYS C 5 39.95 -43.74 17.72
N ALA C 6 39.03 -44.37 18.47
CA ALA C 6 37.78 -44.86 17.90
C ALA C 6 36.57 -44.15 18.46
N GLY C 7 36.35 -44.15 19.78
CA GLY C 7 35.12 -43.58 20.31
C GLY C 7 35.21 -42.08 20.48
N SER C 8 36.28 -41.61 21.14
CA SER C 8 36.59 -40.19 21.08
C SER C 8 37.12 -39.80 19.70
N GLY C 9 37.55 -40.77 18.90
CA GLY C 9 37.91 -40.47 17.53
C GLY C 9 36.69 -40.11 16.68
N LEU C 10 35.61 -40.87 16.82
CA LEU C 10 34.37 -40.53 16.13
C LEU C 10 33.67 -39.36 16.81
N ARG C 11 33.90 -39.16 18.10
CA ARG C 11 33.47 -37.95 18.76
C ARG C 11 34.18 -36.74 18.18
N GLN C 12 35.44 -36.91 17.81
CA GLN C 12 36.20 -35.88 17.09
C GLN C 12 35.74 -35.76 15.65
N TYR C 13 35.31 -36.86 15.03
CA TYR C 13 34.70 -36.79 13.71
C TYR C 13 33.40 -36.01 13.76
N TYR C 14 32.63 -36.22 14.82
CA TYR C 14 31.43 -35.43 15.05
C TYR C 14 31.78 -33.98 15.31
N LEU C 15 32.92 -33.74 15.96
CA LEU C 15 33.40 -32.37 16.09
C LEU C 15 33.80 -31.78 14.75
N SER C 16 34.30 -32.59 13.82
CA SER C 16 34.61 -32.09 12.49
C SER C 16 33.35 -31.77 11.72
N LYS C 17 32.29 -32.57 11.93
CA LYS C 17 30.99 -32.24 11.36
C LYS C 17 30.41 -30.99 12.02
N ILE C 18 30.71 -30.79 13.30
CA ILE C 18 30.38 -29.53 13.96
C ILE C 18 31.16 -28.37 13.35
N GLU C 19 32.40 -28.61 12.91
CA GLU C 19 33.13 -27.60 12.15
C GLU C 19 32.54 -27.37 10.78
N GLU C 20 31.87 -28.37 10.21
CA GLU C 20 31.09 -28.13 9.00
C GLU C 20 29.87 -27.29 9.31
N LEU C 21 29.25 -27.51 10.47
CA LEU C 21 28.13 -26.67 10.89
C LEU C 21 28.57 -25.25 11.19
N GLN C 22 29.80 -25.09 11.67
CA GLN C 22 30.34 -23.75 11.85
C GLN C 22 30.98 -23.24 10.56
N LEU C 23 31.06 -24.08 9.54
CA LEU C 23 31.33 -23.60 8.19
C LEU C 23 30.05 -23.08 7.55
N ILE C 24 28.91 -23.62 7.99
CA ILE C 24 27.61 -23.11 7.53
C ILE C 24 27.26 -21.82 8.27
N VAL C 25 27.45 -21.81 9.60
CA VAL C 25 27.26 -20.58 10.35
C VAL C 25 28.34 -19.57 9.95
N ASN C 26 29.52 -20.07 9.60
CA ASN C 26 30.60 -19.22 9.11
C ASN C 26 30.23 -18.52 7.81
N ASP C 27 29.84 -19.28 6.78
CA ASP C 27 29.63 -18.61 5.51
C ASP C 27 28.30 -17.85 5.47
N LYS C 28 27.30 -18.25 6.28
CA LYS C 28 26.13 -17.39 6.47
C LYS C 28 26.51 -16.06 7.11
N SER C 29 27.41 -16.10 8.10
CA SER C 29 27.89 -14.86 8.68
C SER C 29 28.68 -14.04 7.66
N GLN C 30 29.38 -14.72 6.74
CA GLN C 30 30.11 -14.05 5.68
C GLN C 30 29.19 -13.32 4.71
N ASN C 31 28.23 -14.04 4.12
CA ASN C 31 27.43 -13.42 3.07
C ASN C 31 26.38 -12.48 3.64
N LEU C 32 25.87 -12.78 4.84
CA LEU C 32 25.00 -11.81 5.50
C LEU C 32 25.76 -10.56 5.92
N ARG C 33 27.05 -10.70 6.27
CA ARG C 33 27.76 -9.46 6.58
C ARG C 33 28.22 -8.72 5.34
N ARG C 34 28.33 -9.40 4.19
CA ARG C 34 28.60 -8.67 2.95
C ARG C 34 27.36 -7.92 2.49
N LEU C 35 26.19 -8.54 2.68
CA LEU C 35 24.94 -7.81 2.48
C LEU C 35 24.84 -6.63 3.44
N GLN C 36 25.33 -6.81 4.67
CA GLN C 36 25.29 -5.74 5.66
C GLN C 36 26.24 -4.61 5.28
N ALA C 37 27.39 -4.96 4.72
CA ALA C 37 28.29 -3.94 4.20
C ALA C 37 27.70 -3.23 3.00
N GLN C 38 26.89 -3.94 2.22
CA GLN C 38 26.23 -3.31 1.07
C GLN C 38 25.20 -2.28 1.52
N ARG C 39 24.36 -2.65 2.50
CA ARG C 39 23.37 -1.70 3.00
C ARG C 39 24.02 -0.55 3.76
N ASN C 40 25.12 -0.85 4.47
CA ASN C 40 25.88 0.18 5.16
C ASN C 40 26.47 1.18 4.17
N GLU C 41 26.96 0.69 3.03
CA GLU C 41 27.59 1.60 2.08
C GLU C 41 26.53 2.35 1.28
N LEU C 42 25.35 1.74 1.07
CA LEU C 42 24.33 2.40 0.28
C LEU C 42 23.61 3.47 1.10
N ASN C 43 23.20 3.11 2.31
CA ASN C 43 22.62 4.10 3.23
C ASN C 43 23.66 5.14 3.62
N ALA C 44 24.93 4.73 3.70
CA ALA C 44 26.01 5.69 3.86
C ALA C 44 26.13 6.59 2.63
N LYS C 45 25.79 6.07 1.45
CA LYS C 45 25.92 6.86 0.23
C LYS C 45 24.83 7.93 0.15
N VAL C 46 23.59 7.59 0.53
CA VAL C 46 22.57 8.62 0.57
C VAL C 46 22.78 9.55 1.76
N ARG C 47 23.48 9.09 2.81
CA ARG C 47 23.92 10.00 3.85
C ARG C 47 24.95 10.99 3.33
N LEU C 48 25.82 10.55 2.43
CA LEU C 48 26.74 11.48 1.77
C LEU C 48 25.99 12.37 0.78
N LEU C 49 24.82 11.94 0.30
CA LEU C 49 23.97 12.87 -0.44
C LEU C 49 23.41 13.94 0.50
N ARG C 50 23.16 13.59 1.77
CA ARG C 50 22.83 14.64 2.73
C ARG C 50 24.04 15.53 3.01
N GLU C 51 25.26 14.98 2.91
CA GLU C 51 26.43 15.87 2.93
C GLU C 51 26.44 16.80 1.72
N GLU C 52 25.98 16.33 0.57
CA GLU C 52 25.82 17.20 -0.58
C GLU C 52 24.70 18.23 -0.42
N LEU C 53 23.76 17.98 0.51
CA LEU C 53 22.58 18.84 0.66
C LEU C 53 22.95 20.25 1.13
N GLN C 54 24.11 20.45 1.74
CA GLN C 54 24.53 21.83 2.01
C GLN C 54 24.97 22.53 0.74
N LEU C 55 25.53 21.79 -0.22
CA LEU C 55 25.82 22.35 -1.53
C LEU C 55 24.57 22.42 -2.40
N LEU C 56 23.51 21.70 -2.03
CA LEU C 56 22.19 22.03 -2.53
C LEU C 56 21.70 23.36 -1.95
N GLN C 57 21.97 23.61 -0.67
CA GLN C 57 21.63 24.88 -0.03
C GLN C 57 22.50 26.03 -0.54
N GLU C 58 23.60 25.72 -1.23
CA GLU C 58 24.42 26.70 -1.95
C GLU C 58 23.69 27.36 -3.13
N GLN C 59 22.47 26.88 -3.47
CA GLN C 59 21.70 27.25 -4.65
C GLN C 59 22.45 26.86 -5.92
N GLY C 60 23.23 25.78 -5.85
CA GLY C 60 24.13 25.43 -6.94
C GLY C 60 25.37 26.29 -6.91
N SER C 61 26.06 26.33 -8.05
CA SER C 61 27.27 27.12 -8.21
C SER C 61 27.28 27.72 -9.60
N TYR C 62 28.14 28.72 -9.82
CA TYR C 62 28.09 29.49 -11.05
C TYR C 62 28.99 28.85 -12.12
N VAL C 63 29.08 29.53 -13.26
CA VAL C 63 29.96 29.11 -14.35
C VAL C 63 30.99 30.21 -14.54
N GLY C 64 32.23 29.94 -14.12
CA GLY C 64 33.30 30.89 -14.34
C GLY C 64 33.86 30.76 -15.75
N GLU C 65 34.30 31.87 -16.32
CA GLU C 65 35.10 31.84 -17.54
C GLU C 65 36.28 32.77 -17.35
N VAL C 66 37.48 32.20 -17.32
CA VAL C 66 38.71 32.97 -17.26
C VAL C 66 39.00 33.47 -18.67
N VAL C 67 39.26 34.77 -18.78
CA VAL C 67 39.73 35.31 -20.05
C VAL C 67 41.21 35.67 -19.95
N ARG C 68 41.71 35.88 -18.75
CA ARG C 68 43.09 36.26 -18.51
C ARG C 68 43.52 35.74 -17.15
N ALA C 69 44.66 35.08 -17.10
CA ALA C 69 45.25 34.65 -15.85
C ALA C 69 46.22 35.73 -15.36
N MET C 70 46.18 35.99 -14.07
CA MET C 70 47.01 37.02 -13.48
C MET C 70 48.11 36.37 -12.64
N ASP C 71 49.30 36.96 -12.71
CA ASP C 71 50.53 36.38 -12.20
C ASP C 71 50.65 36.48 -10.68
N LYS C 72 49.75 37.17 -10.00
CA LYS C 72 49.77 37.29 -8.55
C LYS C 72 48.96 36.21 -7.86
N LYS C 73 48.63 35.12 -8.58
CA LYS C 73 47.78 34.01 -8.12
C LYS C 73 46.41 34.50 -7.68
N LYS C 74 45.94 35.57 -8.30
CA LYS C 74 44.61 36.11 -8.09
C LYS C 74 43.99 36.27 -9.46
N VAL C 75 43.25 35.26 -9.90
CA VAL C 75 42.86 35.14 -11.29
C VAL C 75 41.64 36.00 -11.53
N LEU C 76 41.74 36.94 -12.46
CA LEU C 76 40.55 37.61 -12.94
C LEU C 76 39.76 36.64 -13.80
N VAL C 77 38.46 36.53 -13.51
CA VAL C 77 37.57 35.60 -14.18
C VAL C 77 36.35 36.39 -14.63
N LYS C 78 36.02 36.29 -15.92
CA LYS C 78 34.82 36.92 -16.45
C LYS C 78 33.60 36.14 -15.97
N VAL C 79 32.70 36.83 -15.29
CA VAL C 79 31.52 36.23 -14.69
C VAL C 79 30.34 36.82 -15.46
N HIS C 80 29.15 36.20 -15.33
CA HIS C 80 27.84 36.75 -15.65
C HIS C 80 27.76 38.18 -15.11
N PRO C 81 27.17 39.10 -15.88
CA PRO C 81 27.02 40.52 -15.56
C PRO C 81 27.25 40.82 -14.08
N GLU C 82 27.60 42.07 -13.78
CA GLU C 82 27.88 42.52 -12.41
C GLU C 82 28.88 41.58 -11.76
N GLY C 83 29.65 40.88 -12.60
CA GLY C 83 30.63 39.94 -12.15
C GLY C 83 32.03 40.49 -12.26
N LYS C 84 32.86 39.79 -13.04
CA LYS C 84 34.31 40.04 -13.19
C LYS C 84 34.98 40.04 -11.82
N PHE C 85 34.92 38.89 -11.18
CA PHE C 85 35.34 38.73 -9.80
C PHE C 85 36.75 38.13 -9.80
N VAL C 86 37.72 38.94 -9.40
CA VAL C 86 39.11 38.50 -9.35
C VAL C 86 39.35 37.87 -7.97
N VAL C 87 39.96 36.69 -7.98
CA VAL C 87 39.95 35.81 -6.81
C VAL C 87 41.07 34.80 -6.95
N ASP C 88 41.58 34.33 -5.81
CA ASP C 88 42.31 33.07 -5.79
C ASP C 88 41.34 31.91 -5.70
N VAL C 89 41.46 30.98 -6.63
CA VAL C 89 40.71 29.72 -6.63
C VAL C 89 41.38 28.76 -5.66
N ASP C 90 40.73 27.62 -5.41
CA ASP C 90 41.07 26.66 -4.38
C ASP C 90 42.51 26.16 -4.45
N LYS C 91 43.03 25.77 -3.28
CA LYS C 91 44.44 25.48 -3.12
C LYS C 91 44.82 24.11 -3.69
N ASN C 92 43.88 23.18 -3.81
CA ASN C 92 44.20 21.87 -4.36
C ASN C 92 44.32 21.86 -5.87
N ILE C 93 44.03 22.97 -6.54
CA ILE C 93 44.11 23.10 -7.98
C ILE C 93 45.13 24.19 -8.29
N ASP C 94 46.09 23.89 -9.16
CA ASP C 94 47.07 24.89 -9.54
C ASP C 94 46.49 25.93 -10.52
N ILE C 95 47.19 27.06 -10.62
CA ILE C 95 46.70 28.18 -11.41
C ILE C 95 47.07 28.00 -12.87
N ASN C 96 48.30 27.54 -13.14
CA ASN C 96 48.82 27.45 -14.49
C ASN C 96 48.09 26.41 -15.35
N ASP C 97 47.49 25.39 -14.74
CA ASP C 97 46.67 24.45 -15.49
C ASP C 97 45.43 25.12 -16.05
N VAL C 98 44.90 26.11 -15.35
CA VAL C 98 43.70 26.80 -15.79
C VAL C 98 44.07 27.69 -16.97
N THR C 99 43.71 27.25 -18.17
CA THR C 99 44.09 28.05 -19.32
C THR C 99 43.08 29.19 -19.53
N PRO C 100 43.58 30.38 -19.87
CA PRO C 100 42.69 31.51 -20.16
C PRO C 100 41.88 31.27 -21.43
N ASN C 101 40.81 32.08 -21.56
CA ASN C 101 39.85 32.03 -22.66
C ASN C 101 39.17 30.67 -22.76
N CYS C 102 38.94 30.05 -21.60
CA CYS C 102 38.21 28.79 -21.52
C CYS C 102 37.28 28.84 -20.32
N ARG C 103 36.21 28.06 -20.40
CA ARG C 103 35.17 28.04 -19.40
C ARG C 103 35.49 27.03 -18.31
N VAL C 104 35.20 27.39 -17.06
CA VAL C 104 35.51 26.57 -15.89
C VAL C 104 34.26 26.44 -15.02
N ALA C 105 34.42 25.70 -13.94
CA ALA C 105 33.37 25.50 -12.94
C ALA C 105 33.75 26.21 -11.66
N LEU C 106 32.93 27.18 -11.24
CA LEU C 106 33.28 28.06 -10.14
C LEU C 106 32.16 28.03 -9.11
N ARG C 107 32.50 28.05 -7.83
CA ARG C 107 31.46 28.20 -6.82
C ARG C 107 30.92 29.64 -6.84
N ASN C 108 29.67 29.76 -6.42
CA ASN C 108 28.90 30.97 -6.57
C ASN C 108 29.18 32.03 -5.51
N ASP C 109 29.80 31.64 -4.40
CA ASP C 109 30.14 32.57 -3.33
C ASP C 109 31.62 32.52 -3.00
N SER C 110 32.19 31.32 -2.87
CA SER C 110 33.58 31.18 -2.47
C SER C 110 34.55 31.33 -3.62
N TYR C 111 34.06 31.19 -4.85
CA TYR C 111 34.78 31.58 -6.08
C TYR C 111 36.04 30.73 -6.25
N THR C 112 35.90 29.44 -5.95
CA THR C 112 36.96 28.46 -6.11
C THR C 112 36.63 27.57 -7.30
N LEU C 113 37.65 27.27 -8.08
CA LEU C 113 37.46 26.56 -9.33
C LEU C 113 37.36 25.07 -9.05
N HIS C 114 36.52 24.39 -9.84
CA HIS C 114 36.42 22.94 -9.77
C HIS C 114 37.20 22.29 -10.90
N LYS C 115 36.87 22.58 -12.15
CA LYS C 115 37.51 21.91 -13.27
C LYS C 115 37.41 22.77 -14.51
N ILE C 116 38.24 22.43 -15.48
CA ILE C 116 38.17 23.02 -16.82
C ILE C 116 36.98 22.39 -17.56
N LEU C 117 36.33 23.18 -18.41
CA LEU C 117 35.17 22.72 -19.15
C LEU C 117 35.33 22.97 -20.64
N PRO C 118 34.77 22.08 -21.49
CA PRO C 118 34.70 22.34 -22.93
C PRO C 118 33.40 23.04 -23.31
N ASP D 1 46.03 -30.91 23.75
CA ASP D 1 45.75 -30.45 22.40
C ASP D 1 44.56 -31.17 21.79
N LEU D 2 44.71 -32.49 21.60
CA LEU D 2 43.76 -33.25 20.78
C LEU D 2 42.39 -33.30 21.43
N TYR D 3 42.31 -33.71 22.68
CA TYR D 3 41.03 -33.70 23.35
C TYR D 3 40.68 -32.31 23.86
N SER D 4 41.68 -31.44 24.00
CA SER D 4 41.43 -30.04 24.36
C SER D 4 40.91 -29.24 23.18
N ARG D 5 41.09 -29.75 21.96
CA ARG D 5 40.58 -29.08 20.76
C ARG D 5 39.05 -29.04 20.76
N TYR D 6 38.41 -30.02 21.38
CA TYR D 6 36.96 -30.05 21.51
C TYR D 6 36.45 -28.85 22.30
N LYS D 7 36.79 -28.79 23.57
CA LYS D 7 36.24 -27.79 24.46
C LYS D 7 36.86 -26.42 24.21
N LYS D 8 38.08 -26.39 23.67
CA LYS D 8 38.63 -25.15 23.13
C LYS D 8 37.81 -24.65 21.95
N LEU D 9 37.38 -25.58 21.11
CA LEU D 9 36.66 -25.22 19.91
C LEU D 9 35.22 -24.79 20.20
N GLN D 10 34.64 -25.32 21.29
CA GLN D 10 33.27 -24.99 21.68
C GLN D 10 33.08 -23.51 21.93
N GLN D 11 34.12 -22.85 22.43
CA GLN D 11 34.05 -21.40 22.62
C GLN D 11 34.02 -20.67 21.28
N GLU D 12 34.69 -21.21 20.27
CA GLU D 12 34.57 -20.65 18.93
C GLU D 12 33.20 -20.92 18.33
N LEU D 13 32.59 -22.06 18.67
CA LEU D 13 31.19 -22.32 18.31
C LEU D 13 30.27 -21.28 18.91
N GLU D 14 30.48 -20.92 20.17
CA GLU D 14 29.63 -19.95 20.84
C GLU D 14 29.87 -18.54 20.30
N PHE D 15 31.13 -18.21 20.04
CA PHE D 15 31.47 -16.89 19.55
C PHE D 15 31.00 -16.70 18.11
N LEU D 16 30.96 -17.77 17.32
CA LEU D 16 30.37 -17.63 16.01
C LEU D 16 28.86 -17.68 16.10
N GLU D 17 28.33 -18.34 17.13
CA GLU D 17 26.90 -18.34 17.39
C GLU D 17 26.38 -16.94 17.70
N VAL D 18 27.15 -16.14 18.45
CA VAL D 18 26.63 -14.85 18.91
C VAL D 18 26.52 -13.84 17.79
N GLN D 19 27.17 -14.09 16.66
CA GLN D 19 27.07 -13.21 15.51
C GLN D 19 25.76 -13.38 14.75
N GLU D 20 25.00 -14.44 15.06
CA GLU D 20 23.76 -14.69 14.34
C GLU D 20 22.69 -13.65 14.65
N GLU D 21 22.29 -13.55 15.93
CA GLU D 21 21.26 -12.58 16.29
C GLU D 21 21.77 -11.15 16.15
N TYR D 22 23.09 -10.97 16.23
CA TYR D 22 23.68 -9.67 15.95
C TYR D 22 23.48 -9.27 14.50
N ILE D 23 23.76 -10.18 13.56
CA ILE D 23 23.54 -9.83 12.16
C ILE D 23 22.04 -9.76 11.86
N LYS D 24 21.20 -10.42 12.66
CA LYS D 24 19.75 -10.19 12.55
C LYS D 24 19.39 -8.77 12.96
N ASP D 25 19.99 -8.29 14.05
CA ASP D 25 19.69 -6.94 14.54
C ASP D 25 20.15 -5.88 13.56
N GLU D 26 21.34 -6.07 12.98
CA GLU D 26 21.82 -5.14 11.96
C GLU D 26 20.95 -5.20 10.71
N GLN D 27 20.60 -6.41 10.26
CA GLN D 27 19.86 -6.49 9.01
C GLN D 27 18.42 -6.02 9.18
N LYS D 28 17.89 -6.06 10.41
CA LYS D 28 16.56 -5.49 10.58
C LYS D 28 16.61 -3.99 10.82
N ASN D 29 17.69 -3.48 11.41
CA ASN D 29 17.68 -2.07 11.77
C ASN D 29 18.14 -1.18 10.63
N LEU D 30 19.16 -1.61 9.89
CA LEU D 30 19.74 -0.70 8.91
C LEU D 30 18.90 -0.56 7.66
N LYS D 31 17.98 -1.50 7.39
CA LYS D 31 17.05 -1.24 6.31
C LYS D 31 15.95 -0.29 6.73
N LYS D 32 15.57 -0.31 8.01
CA LYS D 32 14.69 0.72 8.55
C LYS D 32 15.36 2.09 8.48
N GLU D 33 16.65 2.12 8.77
CA GLU D 33 17.43 3.35 8.58
C GLU D 33 17.51 3.72 7.10
N PHE D 34 17.50 2.73 6.23
CA PHE D 34 17.59 3.01 4.80
C PHE D 34 16.31 3.65 4.29
N LEU D 35 15.17 3.21 4.80
CA LEU D 35 13.93 3.90 4.43
C LEU D 35 13.76 5.19 5.23
N HIS D 36 14.45 5.33 6.36
CA HIS D 36 14.53 6.62 7.03
C HIS D 36 15.22 7.64 6.15
N ALA D 37 16.46 7.39 5.76
CA ALA D 37 17.19 8.33 4.92
C ALA D 37 16.60 8.41 3.52
N GLN D 38 15.96 7.33 3.07
CA GLN D 38 15.32 7.32 1.76
C GLN D 38 14.11 8.25 1.73
N GLU D 39 13.22 8.12 2.71
CA GLU D 39 12.09 9.03 2.82
C GLU D 39 12.54 10.45 3.15
N GLU D 40 13.64 10.61 3.88
CA GLU D 40 14.11 11.94 4.25
C GLU D 40 14.74 12.66 3.06
N VAL D 41 15.42 11.94 2.17
CA VAL D 41 15.88 12.59 0.95
C VAL D 41 14.76 12.68 -0.06
N LYS D 42 13.69 11.90 0.12
CA LYS D 42 12.53 12.06 -0.74
C LYS D 42 11.77 13.35 -0.40
N ARG D 43 11.61 13.64 0.89
CA ARG D 43 10.87 14.82 1.30
C ARG D 43 11.66 16.11 1.15
N ILE D 44 12.95 16.02 0.81
CA ILE D 44 13.65 17.20 0.29
C ILE D 44 13.05 17.61 -1.04
N GLN D 45 12.73 16.63 -1.89
CA GLN D 45 12.14 16.92 -3.18
C GLN D 45 10.70 17.38 -3.04
N SER D 46 10.52 18.69 -3.10
CA SER D 46 9.22 19.34 -2.95
C SER D 46 8.82 20.02 -4.27
N ILE D 47 7.52 20.09 -4.48
CA ILE D 47 7.00 20.47 -5.81
C ILE D 47 7.12 21.96 -6.13
N PRO D 48 6.93 22.90 -5.18
CA PRO D 48 7.28 24.30 -5.52
C PRO D 48 8.77 24.47 -5.78
N LEU D 49 9.09 24.93 -6.99
CA LEU D 49 10.46 24.98 -7.47
C LEU D 49 10.53 25.90 -8.68
N VAL D 50 11.76 26.20 -9.08
CA VAL D 50 12.03 27.04 -10.25
C VAL D 50 12.37 26.14 -11.44
N ILE D 51 12.00 26.57 -12.64
CA ILE D 51 12.31 25.84 -13.86
C ILE D 51 13.42 26.58 -14.59
N GLY D 52 14.50 25.86 -14.91
CA GLY D 52 15.56 26.35 -15.75
C GLY D 52 15.52 25.73 -17.13
N GLN D 53 16.68 25.72 -17.78
CA GLN D 53 16.82 25.06 -19.07
C GLN D 53 18.21 24.44 -19.14
N PHE D 54 18.30 23.27 -19.77
CA PHE D 54 19.56 22.58 -19.81
C PHE D 54 20.37 23.06 -21.02
N LEU D 55 21.69 23.15 -20.83
CA LEU D 55 22.57 23.59 -21.91
C LEU D 55 23.53 22.49 -22.31
N GLU D 56 24.35 21.99 -21.38
CA GLU D 56 25.36 20.97 -21.68
C GLU D 56 25.64 20.13 -20.43
N ALA D 57 26.07 18.90 -20.67
CA ALA D 57 26.56 18.00 -19.63
C ALA D 57 28.05 17.79 -19.87
N VAL D 58 28.88 18.32 -18.97
CA VAL D 58 30.32 18.38 -19.24
C VAL D 58 31.03 17.13 -18.75
N ASP D 59 30.48 16.44 -17.76
CA ASP D 59 30.96 15.12 -17.35
C ASP D 59 29.77 14.33 -16.81
N GLN D 60 30.04 13.14 -16.28
CA GLN D 60 28.97 12.28 -15.77
C GLN D 60 28.54 12.73 -14.38
N ASN D 61 27.21 12.80 -14.20
CA ASN D 61 26.49 13.12 -12.97
C ASN D 61 26.74 14.55 -12.49
N THR D 62 27.39 15.39 -13.28
CA THR D 62 27.53 16.81 -12.99
C THR D 62 27.42 17.56 -14.31
N ALA D 63 26.65 18.65 -14.32
CA ALA D 63 26.38 19.34 -15.56
C ALA D 63 26.17 20.82 -15.28
N ILE D 64 25.92 21.57 -16.35
CA ILE D 64 25.61 22.99 -16.23
C ILE D 64 24.16 23.21 -16.65
N VAL D 65 23.57 24.28 -16.14
CA VAL D 65 22.16 24.55 -16.37
C VAL D 65 21.96 26.05 -16.60
N GLY D 66 21.32 26.39 -17.71
CA GLY D 66 20.91 27.77 -17.92
C GLY D 66 19.67 28.08 -17.10
N SER D 67 19.81 29.08 -16.22
CA SER D 67 18.65 29.52 -15.44
C SER D 67 17.70 30.33 -16.33
N THR D 68 16.51 30.59 -15.78
CA THR D 68 15.55 31.43 -16.48
C THR D 68 16.07 32.85 -16.63
N THR D 69 16.86 33.33 -15.65
CA THR D 69 17.46 34.65 -15.74
C THR D 69 18.59 34.74 -16.77
N GLY D 70 19.01 33.61 -17.35
CA GLY D 70 20.04 33.60 -18.38
C GLY D 70 21.42 33.26 -17.86
N SER D 71 21.67 33.48 -16.57
CA SER D 71 22.93 33.08 -15.96
C SER D 71 23.03 31.57 -15.87
N ASN D 72 24.19 31.05 -16.24
CA ASN D 72 24.42 29.62 -16.29
C ASN D 72 24.93 29.14 -14.94
N TYR D 73 24.37 28.04 -14.46
CA TYR D 73 24.70 27.52 -13.14
C TYR D 73 25.33 26.14 -13.28
N TYR D 74 26.26 25.83 -12.37
CA TYR D 74 26.96 24.56 -12.35
C TYR D 74 26.46 23.73 -11.18
N VAL D 75 25.73 22.65 -11.48
CA VAL D 75 25.06 21.84 -10.47
C VAL D 75 25.44 20.37 -10.69
N ARG D 76 25.90 19.72 -9.63
CA ARG D 76 25.93 18.27 -9.63
C ARG D 76 24.51 17.73 -9.53
N ILE D 77 24.09 16.99 -10.54
CA ILE D 77 22.72 16.50 -10.62
C ILE D 77 22.53 15.36 -9.63
N LEU D 78 21.27 15.04 -9.35
CA LEU D 78 20.97 14.01 -8.36
C LEU D 78 21.09 12.63 -9.00
N SER D 79 21.57 11.67 -8.20
CA SER D 79 22.03 10.39 -8.73
C SER D 79 20.90 9.50 -9.23
N THR D 80 19.68 9.64 -8.70
CA THR D 80 18.59 8.74 -9.06
C THR D 80 18.16 8.94 -10.51
N ILE D 81 18.29 10.16 -11.02
CA ILE D 81 17.88 10.47 -12.39
C ILE D 81 18.90 9.89 -13.36
N ASP D 82 18.40 9.14 -14.35
CA ASP D 82 19.24 8.43 -15.30
C ASP D 82 19.71 9.36 -16.43
N ARG D 83 20.28 8.76 -17.47
CA ARG D 83 20.92 9.50 -18.56
C ARG D 83 19.96 9.96 -19.65
N GLU D 84 18.67 9.58 -19.56
CA GLU D 84 17.71 10.09 -20.53
C GLU D 84 17.49 11.59 -20.35
N LEU D 85 17.53 12.05 -19.11
CA LEU D 85 17.27 13.44 -18.79
C LEU D 85 18.50 14.32 -18.97
N LEU D 86 19.61 13.74 -19.44
CA LEU D 86 20.78 14.48 -19.89
C LEU D 86 20.65 15.00 -21.31
N LYS D 87 19.43 15.09 -21.84
CA LYS D 87 19.19 15.63 -23.16
C LYS D 87 19.61 17.10 -23.21
N PRO D 88 20.39 17.51 -24.21
CA PRO D 88 21.03 18.84 -24.16
C PRO D 88 20.05 20.01 -24.25
N ASN D 89 19.04 19.89 -25.10
CA ASN D 89 17.99 20.89 -25.21
C ASN D 89 16.73 20.35 -24.55
N ALA D 90 16.62 20.56 -23.24
CA ALA D 90 15.56 19.96 -22.47
C ALA D 90 14.93 21.01 -21.57
N SER D 91 13.73 20.70 -21.08
CA SER D 91 12.99 21.56 -20.17
C SER D 91 13.26 21.07 -18.75
N VAL D 92 14.42 21.40 -18.21
CA VAL D 92 14.85 20.88 -16.93
C VAL D 92 14.25 21.75 -15.84
N ALA D 93 14.07 21.17 -14.66
CA ALA D 93 13.48 21.86 -13.53
C ALA D 93 14.22 21.49 -12.27
N LEU D 94 14.95 22.45 -11.72
CA LEU D 94 15.70 22.29 -10.48
C LEU D 94 14.82 22.66 -9.30
N HIS D 95 15.38 22.68 -8.10
CA HIS D 95 14.62 23.25 -7.00
C HIS D 95 14.78 24.75 -6.91
N LYS D 96 13.84 25.38 -6.20
CA LYS D 96 13.93 26.81 -5.91
C LYS D 96 15.02 27.13 -4.90
N HIS D 97 15.36 26.21 -4.01
CA HIS D 97 16.47 26.39 -3.08
C HIS D 97 17.58 25.37 -3.30
N SER D 98 17.24 24.09 -3.36
CA SER D 98 18.26 23.07 -3.54
C SER D 98 18.92 23.17 -4.92
N ASN D 99 18.16 23.62 -5.92
CA ASN D 99 18.58 23.77 -7.30
C ASN D 99 19.19 22.50 -7.86
N ALA D 100 18.60 21.37 -7.47
CA ALA D 100 18.85 20.08 -8.08
C ALA D 100 17.55 19.61 -8.72
N LEU D 101 17.67 18.80 -9.76
CA LEU D 101 16.56 18.49 -10.63
C LEU D 101 15.78 17.31 -10.09
N VAL D 102 14.46 17.46 -10.06
CA VAL D 102 13.58 16.33 -9.76
C VAL D 102 13.11 15.68 -11.05
N ASP D 103 12.72 16.49 -12.03
CA ASP D 103 12.09 15.98 -13.24
C ASP D 103 12.23 17.04 -14.32
N VAL D 104 12.23 16.58 -15.58
CA VAL D 104 12.17 17.46 -16.74
C VAL D 104 10.76 17.44 -17.30
N LEU D 105 10.41 18.47 -18.01
CA LEU D 105 9.02 18.58 -18.42
C LEU D 105 8.89 18.30 -19.92
N PRO D 106 7.81 17.66 -20.36
CA PRO D 106 7.62 17.44 -21.80
C PRO D 106 7.25 18.73 -22.50
N PRO D 107 7.95 19.07 -23.61
CA PRO D 107 7.64 20.28 -24.39
C PRO D 107 6.31 20.21 -25.10
N ASP E 1 -45.13 72.62 42.99
CA ASP E 1 -44.15 71.81 43.68
C ASP E 1 -43.87 70.51 42.91
N TYR E 2 -44.88 69.63 42.89
CA TYR E 2 -44.70 68.28 42.36
C TYR E 2 -44.81 68.21 40.84
N ARG E 3 -45.72 68.96 40.23
CA ARG E 3 -46.00 68.82 38.81
C ARG E 3 -44.87 69.35 37.93
N LYS E 4 -44.06 70.28 38.45
CA LYS E 4 -42.99 70.85 37.66
C LYS E 4 -41.78 69.94 37.58
N LYS E 5 -41.55 69.12 38.62
CA LYS E 5 -40.26 68.44 38.75
C LYS E 5 -40.17 67.22 37.84
N LEU E 6 -41.32 66.67 37.44
CA LEU E 6 -41.29 65.58 36.46
C LEU E 6 -40.92 66.09 35.08
N LEU E 7 -41.39 67.28 34.73
CA LEU E 7 -41.01 67.91 33.47
C LEU E 7 -39.56 68.39 33.49
N GLU E 8 -39.13 68.95 34.63
CA GLU E 8 -37.74 69.34 34.78
C GLU E 8 -36.81 68.14 34.74
N HIS E 9 -37.21 67.02 35.36
CA HIS E 9 -36.43 65.80 35.27
C HIS E 9 -36.47 65.21 33.86
N LYS E 10 -37.52 65.48 33.09
CA LYS E 10 -37.49 65.16 31.67
C LYS E 10 -36.45 66.03 30.95
N GLU E 11 -36.21 67.25 31.46
CA GLU E 11 -35.20 68.11 30.82
C GLU E 11 -33.77 67.74 31.24
N ILE E 12 -33.56 67.36 32.50
CA ILE E 12 -32.26 66.84 32.94
C ILE E 12 -31.95 65.53 32.22
N ASP E 13 -32.95 64.65 32.11
CA ASP E 13 -32.78 63.43 31.32
C ASP E 13 -32.60 63.75 29.83
N GLY E 14 -33.13 64.89 29.38
CA GLY E 14 -32.86 65.34 28.02
C GLY E 14 -31.40 65.72 27.83
N ARG E 15 -30.87 66.57 28.72
CA ARG E 15 -29.49 67.01 28.55
C ARG E 15 -28.49 65.90 28.85
N LEU E 16 -28.91 64.86 29.56
CA LEU E 16 -28.06 63.67 29.64
C LEU E 16 -28.21 62.77 28.42
N LYS E 17 -29.40 62.74 27.80
CA LYS E 17 -29.57 61.88 26.63
C LYS E 17 -29.08 62.53 25.34
N GLU E 18 -28.65 63.78 25.40
CA GLU E 18 -28.13 64.47 24.23
C GLU E 18 -26.60 64.47 24.15
N LEU E 19 -25.90 63.89 25.12
CA LEU E 19 -24.44 63.92 25.11
C LEU E 19 -23.82 62.59 24.68
N ARG E 20 -24.61 61.52 24.57
CA ARG E 20 -24.10 60.23 24.10
C ARG E 20 -23.83 60.22 22.61
N GLU E 21 -24.66 60.91 21.82
CA GLU E 21 -24.61 60.87 20.38
C GLU E 21 -23.35 61.50 19.82
N GLN E 22 -22.70 62.35 20.62
CA GLN E 22 -21.41 62.94 20.29
C GLN E 22 -20.26 61.97 20.48
N LEU E 23 -20.51 60.76 20.98
CA LEU E 23 -19.46 59.78 21.16
C LEU E 23 -19.76 58.50 20.38
N LYS E 24 -21.00 58.02 20.50
CA LYS E 24 -21.35 56.67 20.01
C LYS E 24 -21.29 56.55 18.50
N GLU E 25 -21.30 57.66 17.77
CA GLU E 25 -21.18 57.61 16.32
C GLU E 25 -19.72 57.44 15.91
N LEU E 26 -18.83 58.22 16.49
CA LEU E 26 -17.42 58.20 16.14
C LEU E 26 -16.64 57.09 16.81
N THR E 27 -17.23 56.41 17.81
CA THR E 27 -16.61 55.17 18.27
C THR E 27 -16.68 54.07 17.22
N LYS E 28 -17.67 54.13 16.31
CA LYS E 28 -17.70 53.22 15.18
C LYS E 28 -16.52 53.49 14.24
N GLN E 29 -16.16 54.77 14.09
CA GLN E 29 -14.99 55.11 13.28
C GLN E 29 -13.71 54.70 13.97
N TYR E 30 -13.67 54.85 15.30
CA TYR E 30 -12.47 54.53 16.06
C TYR E 30 -12.24 53.02 16.10
N GLU E 31 -13.31 52.24 16.28
CA GLU E 31 -13.17 50.80 16.22
C GLU E 31 -12.95 50.34 14.79
N LYS E 32 -13.47 51.12 13.83
CA LYS E 32 -13.25 50.86 12.42
C LYS E 32 -11.78 51.01 12.05
N SER E 33 -11.06 51.90 12.75
CA SER E 33 -9.63 52.06 12.53
C SER E 33 -8.87 50.78 12.85
N GLU E 34 -9.18 50.14 13.98
CA GLU E 34 -8.47 48.90 14.29
C GLU E 34 -9.00 47.72 13.51
N ASN E 35 -10.27 47.79 13.05
CA ASN E 35 -10.74 46.83 12.06
C ASN E 35 -9.91 46.89 10.80
N ASP E 36 -9.55 48.11 10.38
CA ASP E 36 -8.62 48.28 9.28
C ASP E 36 -7.22 47.78 9.64
N LEU E 37 -6.79 47.99 10.89
CA LEU E 37 -5.48 47.53 11.33
C LEU E 37 -5.38 46.01 11.33
N LYS E 38 -6.50 45.33 11.53
CA LYS E 38 -6.55 43.90 11.30
C LYS E 38 -6.75 43.56 9.83
N ALA E 39 -7.17 44.53 9.01
CA ALA E 39 -7.32 44.28 7.58
C ALA E 39 -6.05 44.52 6.77
N LEU E 40 -5.06 45.22 7.32
CA LEU E 40 -3.82 45.49 6.61
C LEU E 40 -2.71 44.50 6.95
N GLN E 41 -3.01 43.44 7.68
CA GLN E 41 -1.96 42.49 8.01
C GLN E 41 -1.82 41.38 6.98
N SER E 42 -2.73 41.31 6.01
CA SER E 42 -2.68 40.31 4.94
C SER E 42 -1.79 40.84 3.83
N VAL E 43 -0.51 40.50 3.88
CA VAL E 43 0.51 41.13 3.04
C VAL E 43 1.35 40.07 2.35
N GLY E 44 1.96 40.46 1.24
CA GLY E 44 2.97 39.65 0.59
C GLY E 44 2.50 38.76 -0.55
N GLN E 45 1.46 39.15 -1.28
CA GLN E 45 0.98 38.31 -2.38
C GLN E 45 1.57 38.79 -3.71
N ILE E 46 1.85 37.85 -4.61
CA ILE E 46 2.44 38.13 -5.91
C ILE E 46 1.47 37.59 -6.95
N VAL E 47 1.75 37.80 -8.24
CA VAL E 47 0.85 37.43 -9.33
C VAL E 47 1.46 36.31 -10.17
N GLY E 48 0.71 35.82 -11.14
CA GLY E 48 1.22 34.77 -12.02
C GLY E 48 0.15 34.35 -13.00
N GLU E 49 0.58 33.62 -14.02
CA GLU E 49 -0.30 33.32 -15.15
C GLU E 49 -0.11 31.88 -15.59
N VAL E 50 -1.22 31.24 -15.96
CA VAL E 50 -1.30 29.79 -16.18
C VAL E 50 -1.32 29.50 -17.67
N LEU E 51 -0.33 28.74 -18.15
CA LEU E 51 -0.31 28.33 -19.56
C LEU E 51 -0.57 26.84 -19.71
N LYS E 52 0.25 25.98 -19.08
CA LYS E 52 0.16 24.55 -19.29
C LYS E 52 0.03 23.82 -17.96
N GLN E 53 -0.93 22.91 -17.89
CA GLN E 53 -1.29 22.19 -16.68
C GLN E 53 -0.99 20.72 -16.85
N LEU E 54 0.02 20.22 -16.13
CA LEU E 54 0.49 18.86 -16.31
C LEU E 54 -0.21 17.93 -15.33
N THR E 55 -0.01 18.16 -14.04
CA THR E 55 -0.86 17.54 -13.03
C THR E 55 -2.08 18.42 -12.85
N GLU E 56 -3.25 17.78 -12.67
CA GLU E 56 -4.48 18.54 -12.47
C GLU E 56 -4.46 19.36 -11.18
N GLU E 57 -3.65 18.96 -10.20
CA GLU E 57 -3.45 19.78 -9.02
C GLU E 57 -2.42 20.87 -9.28
N LYS E 58 -1.30 20.51 -9.90
CA LYS E 58 -0.09 21.30 -9.90
C LYS E 58 0.40 21.56 -11.31
N PHE E 59 0.55 22.84 -11.65
CA PHE E 59 0.76 23.32 -13.01
C PHE E 59 1.88 24.34 -13.03
N ILE E 60 2.14 24.90 -14.21
CA ILE E 60 3.21 25.86 -14.44
C ILE E 60 2.61 27.27 -14.37
N VAL E 61 3.29 28.16 -13.65
CA VAL E 61 2.91 29.56 -13.60
C VAL E 61 3.96 30.40 -14.31
N LYS E 62 3.52 31.56 -14.80
CA LYS E 62 4.38 32.51 -15.50
C LYS E 62 4.27 33.86 -14.79
N ALA E 63 5.37 34.29 -14.19
CA ALA E 63 5.37 35.55 -13.47
C ALA E 63 5.47 36.72 -14.44
N THR E 64 5.02 37.89 -13.95
CA THR E 64 5.19 39.13 -14.68
C THR E 64 6.67 39.48 -14.87
N ASN E 65 7.48 39.28 -13.83
CA ASN E 65 8.88 39.65 -13.90
C ASN E 65 9.68 38.69 -14.78
N GLY E 66 9.12 37.53 -15.13
CA GLY E 66 9.82 36.62 -16.02
C GLY E 66 10.14 35.19 -15.60
N PRO E 67 10.61 34.94 -14.38
CA PRO E 67 10.88 33.54 -14.02
C PRO E 67 9.62 32.72 -13.83
N ARG E 68 9.70 31.48 -14.26
CA ARG E 68 8.58 30.56 -14.25
C ARG E 68 8.71 29.60 -13.08
N TYR E 69 7.58 29.16 -12.54
CA TYR E 69 7.55 28.29 -11.38
C TYR E 69 6.44 27.27 -11.55
N VAL E 70 6.39 26.32 -10.63
CA VAL E 70 5.24 25.43 -10.50
C VAL E 70 4.73 25.50 -9.07
N VAL E 71 3.40 25.50 -8.95
CA VAL E 71 2.72 25.77 -7.69
C VAL E 71 1.80 24.61 -7.36
N GLY E 72 1.18 24.68 -6.17
CA GLY E 72 0.16 23.76 -5.76
C GLY E 72 -1.22 24.38 -5.81
N CYS E 73 -2.18 23.66 -5.22
CA CYS E 73 -3.57 24.10 -5.15
C CYS E 73 -3.97 24.28 -3.70
N ARG E 74 -4.71 25.33 -3.41
CA ARG E 74 -5.20 25.55 -2.06
C ARG E 74 -6.46 24.71 -1.82
N ARG E 75 -6.58 24.19 -0.60
CA ARG E 75 -7.69 23.34 -0.18
C ARG E 75 -9.04 24.03 -0.23
N GLN E 76 -9.08 25.37 -0.26
CA GLN E 76 -10.35 26.07 -0.28
C GLN E 76 -10.90 26.17 -1.70
N LEU E 77 -10.11 26.70 -2.62
CA LEU E 77 -10.58 26.89 -3.98
C LEU E 77 -10.61 25.56 -4.73
N ASP E 78 -11.29 25.56 -5.86
CA ASP E 78 -11.46 24.39 -6.69
C ASP E 78 -10.92 24.64 -8.09
N LYS E 79 -11.16 23.69 -8.99
CA LYS E 79 -10.52 23.64 -10.29
C LYS E 79 -11.24 24.45 -11.35
N SER E 80 -12.31 25.17 -10.99
CA SER E 80 -13.10 25.96 -11.95
C SER E 80 -12.28 27.09 -12.54
N LYS E 81 -11.87 28.04 -11.70
CA LYS E 81 -10.99 29.13 -12.12
C LYS E 81 -9.56 28.66 -12.37
N LEU E 82 -9.22 27.43 -11.97
CA LEU E 82 -7.86 26.94 -12.08
C LEU E 82 -7.53 26.41 -13.47
N LYS E 83 -8.51 26.38 -14.37
CA LYS E 83 -8.25 26.00 -15.75
C LYS E 83 -7.32 27.01 -16.42
N PRO E 84 -6.53 26.59 -17.42
CA PRO E 84 -5.60 27.53 -18.06
C PRO E 84 -6.32 28.62 -18.84
N GLY E 85 -5.56 29.67 -19.12
CA GLY E 85 -6.13 30.92 -19.58
C GLY E 85 -6.52 31.85 -18.46
N THR E 86 -6.14 31.53 -17.22
CA THR E 86 -6.49 32.34 -16.06
C THR E 86 -5.22 32.87 -15.41
N ARG E 87 -5.06 34.19 -15.43
CA ARG E 87 -3.99 34.82 -14.67
C ARG E 87 -4.36 34.78 -13.19
N VAL E 88 -3.39 34.43 -12.34
CA VAL E 88 -3.68 34.15 -10.94
C VAL E 88 -2.83 34.99 -10.00
N ALA E 89 -3.01 34.78 -8.70
CA ALA E 89 -2.24 35.45 -7.67
C ALA E 89 -1.58 34.40 -6.78
N LEU E 90 -0.34 34.68 -6.37
CA LEU E 90 0.45 33.71 -5.63
C LEU E 90 1.07 34.35 -4.40
N ASP E 91 1.66 33.51 -3.55
CA ASP E 91 2.31 33.94 -2.32
C ASP E 91 3.78 33.60 -2.39
N MET E 92 4.60 34.41 -1.69
CA MET E 92 6.01 34.08 -1.53
C MET E 92 6.23 32.78 -0.77
N THR E 93 5.42 32.51 0.24
CA THR E 93 5.52 31.32 1.06
C THR E 93 4.63 30.24 0.45
N THR E 94 5.23 29.08 0.17
CA THR E 94 4.61 27.84 -0.29
C THR E 94 4.07 27.95 -1.73
N LEU E 95 4.14 29.15 -2.34
CA LEU E 95 3.61 29.45 -3.69
C LEU E 95 2.14 29.07 -3.81
N THR E 96 1.37 29.33 -2.76
CA THR E 96 -0.03 28.95 -2.75
C THR E 96 -0.85 29.94 -3.57
N ILE E 97 -2.11 29.58 -3.80
CA ILE E 97 -3.05 30.41 -4.55
C ILE E 97 -4.14 30.84 -3.59
N MET E 98 -4.25 32.14 -3.34
CA MET E 98 -5.38 32.62 -2.53
C MET E 98 -6.60 32.85 -3.40
N ARG E 99 -6.43 33.61 -4.49
CA ARG E 99 -7.45 33.76 -5.52
C ARG E 99 -6.73 34.08 -6.83
N TYR E 100 -7.52 34.34 -7.86
CA TYR E 100 -6.97 34.56 -9.18
C TYR E 100 -6.76 36.05 -9.42
N LEU E 101 -6.39 36.40 -10.65
CA LEU E 101 -6.20 37.79 -11.06
C LEU E 101 -6.94 38.02 -12.37
N PRO E 102 -8.11 38.65 -12.32
CA PRO E 102 -8.85 38.92 -13.56
C PRO E 102 -8.16 40.00 -14.38
N ARG E 103 -7.94 39.69 -15.66
CA ARG E 103 -7.34 40.64 -16.57
C ARG E 103 -8.34 41.75 -16.92
N GLU E 104 -7.81 42.84 -17.46
CA GLU E 104 -8.66 43.97 -17.84
C GLU E 104 -8.07 44.71 -19.02
N LYS F 1 -34.96 59.31 36.90
CA LYS F 1 -33.58 59.37 36.42
C LYS F 1 -32.83 58.10 36.77
N ILE F 2 -33.54 57.15 37.38
CA ILE F 2 -32.95 55.85 37.70
C ILE F 2 -32.67 55.04 36.44
N MET F 3 -33.49 55.17 35.40
CA MET F 3 -33.24 54.49 34.14
C MET F 3 -32.10 55.14 33.39
N LYS F 4 -31.89 56.44 33.60
CA LYS F 4 -30.87 57.20 32.92
C LYS F 4 -29.54 57.20 33.66
N SER F 5 -29.46 56.52 34.81
CA SER F 5 -28.20 56.43 35.52
C SER F 5 -27.31 55.31 34.99
N GLU F 6 -27.82 54.47 34.09
CA GLU F 6 -27.01 53.50 33.38
C GLU F 6 -26.19 54.14 32.26
N VAL F 7 -26.45 55.41 31.95
CA VAL F 7 -25.69 56.13 30.94
C VAL F 7 -24.27 56.38 31.44
N LEU F 8 -24.08 56.46 32.76
CA LEU F 8 -22.76 56.70 33.35
C LEU F 8 -21.79 55.59 33.02
N ARG F 9 -22.25 54.34 33.08
CA ARG F 9 -21.42 53.20 32.70
C ARG F 9 -21.06 53.24 31.23
N VAL F 10 -21.99 53.69 30.39
CA VAL F 10 -21.74 53.81 28.95
C VAL F 10 -20.68 54.87 28.68
N THR F 11 -20.77 56.00 29.38
CA THR F 11 -19.79 57.07 29.21
C THR F 11 -18.42 56.66 29.74
N HIS F 12 -18.37 55.86 30.81
CA HIS F 12 -17.09 55.36 31.28
C HIS F 12 -16.51 54.34 30.30
N GLU F 13 -17.38 53.56 29.63
CA GLU F 13 -16.92 52.67 28.57
C GLU F 13 -16.34 53.46 27.40
N LEU F 14 -16.98 54.57 27.02
CA LEU F 14 -16.55 55.27 25.83
C LEU F 14 -15.31 56.12 26.11
N GLN F 15 -15.22 56.72 27.30
CA GLN F 15 -13.99 57.42 27.64
C GLN F 15 -12.87 56.43 27.90
N ALA F 16 -13.21 55.20 28.29
CA ALA F 16 -12.21 54.13 28.33
C ALA F 16 -11.77 53.75 26.92
N MET F 17 -12.69 53.81 25.96
CA MET F 17 -12.33 53.58 24.56
C MET F 17 -11.41 54.68 24.06
N LYS F 18 -11.63 55.90 24.52
CA LYS F 18 -10.72 57.00 24.20
C LYS F 18 -9.41 56.87 24.96
N ASP F 19 -9.42 56.15 26.08
CA ASP F 19 -8.15 55.82 26.74
C ASP F 19 -7.38 54.76 25.96
N LYS F 20 -8.09 53.83 25.30
CA LYS F 20 -7.42 52.71 24.66
C LYS F 20 -7.20 52.88 23.17
N ILE F 21 -7.69 53.98 22.56
CA ILE F 21 -7.31 54.25 21.19
C ILE F 21 -5.93 54.89 21.08
N LYS F 22 -5.30 55.24 22.21
CA LYS F 22 -4.02 55.94 22.17
C LYS F 22 -2.89 55.01 21.75
N GLU F 23 -3.00 53.72 22.07
CA GLU F 23 -1.92 52.78 21.78
C GLU F 23 -2.01 52.27 20.35
N ASN F 24 -3.19 51.82 19.94
CA ASN F 24 -3.37 51.34 18.57
C ASN F 24 -3.39 52.47 17.57
N SER F 25 -3.76 53.68 18.00
CA SER F 25 -3.50 54.86 17.20
C SER F 25 -2.05 55.30 17.29
N GLU F 26 -1.36 54.90 18.36
CA GLU F 26 0.04 55.26 18.51
C GLU F 26 0.93 54.43 17.59
N LYS F 27 0.51 53.20 17.28
CA LYS F 27 1.30 52.40 16.36
C LYS F 27 1.12 52.84 14.90
N ILE F 28 0.13 53.69 14.63
CA ILE F 28 -0.03 54.29 13.30
C ILE F 28 1.20 55.12 12.95
N LYS F 29 1.74 55.83 13.93
CA LYS F 29 2.87 56.71 13.70
C LYS F 29 4.16 55.91 13.47
N VAL F 30 4.29 54.75 14.11
CA VAL F 30 5.53 54.00 13.98
C VAL F 30 5.48 53.00 12.84
N ASN F 31 4.29 52.58 12.41
CA ASN F 31 4.22 51.77 11.19
C ASN F 31 4.26 52.64 9.95
N LYS F 32 3.50 53.74 9.97
CA LYS F 32 3.38 54.63 8.83
C LYS F 32 4.43 55.73 8.83
N THR F 33 5.64 55.45 9.30
CA THR F 33 6.67 56.48 9.41
C THR F 33 7.22 56.89 8.04
N LEU F 34 7.75 55.95 7.26
CA LEU F 34 8.40 56.26 5.98
C LEU F 34 7.87 55.33 4.89
N PRO F 35 7.06 55.86 3.98
CA PRO F 35 6.90 55.21 2.68
C PRO F 35 8.24 55.18 1.96
N TYR F 36 8.79 53.98 1.80
CA TYR F 36 10.19 53.90 1.39
C TYR F 36 10.39 54.15 -0.10
N LEU F 37 9.52 53.64 -0.96
CA LEU F 37 9.65 53.91 -2.38
C LEU F 37 8.33 54.47 -2.91
N VAL F 38 8.28 54.63 -4.23
CA VAL F 38 7.10 55.07 -4.96
C VAL F 38 6.72 53.97 -5.93
N SER F 39 5.45 53.59 -5.93
CA SER F 39 5.00 52.46 -6.73
C SER F 39 3.71 52.81 -7.47
N ASN F 40 3.65 52.37 -8.73
CA ASN F 40 2.48 52.61 -9.56
C ASN F 40 1.33 51.73 -9.11
N VAL F 41 0.14 52.31 -9.11
CA VAL F 41 -1.09 51.62 -8.73
C VAL F 41 -2.01 51.60 -9.94
N ILE F 42 -2.62 50.44 -10.19
CA ILE F 42 -3.71 50.31 -11.15
C ILE F 42 -4.90 49.71 -10.43
N GLU F 43 -6.01 50.44 -10.39
CA GLU F 43 -7.17 49.98 -9.64
C GLU F 43 -7.95 48.97 -10.47
N LEU F 44 -8.21 47.80 -9.87
CA LEU F 44 -8.94 46.72 -10.53
C LEU F 44 -9.82 46.04 -9.50
N LEU F 45 -11.14 46.21 -9.63
CA LEU F 45 -12.07 45.63 -8.68
C LEU F 45 -12.18 44.12 -8.90
N ASP F 46 -12.18 43.36 -7.81
CA ASP F 46 -12.27 41.91 -7.86
C ASP F 46 -13.67 41.48 -7.42
N VAL F 47 -13.97 40.19 -7.56
CA VAL F 47 -15.16 39.57 -6.99
C VAL F 47 -14.73 38.28 -6.29
N ASP F 48 -15.16 38.11 -5.03
CA ASP F 48 -14.81 36.90 -4.30
C ASP F 48 -15.72 35.71 -4.64
N PRO F 49 -17.06 35.86 -4.75
CA PRO F 49 -17.74 34.68 -5.30
C PRO F 49 -17.60 34.59 -6.82
N GLN F 64 -18.49 38.19 5.12
CA GLN F 64 -18.71 39.13 4.02
C GLN F 64 -18.35 38.52 2.67
N ARG F 65 -17.04 38.25 2.50
CA ARG F 65 -16.46 37.69 1.27
C ARG F 65 -16.77 38.56 0.06
N LYS F 66 -16.39 39.84 0.14
CA LYS F 66 -16.56 40.75 -0.98
C LYS F 66 -15.24 40.93 -1.73
N GLY F 67 -15.34 41.10 -3.04
CA GLY F 67 -14.14 41.23 -3.86
C GLY F 67 -13.72 42.68 -3.97
N LYS F 68 -12.45 42.96 -3.68
CA LYS F 68 -11.93 44.31 -3.69
C LYS F 68 -10.41 44.23 -3.83
N CYS F 69 -9.85 44.88 -4.85
CA CYS F 69 -8.46 44.64 -5.19
C CYS F 69 -7.89 45.85 -5.91
N ALA F 70 -6.56 45.80 -6.13
CA ALA F 70 -5.84 46.75 -6.95
C ALA F 70 -4.58 46.08 -7.46
N VAL F 71 -4.07 46.59 -8.58
CA VAL F 71 -2.89 46.04 -9.24
C VAL F 71 -1.73 47.00 -9.00
N ILE F 72 -0.62 46.46 -8.52
CA ILE F 72 0.54 47.26 -8.13
C ILE F 72 1.65 47.02 -9.14
N LYS F 73 2.47 48.04 -9.36
CA LYS F 73 3.71 47.94 -10.11
C LYS F 73 4.75 48.78 -9.38
N THR F 74 5.86 48.17 -8.98
CA THR F 74 6.90 48.93 -8.32
C THR F 74 7.64 49.79 -9.33
N SER F 75 8.41 50.75 -8.80
CA SER F 75 9.27 51.55 -9.67
C SER F 75 10.37 50.73 -10.31
N THR F 76 10.80 49.66 -9.65
CA THR F 76 11.72 48.70 -10.26
C THR F 76 10.99 47.62 -11.06
N ARG F 77 9.72 47.87 -11.43
CA ARG F 77 8.95 47.08 -12.40
C ARG F 77 8.73 45.65 -11.93
N GLN F 78 8.24 45.50 -10.70
CA GLN F 78 7.95 44.20 -10.12
C GLN F 78 6.50 44.20 -9.68
N THR F 79 5.74 43.22 -10.16
CA THR F 79 4.30 43.21 -9.96
C THR F 79 3.92 42.24 -8.85
N TYR F 80 3.09 42.69 -7.91
CA TYR F 80 2.65 41.92 -6.78
C TYR F 80 1.13 41.98 -6.68
N PHE F 81 0.58 41.41 -5.61
CA PHE F 81 -0.86 41.31 -5.45
C PHE F 81 -1.27 41.77 -4.06
N LEU F 82 -2.44 42.43 -3.99
CA LEU F 82 -2.96 43.06 -2.79
C LEU F 82 -4.41 43.51 -2.99
N PRO F 83 -5.22 43.53 -1.94
CA PRO F 83 -6.54 44.17 -2.02
C PRO F 83 -6.42 45.67 -1.83
N VAL F 84 -7.56 46.35 -1.92
CA VAL F 84 -7.61 47.77 -1.57
C VAL F 84 -7.45 47.87 -0.06
N ILE F 85 -6.35 48.47 0.38
CA ILE F 85 -6.00 48.56 1.80
C ILE F 85 -5.47 49.95 2.10
N GLY F 86 -5.34 50.23 3.38
CA GLY F 86 -5.08 51.55 3.91
C GLY F 86 -6.21 52.00 4.82
N LEU F 87 -6.34 53.31 4.94
CA LEU F 87 -7.40 53.91 5.74
C LEU F 87 -8.57 54.27 4.83
N VAL F 88 -9.53 55.04 5.38
CA VAL F 88 -10.73 55.43 4.63
C VAL F 88 -10.34 56.35 3.48
N ASP F 89 -10.73 55.95 2.27
CA ASP F 89 -10.26 56.57 1.04
C ASP F 89 -11.39 57.29 0.33
N ALA F 90 -11.13 58.55 -0.04
CA ALA F 90 -12.08 59.29 -0.87
C ALA F 90 -11.44 59.69 -2.19
N GLU F 91 -10.31 60.38 -2.13
CA GLU F 91 -9.59 60.81 -3.32
C GLU F 91 -8.59 59.77 -3.80
N LYS F 92 -8.55 58.61 -3.15
CA LYS F 92 -7.81 57.46 -3.63
C LYS F 92 -8.66 56.72 -4.66
N LEU F 93 -8.32 55.45 -4.89
CA LEU F 93 -8.89 54.49 -5.84
C LEU F 93 -8.56 54.84 -7.27
N LYS F 94 -7.67 55.81 -7.50
CA LYS F 94 -7.23 56.21 -8.82
C LYS F 94 -6.09 55.31 -9.32
N PRO F 95 -5.98 55.13 -10.63
CA PRO F 95 -4.77 54.51 -11.17
C PRO F 95 -3.60 55.48 -11.19
N GLY F 96 -3.05 55.78 -10.01
CA GLY F 96 -2.08 56.84 -9.88
C GLY F 96 -0.85 56.37 -9.14
N ASP F 97 0.01 57.34 -8.83
CA ASP F 97 1.34 57.05 -8.34
C ASP F 97 1.58 57.82 -7.05
N LEU F 98 2.81 57.76 -6.53
CA LEU F 98 3.27 58.44 -5.31
C LEU F 98 2.41 58.02 -4.11
N VAL F 99 2.58 56.75 -3.75
CA VAL F 99 1.76 56.09 -2.75
C VAL F 99 2.65 55.64 -1.60
N GLY F 100 2.01 55.41 -0.46
CA GLY F 100 2.74 54.92 0.70
C GLY F 100 2.88 53.41 0.67
N VAL F 101 4.07 52.93 1.04
CA VAL F 101 4.38 51.50 0.97
C VAL F 101 5.46 51.17 2.00
N ASN F 102 5.27 50.04 2.69
CA ASN F 102 6.32 49.48 3.54
C ASN F 102 7.08 48.40 2.79
N LYS F 103 8.15 47.90 3.42
CA LYS F 103 9.28 47.25 2.76
C LYS F 103 8.92 46.00 1.95
N ASP F 104 8.38 44.99 2.61
CA ASP F 104 7.92 43.80 1.91
C ASP F 104 6.43 43.57 2.10
N SER F 105 5.79 44.36 2.95
CA SER F 105 4.34 44.26 3.12
C SER F 105 3.61 44.66 1.86
N TYR F 106 4.18 45.62 1.12
CA TYR F 106 3.68 46.10 -0.16
C TYR F 106 2.27 46.65 -0.02
N LEU F 107 2.02 47.31 1.10
CA LEU F 107 0.69 47.81 1.41
C LEU F 107 0.56 49.25 0.95
N ILE F 108 -0.67 49.74 0.94
CA ILE F 108 -0.96 51.13 0.59
C ILE F 108 -1.23 51.89 1.87
N LEU F 109 -0.44 52.93 2.16
CA LEU F 109 -0.69 53.74 3.34
C LEU F 109 -0.95 55.20 3.03
N GLU F 110 -0.11 55.87 2.22
CA GLU F 110 -0.26 57.31 2.00
C GLU F 110 -0.06 57.64 0.53
N THR F 111 -1.16 57.93 -0.17
CA THR F 111 -1.15 58.24 -1.59
C THR F 111 -1.12 59.75 -1.77
N LEU F 112 -0.26 60.24 -2.67
CA LEU F 112 -0.15 61.66 -2.95
C LEU F 112 -0.15 61.90 -4.46
N PRO F 113 -0.68 63.02 -4.94
CA PRO F 113 -0.53 63.34 -6.37
C PRO F 113 0.90 63.71 -6.73
N THR F 114 1.37 63.18 -7.86
CA THR F 114 2.74 63.43 -8.30
C THR F 114 2.90 64.84 -8.85
N GLU F 115 2.10 65.20 -9.84
CA GLU F 115 2.15 66.54 -10.40
C GLU F 115 0.97 67.38 -9.92
N MET G 1 20.92 -65.48 8.23
CA MET G 1 20.40 -66.53 7.37
C MET G 1 19.18 -66.02 6.58
N ILE G 2 18.08 -65.84 7.28
CA ILE G 2 16.82 -65.46 6.65
C ILE G 2 16.80 -63.97 6.36
N THR G 3 15.87 -63.58 5.48
CA THR G 3 15.65 -62.17 5.19
C THR G 3 14.22 -61.76 5.51
N SER G 4 13.25 -62.44 4.92
CA SER G 4 11.85 -62.06 5.02
C SER G 4 11.03 -63.00 5.90
N ALA G 5 11.66 -63.69 6.86
CA ALA G 5 10.94 -64.62 7.71
C ALA G 5 10.02 -63.88 8.67
N ALA G 6 8.75 -64.26 8.67
CA ALA G 6 7.79 -63.78 9.66
C ALA G 6 7.35 -64.86 10.61
N GLY G 7 7.90 -66.08 10.47
CA GLY G 7 7.69 -67.10 11.48
C GLY G 7 8.33 -66.72 12.80
N ILE G 8 9.42 -65.95 12.74
CA ILE G 8 10.06 -65.45 13.95
C ILE G 8 9.18 -64.42 14.65
N ILE G 9 8.30 -63.74 13.91
CA ILE G 9 7.33 -62.85 14.54
C ILE G 9 6.31 -63.66 15.33
N SER G 10 5.82 -64.75 14.74
CA SER G 10 4.82 -65.57 15.42
C SER G 10 5.42 -66.33 16.60
N LEU G 11 6.68 -66.72 16.48
CA LEU G 11 7.37 -67.34 17.62
C LEU G 11 7.66 -66.31 18.69
N LEU G 12 7.90 -65.05 18.31
CA LEU G 12 8.08 -64.00 19.31
C LEU G 12 6.75 -63.62 19.95
N ASP G 13 5.64 -63.89 19.27
CA ASP G 13 4.31 -63.66 19.80
C ASP G 13 3.79 -64.84 20.60
N GLU G 14 4.66 -65.79 20.94
CA GLU G 14 4.26 -67.07 21.51
C GLU G 14 4.79 -67.20 22.93
N ASP G 15 4.02 -67.92 23.75
CA ASP G 15 4.39 -68.30 25.11
C ASP G 15 5.36 -69.47 25.08
N GLU G 16 5.53 -70.13 26.26
CA GLU G 16 6.50 -71.18 26.60
C GLU G 16 7.90 -70.79 26.12
N PRO G 17 8.56 -69.89 26.85
CA PRO G 17 9.70 -69.13 26.30
C PRO G 17 10.94 -69.93 25.94
N GLN G 18 10.97 -71.25 26.19
CA GLN G 18 12.09 -72.06 25.74
C GLN G 18 12.15 -72.16 24.22
N LEU G 19 11.05 -71.85 23.52
CA LEU G 19 11.10 -71.61 22.08
C LEU G 19 11.29 -70.14 21.73
N LYS G 20 10.98 -69.22 22.64
CA LYS G 20 11.22 -67.80 22.41
C LYS G 20 12.71 -67.47 22.40
N GLU G 21 13.50 -68.15 23.24
CA GLU G 21 14.82 -67.67 23.58
C GLU G 21 15.83 -67.91 22.46
N PHE G 22 15.83 -69.10 21.86
CA PHE G 22 16.72 -69.29 20.72
C PHE G 22 16.20 -68.61 19.47
N ALA G 23 14.89 -68.33 19.42
CA ALA G 23 14.35 -67.52 18.34
C ALA G 23 14.88 -66.09 18.42
N LEU G 24 14.97 -65.54 19.64
CA LEU G 24 15.60 -64.25 19.83
C LEU G 24 17.10 -64.32 19.56
N HIS G 25 17.72 -65.46 19.87
CA HIS G 25 19.13 -65.66 19.55
C HIS G 25 19.38 -65.60 18.05
N LYS G 26 18.52 -66.25 17.26
CA LYS G 26 18.68 -66.20 15.81
C LYS G 26 18.18 -64.89 15.23
N LEU G 27 17.37 -64.15 16.00
CA LEU G 27 17.00 -62.79 15.63
C LEU G 27 18.19 -61.85 15.73
N ASN G 28 19.02 -62.03 16.77
CA ASN G 28 20.20 -61.18 16.96
C ASN G 28 21.27 -61.37 15.88
N ALA G 29 21.18 -62.43 15.08
CA ALA G 29 22.04 -62.54 13.91
C ALA G 29 21.51 -61.74 12.73
N VAL G 30 20.19 -61.75 12.54
CA VAL G 30 19.57 -61.12 11.37
C VAL G 30 19.06 -59.73 11.65
N VAL G 31 19.41 -59.14 12.80
CA VAL G 31 18.91 -57.81 13.15
C VAL G 31 19.51 -56.72 12.25
N ASN G 32 20.81 -56.79 11.94
CA ASN G 32 21.40 -55.80 11.04
C ASN G 32 20.94 -56.00 9.60
N ASP G 33 20.56 -57.22 9.24
CA ASP G 33 19.85 -57.44 7.99
C ASP G 33 18.52 -56.69 7.98
N PHE G 34 17.67 -56.98 8.96
CA PHE G 34 16.34 -56.39 8.99
C PHE G 34 15.99 -55.99 10.41
N TRP G 35 16.06 -54.69 10.67
CA TRP G 35 15.47 -54.10 11.85
C TRP G 35 14.02 -53.73 11.62
N ALA G 36 13.63 -53.48 10.38
CA ALA G 36 12.30 -53.02 10.05
C ALA G 36 11.28 -54.16 10.01
N GLU G 37 11.73 -55.39 9.82
CA GLU G 37 10.87 -56.54 10.01
C GLU G 37 10.60 -56.78 11.50
N ILE G 38 11.47 -56.27 12.36
CA ILE G 38 11.27 -56.33 13.81
C ILE G 38 10.39 -55.19 14.28
N SER G 39 10.21 -54.16 13.44
CA SER G 39 9.48 -52.94 13.83
C SER G 39 8.02 -53.22 14.16
N GLU G 40 7.44 -54.26 13.58
CA GLU G 40 6.07 -54.63 13.91
C GLU G 40 5.98 -55.45 15.19
N SER G 41 7.04 -56.16 15.57
CA SER G 41 7.07 -56.93 16.81
C SER G 41 7.72 -56.18 17.95
N VAL G 42 8.09 -54.91 17.71
CA VAL G 42 8.58 -54.01 18.75
C VAL G 42 7.64 -53.99 19.94
N ASP G 43 6.34 -53.94 19.68
CA ASP G 43 5.32 -53.90 20.74
C ASP G 43 5.37 -55.16 21.61
N LYS G 44 5.50 -56.33 20.99
CA LYS G 44 5.51 -57.57 21.77
C LYS G 44 6.82 -57.71 22.55
N ILE G 45 7.93 -57.23 21.96
CA ILE G 45 9.21 -57.21 22.67
C ILE G 45 9.12 -56.31 23.90
N GLU G 46 8.51 -55.13 23.75
CA GLU G 46 8.28 -54.22 24.86
C GLU G 46 7.41 -54.84 25.93
N VAL G 47 6.37 -55.57 25.53
CA VAL G 47 5.47 -56.19 26.50
C VAL G 47 6.19 -57.28 27.27
N LEU G 48 6.99 -58.10 26.59
CA LEU G 48 7.72 -59.14 27.30
C LEU G 48 8.94 -58.58 28.04
N TYR G 49 9.29 -57.31 27.81
CA TYR G 49 10.31 -56.66 28.63
C TYR G 49 9.74 -56.04 29.89
N GLU G 50 8.59 -55.36 29.79
CA GLU G 50 8.08 -54.56 30.90
C GLU G 50 7.69 -55.43 32.09
N ASP G 51 7.10 -56.60 31.82
CA ASP G 51 6.88 -57.54 32.91
C ASP G 51 8.19 -58.19 33.33
N GLU G 52 8.22 -58.65 34.59
CA GLU G 52 9.29 -59.52 35.03
C GLU G 52 8.94 -60.99 34.87
N GLY G 53 7.90 -61.31 34.08
CA GLY G 53 7.54 -62.70 33.87
C GLY G 53 8.57 -63.46 33.07
N PHE G 54 9.01 -62.89 31.95
CA PHE G 54 10.11 -63.48 31.20
C PHE G 54 11.41 -63.22 31.93
N ARG G 55 12.30 -64.21 31.89
CA ARG G 55 13.43 -64.24 32.82
C ARG G 55 14.58 -63.32 32.41
N SER G 56 14.74 -63.02 31.12
CA SER G 56 15.89 -62.25 30.65
C SER G 56 15.41 -60.90 30.15
N ARG G 57 15.58 -59.88 30.99
CA ARG G 57 15.21 -58.53 30.60
C ARG G 57 16.25 -57.91 29.66
N GLN G 58 17.45 -58.48 29.60
CA GLN G 58 18.46 -57.92 28.71
C GLN G 58 18.46 -58.60 27.34
N PHE G 59 17.91 -59.81 27.24
CA PHE G 59 17.69 -60.36 25.91
C PHE G 59 16.55 -59.63 25.21
N ALA G 60 15.58 -59.14 25.98
CA ALA G 60 14.56 -58.27 25.41
C ALA G 60 15.10 -56.87 25.15
N ALA G 61 15.73 -56.28 26.16
CA ALA G 61 16.10 -54.86 26.10
C ALA G 61 17.30 -54.65 25.18
N LEU G 62 18.07 -55.70 24.92
CA LEU G 62 19.12 -55.61 23.91
C LEU G 62 18.54 -55.58 22.51
N VAL G 63 17.53 -56.41 22.24
CA VAL G 63 16.86 -56.42 20.93
C VAL G 63 16.16 -55.09 20.67
N ALA G 64 15.36 -54.64 21.66
CA ALA G 64 14.68 -53.36 21.53
C ALA G 64 15.68 -52.20 21.46
N SER G 65 16.75 -52.29 22.23
CA SER G 65 17.75 -51.22 22.24
C SER G 65 18.56 -51.21 20.96
N LYS G 66 18.61 -52.33 20.25
CA LYS G 66 19.35 -52.36 18.99
C LYS G 66 18.43 -52.15 17.79
N VAL G 67 17.12 -52.17 18.00
CA VAL G 67 16.21 -51.85 16.90
C VAL G 67 15.74 -50.40 16.97
N PHE G 68 15.78 -49.76 18.15
CA PHE G 68 15.27 -48.40 18.25
C PHE G 68 16.20 -47.38 17.60
N TYR G 69 17.51 -47.51 17.79
CA TYR G 69 18.40 -46.57 17.15
C TYR G 69 18.45 -46.80 15.64
N HIS G 70 18.08 -48.00 15.20
CA HIS G 70 17.82 -48.19 13.78
C HIS G 70 16.50 -47.57 13.34
N LEU G 71 15.55 -47.43 14.26
CA LEU G 71 14.24 -46.94 13.88
C LEU G 71 14.15 -45.46 14.19
N GLY G 72 14.34 -45.10 15.45
CA GLY G 72 14.06 -43.75 15.92
C GLY G 72 15.16 -43.16 16.77
N ALA G 73 14.74 -42.64 17.92
CA ALA G 73 15.62 -41.86 18.78
C ALA G 73 16.61 -42.73 19.51
N PHE G 74 17.79 -42.15 19.77
CA PHE G 74 18.80 -42.82 20.58
C PHE G 74 18.47 -42.79 22.05
N GLU G 75 17.53 -41.93 22.46
CA GLU G 75 17.05 -41.95 23.83
C GLU G 75 16.30 -43.25 24.13
N GLU G 76 15.39 -43.65 23.25
CA GLU G 76 14.54 -44.80 23.54
C GLU G 76 15.32 -46.11 23.43
N SER G 77 16.29 -46.18 22.52
CA SER G 77 17.27 -47.26 22.55
C SER G 77 18.10 -47.20 23.81
N LEU G 78 18.48 -45.98 24.21
CA LEU G 78 19.35 -45.78 25.35
C LEU G 78 18.69 -46.17 26.67
N ASN G 79 17.36 -46.05 26.75
CA ASN G 79 16.67 -46.42 27.98
C ASN G 79 16.62 -47.93 28.17
N TYR G 80 16.81 -48.68 27.09
CA TYR G 80 16.82 -50.12 27.22
C TYR G 80 18.23 -50.70 27.17
N ALA G 81 19.19 -49.99 26.58
CA ALA G 81 20.58 -50.38 26.75
C ALA G 81 21.04 -50.09 28.18
N LEU G 82 20.60 -48.95 28.72
CA LEU G 82 20.83 -48.64 30.12
C LEU G 82 19.80 -49.29 31.03
N GLY G 83 18.65 -49.68 30.50
CA GLY G 83 17.61 -50.27 31.30
C GLY G 83 17.61 -51.78 31.17
N ALA G 84 18.66 -52.30 30.52
CA ALA G 84 18.81 -53.74 30.36
C ALA G 84 19.36 -54.42 31.61
N GLY G 85 19.59 -53.67 32.69
CA GLY G 85 20.10 -54.23 33.91
C GLY G 85 21.55 -54.63 33.77
N ASP G 86 21.90 -55.77 34.35
CA ASP G 86 23.25 -56.30 34.20
C ASP G 86 23.45 -56.79 32.76
N LEU G 87 24.43 -56.23 32.09
CA LEU G 87 24.81 -56.67 30.76
C LEU G 87 26.26 -57.09 30.78
N PHE G 88 26.51 -58.36 30.49
CA PHE G 88 27.86 -58.90 30.34
C PHE G 88 28.26 -58.66 28.88
N ASN G 89 29.07 -57.63 28.65
CA ASN G 89 29.41 -57.21 27.30
C ASN G 89 30.85 -56.76 27.28
N VAL G 90 31.63 -57.40 26.43
CA VAL G 90 33.04 -57.07 26.24
C VAL G 90 33.14 -55.83 25.38
N ASN G 91 34.27 -55.14 25.48
CA ASN G 91 34.53 -54.05 24.54
C ASN G 91 34.71 -54.61 23.14
N ASP G 92 34.02 -54.00 22.19
CA ASP G 92 34.10 -54.39 20.80
C ASP G 92 34.21 -53.14 19.94
N ASN G 93 34.81 -53.31 18.76
CA ASN G 93 34.88 -52.26 17.76
C ASN G 93 33.66 -52.24 16.85
N SER G 94 32.61 -52.98 17.20
CA SER G 94 31.37 -52.95 16.43
C SER G 94 30.64 -51.63 16.63
N GLU G 95 29.86 -51.25 15.61
CA GLU G 95 29.20 -49.94 15.58
C GLU G 95 28.17 -49.81 16.69
N TYR G 96 27.44 -50.89 16.98
CA TYR G 96 26.32 -50.84 17.92
C TYR G 96 26.80 -50.50 19.33
N VAL G 97 27.81 -51.23 19.82
CA VAL G 97 28.26 -51.06 21.19
C VAL G 97 28.91 -49.69 21.38
N GLU G 98 29.64 -49.23 20.37
CA GLU G 98 30.31 -47.94 20.51
C GLU G 98 29.33 -46.78 20.36
N THR G 99 28.24 -46.98 19.60
CA THR G 99 27.23 -45.95 19.56
C THR G 99 26.43 -45.89 20.86
N ILE G 100 26.17 -47.05 21.48
CA ILE G 100 25.34 -46.98 22.67
C ILE G 100 26.16 -46.52 23.88
N ILE G 101 27.46 -46.81 23.91
CA ILE G 101 28.26 -46.18 24.96
C ILE G 101 28.62 -44.77 24.55
N ALA G 102 28.50 -44.45 23.26
CA ALA G 102 28.74 -43.08 22.82
C ALA G 102 27.63 -42.15 23.30
N LYS G 103 26.39 -42.48 22.95
CA LYS G 103 25.24 -41.72 23.44
C LYS G 103 25.07 -41.89 24.94
N CYS G 104 25.52 -43.02 25.51
CA CYS G 104 25.51 -43.17 26.96
C CYS G 104 26.45 -42.19 27.63
N ILE G 105 27.66 -42.01 27.08
CA ILE G 105 28.61 -41.07 27.66
C ILE G 105 28.13 -39.63 27.44
N ASP G 106 27.61 -39.35 26.24
CA ASP G 106 27.14 -38.01 25.90
C ASP G 106 25.96 -37.60 26.78
N HIS G 107 25.00 -38.51 26.96
CA HIS G 107 23.86 -38.20 27.79
C HIS G 107 24.18 -38.31 29.27
N TYR G 108 25.21 -39.08 29.60
CA TYR G 108 25.69 -39.14 30.98
C TYR G 108 26.27 -37.80 31.40
N THR G 109 27.21 -37.27 30.61
CA THR G 109 27.75 -35.95 30.92
C THR G 109 26.74 -34.85 30.67
N LYS G 110 25.72 -35.10 29.85
CA LYS G 110 24.56 -34.21 29.80
C LYS G 110 23.88 -34.14 31.16
N GLN G 111 23.65 -35.31 31.78
CA GLN G 111 23.11 -35.33 33.14
C GLN G 111 24.06 -34.70 34.13
N CYS G 112 25.36 -34.83 33.90
CA CYS G 112 26.35 -34.28 34.83
C CYS G 112 26.41 -32.76 34.76
N VAL G 113 26.11 -32.19 33.59
CA VAL G 113 25.95 -30.74 33.51
C VAL G 113 24.59 -30.32 34.05
N GLU G 114 23.56 -31.16 33.84
CA GLU G 114 22.23 -30.88 34.38
C GLU G 114 22.18 -30.89 35.90
N ASN G 115 23.08 -31.63 36.54
CA ASN G 115 23.17 -31.65 37.98
C ASN G 115 24.44 -31.00 38.50
N ALA G 116 25.29 -30.48 37.61
CA ALA G 116 26.48 -29.78 38.05
C ALA G 116 26.14 -28.41 38.60
N ASP G 117 25.09 -27.79 38.06
CA ASP G 117 24.57 -26.51 38.55
C ASP G 117 23.60 -26.68 39.71
N LEU G 118 23.23 -27.92 40.06
CA LEU G 118 22.37 -28.21 41.20
C LEU G 118 23.13 -29.11 42.16
N PRO G 119 23.90 -28.52 43.08
CA PRO G 119 24.59 -29.35 44.09
C PRO G 119 23.64 -29.95 45.12
N GLU G 120 22.61 -29.22 45.52
CA GLU G 120 21.72 -29.67 46.58
C GLU G 120 20.28 -29.47 46.13
N GLY G 121 19.41 -30.29 46.70
CA GLY G 121 17.98 -30.24 46.40
C GLY G 121 17.64 -30.82 45.05
N GLU G 122 16.46 -31.46 44.99
CA GLU G 122 15.81 -32.08 43.82
C GLU G 122 16.76 -32.85 42.90
N LYS G 123 17.71 -33.57 43.51
CA LYS G 123 18.78 -34.20 42.77
C LYS G 123 18.24 -35.38 41.97
N LYS G 124 18.52 -35.39 40.68
CA LYS G 124 17.94 -36.41 39.84
C LYS G 124 18.69 -37.73 40.01
N PRO G 125 17.96 -38.85 40.03
CA PRO G 125 18.61 -40.16 40.19
C PRO G 125 19.39 -40.56 38.94
N ILE G 126 20.62 -41.01 39.15
CA ILE G 126 21.43 -41.57 38.10
C ILE G 126 21.67 -43.03 38.46
N ASP G 127 21.28 -43.93 37.58
CA ASP G 127 21.41 -45.36 37.83
C ASP G 127 22.90 -45.73 37.87
N GLN G 128 23.21 -46.71 38.71
CA GLN G 128 24.61 -46.98 39.03
C GLN G 128 25.31 -47.77 37.94
N ARG G 129 24.56 -48.52 37.12
CA ARG G 129 25.16 -49.20 35.99
C ARG G 129 25.58 -48.22 34.90
N LEU G 130 24.99 -47.01 34.88
CA LEU G 130 25.50 -45.95 34.03
C LEU G 130 26.90 -45.54 34.46
N GLU G 131 27.08 -45.31 35.77
CA GLU G 131 28.41 -45.04 36.33
C GLU G 131 29.37 -46.18 36.07
N GLY G 132 28.87 -47.41 36.10
CA GLY G 132 29.73 -48.56 35.87
C GLY G 132 30.22 -48.65 34.44
N ILE G 133 29.34 -48.41 33.47
CA ILE G 133 29.78 -48.56 32.09
C ILE G 133 30.40 -47.28 31.55
N VAL G 134 30.21 -46.15 32.24
CA VAL G 134 31.00 -44.97 31.92
C VAL G 134 32.42 -45.12 32.47
N ASN G 135 32.53 -45.48 33.75
CA ASN G 135 33.85 -45.61 34.36
C ASN G 135 34.56 -46.90 33.96
N LYS G 136 33.86 -47.83 33.32
CA LYS G 136 34.50 -49.06 32.86
C LYS G 136 35.27 -48.82 31.58
N MET G 137 34.62 -48.19 30.60
CA MET G 137 35.33 -47.78 29.41
C MET G 137 36.26 -46.61 29.69
N PHE G 138 35.92 -45.79 30.68
CA PHE G 138 36.77 -44.67 31.07
C PHE G 138 38.06 -45.16 31.73
N GLN G 139 37.95 -46.03 32.72
CA GLN G 139 39.14 -46.63 33.33
C GLN G 139 39.87 -47.53 32.33
N ARG G 140 39.13 -48.10 31.38
CA ARG G 140 39.73 -48.81 30.26
C ARG G 140 40.61 -47.90 29.41
N CYS G 141 40.20 -46.63 29.25
CA CYS G 141 41.14 -45.66 28.70
C CYS G 141 42.28 -45.37 29.67
N LEU G 142 41.97 -45.37 30.97
CA LEU G 142 42.92 -45.07 32.02
C LEU G 142 43.72 -46.29 32.48
N ASP G 143 43.87 -47.29 31.61
CA ASP G 143 44.92 -48.28 31.76
C ASP G 143 46.27 -47.58 31.77
N ASP G 144 46.48 -46.71 30.77
CA ASP G 144 47.69 -45.91 30.67
C ASP G 144 47.41 -44.41 30.65
N HIS G 145 46.10 -44.04 30.65
CA HIS G 145 45.45 -42.73 30.50
C HIS G 145 45.54 -42.18 29.09
N LYS G 146 46.53 -42.62 28.31
CA LYS G 146 46.67 -42.08 26.96
C LYS G 146 47.12 -40.61 27.03
N TYR G 147 47.62 -40.22 28.19
CA TYR G 147 48.13 -38.87 28.48
C TYR G 147 47.38 -37.64 27.95
N LYS G 148 46.04 -37.63 28.03
CA LYS G 148 45.31 -36.43 27.60
C LYS G 148 43.88 -36.36 28.11
N GLN G 149 43.07 -37.39 27.85
CA GLN G 149 41.63 -37.28 27.98
C GLN G 149 41.14 -37.63 29.37
N ALA G 150 42.05 -38.03 30.25
CA ALA G 150 41.69 -38.28 31.65
C ALA G 150 41.22 -37.00 32.32
N ILE G 151 42.02 -35.94 32.24
CA ILE G 151 41.59 -34.66 32.77
C ILE G 151 40.52 -34.05 31.87
N GLY G 152 40.49 -34.39 30.58
CA GLY G 152 39.52 -33.80 29.68
C GLY G 152 38.10 -34.27 29.98
N ILE G 153 37.90 -35.59 29.98
CA ILE G 153 36.62 -36.17 30.37
C ILE G 153 36.36 -35.94 31.85
N ALA G 154 37.44 -35.89 32.66
CA ALA G 154 37.29 -35.66 34.09
C ALA G 154 36.77 -34.25 34.38
N LEU G 155 37.01 -33.32 33.46
CA LEU G 155 36.33 -32.02 33.54
C LEU G 155 34.96 -32.09 32.87
N GLU G 156 34.82 -32.87 31.80
CA GLU G 156 33.52 -33.02 31.17
C GLU G 156 32.52 -33.78 32.02
N THR G 157 32.98 -34.73 32.83
CA THR G 157 32.03 -35.48 33.65
C THR G 157 31.61 -34.73 34.91
N ARG G 158 32.27 -33.61 35.23
CA ARG G 158 31.90 -32.71 36.33
C ARG G 158 31.82 -33.42 37.68
N ARG G 159 32.66 -34.43 37.87
CA ARG G 159 32.56 -35.30 39.03
C ARG G 159 33.82 -35.10 39.89
N LEU G 160 33.72 -35.42 41.19
CA LEU G 160 34.74 -34.92 42.12
C LEU G 160 35.98 -35.82 42.20
N ASP G 161 35.82 -37.13 42.38
CA ASP G 161 36.98 -38.00 42.56
C ASP G 161 37.46 -38.64 41.27
N VAL G 162 36.93 -38.20 40.14
CA VAL G 162 37.30 -38.79 38.85
C VAL G 162 38.75 -38.43 38.48
N PHE G 163 39.29 -37.35 39.00
CA PHE G 163 40.60 -36.92 38.54
C PHE G 163 41.71 -37.15 39.53
N GLU G 164 41.41 -37.50 40.79
CA GLU G 164 42.48 -37.83 41.73
C GLU G 164 43.14 -39.15 41.40
N LYS G 165 42.40 -40.09 40.83
CA LYS G 165 42.99 -41.33 40.35
C LYS G 165 43.74 -41.13 39.05
N THR G 166 43.48 -40.05 38.32
CA THR G 166 44.28 -39.75 37.15
C THR G 166 45.66 -39.26 37.53
N ILE G 167 45.74 -38.41 38.55
CA ILE G 167 47.02 -37.84 38.97
C ILE G 167 47.80 -38.77 39.90
N LEU G 168 47.22 -39.93 40.25
CA LEU G 168 47.95 -40.87 41.09
C LEU G 168 49.07 -41.54 40.30
N GLU G 169 48.73 -42.20 39.20
CA GLU G 169 49.71 -42.54 38.17
C GLU G 169 49.65 -41.47 37.09
N SER G 170 50.54 -40.49 37.19
CA SER G 170 50.64 -39.46 36.19
C SER G 170 52.10 -39.07 36.06
N ASN G 171 52.54 -38.97 34.82
CA ASN G 171 53.91 -38.63 34.50
C ASN G 171 53.99 -37.14 34.22
N ASP G 172 55.08 -36.53 34.67
CA ASP G 172 55.35 -35.09 34.55
C ASP G 172 54.22 -34.29 35.21
N VAL G 173 54.17 -34.45 36.54
CA VAL G 173 53.06 -33.91 37.34
C VAL G 173 52.86 -32.39 37.18
N PRO G 174 53.91 -31.55 37.15
CA PRO G 174 53.65 -30.15 36.76
C PRO G 174 53.20 -29.99 35.31
N GLY G 175 53.55 -30.94 34.44
CA GLY G 175 52.97 -30.95 33.11
C GLY G 175 51.48 -31.28 33.14
N MET G 176 51.05 -32.05 34.13
CA MET G 176 49.65 -32.42 34.22
C MET G 176 48.83 -31.35 34.91
N LEU G 177 49.44 -30.61 35.83
CA LEU G 177 48.74 -29.49 36.46
C LEU G 177 48.75 -28.26 35.56
N ALA G 178 49.82 -28.08 34.79
CA ALA G 178 49.86 -26.96 33.86
C ALA G 178 49.03 -27.23 32.62
N TYR G 179 49.09 -28.47 32.12
CA TYR G 179 48.16 -28.91 31.07
C TYR G 179 46.72 -28.85 31.57
N SER G 180 46.52 -29.22 32.84
CA SER G 180 45.19 -29.21 33.44
C SER G 180 44.61 -27.81 33.51
N LEU G 181 45.34 -26.89 34.15
CA LEU G 181 44.86 -25.51 34.26
C LEU G 181 44.84 -24.81 32.90
N LYS G 182 45.71 -25.25 31.99
CA LYS G 182 45.65 -24.78 30.62
C LYS G 182 44.32 -25.13 29.96
N LEU G 183 43.85 -26.36 30.16
CA LEU G 183 42.51 -26.70 29.67
C LEU G 183 41.42 -25.97 30.46
N CYS G 184 41.61 -25.81 31.76
CA CYS G 184 40.58 -25.25 32.63
C CYS G 184 40.34 -23.77 32.40
N MET G 185 41.38 -23.00 32.06
CA MET G 185 41.18 -21.58 31.78
C MET G 185 40.71 -21.34 30.36
N SER G 186 40.64 -22.37 29.54
CA SER G 186 40.24 -22.27 28.15
C SER G 186 38.79 -22.63 27.91
N LEU G 187 38.03 -22.95 28.96
CA LEU G 187 36.71 -23.54 28.75
C LEU G 187 35.57 -22.56 28.98
N MET G 188 35.85 -21.31 29.35
CA MET G 188 34.87 -20.30 29.76
C MET G 188 34.02 -20.83 30.92
N GLN G 189 34.70 -20.95 32.05
CA GLN G 189 34.13 -21.50 33.27
C GLN G 189 33.07 -20.58 33.87
N ASN G 190 32.18 -21.18 34.65
CA ASN G 190 31.20 -20.45 35.43
C ASN G 190 31.63 -20.23 36.87
N LYS G 191 32.83 -20.70 37.24
CA LYS G 191 33.52 -20.57 38.53
C LYS G 191 32.88 -21.45 39.62
N GLN G 192 31.74 -22.08 39.33
CA GLN G 192 31.03 -22.85 40.36
C GLN G 192 31.74 -24.16 40.68
N PHE G 193 32.52 -24.69 39.74
CA PHE G 193 33.32 -25.88 39.99
C PHE G 193 34.80 -25.54 40.00
N ARG G 194 35.24 -24.62 39.13
CA ARG G 194 36.64 -24.32 38.80
C ARG G 194 37.50 -23.98 40.03
N ASN G 195 36.97 -23.15 40.92
CA ASN G 195 37.72 -22.78 42.12
C ASN G 195 37.87 -23.98 43.06
N LYS G 196 36.86 -24.85 43.10
CA LYS G 196 36.96 -26.05 43.93
C LYS G 196 37.94 -27.04 43.32
N VAL G 197 37.91 -27.17 42.00
CA VAL G 197 38.83 -28.03 41.26
C VAL G 197 40.27 -27.57 41.51
N LEU G 198 40.48 -26.26 41.55
CA LEU G 198 41.83 -25.76 41.79
C LEU G 198 42.24 -25.92 43.25
N ARG G 199 41.33 -25.64 44.18
CA ARG G 199 41.69 -25.73 45.60
C ARG G 199 41.82 -27.18 46.05
N VAL G 200 41.37 -28.16 45.26
CA VAL G 200 41.74 -29.55 45.53
C VAL G 200 42.94 -29.98 44.69
N LEU G 201 43.19 -29.32 43.55
CA LEU G 201 44.38 -29.59 42.75
C LEU G 201 45.62 -28.89 43.27
N VAL G 202 45.51 -28.12 44.35
CA VAL G 202 46.70 -27.64 45.04
C VAL G 202 47.07 -28.53 46.21
N LYS G 203 46.24 -29.51 46.52
CA LYS G 203 46.54 -30.46 47.58
C LYS G 203 47.58 -31.48 47.15
N ILE G 204 47.92 -31.54 45.86
CA ILE G 204 48.81 -32.59 45.38
C ILE G 204 50.28 -32.20 45.53
N TYR G 205 50.62 -30.94 45.28
CA TYR G 205 52.04 -30.58 45.27
C TYR G 205 52.61 -30.41 46.67
N MET G 206 51.77 -30.07 47.65
CA MET G 206 52.21 -30.12 49.04
C MET G 206 52.51 -31.53 49.50
N ASN G 207 51.86 -32.53 48.90
CA ASN G 207 52.16 -33.93 49.15
C ASN G 207 53.34 -34.41 48.33
N LEU G 208 53.78 -33.64 47.34
CA LEU G 208 54.98 -33.97 46.58
C LEU G 208 56.21 -33.58 47.38
N GLU G 209 57.39 -33.82 46.79
CA GLU G 209 58.64 -33.51 47.48
C GLU G 209 58.88 -32.01 47.60
N LYS G 210 58.26 -31.21 46.73
CA LYS G 210 58.52 -29.78 46.69
C LYS G 210 57.24 -29.03 46.40
N PRO G 211 57.13 -27.78 46.88
CA PRO G 211 56.08 -26.91 46.37
C PRO G 211 56.50 -26.21 45.10
N ASP G 212 55.57 -26.13 44.16
CA ASP G 212 55.80 -25.44 42.90
C ASP G 212 55.06 -24.09 42.93
N PHE G 213 55.65 -23.09 42.28
CA PHE G 213 55.16 -21.74 42.46
C PHE G 213 54.19 -21.34 41.36
N ILE G 214 54.30 -21.96 40.19
CA ILE G 214 53.39 -21.67 39.09
C ILE G 214 51.96 -22.09 39.45
N ASN G 215 51.81 -23.18 40.19
CA ASN G 215 50.47 -23.65 40.53
C ASN G 215 49.88 -22.84 41.68
N VAL G 216 50.72 -22.39 42.62
CA VAL G 216 50.17 -21.59 43.71
C VAL G 216 49.86 -20.17 43.22
N CYS G 217 50.63 -19.67 42.25
CA CYS G 217 50.25 -18.46 41.54
C CYS G 217 48.91 -18.64 40.84
N GLN G 218 48.84 -19.63 39.96
CA GLN G 218 47.70 -19.73 39.05
C GLN G 218 46.43 -20.21 39.75
N CYS G 219 46.56 -20.73 40.97
CA CYS G 219 45.34 -20.86 41.78
C CYS G 219 45.03 -19.53 42.47
N LEU G 220 46.00 -18.97 43.20
CA LEU G 220 45.73 -17.79 44.01
C LEU G 220 45.49 -16.51 43.20
N ILE G 221 45.59 -16.57 41.87
CA ILE G 221 45.08 -15.49 41.02
C ILE G 221 43.62 -15.71 40.66
N PHE G 222 43.08 -16.91 40.87
CA PHE G 222 41.70 -17.19 40.49
C PHE G 222 40.82 -17.33 41.73
N LEU G 223 41.10 -18.29 42.59
CA LEU G 223 40.23 -18.54 43.73
C LEU G 223 40.34 -17.43 44.75
N ASP G 224 41.53 -16.83 44.87
CA ASP G 224 41.79 -15.60 45.64
C ASP G 224 41.41 -15.78 47.11
N ASP G 225 41.77 -16.93 47.66
CA ASP G 225 41.25 -17.34 48.95
C ASP G 225 42.28 -17.09 50.03
N PRO G 226 41.88 -16.46 51.14
CA PRO G 226 42.81 -16.32 52.27
C PRO G 226 43.17 -17.65 52.91
N GLN G 227 42.24 -18.60 52.90
CA GLN G 227 42.51 -19.94 53.41
C GLN G 227 43.43 -20.73 52.50
N ALA G 228 43.62 -20.29 51.26
CA ALA G 228 44.59 -20.95 50.39
C ALA G 228 45.92 -20.19 50.37
N VAL G 229 45.98 -19.04 51.04
CA VAL G 229 47.25 -18.35 51.23
C VAL G 229 47.72 -18.42 52.68
N SER G 230 46.80 -18.67 53.63
CA SER G 230 47.17 -18.72 55.05
C SER G 230 48.09 -19.90 55.34
N ASP G 231 47.96 -20.97 54.56
CA ASP G 231 48.91 -22.07 54.63
C ASP G 231 50.29 -21.65 54.13
N ILE G 232 50.36 -21.09 52.91
CA ILE G 232 51.64 -20.91 52.27
C ILE G 232 52.40 -19.72 52.85
N LEU G 233 51.74 -18.83 53.58
CA LEU G 233 52.48 -17.75 54.20
C LEU G 233 53.26 -18.24 55.40
N GLU G 234 52.70 -19.19 56.14
CA GLU G 234 53.35 -19.73 57.34
C GLU G 234 54.14 -21.00 57.05
N LYS G 235 54.01 -21.56 55.84
CA LYS G 235 54.95 -22.58 55.40
C LYS G 235 56.34 -22.02 55.13
N LEU G 236 56.45 -20.70 54.96
CA LEU G 236 57.74 -20.09 54.72
C LEU G 236 58.61 -20.15 55.97
N VAL G 237 57.98 -20.11 57.15
CA VAL G 237 58.73 -20.22 58.39
C VAL G 237 59.15 -21.67 58.61
N LYS G 238 58.24 -22.61 58.35
CA LYS G 238 58.54 -24.03 58.58
C LYS G 238 59.59 -24.53 57.60
N GLU G 239 59.59 -23.99 56.37
CA GLU G 239 60.61 -24.38 55.41
C GLU G 239 61.95 -23.74 55.75
N ASP G 240 61.91 -22.57 56.44
CA ASP G 240 63.08 -21.79 56.85
C ASP G 240 63.98 -21.47 55.65
N ASN G 241 63.34 -21.12 54.54
CA ASN G 241 64.04 -20.93 53.27
C ASN G 241 63.70 -19.54 52.73
N LEU G 242 64.72 -18.67 52.66
CA LEU G 242 64.51 -17.27 52.30
C LEU G 242 64.33 -17.09 50.80
N LEU G 243 65.13 -17.80 50.01
CA LEU G 243 65.22 -17.54 48.58
C LEU G 243 63.96 -17.94 47.83
N MET G 244 63.30 -19.02 48.25
CA MET G 244 62.16 -19.50 47.51
C MET G 244 60.92 -18.64 47.75
N ALA G 245 60.83 -17.97 48.89
CA ALA G 245 59.65 -17.18 49.19
C ALA G 245 59.60 -15.91 48.35
N TYR G 246 60.76 -15.43 47.90
CA TYR G 246 60.83 -14.06 47.39
C TYR G 246 60.19 -13.92 46.02
N GLN G 247 60.19 -14.98 45.22
CA GLN G 247 59.57 -14.92 43.89
C GLN G 247 58.06 -14.86 44.00
N ILE G 248 57.47 -15.83 44.71
CA ILE G 248 56.02 -15.87 44.91
C ILE G 248 55.55 -14.64 45.71
N CYS G 249 56.39 -14.14 46.62
CA CYS G 249 56.08 -12.89 47.31
C CYS G 249 56.07 -11.71 46.35
N PHE G 250 57.06 -11.63 45.46
CA PHE G 250 57.17 -10.43 44.62
C PHE G 250 56.06 -10.39 43.57
N ASP G 251 55.68 -11.54 43.03
CA ASP G 251 54.59 -11.46 42.07
C ASP G 251 53.23 -11.48 42.76
N LEU G 252 53.17 -11.85 44.05
CA LEU G 252 51.90 -11.65 44.75
C LEU G 252 51.69 -10.19 45.12
N TYR G 253 52.72 -9.50 45.64
CA TYR G 253 52.63 -8.06 45.85
C TYR G 253 52.56 -7.29 44.54
N GLU G 254 53.01 -7.89 43.45
CA GLU G 254 52.84 -7.27 42.14
C GLU G 254 51.41 -7.36 41.66
N SER G 255 50.82 -8.55 41.71
CA SER G 255 49.68 -8.84 40.86
C SER G 255 48.52 -9.34 41.71
N ALA G 256 47.43 -9.68 41.02
CA ALA G 256 46.37 -10.59 41.43
C ALA G 256 45.39 -10.08 42.48
N SER G 257 45.66 -8.94 43.11
CA SER G 257 44.85 -8.50 44.24
C SER G 257 45.18 -7.06 44.59
N GLN G 258 44.23 -6.39 45.24
CA GLN G 258 44.55 -5.20 46.02
C GLN G 258 44.14 -5.34 47.49
N GLN G 259 42.86 -5.60 47.73
CA GLN G 259 42.37 -5.67 49.10
C GLN G 259 42.63 -7.03 49.72
N PHE G 260 42.80 -8.05 48.90
CA PHE G 260 43.28 -9.34 49.38
C PHE G 260 44.75 -9.24 49.78
N LEU G 261 45.52 -8.38 49.10
CA LEU G 261 46.85 -8.06 49.57
C LEU G 261 46.80 -7.25 50.86
N SER G 262 45.84 -6.34 50.97
CA SER G 262 45.71 -5.54 52.18
C SER G 262 45.24 -6.38 53.35
N SER G 263 44.56 -7.50 53.08
CA SER G 263 44.19 -8.42 54.14
C SER G 263 45.35 -9.34 54.49
N VAL G 264 46.11 -9.79 53.49
CA VAL G 264 47.15 -10.76 53.78
C VAL G 264 48.37 -10.07 54.39
N ILE G 265 48.54 -8.76 54.22
CA ILE G 265 49.67 -8.09 54.84
C ILE G 265 49.45 -7.98 56.35
N GLN G 266 48.22 -7.79 56.79
CA GLN G 266 47.96 -7.78 58.22
C GLN G 266 47.77 -9.18 58.77
N ASN G 267 47.47 -10.16 57.90
CA ASN G 267 47.64 -11.55 58.30
C ASN G 267 49.10 -11.88 58.56
N LEU G 268 50.00 -11.35 57.75
CA LEU G 268 51.43 -11.43 58.01
C LEU G 268 51.88 -10.58 59.18
N ARG G 269 51.12 -9.56 59.56
CA ARG G 269 51.55 -8.73 60.67
C ARG G 269 51.40 -9.47 62.00
N THR G 270 50.37 -10.30 62.12
CA THR G 270 50.24 -11.15 63.30
C THR G 270 51.31 -12.23 63.31
N VAL G 271 51.76 -12.67 62.14
CA VAL G 271 52.85 -13.62 62.04
C VAL G 271 54.16 -12.98 62.48
N GLY G 272 54.87 -13.65 63.38
CA GLY G 272 56.17 -13.19 63.80
C GLY G 272 56.17 -12.59 65.20
N THR G 273 57.20 -11.78 65.47
CA THR G 273 57.35 -11.19 66.78
C THR G 273 56.45 -9.96 66.95
N PRO G 274 55.72 -9.86 68.06
CA PRO G 274 54.85 -8.70 68.33
C PRO G 274 55.63 -7.50 68.87
N GLU G 317 63.76 -18.30 64.65
CA GLU G 317 64.44 -17.14 64.08
C GLU G 317 63.61 -15.83 64.16
N PRO G 318 63.70 -15.14 65.30
CA PRO G 318 63.01 -13.84 65.39
C PRO G 318 63.65 -12.75 64.53
N LYS G 319 64.98 -12.71 64.47
CA LYS G 319 65.68 -11.62 63.81
C LYS G 319 65.68 -11.74 62.29
N ASP G 320 65.68 -12.96 61.74
CA ASP G 320 65.75 -13.11 60.30
C ASP G 320 64.36 -13.18 59.67
N GLN G 321 63.37 -13.68 60.40
CA GLN G 321 62.01 -13.65 59.88
C GLN G 321 61.45 -12.24 59.85
N THR G 322 61.90 -11.38 60.77
CA THR G 322 61.45 -10.00 60.83
C THR G 322 61.86 -9.24 59.58
N LEU G 323 63.14 -9.36 59.19
CA LEU G 323 63.59 -8.71 57.96
C LEU G 323 62.97 -9.35 56.73
N LYS G 324 62.59 -10.62 56.81
CA LYS G 324 61.87 -11.25 55.70
C LYS G 324 60.48 -10.64 55.56
N MET G 325 59.66 -10.74 56.60
CA MET G 325 58.27 -10.27 56.53
C MET G 325 58.18 -8.77 56.30
N ILE G 326 59.13 -7.99 56.82
CA ILE G 326 59.13 -6.56 56.56
C ILE G 326 59.57 -6.27 55.13
N LYS G 327 60.71 -6.82 54.72
CA LYS G 327 61.24 -6.42 53.43
C LYS G 327 60.53 -7.07 52.25
N ILE G 328 59.69 -8.08 52.48
CA ILE G 328 58.88 -8.54 51.35
C ILE G 328 57.70 -7.61 51.14
N LEU G 329 57.16 -7.00 52.19
CA LEU G 329 55.92 -6.26 52.04
C LEU G 329 56.15 -4.86 51.49
N SER G 330 57.40 -4.49 51.19
CA SER G 330 57.70 -3.18 50.63
C SER G 330 57.06 -2.96 49.27
N GLY G 331 57.50 -3.71 48.27
CA GLY G 331 57.15 -3.42 46.89
C GLY G 331 57.89 -2.25 46.27
N GLU G 332 58.60 -1.45 47.06
CA GLU G 332 59.29 -0.27 46.54
C GLU G 332 60.70 -0.60 46.07
N MET G 333 61.21 -1.80 46.33
CA MET G 333 62.45 -2.22 45.70
C MET G 333 62.27 -2.34 44.18
N ALA G 334 61.09 -2.79 43.76
CA ALA G 334 60.73 -2.74 42.34
C ALA G 334 60.73 -1.31 41.82
N ILE G 335 60.24 -0.37 42.62
CA ILE G 335 60.20 1.02 42.21
C ILE G 335 61.62 1.59 42.12
N GLU G 336 62.51 1.13 43.02
CA GLU G 336 63.88 1.62 43.01
C GLU G 336 64.65 1.06 41.83
N LEU G 337 64.43 -0.21 41.50
CA LEU G 337 65.09 -0.76 40.32
C LEU G 337 64.53 -0.12 39.06
N HIS G 338 63.21 0.15 39.03
CA HIS G 338 62.60 0.89 37.92
C HIS G 338 63.23 2.26 37.76
N LEU G 339 63.54 2.91 38.89
CA LEU G 339 64.19 4.22 38.83
C LEU G 339 65.65 4.08 38.40
N GLN G 340 66.26 2.92 38.63
CA GLN G 340 67.67 2.81 38.28
C GLN G 340 67.88 2.41 36.82
N PHE G 341 67.22 1.35 36.34
CA PHE G 341 67.39 1.05 34.92
C PHE G 341 66.66 2.08 34.07
N LEU G 342 65.52 2.58 34.55
CA LEU G 342 64.85 3.65 33.84
C LEU G 342 65.55 4.99 34.05
N ILE G 343 66.51 5.06 34.97
CA ILE G 343 67.33 6.27 34.97
C ILE G 343 68.53 6.06 34.04
N ARG G 344 68.83 4.82 33.62
CA ARG G 344 69.96 4.63 32.73
C ARG G 344 69.63 4.04 31.35
N ASN G 345 68.38 4.04 30.90
CA ASN G 345 68.08 3.47 29.59
C ASN G 345 67.46 4.46 28.61
N ASN G 346 67.36 5.72 28.98
CA ASN G 346 66.42 6.63 28.34
C ASN G 346 66.91 7.07 26.96
N ASN G 347 65.96 7.33 26.07
CA ASN G 347 66.28 7.77 24.71
C ASN G 347 65.30 8.86 24.28
N THR G 348 65.81 10.08 24.15
CA THR G 348 65.07 11.25 23.72
C THR G 348 65.72 11.82 22.45
N ASP G 349 64.89 12.36 21.57
CA ASP G 349 65.38 12.88 20.31
C ASP G 349 64.85 14.28 20.07
N LEU G 350 65.74 15.13 19.54
CA LEU G 350 65.40 16.50 19.16
C LEU G 350 64.46 16.57 17.96
N MET G 351 64.36 15.49 17.17
CA MET G 351 63.46 15.50 16.01
C MET G 351 62.00 15.49 16.45
N ILE G 352 61.69 14.72 17.49
CA ILE G 352 60.32 14.64 17.96
C ILE G 352 59.93 15.94 18.65
N LEU G 353 60.71 16.37 19.63
CA LEU G 353 60.36 17.55 20.41
C LEU G 353 60.49 18.83 19.59
N LYS G 354 61.49 18.90 18.71
CA LYS G 354 61.60 20.01 17.78
C LYS G 354 60.46 19.97 16.78
N ASN G 355 60.01 18.78 16.41
CA ASN G 355 58.88 18.65 15.49
C ASN G 355 57.58 19.12 16.15
N THR G 356 57.45 18.88 17.45
CA THR G 356 56.31 19.41 18.20
C THR G 356 56.37 20.94 18.26
N LYS G 357 57.55 21.49 18.54
CA LYS G 357 57.70 22.94 18.56
C LYS G 357 57.51 23.56 17.18
N ASP G 358 57.78 22.80 16.12
CA ASP G 358 57.41 23.24 14.79
C ASP G 358 55.89 23.20 14.59
N ALA G 359 55.24 22.27 15.28
CA ALA G 359 53.80 22.08 15.09
C ALA G 359 52.95 22.68 16.21
N VAL G 360 53.55 23.30 17.23
CA VAL G 360 52.77 23.73 18.38
C VAL G 360 51.94 24.97 18.04
N ARG G 361 50.69 24.97 18.50
CA ARG G 361 49.86 26.17 18.57
C ARG G 361 49.45 26.36 20.02
N ASN G 362 49.10 27.60 20.34
CA ASN G 362 48.99 28.03 21.73
C ASN G 362 47.71 27.55 22.42
N SER G 363 46.77 26.95 21.67
CA SER G 363 45.48 26.60 22.24
C SER G 363 45.30 25.10 22.37
N VAL G 364 45.36 24.35 21.28
CA VAL G 364 44.89 22.97 21.30
C VAL G 364 46.06 22.02 21.49
N CYS G 365 47.01 22.04 20.57
CA CYS G 365 48.10 21.10 20.61
C CYS G 365 49.18 21.48 21.61
N HIS G 366 49.04 22.63 22.29
CA HIS G 366 49.94 22.99 23.37
C HIS G 366 49.93 21.94 24.47
N THR G 367 48.76 21.38 24.77
CA THR G 367 48.70 20.30 25.72
C THR G 367 49.11 18.97 25.11
N ALA G 368 48.98 18.83 23.78
CA ALA G 368 49.42 17.60 23.12
C ALA G 368 50.93 17.47 23.17
N THR G 369 51.63 18.61 23.07
CA THR G 369 53.09 18.62 23.19
C THR G 369 53.53 18.17 24.58
N VAL G 370 52.89 18.68 25.62
CA VAL G 370 53.37 18.35 26.96
C VAL G 370 52.83 17.00 27.42
N ILE G 371 51.75 16.49 26.81
CA ILE G 371 51.35 15.14 27.14
C ILE G 371 52.23 14.14 26.40
N ALA G 372 52.75 14.51 25.22
CA ALA G 372 53.77 13.69 24.59
C ALA G 372 55.06 13.71 25.42
N ASN G 373 55.36 14.86 26.02
CA ASN G 373 56.50 14.97 26.92
C ASN G 373 56.27 14.15 28.18
N SER G 374 55.02 14.03 28.61
CA SER G 374 54.71 13.15 29.73
C SER G 374 54.91 11.70 29.35
N PHE G 375 54.64 11.36 28.09
CA PHE G 375 54.84 9.99 27.63
C PHE G 375 56.32 9.64 27.61
N MET G 376 57.14 10.49 26.98
CA MET G 376 58.54 10.15 26.79
C MET G 376 59.37 10.29 28.06
N HIS G 377 59.01 11.22 28.95
CA HIS G 377 59.81 11.47 30.15
C HIS G 377 59.24 10.81 31.39
N CYS G 378 58.31 9.87 31.24
CA CYS G 378 57.72 9.22 32.41
C CYS G 378 58.77 8.38 33.12
N GLY G 379 58.83 8.51 34.43
CA GLY G 379 59.73 7.73 35.25
C GLY G 379 61.16 8.21 35.30
N THR G 380 61.67 8.81 34.23
CA THR G 380 63.06 9.25 34.19
C THR G 380 63.31 10.58 34.86
N THR G 381 62.25 11.20 35.39
CA THR G 381 62.29 12.40 36.24
C THR G 381 63.01 13.58 35.56
N SER G 382 62.90 13.64 34.24
CA SER G 382 63.66 14.60 33.44
C SER G 382 62.81 15.85 33.24
N ASP G 383 62.96 16.80 34.17
CA ASP G 383 62.46 18.15 34.01
C ASP G 383 63.39 18.97 33.12
N GLN G 384 64.55 18.41 32.75
CA GLN G 384 65.55 19.15 31.99
C GLN G 384 65.08 19.49 30.58
N PHE G 385 64.12 18.74 30.04
CA PHE G 385 63.48 19.20 28.82
C PHE G 385 62.62 20.41 29.07
N LEU G 386 61.92 20.47 30.19
CA LEU G 386 61.07 21.61 30.47
C LEU G 386 61.81 22.69 31.24
N ARG G 387 63.12 22.59 31.34
CA ARG G 387 63.97 23.68 31.81
C ARG G 387 64.48 24.54 30.67
N ASP G 388 64.04 24.26 29.44
CA ASP G 388 64.42 25.10 28.31
C ASP G 388 63.85 26.50 28.43
N ASN G 389 62.59 26.62 28.86
CA ASN G 389 61.95 27.92 28.91
C ASN G 389 60.80 27.92 29.91
N LEU G 390 60.58 29.09 30.50
CA LEU G 390 59.37 29.39 31.26
C LEU G 390 58.32 30.09 30.40
N GLU G 391 58.69 30.56 29.22
CA GLU G 391 57.86 31.39 28.36
C GLU G 391 56.91 30.57 27.49
N TRP G 392 57.13 29.27 27.40
CA TRP G 392 56.28 28.41 26.58
C TRP G 392 55.33 27.60 27.45
N LEU G 393 55.43 27.71 28.76
CA LEU G 393 54.60 26.92 29.65
C LEU G 393 53.56 27.80 30.32
N ALA G 394 54.03 28.81 31.06
CA ALA G 394 53.17 29.71 31.80
C ALA G 394 52.65 30.87 30.96
N ARG G 395 52.66 30.76 29.63
CA ARG G 395 52.29 31.89 28.79
C ARG G 395 50.80 32.13 28.77
N ALA G 396 49.99 31.16 29.22
CA ALA G 396 48.54 31.33 29.22
C ALA G 396 47.97 30.92 30.56
N THR G 397 47.13 31.79 31.12
CA THR G 397 46.37 31.48 32.33
C THR G 397 45.14 30.67 31.95
N ASN G 398 45.23 29.36 32.12
CA ASN G 398 44.23 28.44 31.58
C ASN G 398 44.41 27.09 32.27
N TRP G 399 43.62 26.10 31.86
CA TRP G 399 43.79 24.72 32.26
C TRP G 399 45.04 24.07 31.66
N ALA G 400 45.66 24.72 30.67
CA ALA G 400 46.89 24.21 30.09
C ALA G 400 48.02 24.16 31.12
N LYS G 401 48.03 25.09 32.08
CA LYS G 401 49.02 25.00 33.15
C LYS G 401 48.69 23.86 34.10
N PHE G 402 47.41 23.55 34.26
CA PHE G 402 47.01 22.41 35.08
C PHE G 402 47.44 21.10 34.43
N THR G 403 47.26 20.99 33.12
CA THR G 403 47.73 19.81 32.41
C THR G 403 49.24 19.77 32.32
N ALA G 404 49.90 20.92 32.35
CA ALA G 404 51.35 20.96 32.36
C ALA G 404 51.92 20.48 33.68
N THR G 405 51.32 20.91 34.79
CA THR G 405 51.73 20.44 36.10
C THR G 405 51.36 18.97 36.28
N ALA G 406 50.26 18.56 35.63
CA ALA G 406 49.86 17.15 35.67
C ALA G 406 50.85 16.27 34.91
N SER G 407 51.24 16.71 33.71
CA SER G 407 52.23 15.98 32.93
C SER G 407 53.58 15.98 33.62
N LEU G 408 53.89 17.07 34.33
CA LEU G 408 55.03 17.09 35.24
C LEU G 408 54.92 16.02 36.29
N GLY G 409 53.70 15.76 36.78
CA GLY G 409 53.49 14.62 37.66
C GLY G 409 53.66 13.28 36.97
N VAL G 410 53.44 13.24 35.66
CA VAL G 410 53.65 11.98 34.93
C VAL G 410 55.14 11.73 34.74
N ILE G 411 55.95 12.80 34.69
CA ILE G 411 57.38 12.67 34.42
C ILE G 411 58.10 11.94 35.56
N HIS G 412 57.98 12.44 36.77
CA HIS G 412 58.64 11.87 37.93
C HIS G 412 57.62 11.15 38.80
N LYS G 413 58.04 10.08 39.46
CA LYS G 413 57.15 9.27 40.27
C LYS G 413 57.96 8.49 41.30
N GLY G 414 57.38 8.30 42.48
CA GLY G 414 58.00 7.45 43.47
C GLY G 414 59.11 8.16 44.21
N HIS G 415 58.83 9.37 44.67
CA HIS G 415 59.81 10.18 45.38
C HIS G 415 59.13 10.77 46.60
N GLU G 416 59.65 10.46 47.78
CA GLU G 416 58.97 10.79 49.02
C GLU G 416 59.32 12.16 49.54
N LYS G 417 60.43 12.74 49.10
CA LYS G 417 60.87 14.04 49.63
C LYS G 417 60.97 15.08 48.52
N GLU G 418 61.61 14.70 47.41
CA GLU G 418 61.86 15.63 46.31
C GLU G 418 60.58 16.00 45.55
N ALA G 419 59.51 15.22 45.70
CA ALA G 419 58.27 15.54 45.01
C ALA G 419 57.56 16.71 45.67
N LEU G 420 57.23 16.55 46.96
CA LEU G 420 56.63 17.63 47.73
C LEU G 420 57.59 18.80 47.88
N GLN G 421 58.89 18.51 47.98
CA GLN G 421 59.89 19.57 47.99
C GLN G 421 59.92 20.32 46.68
N LEU G 422 59.80 19.60 45.57
CA LEU G 422 59.86 20.22 44.26
C LEU G 422 58.61 21.03 43.97
N MET G 423 57.45 20.56 44.44
CA MET G 423 56.24 21.34 44.24
C MET G 423 56.23 22.55 45.16
N ALA G 424 56.88 22.43 46.32
CA ALA G 424 57.06 23.58 47.20
C ALA G 424 58.09 24.56 46.65
N THR G 425 58.97 24.13 45.76
CA THR G 425 60.03 24.97 45.20
C THR G 425 59.49 25.99 44.20
N TYR G 426 58.26 25.82 43.73
CA TYR G 426 57.77 26.58 42.58
C TYR G 426 57.38 28.02 42.93
N LEU G 427 56.73 28.22 44.09
CA LEU G 427 56.51 29.59 44.60
C LEU G 427 56.46 29.63 46.14
N PRO G 428 57.61 29.43 46.83
CA PRO G 428 57.63 29.69 48.27
C PRO G 428 58.07 31.12 48.60
N LYS G 429 57.42 32.10 47.95
CA LYS G 429 57.85 33.49 48.11
C LYS G 429 56.83 34.30 48.88
N ASP G 430 55.61 34.38 48.35
CA ASP G 430 54.52 35.08 48.99
C ASP G 430 53.46 34.11 49.53
N THR G 431 53.55 32.84 49.12
CA THR G 431 52.56 31.79 49.39
C THR G 431 51.17 32.24 48.95
N SER G 432 51.05 32.65 47.69
CA SER G 432 49.78 33.03 47.08
C SER G 432 49.94 32.91 45.57
N PRO G 433 49.60 31.75 45.01
CA PRO G 433 49.67 31.61 43.55
C PRO G 433 48.55 32.37 42.86
N GLY G 434 48.93 33.19 41.88
CA GLY G 434 47.94 33.84 41.04
C GLY G 434 47.16 32.86 40.20
N SER G 435 47.78 31.76 39.81
CA SER G 435 47.09 30.65 39.14
C SER G 435 46.97 29.51 40.14
N ALA G 436 45.74 29.08 40.41
CA ALA G 436 45.48 27.99 41.33
C ALA G 436 45.82 26.63 40.75
N TYR G 437 46.00 26.54 39.43
CA TYR G 437 46.26 25.29 38.76
C TYR G 437 47.63 24.72 39.09
N GLN G 438 48.57 25.56 39.53
CA GLN G 438 49.83 25.06 40.05
C GLN G 438 49.63 24.26 41.33
N GLU G 439 48.77 24.74 42.23
CA GLU G 439 48.53 24.03 43.48
C GLU G 439 47.69 22.79 43.26
N GLY G 440 46.53 22.95 42.59
CA GLY G 440 45.66 21.80 42.34
C GLY G 440 46.29 20.79 41.42
N GLY G 441 47.16 21.25 40.51
CA GLY G 441 48.02 20.33 39.77
C GLY G 441 49.13 19.77 40.61
N GLY G 442 49.45 20.44 41.73
CA GLY G 442 50.36 19.85 42.69
C GLY G 442 49.75 18.66 43.39
N LEU G 443 48.47 18.76 43.74
CA LEU G 443 47.81 17.61 44.39
C LEU G 443 47.45 16.53 43.37
N TYR G 444 46.94 16.94 42.21
CA TYR G 444 46.61 15.99 41.16
C TYR G 444 47.84 15.29 40.63
N ALA G 445 48.96 15.99 40.56
CA ALA G 445 50.24 15.37 40.24
C ALA G 445 50.74 14.49 41.37
N LEU G 446 50.54 14.95 42.61
CA LEU G 446 51.05 14.23 43.77
C LEU G 446 50.35 12.88 43.94
N GLY G 447 49.05 12.82 43.63
CA GLY G 447 48.35 11.56 43.61
C GLY G 447 48.82 10.64 42.51
N LEU G 448 49.27 11.19 41.39
CA LEU G 448 49.89 10.37 40.36
C LEU G 448 51.22 9.81 40.83
N ILE G 449 51.96 10.58 41.64
CA ILE G 449 53.22 10.09 42.18
C ILE G 449 52.99 8.98 43.18
N HIS G 450 52.10 9.21 44.14
CA HIS G 450 51.87 8.31 45.24
C HIS G 450 50.77 7.30 44.99
N ALA G 451 50.61 6.85 43.75
CA ALA G 451 49.64 5.81 43.44
C ALA G 451 50.05 4.50 44.11
N ASN G 452 49.19 4.01 45.01
CA ASN G 452 49.34 2.77 45.77
C ASN G 452 50.61 2.74 46.61
N HIS G 453 51.11 3.89 47.05
CA HIS G 453 52.16 3.87 48.05
C HIS G 453 51.59 3.51 49.41
N GLY G 454 52.39 2.82 50.21
CA GLY G 454 51.95 2.43 51.54
C GLY G 454 52.33 3.48 52.58
N GLY G 455 53.16 4.42 52.16
CA GLY G 455 53.57 5.52 53.00
C GLY G 455 52.84 6.80 52.65
N ASP G 456 51.52 6.70 52.50
CA ASP G 456 50.69 7.79 52.02
C ASP G 456 50.74 9.01 52.94
N ILE G 457 50.66 10.19 52.33
CA ILE G 457 50.63 11.48 53.03
C ILE G 457 49.18 11.95 52.97
N ILE G 458 48.28 10.98 52.73
CA ILE G 458 46.82 11.18 52.72
C ILE G 458 46.36 11.90 53.98
N ASP G 459 46.94 11.53 55.13
CA ASP G 459 46.69 12.22 56.41
C ASP G 459 46.94 13.72 56.31
N TYR G 460 48.00 14.13 55.63
CA TYR G 460 48.21 15.55 55.39
C TYR G 460 47.25 16.10 54.35
N LEU G 461 46.88 15.30 53.34
CA LEU G 461 46.04 15.80 52.27
C LEU G 461 44.57 15.89 52.66
N LEU G 462 44.16 15.33 53.80
CA LEU G 462 42.84 15.59 54.34
C LEU G 462 42.77 16.95 55.02
N ASN G 463 43.86 17.32 55.70
CA ASN G 463 43.96 18.67 56.23
C ASN G 463 44.24 19.68 55.12
N GLN G 464 44.81 19.20 54.01
CA GLN G 464 45.06 20.06 52.87
C GLN G 464 43.82 20.22 52.02
N LEU G 465 42.95 19.21 52.03
CA LEU G 465 41.64 19.37 51.42
C LEU G 465 40.67 20.05 52.36
N LYS G 466 40.99 20.07 53.66
CA LYS G 466 40.27 20.88 54.63
C LYS G 466 40.47 22.37 54.40
N ASN G 467 41.56 22.76 53.75
CA ASN G 467 41.80 24.15 53.39
C ASN G 467 40.74 24.62 52.40
N ALA G 468 40.30 25.86 52.60
CA ALA G 468 39.15 26.41 51.87
C ALA G 468 39.63 27.00 50.55
N SER G 469 39.31 26.30 49.46
CA SER G 469 39.57 26.85 48.13
C SER G 469 38.53 26.28 47.17
N ASN G 470 38.32 27.01 46.09
CA ASN G 470 37.24 26.74 45.16
C ASN G 470 37.72 25.89 43.98
N ASP G 471 37.27 24.64 43.96
CA ASP G 471 37.16 23.83 42.76
C ASP G 471 38.53 23.44 42.19
N ILE G 472 39.60 23.63 42.95
CA ILE G 472 40.89 23.07 42.58
C ILE G 472 41.45 22.20 43.70
N VAL G 473 41.31 22.66 44.96
CA VAL G 473 41.46 21.78 46.11
C VAL G 473 40.32 20.78 46.14
N ARG G 474 39.12 21.25 45.78
CA ARG G 474 37.95 20.40 45.69
C ARG G 474 38.11 19.38 44.56
N HIS G 475 38.32 19.88 43.34
CA HIS G 475 38.38 19.00 42.17
C HIS G 475 39.69 18.22 42.14
N GLY G 476 40.82 18.92 42.01
CA GLY G 476 42.11 18.25 41.97
C GLY G 476 42.47 17.57 43.27
N GLY G 477 41.98 18.10 44.40
CA GLY G 477 42.17 17.43 45.67
C GLY G 477 41.36 16.14 45.76
N SER G 478 40.17 16.13 45.18
CA SER G 478 39.40 14.90 45.08
C SER G 478 40.09 13.89 44.17
N LEU G 479 40.64 14.35 43.06
CA LEU G 479 41.31 13.46 42.12
C LEU G 479 42.57 12.85 42.71
N GLY G 480 43.48 13.70 43.19
CA GLY G 480 44.72 13.24 43.78
C GLY G 480 44.55 12.47 45.06
N LEU G 481 43.72 12.98 45.97
CA LEU G 481 43.52 12.31 47.25
C LEU G 481 42.73 11.02 47.11
N GLY G 482 41.72 11.01 46.23
CA GLY G 482 41.00 9.77 46.00
C GLY G 482 41.81 8.74 45.24
N LEU G 483 42.68 9.19 44.32
CA LEU G 483 43.56 8.28 43.62
C LEU G 483 44.63 7.69 44.52
N ALA G 484 45.16 8.48 45.46
CA ALA G 484 46.06 7.91 46.45
C ALA G 484 45.32 7.01 47.42
N ALA G 485 44.04 7.29 47.66
CA ALA G 485 43.21 6.45 48.51
C ALA G 485 42.46 5.38 47.72
N MET G 486 42.93 5.04 46.52
CA MET G 486 42.26 4.06 45.67
C MET G 486 42.22 2.67 46.31
N GLY G 487 41.03 2.10 46.41
CA GLY G 487 40.84 0.74 46.83
C GLY G 487 40.81 0.53 48.33
N THR G 488 41.12 1.56 49.12
CA THR G 488 41.19 1.40 50.57
C THR G 488 39.81 1.20 51.19
N ALA G 489 38.76 1.66 50.49
CA ALA G 489 37.36 1.55 50.89
C ALA G 489 37.11 2.22 52.24
N ARG G 490 37.82 3.30 52.50
CA ARG G 490 37.65 4.04 53.73
C ARG G 490 36.36 4.84 53.70
N GLN G 491 35.56 4.72 54.75
CA GLN G 491 34.33 5.48 54.85
C GLN G 491 34.59 6.95 55.13
N ASP G 492 35.79 7.32 55.57
CA ASP G 492 36.07 8.71 55.88
C ASP G 492 36.25 9.53 54.61
N VAL G 493 37.10 9.04 53.71
CA VAL G 493 37.28 9.68 52.41
C VAL G 493 36.02 9.55 51.56
N TYR G 494 35.23 8.49 51.82
CA TYR G 494 33.89 8.39 51.28
C TYR G 494 33.02 9.54 51.76
N ASP G 495 33.11 9.89 53.06
CA ASP G 495 32.27 10.93 53.62
C ASP G 495 32.67 12.31 53.11
N LEU G 496 33.96 12.64 53.19
CA LEU G 496 34.41 13.94 52.70
C LEU G 496 34.27 14.03 51.18
N LEU G 497 34.28 12.88 50.51
CA LEU G 497 33.92 12.84 49.10
C LEU G 497 32.46 13.21 48.91
N LYS G 498 31.57 12.69 49.77
CA LYS G 498 30.15 13.04 49.67
C LYS G 498 29.94 14.53 49.89
N THR G 499 30.58 15.10 50.91
CA THR G 499 30.43 16.54 51.08
C THR G 499 31.25 17.33 50.08
N ASN G 500 32.09 16.68 49.27
CA ASN G 500 32.63 17.34 48.09
C ASN G 500 31.62 17.35 46.94
N LEU G 501 30.80 16.31 46.82
CA LEU G 501 29.81 16.30 45.75
C LEU G 501 28.49 16.95 46.14
N TYR G 502 28.32 17.33 47.41
CA TYR G 502 27.04 17.89 47.86
C TYR G 502 26.86 19.36 47.51
N GLN G 503 27.83 19.99 46.86
CA GLN G 503 27.64 21.36 46.41
C GLN G 503 27.08 21.42 45.00
N ASP G 504 26.83 20.25 44.39
CA ASP G 504 26.12 20.03 43.13
C ASP G 504 26.82 20.62 41.92
N ASP G 505 28.06 21.12 42.06
CA ASP G 505 28.82 21.56 40.90
C ASP G 505 29.28 20.35 40.09
N ALA G 506 29.38 20.55 38.79
CA ALA G 506 29.60 19.45 37.87
C ALA G 506 31.04 18.98 37.85
N VAL G 507 31.98 19.91 38.03
CA VAL G 507 33.40 19.60 37.82
C VAL G 507 34.02 18.96 39.07
N THR G 508 33.82 19.57 40.24
CA THR G 508 34.34 18.97 41.46
C THR G 508 33.59 17.70 41.85
N GLY G 509 32.30 17.62 41.55
CA GLY G 509 31.57 16.39 41.79
C GLY G 509 31.87 15.34 40.75
N GLU G 510 32.24 15.77 39.55
CA GLU G 510 32.82 14.88 38.56
C GLU G 510 34.08 14.22 39.10
N ALA G 511 34.96 15.02 39.74
CA ALA G 511 36.11 14.47 40.42
C ALA G 511 35.71 13.58 41.58
N ALA G 512 34.61 13.91 42.25
CA ALA G 512 34.16 13.11 43.40
C ALA G 512 33.69 11.73 42.95
N GLY G 513 32.99 11.66 41.81
CA GLY G 513 32.64 10.36 41.25
C GLY G 513 33.87 9.58 40.81
N LEU G 514 34.79 10.26 40.12
CA LEU G 514 36.00 9.61 39.62
C LEU G 514 36.87 9.08 40.74
N ALA G 515 36.87 9.75 41.89
CA ALA G 515 37.58 9.21 43.03
C ALA G 515 36.77 8.13 43.73
N LEU G 516 35.44 8.21 43.63
CA LEU G 516 34.58 7.29 44.38
C LEU G 516 34.62 5.89 43.79
N GLY G 517 34.68 5.80 42.46
CA GLY G 517 34.89 4.51 41.83
C GLY G 517 36.22 3.89 42.22
N LEU G 518 37.25 4.71 42.38
CA LEU G 518 38.57 4.25 42.80
C LEU G 518 38.55 3.72 44.22
N VAL G 519 37.91 4.44 45.14
CA VAL G 519 37.95 4.03 46.54
C VAL G 519 37.02 2.86 46.82
N MET G 520 35.89 2.74 46.12
CA MET G 520 34.94 1.69 46.44
C MET G 520 35.15 0.42 45.64
N LEU G 521 36.36 0.17 45.15
CA LEU G 521 36.64 -1.02 44.35
C LEU G 521 36.41 -2.29 45.17
N GLY G 522 35.38 -3.04 44.80
CA GLY G 522 35.06 -4.29 45.45
C GLY G 522 34.27 -4.19 46.73
N SER G 523 34.13 -2.98 47.28
CA SER G 523 33.51 -2.83 48.59
C SER G 523 32.01 -3.07 48.53
N LYS G 524 31.35 -2.48 47.52
CA LYS G 524 29.92 -2.64 47.23
C LYS G 524 29.07 -2.20 48.43
N ASN G 525 29.21 -0.92 48.77
CA ASN G 525 28.42 -0.35 49.85
C ASN G 525 26.99 -0.15 49.38
N ALA G 526 26.04 -0.51 50.26
CA ALA G 526 24.64 -0.65 49.87
C ALA G 526 23.98 0.70 49.57
N GLN G 527 24.09 1.64 50.51
CA GLN G 527 23.53 2.96 50.31
C GLN G 527 24.34 3.79 49.33
N ALA G 528 25.53 3.33 48.92
CA ALA G 528 26.35 4.13 48.02
C ALA G 528 25.83 4.08 46.60
N ILE G 529 25.44 2.89 46.12
CA ILE G 529 24.95 2.76 44.75
C ILE G 529 23.65 3.53 44.57
N GLU G 530 22.70 3.32 45.48
CA GLU G 530 21.45 4.06 45.42
C GLU G 530 21.66 5.54 45.77
N ASP G 531 22.74 5.85 46.48
CA ASP G 531 23.10 7.25 46.71
C ASP G 531 23.59 7.89 45.42
N MET G 532 24.29 7.12 44.60
CA MET G 532 24.83 7.67 43.36
C MET G 532 23.77 7.79 42.28
N VAL G 533 23.01 6.72 42.03
CA VAL G 533 21.95 6.81 41.04
C VAL G 533 20.81 7.68 41.54
N GLY G 534 20.58 7.75 42.85
CA GLY G 534 19.61 8.69 43.38
C GLY G 534 20.11 10.11 43.32
N TYR G 535 21.42 10.29 43.39
CA TYR G 535 22.02 11.61 43.20
C TYR G 535 22.11 11.97 41.73
N ALA G 536 21.88 11.01 40.84
CA ALA G 536 22.10 11.24 39.41
C ALA G 536 20.99 12.07 38.80
N GLN G 537 19.74 11.61 38.87
CA GLN G 537 18.66 12.23 38.12
C GLN G 537 18.16 13.53 38.73
N GLU G 538 18.64 13.88 39.93
CA GLU G 538 18.17 15.07 40.62
C GLU G 538 18.94 16.32 40.25
N THR G 539 19.76 16.29 39.21
CA THR G 539 20.51 17.47 38.78
C THR G 539 20.59 17.52 37.26
N GLN G 540 20.74 18.73 36.74
CA GLN G 540 20.78 18.96 35.30
C GLN G 540 22.22 19.11 34.78
N HIS G 541 23.19 19.19 35.67
CA HIS G 541 24.60 19.25 35.29
C HIS G 541 25.02 17.94 34.64
N GLU G 542 25.91 18.01 33.66
CA GLU G 542 26.24 16.77 32.94
C GLU G 542 27.57 16.15 33.37
N LYS G 543 28.49 16.97 33.88
CA LYS G 543 29.78 16.39 34.25
C LYS G 543 29.67 15.61 35.55
N ILE G 544 28.70 15.98 36.40
CA ILE G 544 28.37 15.13 37.53
C ILE G 544 27.82 13.78 37.05
N LEU G 545 27.14 13.76 35.89
CA LEU G 545 26.59 12.53 35.37
C LEU G 545 27.66 11.64 34.78
N ARG G 546 28.65 12.22 34.09
CA ARG G 546 29.72 11.36 33.58
C ARG G 546 30.74 10.99 34.67
N GLY G 547 30.94 11.86 35.66
CA GLY G 547 31.84 11.53 36.75
C GLY G 547 31.26 10.45 37.64
N LEU G 548 29.95 10.52 37.89
CA LEU G 548 29.26 9.42 38.54
C LEU G 548 29.03 8.25 37.60
N ALA G 549 29.14 8.45 36.30
CA ALA G 549 29.06 7.32 35.38
C ALA G 549 30.28 6.42 35.52
N VAL G 550 31.47 7.03 35.49
CA VAL G 550 32.67 6.25 35.76
C VAL G 550 32.73 5.87 37.23
N GLY G 551 32.11 6.67 38.10
CA GLY G 551 32.11 6.40 39.53
C GLY G 551 31.33 5.14 39.89
N ILE G 552 30.16 4.96 39.28
CA ILE G 552 29.48 3.68 39.44
C ILE G 552 30.03 2.63 38.49
N ALA G 553 30.91 3.02 37.56
CA ALA G 553 31.52 1.99 36.73
C ALA G 553 32.60 1.22 37.48
N LEU G 554 33.50 1.94 38.18
CA LEU G 554 34.70 1.28 38.68
C LEU G 554 34.44 0.44 39.93
N VAL G 555 33.41 0.76 40.72
CA VAL G 555 33.03 -0.05 41.87
C VAL G 555 32.69 -1.49 41.52
N MET G 556 32.19 -1.75 40.33
CA MET G 556 31.60 -3.03 39.99
C MET G 556 32.69 -3.89 39.35
N TYR G 557 33.31 -4.74 40.16
CA TYR G 557 34.41 -5.57 39.70
C TYR G 557 34.28 -6.94 40.36
N GLY G 558 34.12 -7.97 39.54
CA GLY G 558 33.84 -9.29 40.05
C GLY G 558 32.44 -9.46 40.62
N ARG G 559 31.53 -8.52 40.36
CA ARG G 559 30.12 -8.70 40.63
C ARG G 559 29.38 -9.20 39.40
N MET G 560 30.09 -9.89 38.51
CA MET G 560 29.52 -10.64 37.41
C MET G 560 28.32 -11.48 37.82
N GLU G 561 28.43 -12.16 38.95
CA GLU G 561 27.36 -12.94 39.52
C GLU G 561 26.28 -12.10 40.16
N GLU G 562 26.52 -10.81 40.40
CA GLU G 562 25.70 -10.03 41.32
C GLU G 562 24.91 -8.94 40.61
N ALA G 563 25.58 -8.01 39.94
CA ALA G 563 24.96 -6.77 39.47
C ALA G 563 24.15 -6.92 38.20
N ASP G 564 23.71 -8.13 37.85
CA ASP G 564 23.03 -8.34 36.58
C ASP G 564 21.67 -7.66 36.55
N ALA G 565 20.92 -7.75 37.66
CA ALA G 565 19.64 -7.06 37.75
C ALA G 565 19.85 -5.56 37.89
N LEU G 566 20.98 -5.15 38.50
CA LEU G 566 21.31 -3.74 38.60
C LEU G 566 21.52 -3.13 37.22
N ILE G 567 22.35 -3.77 36.40
CA ILE G 567 22.73 -3.17 35.13
C ILE G 567 21.64 -3.36 34.09
N GLU G 568 20.93 -4.49 34.14
CA GLU G 568 19.78 -4.66 33.26
C GLU G 568 18.65 -3.72 33.68
N SER G 569 18.53 -3.44 34.97
CA SER G 569 17.57 -2.45 35.45
C SER G 569 17.93 -1.05 34.98
N LEU G 570 19.21 -0.69 35.04
CA LEU G 570 19.68 0.62 34.62
C LEU G 570 19.89 0.73 33.12
N CYS G 571 19.70 -0.37 32.39
CA CYS G 571 19.80 -0.34 30.94
C CYS G 571 18.53 0.17 30.31
N ARG G 572 17.40 0.01 31.00
CA ARG G 572 16.14 0.59 30.58
C ARG G 572 15.95 2.02 31.10
N ASP G 573 17.05 2.69 31.49
CA ASP G 573 16.97 4.06 31.95
C ASP G 573 16.59 4.99 30.81
N LYS G 574 15.84 6.04 31.16
CA LYS G 574 15.56 7.13 30.24
C LYS G 574 16.80 7.98 29.99
N ASP G 575 17.79 7.92 30.87
CA ASP G 575 18.95 8.77 30.77
C ASP G 575 20.00 8.15 29.87
N PRO G 576 20.40 8.82 28.78
CA PRO G 576 21.41 8.24 27.89
C PRO G 576 22.79 8.13 28.51
N ILE G 577 23.14 9.09 29.38
CA ILE G 577 24.43 9.05 30.08
C ILE G 577 24.52 7.82 30.97
N LEU G 578 23.47 7.58 31.75
CA LEU G 578 23.47 6.42 32.62
C LEU G 578 23.30 5.13 31.82
N ARG G 579 22.68 5.23 30.64
CA ARG G 579 22.62 4.10 29.73
C ARG G 579 24.01 3.72 29.22
N ARG G 580 24.86 4.73 28.97
CA ARG G 580 26.28 4.47 28.72
C ARG G 580 26.94 3.87 29.94
N SER G 581 26.55 4.36 31.12
CA SER G 581 27.22 3.95 32.34
C SER G 581 26.89 2.53 32.73
N GLY G 582 25.77 1.99 32.24
CA GLY G 582 25.53 0.57 32.40
C GLY G 582 26.54 -0.25 31.61
N MET G 583 26.98 0.26 30.47
CA MET G 583 27.93 -0.48 29.66
C MET G 583 29.34 -0.34 30.23
N TYR G 584 29.71 0.90 30.59
CA TYR G 584 30.98 1.18 31.24
C TYR G 584 31.10 0.43 32.56
N THR G 585 29.99 0.30 33.27
CA THR G 585 29.95 -0.48 34.49
C THR G 585 30.05 -1.97 34.21
N VAL G 586 29.31 -2.45 33.20
CA VAL G 586 29.21 -3.89 32.98
C VAL G 586 30.46 -4.46 32.35
N ALA G 587 31.38 -3.59 31.91
CA ALA G 587 32.72 -4.04 31.53
C ALA G 587 33.45 -4.72 32.69
N MET G 588 33.75 -3.97 33.75
CA MET G 588 34.65 -4.43 34.80
C MET G 588 34.04 -5.51 35.68
N ALA G 589 32.73 -5.68 35.68
CA ALA G 589 32.17 -6.87 36.29
C ALA G 589 32.45 -8.09 35.42
N TYR G 590 32.43 -7.92 34.11
CA TYR G 590 32.42 -9.04 33.19
C TYR G 590 33.72 -9.30 32.46
N CYS G 591 34.82 -8.64 32.83
CA CYS G 591 36.08 -8.78 32.10
C CYS G 591 36.60 -10.22 32.14
N GLY G 592 37.33 -10.58 31.10
CA GLY G 592 37.83 -11.93 30.94
C GLY G 592 37.01 -12.82 30.03
N SER G 593 36.01 -12.26 29.34
CA SER G 593 35.08 -13.00 28.46
C SER G 593 34.41 -14.16 29.19
N GLY G 594 33.95 -13.89 30.41
CA GLY G 594 33.14 -14.86 31.12
C GLY G 594 31.68 -14.80 30.75
N ASN G 595 31.29 -13.89 29.87
CA ASN G 595 29.89 -13.63 29.55
C ASN G 595 29.72 -13.48 28.06
N ASN G 596 29.01 -14.43 27.46
CA ASN G 596 28.49 -14.31 26.12
C ASN G 596 27.12 -13.66 26.14
N LYS G 597 26.70 -13.14 27.30
CA LYS G 597 25.40 -12.52 27.44
C LYS G 597 25.45 -11.03 27.13
N ALA G 598 26.42 -10.32 27.73
CA ALA G 598 26.46 -8.86 27.62
C ALA G 598 26.80 -8.38 26.23
N ILE G 599 27.50 -9.20 25.45
CA ILE G 599 27.82 -8.85 24.07
C ILE G 599 26.56 -8.68 23.23
N ARG G 600 25.52 -9.47 23.54
CA ARG G 600 24.22 -9.36 22.88
C ARG G 600 23.64 -7.97 23.03
N ARG G 601 23.56 -7.47 24.27
CA ARG G 601 22.89 -6.20 24.50
C ARG G 601 23.83 -5.01 24.31
N LEU G 602 25.15 -5.23 24.37
CA LEU G 602 26.09 -4.18 23.98
C LEU G 602 25.98 -3.90 22.49
N LEU G 603 25.98 -4.96 21.69
CA LEU G 603 25.80 -4.78 20.26
C LEU G 603 24.38 -4.38 19.93
N HIS G 604 23.42 -4.81 20.74
CA HIS G 604 22.02 -4.49 20.48
C HIS G 604 21.74 -3.03 20.78
N VAL G 605 22.37 -2.49 21.81
CA VAL G 605 22.24 -1.05 22.04
C VAL G 605 23.15 -0.30 21.07
N ALA G 606 24.16 -0.96 20.52
CA ALA G 606 25.03 -0.31 19.55
C ALA G 606 24.31 -0.08 18.24
N VAL G 607 23.49 -1.05 17.81
CA VAL G 607 22.78 -0.90 16.54
C VAL G 607 21.42 -0.26 16.75
N SER G 608 20.76 -0.61 17.86
CA SER G 608 19.34 -0.30 18.01
C SER G 608 19.11 1.14 18.43
N ASP G 609 19.93 1.66 19.34
CA ASP G 609 19.66 2.94 19.97
C ASP G 609 19.83 4.08 18.97
N VAL G 610 19.06 5.15 19.17
CA VAL G 610 19.16 6.30 18.29
C VAL G 610 20.27 7.26 18.72
N ASN G 611 20.61 7.31 20.01
CA ASN G 611 21.64 8.23 20.47
C ASN G 611 23.01 7.58 20.33
N ASP G 612 23.94 8.33 19.74
CA ASP G 612 25.26 7.81 19.47
C ASP G 612 26.19 7.82 20.68
N ASP G 613 25.73 8.30 21.84
CA ASP G 613 26.58 8.29 23.02
C ASP G 613 26.79 6.88 23.53
N VAL G 614 25.72 6.10 23.59
CA VAL G 614 25.88 4.71 23.98
C VAL G 614 26.49 3.93 22.82
N ARG G 615 26.37 4.44 21.59
CA ARG G 615 26.84 3.69 20.45
C ARG G 615 28.35 3.84 20.28
N ARG G 616 28.90 5.03 20.54
CA ARG G 616 30.35 5.06 20.58
C ARG G 616 30.87 4.57 21.92
N ALA G 617 30.01 4.57 22.93
CA ALA G 617 30.32 4.03 24.25
C ALA G 617 30.13 2.52 24.32
N ALA G 618 29.80 1.85 23.21
CA ALA G 618 29.34 0.47 23.29
C ALA G 618 30.49 -0.52 23.37
N VAL G 619 31.30 -0.60 22.32
CA VAL G 619 32.14 -1.75 22.07
C VAL G 619 33.43 -1.77 22.87
N GLU G 620 33.66 -0.75 23.69
CA GLU G 620 34.84 -0.72 24.52
C GLU G 620 34.74 -1.75 25.64
N SER G 621 33.53 -1.91 26.20
CA SER G 621 33.28 -3.01 27.13
C SER G 621 33.40 -4.36 26.45
N LEU G 622 33.13 -4.42 25.15
CA LEU G 622 33.31 -5.65 24.38
C LEU G 622 34.79 -5.98 24.24
N GLY G 623 35.63 -4.97 24.07
CA GLY G 623 37.06 -5.21 24.13
C GLY G 623 37.52 -5.57 25.53
N PHE G 624 36.86 -5.01 26.54
CA PHE G 624 37.28 -5.22 27.93
C PHE G 624 36.93 -6.63 28.40
N ILE G 625 35.87 -7.21 27.83
CA ILE G 625 35.64 -8.62 28.11
C ILE G 625 36.47 -9.51 27.20
N LEU G 626 36.67 -9.12 25.93
CA LEU G 626 37.28 -10.00 24.95
C LEU G 626 38.77 -9.75 24.77
N PHE G 627 39.45 -9.17 25.76
CA PHE G 627 40.88 -8.93 25.65
C PHE G 627 41.72 -10.20 25.64
N ARG G 628 41.12 -11.35 25.99
CA ARG G 628 41.87 -12.60 26.03
C ARG G 628 42.29 -13.05 24.65
N THR G 629 41.38 -12.99 23.68
CA THR G 629 41.72 -13.38 22.32
C THR G 629 41.97 -12.17 21.44
N PRO G 630 43.14 -12.03 20.83
CA PRO G 630 43.35 -10.96 19.85
C PRO G 630 42.68 -11.24 18.53
N GLU G 631 42.46 -12.50 18.22
CA GLU G 631 42.05 -12.92 16.88
C GLU G 631 40.58 -12.63 16.66
N GLN G 632 39.75 -12.98 17.64
CA GLN G 632 38.31 -12.99 17.47
C GLN G 632 37.70 -11.60 17.45
N CYS G 633 38.43 -10.58 17.90
CA CYS G 633 37.85 -9.24 17.98
C CYS G 633 37.71 -8.56 16.61
N PRO G 634 38.76 -8.32 15.82
CA PRO G 634 38.59 -7.42 14.65
C PRO G 634 37.76 -8.03 13.53
N SER G 635 37.60 -9.35 13.52
CA SER G 635 36.68 -9.98 12.59
C SER G 635 35.24 -9.56 12.89
N VAL G 636 34.92 -9.34 14.15
CA VAL G 636 33.54 -8.99 14.47
C VAL G 636 33.38 -7.51 14.74
N VAL G 637 34.47 -6.74 14.74
CA VAL G 637 34.34 -5.29 14.62
C VAL G 637 34.59 -4.85 13.17
N SER G 638 34.76 -5.82 12.27
CA SER G 638 35.11 -5.54 10.88
C SER G 638 34.04 -4.74 10.14
N LEU G 639 32.77 -5.04 10.38
CA LEU G 639 31.72 -4.22 9.80
C LEU G 639 31.66 -2.85 10.46
N LEU G 640 32.06 -2.77 11.71
CA LEU G 640 31.94 -1.56 12.51
C LEU G 640 33.06 -0.59 12.22
N SER G 641 34.11 -1.05 11.54
CA SER G 641 35.19 -0.23 11.02
C SER G 641 34.66 0.91 10.17
N GLU G 642 33.89 0.60 9.14
CA GLU G 642 33.09 1.59 8.43
C GLU G 642 31.63 1.33 8.76
N SER G 643 31.14 2.02 9.77
CA SER G 643 29.77 1.90 10.23
C SER G 643 28.90 2.93 9.52
N TYR G 644 27.69 3.07 10.03
CA TYR G 644 26.71 4.01 9.49
C TYR G 644 27.08 5.45 9.83
N ASN G 645 27.11 5.76 11.10
CA ASN G 645 27.48 7.06 11.68
C ASN G 645 28.99 7.13 11.88
N PRO G 646 29.57 8.32 12.10
CA PRO G 646 30.99 8.34 12.48
C PRO G 646 31.27 7.84 13.88
N HIS G 647 30.26 7.79 14.75
CA HIS G 647 30.55 7.51 16.15
C HIS G 647 30.82 6.04 16.39
N VAL G 648 30.12 5.15 15.69
CA VAL G 648 30.44 3.74 15.82
C VAL G 648 31.75 3.43 15.09
N ARG G 649 32.09 4.23 14.08
CA ARG G 649 33.45 4.18 13.54
C ARG G 649 34.48 4.54 14.59
N TYR G 650 34.21 5.58 15.38
CA TYR G 650 35.19 6.06 16.35
C TYR G 650 35.29 5.13 17.54
N GLY G 651 34.15 4.65 18.03
CA GLY G 651 34.17 3.66 19.10
C GLY G 651 34.76 2.34 18.65
N ALA G 652 34.56 1.99 17.37
CA ALA G 652 35.26 0.84 16.80
C ALA G 652 36.76 1.08 16.75
N ALA G 653 37.19 2.32 16.55
CA ALA G 653 38.61 2.63 16.63
C ALA G 653 39.12 2.51 18.06
N MET G 654 38.28 2.84 19.04
CA MET G 654 38.63 2.56 20.43
C MET G 654 38.74 1.07 20.69
N ALA G 655 37.84 0.28 20.08
CA ALA G 655 37.79 -1.15 20.36
C ALA G 655 38.98 -1.87 19.76
N LEU G 656 39.32 -1.54 18.50
CA LEU G 656 40.56 -2.05 17.92
C LEU G 656 41.77 -1.47 18.63
N GLY G 657 41.63 -0.30 19.25
CA GLY G 657 42.70 0.24 20.06
C GLY G 657 42.98 -0.62 21.30
N ILE G 658 41.92 -1.07 21.96
CA ILE G 658 42.11 -1.75 23.24
C ILE G 658 42.28 -3.25 23.09
N CYS G 659 41.65 -3.86 22.08
CA CYS G 659 41.69 -5.31 21.97
C CYS G 659 43.03 -5.77 21.44
N CYS G 660 43.67 -4.93 20.65
CA CYS G 660 44.90 -5.28 19.97
C CYS G 660 46.11 -4.61 20.63
N ALA G 661 45.90 -3.92 21.75
CA ALA G 661 46.98 -3.21 22.42
C ALA G 661 47.98 -4.19 23.04
N GLY G 662 49.26 -3.89 22.89
CA GLY G 662 50.32 -4.73 23.41
C GLY G 662 50.61 -5.95 22.57
N THR G 663 49.92 -6.12 21.45
CA THR G 663 49.99 -7.33 20.66
C THR G 663 50.80 -7.10 19.39
N GLY G 664 50.73 -8.08 18.49
CA GLY G 664 51.22 -7.94 17.13
C GLY G 664 50.22 -8.34 16.07
N ASN G 665 48.92 -8.38 16.40
CA ASN G 665 47.92 -8.82 15.44
C ASN G 665 47.75 -7.79 14.33
N LYS G 666 47.97 -8.25 13.09
CA LYS G 666 47.88 -7.38 11.93
C LYS G 666 46.46 -7.20 11.45
N GLU G 667 45.48 -7.85 12.08
CA GLU G 667 44.12 -7.80 11.60
C GLU G 667 43.43 -6.50 12.00
N ALA G 668 43.96 -5.82 13.01
CA ALA G 668 43.58 -4.44 13.24
C ALA G 668 44.38 -3.50 12.38
N ILE G 669 45.62 -3.87 12.06
CA ILE G 669 46.56 -2.99 11.39
C ILE G 669 46.17 -2.80 9.94
N ASN G 670 45.80 -3.89 9.26
CA ASN G 670 45.40 -3.80 7.86
C ASN G 670 44.07 -3.08 7.66
N LEU G 671 43.28 -2.91 8.71
CA LEU G 671 42.05 -2.16 8.64
C LEU G 671 42.25 -0.67 8.89
N LEU G 672 43.44 -0.26 9.33
CA LEU G 672 43.71 1.15 9.58
C LEU G 672 43.84 1.96 8.31
N GLU G 673 44.22 1.33 7.20
CA GLU G 673 44.41 2.07 5.96
C GLU G 673 43.11 2.62 5.38
N PRO G 674 41.93 2.01 5.56
CA PRO G 674 40.70 2.79 5.37
C PRO G 674 40.39 3.75 6.51
N MET G 675 40.83 3.44 7.72
CA MET G 675 40.51 4.31 8.86
C MET G 675 41.27 5.63 8.81
N THR G 676 42.44 5.65 8.17
CA THR G 676 43.27 6.84 8.20
C THR G 676 42.81 7.92 7.24
N ASN G 677 41.86 7.62 6.36
CA ASN G 677 41.41 8.58 5.35
C ASN G 677 39.89 8.56 5.27
N ASP G 678 39.26 9.64 5.74
CA ASP G 678 37.82 9.78 5.77
C ASP G 678 37.52 11.26 5.96
N PRO G 679 36.39 11.76 5.45
CA PRO G 679 36.03 13.16 5.71
C PRO G 679 35.81 13.52 7.17
N VAL G 680 35.56 12.55 8.05
CA VAL G 680 35.31 12.86 9.45
C VAL G 680 36.64 12.90 10.20
N ASN G 681 36.81 13.91 11.05
CA ASN G 681 38.02 14.03 11.85
C ASN G 681 38.03 13.10 13.05
N TYR G 682 36.88 12.53 13.40
CA TYR G 682 36.80 11.61 14.53
C TYR G 682 37.56 10.33 14.21
N VAL G 683 37.17 9.67 13.13
CA VAL G 683 37.79 8.44 12.66
C VAL G 683 39.23 8.68 12.21
N ARG G 684 39.56 9.89 11.76
CA ARG G 684 40.95 10.22 11.48
C ARG G 684 41.77 10.35 12.75
N GLN G 685 41.17 10.89 13.80
CA GLN G 685 41.88 11.04 15.07
C GLN G 685 42.07 9.71 15.77
N GLY G 686 40.97 9.03 16.06
CA GLY G 686 41.04 7.72 16.69
C GLY G 686 41.62 6.63 15.80
N ALA G 687 41.72 6.89 14.50
CA ALA G 687 42.55 6.03 13.65
C ALA G 687 44.01 6.13 14.05
N LEU G 688 44.47 7.34 14.37
CA LEU G 688 45.84 7.50 14.82
C LEU G 688 46.00 7.06 16.26
N ILE G 689 44.96 7.21 17.07
CA ILE G 689 45.02 6.72 18.45
C ILE G 689 45.08 5.20 18.47
N ALA G 690 44.24 4.55 17.66
CA ALA G 690 44.27 3.10 17.55
C ALA G 690 45.55 2.60 16.91
N SER G 691 46.07 3.37 15.95
CA SER G 691 47.34 3.06 15.34
C SER G 691 48.49 3.19 16.33
N ALA G 692 48.37 4.09 17.31
CA ALA G 692 49.42 4.31 18.29
C ALA G 692 49.52 3.16 19.29
N LEU G 693 48.45 2.42 19.51
CA LEU G 693 48.41 1.45 20.61
C LEU G 693 48.96 0.09 20.22
N ILE G 694 49.15 -0.16 18.94
CA ILE G 694 49.58 -1.47 18.44
C ILE G 694 51.05 -1.46 18.05
N MET G 695 51.49 -0.42 17.33
CA MET G 695 52.85 -0.38 16.80
C MET G 695 53.92 -0.28 17.87
N ILE G 696 53.53 0.06 19.10
CA ILE G 696 54.46 0.12 20.22
C ILE G 696 55.05 -1.26 20.49
N GLN G 697 56.37 -1.26 20.74
CA GLN G 697 57.20 -2.46 20.94
C GLN G 697 57.06 -3.40 19.75
N GLN G 698 57.49 -2.91 18.58
CA GLN G 698 57.42 -3.69 17.35
C GLN G 698 58.59 -3.32 16.47
N THR G 699 59.23 -4.34 15.91
CA THR G 699 60.36 -4.14 15.01
C THR G 699 59.89 -4.28 13.58
N GLU G 700 60.55 -3.54 12.69
CA GLU G 700 60.14 -3.49 11.30
C GLU G 700 60.46 -4.78 10.56
N ILE G 701 61.54 -5.46 10.96
CA ILE G 701 62.00 -6.65 10.25
C ILE G 701 61.01 -7.81 10.45
N THR G 702 60.25 -7.81 11.54
CA THR G 702 59.17 -8.76 11.70
C THR G 702 57.98 -8.38 10.84
N CYS G 703 57.54 -7.13 10.92
CA CYS G 703 56.26 -6.75 10.33
C CYS G 703 56.32 -5.42 9.60
N PRO G 704 55.66 -5.32 8.43
CA PRO G 704 55.79 -4.12 7.58
C PRO G 704 55.02 -2.91 8.09
N LYS G 705 55.67 -2.07 8.88
CA LYS G 705 54.97 -0.99 9.56
C LYS G 705 55.28 0.38 9.00
N VAL G 706 56.11 0.47 7.95
CA VAL G 706 56.59 1.74 7.39
C VAL G 706 55.44 2.62 6.93
N ASN G 707 54.38 1.99 6.41
CA ASN G 707 53.20 2.73 5.94
C ASN G 707 52.55 3.50 7.08
N GLN G 708 52.37 2.85 8.24
CA GLN G 708 51.75 3.58 9.33
C GLN G 708 52.75 4.46 10.07
N PHE G 709 54.07 4.17 9.95
CA PHE G 709 55.07 5.14 10.38
C PHE G 709 54.93 6.45 9.61
N ARG G 710 54.91 6.37 8.28
CA ARG G 710 54.97 7.57 7.46
C ARG G 710 53.63 8.31 7.46
N GLN G 711 52.52 7.58 7.53
CA GLN G 711 51.25 8.30 7.68
C GLN G 711 51.11 8.87 9.08
N LEU G 712 51.80 8.29 10.06
CA LEU G 712 51.85 8.91 11.38
C LEU G 712 52.76 10.13 11.38
N TYR G 713 53.77 10.15 10.51
CA TYR G 713 54.70 11.26 10.42
C TYR G 713 54.20 12.39 9.54
N SER G 714 53.30 12.09 8.60
CA SER G 714 52.86 13.07 7.62
C SER G 714 51.82 14.01 8.16
N LYS G 715 51.35 13.78 9.38
CA LYS G 715 50.30 14.63 9.93
C LYS G 715 50.89 15.88 10.57
N VAL G 716 52.09 15.78 11.14
CA VAL G 716 52.68 16.95 11.78
C VAL G 716 53.32 17.87 10.77
N ILE G 717 53.46 17.42 9.52
CA ILE G 717 53.71 18.34 8.42
C ILE G 717 52.41 18.68 7.70
N ASN G 718 51.41 17.80 7.78
CA ASN G 718 50.09 18.03 7.21
C ASN G 718 49.18 18.77 8.19
N ASP G 719 49.73 19.22 9.32
CA ASP G 719 48.94 19.95 10.31
C ASP G 719 48.45 21.31 9.81
N LYS G 720 49.03 21.83 8.73
CA LYS G 720 48.49 23.06 8.17
C LYS G 720 47.13 22.83 7.52
N HIS G 721 46.97 21.73 6.80
CA HIS G 721 45.77 21.51 6.02
C HIS G 721 44.82 20.48 6.63
N ASP G 722 45.08 20.05 7.86
CA ASP G 722 44.21 19.10 8.55
C ASP G 722 43.48 19.79 9.71
N ASP G 723 42.59 19.05 10.36
CA ASP G 723 41.75 19.61 11.39
C ASP G 723 42.53 19.83 12.68
N VAL G 724 42.00 20.71 13.52
CA VAL G 724 42.75 21.15 14.70
C VAL G 724 42.62 20.11 15.81
N MET G 725 41.52 19.39 15.84
CA MET G 725 41.40 18.26 16.75
C MET G 725 42.02 16.99 16.21
N ALA G 726 42.16 16.88 14.89
CA ALA G 726 42.80 15.70 14.31
C ALA G 726 44.30 15.70 14.59
N LYS G 727 44.92 16.88 14.49
CA LYS G 727 46.35 16.98 14.75
C LYS G 727 46.67 16.77 16.23
N PHE G 728 45.69 17.04 17.10
CA PHE G 728 45.84 16.84 18.53
C PHE G 728 46.02 15.37 18.85
N GLY G 729 45.14 14.53 18.30
CA GLY G 729 45.32 13.10 18.40
C GLY G 729 46.45 12.58 17.54
N ALA G 730 46.89 13.37 16.56
CA ALA G 730 48.02 12.95 15.73
C ALA G 730 49.32 12.99 16.53
N ILE G 731 49.71 14.18 17.01
CA ILE G 731 50.96 14.28 17.75
C ILE G 731 50.83 13.66 19.14
N LEU G 732 49.62 13.70 19.72
CA LEU G 732 49.35 12.97 20.96
C LEU G 732 49.51 11.48 20.74
N ALA G 733 49.09 10.98 19.58
CA ALA G 733 49.37 9.61 19.20
C ALA G 733 50.85 9.38 18.92
N GLN G 734 51.57 10.43 18.48
CA GLN G 734 53.00 10.26 18.23
C GLN G 734 53.80 10.15 19.50
N GLY G 735 53.29 10.65 20.62
CA GLY G 735 54.01 10.42 21.86
C GLY G 735 53.95 9.01 22.39
N ILE G 736 53.01 8.20 21.88
CA ILE G 736 52.78 6.85 22.40
C ILE G 736 53.91 5.92 22.00
N LEU G 737 54.37 6.02 20.75
CA LEU G 737 55.59 5.30 20.38
C LEU G 737 56.79 5.84 21.14
N ASP G 738 56.83 7.14 21.38
CA ASP G 738 57.93 7.77 22.09
C ASP G 738 57.90 7.54 23.58
N ALA G 739 56.91 6.80 24.09
CA ALA G 739 56.66 6.73 25.53
C ALA G 739 57.78 5.99 26.25
N GLY G 740 58.43 6.68 27.18
CA GLY G 740 59.48 6.11 27.98
C GLY G 740 60.77 5.81 27.26
N GLY G 741 60.94 6.30 26.04
CA GLY G 741 62.13 6.01 25.25
C GLY G 741 62.20 4.56 24.87
N HIS G 742 61.03 4.01 24.49
CA HIS G 742 60.76 2.66 24.00
C HIS G 742 60.87 1.59 25.08
N ASN G 743 61.29 1.97 26.29
CA ASN G 743 61.61 1.00 27.31
C ASN G 743 60.36 0.47 28.00
N VAL G 744 59.46 1.35 28.38
CA VAL G 744 58.23 0.96 29.04
C VAL G 744 57.17 0.71 27.98
N THR G 745 56.18 -0.11 28.31
CA THR G 745 55.03 -0.41 27.45
C THR G 745 53.80 -0.56 28.32
N ILE G 746 52.77 -1.18 27.75
CA ILE G 746 51.53 -1.51 28.45
C ILE G 746 51.26 -2.99 28.28
N SER G 747 50.43 -3.54 29.16
CA SER G 747 49.95 -4.91 29.05
C SER G 747 48.58 -4.98 29.67
N LEU G 748 47.67 -5.70 29.03
CA LEU G 748 46.33 -5.83 29.58
C LEU G 748 46.27 -6.89 30.66
N GLN G 749 47.20 -7.85 30.65
CA GLN G 749 47.21 -8.91 31.65
C GLN G 749 48.65 -9.25 32.03
N SER G 750 48.80 -10.01 33.12
CA SER G 750 50.09 -10.28 33.72
C SER G 750 50.76 -11.47 33.07
N ARG G 751 51.88 -11.90 33.66
CA ARG G 751 52.57 -13.10 33.22
C ARG G 751 51.74 -14.35 33.56
N THR G 752 51.00 -14.31 34.66
CA THR G 752 50.14 -15.42 35.04
C THR G 752 48.88 -15.54 34.20
N GLY G 753 48.63 -14.58 33.30
CA GLY G 753 47.38 -14.52 32.56
C GLY G 753 46.30 -13.73 33.27
N HIS G 754 46.50 -13.45 34.55
CA HIS G 754 45.62 -12.56 35.29
C HIS G 754 45.77 -11.14 34.78
N THR G 755 44.68 -10.38 34.81
CA THR G 755 44.69 -9.02 34.30
C THR G 755 44.83 -7.99 35.40
N HIS G 756 45.57 -6.92 35.10
CA HIS G 756 45.85 -5.89 36.10
C HIS G 756 44.69 -4.90 36.17
N MET G 757 44.23 -4.64 37.39
CA MET G 757 43.17 -3.65 37.60
C MET G 757 43.56 -2.23 37.18
N PRO G 758 44.67 -1.62 37.66
CA PRO G 758 44.91 -0.22 37.26
C PRO G 758 45.35 -0.06 35.82
N SER G 759 45.70 -1.16 35.13
CA SER G 759 45.87 -1.09 33.69
C SER G 759 44.54 -0.88 33.00
N VAL G 760 43.50 -1.59 33.47
CA VAL G 760 42.17 -1.44 32.93
C VAL G 760 41.61 -0.07 33.27
N VAL G 761 41.86 0.38 34.51
CA VAL G 761 41.45 1.72 34.94
C VAL G 761 42.11 2.79 34.08
N GLY G 762 43.43 2.67 33.88
CA GLY G 762 44.15 3.64 33.08
C GLY G 762 43.71 3.66 31.63
N VAL G 763 43.37 2.50 31.07
CA VAL G 763 42.97 2.51 29.66
C VAL G 763 41.54 3.00 29.49
N LEU G 764 40.61 2.69 30.40
CA LEU G 764 39.24 3.12 30.15
C LEU G 764 39.05 4.59 30.50
N VAL G 765 39.66 5.02 31.60
CA VAL G 765 39.65 6.44 31.93
C VAL G 765 40.44 7.23 30.91
N PHE G 766 41.50 6.61 30.36
CA PHE G 766 42.19 7.22 29.24
C PHE G 766 41.32 7.32 27.99
N THR G 767 40.40 6.38 27.78
CA THR G 767 39.42 6.57 26.72
C THR G 767 38.37 7.60 27.07
N GLN G 768 38.23 7.94 28.35
CA GLN G 768 37.36 9.04 28.76
C GLN G 768 38.04 10.41 28.68
N PHE G 769 39.09 10.54 27.86
CA PHE G 769 39.64 11.85 27.57
C PHE G 769 38.74 12.64 26.63
N TRP G 770 37.80 11.96 25.97
CA TRP G 770 36.98 12.57 24.93
C TRP G 770 36.11 13.68 25.50
N PHE G 771 35.43 13.41 26.60
CA PHE G 771 34.62 14.44 27.22
C PHE G 771 35.49 15.41 28.00
N TRP G 772 36.43 14.90 28.78
CA TRP G 772 37.33 15.73 29.58
C TRP G 772 38.77 15.30 29.33
N PHE G 773 39.51 16.13 28.62
CA PHE G 773 40.86 15.88 28.13
C PHE G 773 41.99 15.81 29.16
N PRO G 774 41.97 16.53 30.30
CA PRO G 774 42.98 16.23 31.34
C PRO G 774 42.89 14.85 31.97
N LEU G 775 41.83 14.07 31.71
CA LEU G 775 41.78 12.71 32.22
C LEU G 775 42.70 11.75 31.47
N SER G 776 43.25 12.16 30.33
CA SER G 776 44.21 11.34 29.60
C SER G 776 45.53 11.18 30.35
N HIS G 777 45.78 11.99 31.38
CA HIS G 777 46.96 11.84 32.22
C HIS G 777 46.97 10.56 33.04
N PHE G 778 45.84 9.88 33.18
CA PHE G 778 45.79 8.61 33.89
C PHE G 778 46.27 7.42 33.05
N LEU G 779 46.83 7.66 31.87
CA LEU G 779 47.40 6.59 31.08
C LEU G 779 48.66 6.01 31.73
N SER G 780 49.36 6.83 32.53
CA SER G 780 50.62 6.40 33.13
C SER G 780 50.42 5.33 34.20
N LEU G 781 49.20 5.19 34.72
CA LEU G 781 48.90 4.12 35.65
C LEU G 781 48.93 2.75 35.01
N ALA G 782 48.92 2.67 33.69
CA ALA G 782 48.94 1.41 32.96
C ALA G 782 50.31 1.08 32.37
N TYR G 783 51.35 1.85 32.68
CA TYR G 783 52.65 1.66 32.03
C TYR G 783 53.35 0.46 32.63
N THR G 784 53.56 -0.57 31.83
CA THR G 784 54.23 -1.79 32.29
C THR G 784 55.60 -1.87 31.64
N PRO G 785 56.68 -1.61 32.39
CA PRO G 785 58.01 -1.76 31.81
C PRO G 785 58.36 -3.23 31.63
N THR G 786 58.96 -3.55 30.51
CA THR G 786 59.35 -4.92 30.18
C THR G 786 60.83 -5.04 30.47
N CYS G 787 61.17 -5.97 31.37
CA CYS G 787 62.54 -6.27 31.76
C CYS G 787 62.51 -7.63 32.43
N VAL G 788 63.61 -8.01 33.05
CA VAL G 788 63.66 -9.18 33.91
C VAL G 788 64.13 -8.74 35.28
N ILE G 789 64.05 -9.66 36.24
CA ILE G 789 64.68 -9.48 37.53
C ILE G 789 65.49 -10.72 37.83
N GLY G 790 66.80 -10.54 38.04
CA GLY G 790 67.66 -11.56 38.59
C GLY G 790 68.23 -11.16 39.94
N LEU G 791 67.50 -10.39 40.74
CA LEU G 791 68.03 -9.86 41.98
C LEU G 791 68.15 -10.96 43.03
N ASN G 792 69.38 -11.24 43.44
CA ASN G 792 69.63 -12.34 44.37
C ASN G 792 69.34 -11.92 45.81
N LYS G 793 70.04 -10.92 46.31
CA LYS G 793 69.78 -10.37 47.63
C LYS G 793 69.24 -8.96 47.44
N ASP G 794 68.54 -8.46 48.47
CA ASP G 794 67.84 -7.18 48.38
C ASP G 794 68.81 -6.01 48.19
N LEU G 795 70.00 -6.11 48.78
CA LEU G 795 71.00 -5.05 48.66
C LEU G 795 72.19 -5.45 47.79
N LYS G 796 72.22 -6.68 47.27
CA LYS G 796 73.30 -7.14 46.42
C LYS G 796 72.82 -7.13 44.98
N MET G 797 73.56 -6.44 44.11
CA MET G 797 73.28 -6.52 42.68
C MET G 797 74.32 -7.37 41.98
N PRO G 798 73.93 -8.45 41.32
CA PRO G 798 74.87 -9.21 40.49
C PRO G 798 74.93 -8.61 39.09
N LYS G 799 75.68 -9.28 38.22
CA LYS G 799 75.66 -8.99 36.79
C LYS G 799 75.32 -10.27 36.05
N VAL G 800 74.15 -10.29 35.41
CA VAL G 800 73.57 -11.48 34.83
C VAL G 800 73.46 -11.27 33.33
N GLN G 801 74.10 -12.15 32.56
CA GLN G 801 74.18 -12.05 31.11
C GLN G 801 73.67 -13.36 30.54
N TYR G 802 72.50 -13.33 29.91
CA TYR G 802 72.02 -14.46 29.14
C TYR G 802 72.39 -14.23 27.68
N LYS G 803 71.88 -15.09 26.79
CA LYS G 803 72.04 -14.86 25.37
C LYS G 803 70.72 -15.11 24.66
N SER G 804 70.54 -14.41 23.54
CA SER G 804 69.36 -14.59 22.70
C SER G 804 69.74 -15.46 21.50
N ASN G 805 68.81 -16.32 21.12
CA ASN G 805 69.02 -17.24 20.02
C ASN G 805 68.76 -16.62 18.65
N CYS G 806 68.41 -15.35 18.60
CA CYS G 806 68.13 -14.66 17.35
C CYS G 806 69.17 -13.56 17.13
N LYS G 807 68.97 -12.82 16.05
CA LYS G 807 69.91 -11.79 15.65
C LYS G 807 69.75 -10.56 16.55
N PRO G 808 70.84 -9.98 17.05
CA PRO G 808 70.71 -8.78 17.88
C PRO G 808 70.31 -7.55 17.10
N SER G 809 70.55 -7.52 15.78
CA SER G 809 70.19 -6.36 14.99
C SER G 809 68.69 -6.29 14.76
N THR G 810 67.98 -7.41 14.86
CA THR G 810 66.55 -7.44 14.62
C THR G 810 65.74 -6.75 15.70
N PHE G 811 66.29 -6.61 16.91
CA PHE G 811 65.52 -6.24 18.09
C PHE G 811 65.76 -4.82 18.54
N ALA G 812 66.54 -4.05 17.77
CA ALA G 812 67.10 -2.80 18.26
C ALA G 812 66.07 -1.67 18.20
N TYR G 813 66.56 -0.46 18.47
CA TYR G 813 65.77 0.76 18.56
C TYR G 813 65.77 1.46 17.21
N PRO G 814 64.62 1.93 16.72
CA PRO G 814 64.62 2.72 15.47
C PRO G 814 65.25 4.09 15.68
N ALA G 815 66.57 4.14 15.63
CA ALA G 815 67.31 5.37 15.90
C ALA G 815 67.03 6.40 14.81
N PRO G 816 66.53 7.57 15.15
CA PRO G 816 66.04 8.51 14.13
C PRO G 816 67.13 9.26 13.39
N LEU G 817 66.71 10.23 12.60
CA LEU G 817 67.61 11.06 11.80
C LEU G 817 68.41 11.99 12.72
N GLU G 818 69.52 12.52 12.19
CA GLU G 818 70.41 13.42 12.91
C GLU G 818 69.72 14.70 13.34
N VAL G 819 69.32 15.51 12.36
CA VAL G 819 68.58 16.77 12.50
C VAL G 819 69.28 17.69 13.49
N PRO G 820 70.41 18.32 13.11
CA PRO G 820 71.09 19.20 14.07
C PRO G 820 70.38 20.55 14.24
N SER G 834 74.44 -14.25 12.67
CA SER G 834 72.99 -14.45 12.71
C SER G 834 72.51 -14.74 14.13
N ILE G 835 73.36 -14.40 15.10
CA ILE G 835 73.04 -14.59 16.51
C ILE G 835 73.91 -13.64 17.31
N THR G 836 73.40 -13.22 18.46
CA THR G 836 74.22 -12.52 19.43
C THR G 836 75.02 -13.53 20.24
N ALA G 837 76.27 -13.19 20.53
CA ALA G 837 77.08 -14.06 21.36
C ALA G 837 76.60 -14.03 22.81
N LYS G 838 76.11 -12.88 23.25
CA LYS G 838 75.38 -12.78 24.50
C LYS G 838 74.33 -11.69 24.38
N ALA G 839 73.33 -11.76 25.24
CA ALA G 839 72.37 -10.68 25.31
C ALA G 839 73.00 -9.49 26.02
N LYS G 840 72.39 -8.33 25.84
CA LYS G 840 72.93 -7.08 26.32
C LYS G 840 72.35 -6.67 27.67
N LYS G 841 71.37 -7.39 28.18
CA LYS G 841 70.84 -7.13 29.51
C LYS G 841 71.87 -7.59 30.54
N LYS G 842 72.28 -6.68 31.41
CA LYS G 842 73.31 -6.95 32.40
C LYS G 842 72.89 -6.35 33.73
N GLU G 843 73.78 -6.52 34.72
CA GLU G 843 73.73 -5.93 36.08
C GLU G 843 72.35 -6.04 36.73
N LYS G 844 71.92 -7.28 36.97
CA LYS G 844 70.60 -7.47 37.54
C LYS G 844 70.53 -8.70 38.43
N ASN G 880 70.97 -3.63 34.35
CA ASN G 880 69.98 -2.98 33.49
C ASN G 880 69.40 -3.88 32.39
N PRO G 881 68.37 -4.64 32.74
CA PRO G 881 67.57 -5.30 31.70
C PRO G 881 66.78 -4.28 30.89
N ALA G 882 66.87 -4.39 29.59
CA ALA G 882 66.23 -3.45 28.69
C ALA G 882 64.82 -3.92 28.39
N ARG G 883 64.18 -3.30 27.39
CA ARG G 883 62.91 -3.82 26.91
C ARG G 883 63.08 -5.21 26.31
N VAL G 884 62.03 -6.01 26.42
CA VAL G 884 62.06 -7.39 25.94
C VAL G 884 60.68 -7.76 25.41
N MET G 885 60.66 -8.30 24.20
CA MET G 885 59.42 -8.77 23.61
C MET G 885 58.98 -10.04 24.31
N PRO G 886 57.68 -10.28 24.47
CA PRO G 886 57.22 -11.59 24.96
C PRO G 886 57.63 -12.75 24.06
N ALA G 887 57.76 -12.53 22.75
CA ALA G 887 58.26 -13.57 21.87
C ALA G 887 59.75 -13.82 22.04
N GLN G 888 60.48 -12.91 22.67
CA GLN G 888 61.88 -13.13 23.00
C GLN G 888 62.07 -14.03 24.21
N LEU G 889 60.99 -14.35 24.92
CA LEU G 889 61.11 -15.14 26.14
C LEU G 889 61.29 -16.62 25.85
N LYS G 890 61.07 -17.04 24.61
CA LYS G 890 61.39 -18.40 24.21
C LYS G 890 62.78 -18.52 23.60
N VAL G 891 63.37 -17.40 23.17
CA VAL G 891 64.72 -17.43 22.64
C VAL G 891 65.76 -16.94 23.63
N LEU G 892 65.37 -16.62 24.86
CA LEU G 892 66.36 -16.32 25.88
C LEU G 892 67.08 -17.60 26.27
N THR G 893 68.40 -17.49 26.45
CA THR G 893 69.20 -18.66 26.78
C THR G 893 70.21 -18.29 27.85
N MET G 894 70.03 -18.87 29.02
CA MET G 894 71.02 -18.74 30.07
C MET G 894 72.28 -19.50 29.68
N PRO G 895 73.46 -18.99 30.02
CA PRO G 895 74.69 -19.73 29.69
C PRO G 895 74.93 -20.87 30.65
N GLU G 896 75.46 -21.98 30.13
CA GLU G 896 75.96 -23.06 30.95
C GLU G 896 77.24 -22.68 31.69
N THR G 897 78.00 -21.73 31.17
CA THR G 897 79.17 -21.19 31.83
C THR G 897 78.85 -20.03 32.75
N CYS G 898 77.57 -19.66 32.87
CA CYS G 898 77.19 -18.61 33.79
C CYS G 898 77.40 -19.09 35.22
N ARG G 899 78.10 -18.26 36.00
CA ARG G 899 78.54 -18.65 37.34
C ARG G 899 77.39 -18.87 38.29
N TYR G 900 76.40 -17.97 38.30
CA TYR G 900 75.28 -18.06 39.22
C TYR G 900 74.01 -18.37 38.45
N GLN G 901 73.08 -19.03 39.13
CA GLN G 901 71.91 -19.56 38.45
C GLN G 901 70.81 -19.77 39.49
N PRO G 902 69.56 -19.41 39.18
CA PRO G 902 68.49 -19.54 40.17
C PRO G 902 68.14 -20.98 40.51
N PHE G 903 67.34 -21.12 41.56
CA PHE G 903 66.74 -22.43 41.84
C PHE G 903 65.63 -22.74 40.84
N LYS G 904 64.87 -21.72 40.42
CA LYS G 904 63.82 -21.85 39.43
C LYS G 904 64.41 -21.69 38.05
N PRO G 905 64.11 -22.60 37.12
CA PRO G 905 64.49 -22.40 35.72
C PRO G 905 63.81 -21.16 35.15
N LEU G 906 64.62 -20.20 34.74
CA LEU G 906 64.11 -19.03 34.04
C LEU G 906 63.56 -19.48 32.70
N SER G 907 62.25 -19.61 32.62
CA SER G 907 61.60 -20.15 31.43
C SER G 907 60.94 -19.02 30.65
N ILE G 908 60.13 -18.21 31.30
CA ILE G 908 59.50 -17.05 30.69
C ILE G 908 59.91 -15.84 31.50
N GLY G 909 59.86 -14.67 30.87
CA GLY G 909 60.28 -13.44 31.50
C GLY G 909 59.38 -12.97 32.63
N GLY G 910 59.98 -12.49 33.70
CA GLY G 910 59.20 -12.03 34.83
C GLY G 910 60.09 -11.66 35.99
N ILE G 911 59.62 -11.97 37.18
CA ILE G 911 60.36 -11.69 38.42
C ILE G 911 60.83 -13.02 38.99
N ILE G 912 62.14 -13.22 39.04
CA ILE G 912 62.73 -14.35 39.74
C ILE G 912 63.88 -13.81 40.57
N ILE G 913 64.40 -14.67 41.44
CA ILE G 913 65.60 -14.30 42.19
C ILE G 913 66.74 -15.11 41.61
N LEU G 914 67.97 -14.79 42.01
CA LEU G 914 69.14 -15.53 41.60
C LEU G 914 69.65 -16.31 42.80
N LYS G 915 70.14 -17.52 42.57
CA LYS G 915 70.85 -18.27 43.60
C LYS G 915 72.34 -18.22 43.34
N ASP G 916 73.10 -17.95 44.39
CA ASP G 916 74.56 -18.06 44.38
C ASP G 916 74.92 -19.54 44.31
N THR G 917 75.42 -19.99 43.16
CA THR G 917 75.82 -21.38 43.05
C THR G 917 77.22 -21.62 43.60
N SER G 918 78.12 -20.67 43.46
CA SER G 918 79.49 -20.86 43.92
C SER G 918 79.59 -20.76 45.44
N GLU G 919 78.81 -19.86 46.05
CA GLU G 919 78.76 -19.63 47.50
C GLU G 919 80.13 -19.27 48.06
N ASP G 920 80.78 -18.31 47.41
CA ASP G 920 82.15 -17.93 47.74
C ASP G 920 82.23 -16.41 47.73
N ILE G 921 83.46 -15.92 47.74
CA ILE G 921 83.79 -14.51 47.55
C ILE G 921 83.55 -14.11 46.09
N GLU G 922 83.71 -12.82 45.82
CA GLU G 922 83.47 -12.18 44.51
C GLU G 922 82.00 -12.35 44.09
N GLU G 923 81.15 -11.71 44.88
CA GLU G 923 79.74 -11.54 44.53
C GLU G 923 79.55 -10.45 43.48
N LEU G 924 80.59 -9.63 43.24
CA LEU G 924 80.60 -8.53 42.27
C LEU G 924 79.51 -7.51 42.60
N VAL G 925 79.74 -6.83 43.72
CA VAL G 925 78.91 -5.71 44.14
C VAL G 925 79.19 -4.52 43.25
N GLU G 926 78.13 -3.88 42.75
CA GLU G 926 78.24 -2.65 41.99
C GLU G 926 77.53 -1.52 42.75
N PRO G 927 78.04 -0.29 42.65
CA PRO G 927 77.44 0.79 43.45
C PRO G 927 76.12 1.29 42.92
N VAL G 928 75.59 2.33 43.57
CA VAL G 928 74.29 2.91 43.28
C VAL G 928 74.56 4.34 42.82
N ALA G 929 73.62 4.89 42.05
CA ALA G 929 73.73 6.25 41.55
C ALA G 929 73.51 7.27 42.69
N ALA G 930 73.51 8.55 42.33
CA ALA G 930 73.57 9.63 43.30
C ALA G 930 72.53 10.69 42.95
N HIS G 931 72.62 11.84 43.61
CA HIS G 931 71.60 12.88 43.51
C HIS G 931 71.60 13.54 42.13
N GLY G 932 70.40 13.91 41.68
CA GLY G 932 70.21 14.48 40.36
C GLY G 932 68.77 14.79 40.08
N PRO G 933 68.29 14.42 38.89
CA PRO G 933 66.85 14.57 38.59
C PRO G 933 65.96 13.71 39.48
N LYS G 934 66.47 12.57 39.93
CA LYS G 934 65.81 11.70 40.90
C LYS G 934 66.20 12.15 42.31
N ILE G 935 65.91 11.31 43.30
CA ILE G 935 66.41 11.50 44.67
C ILE G 935 67.93 11.52 44.71
N PRO H 1 48.49 -54.59 -46.63
CA PRO H 1 49.59 -54.10 -45.79
C PRO H 1 49.90 -52.57 -45.78
N PRO H 2 49.80 -51.80 -46.89
CA PRO H 2 50.00 -50.35 -46.74
C PRO H 2 48.79 -49.61 -46.19
N GLY H 3 47.59 -50.19 -46.30
CA GLY H 3 46.38 -49.45 -45.93
C GLY H 3 46.28 -49.17 -44.44
N GLY H 4 46.22 -50.22 -43.64
CA GLY H 4 46.22 -50.06 -42.19
C GLY H 4 47.62 -49.91 -41.64
N GLY H 5 48.61 -50.35 -42.41
CA GLY H 5 49.99 -50.22 -41.96
C GLY H 5 50.48 -48.79 -42.00
N GLU H 6 49.96 -47.99 -42.93
CA GLU H 6 50.32 -46.57 -42.95
C GLU H 6 49.44 -45.74 -42.02
N GLN H 7 48.16 -46.09 -41.88
CA GLN H 7 47.26 -45.36 -40.99
C GLN H 7 47.18 -45.97 -39.59
N GLU H 8 48.12 -46.83 -39.22
CA GLU H 8 48.02 -47.48 -37.91
C GLU H 8 48.55 -46.61 -36.75
N PRO H 9 49.75 -46.03 -36.90
CA PRO H 9 50.35 -45.19 -35.85
C PRO H 9 49.86 -43.75 -35.93
N PRO H 10 48.79 -43.49 -36.71
CA PRO H 10 48.22 -42.16 -36.89
C PRO H 10 47.02 -41.88 -35.97
N PRO H 11 45.90 -42.59 -36.19
CA PRO H 11 44.66 -42.45 -35.44
C PRO H 11 44.86 -42.51 -33.92
N PRO H 12 45.51 -43.56 -33.43
CA PRO H 12 45.77 -43.79 -32.00
C PRO H 12 46.23 -42.53 -31.26
N PRO H 13 47.43 -42.03 -31.58
CA PRO H 13 47.99 -40.83 -30.95
C PRO H 13 47.01 -39.67 -30.88
N ALA H 14 45.85 -39.90 -30.27
CA ALA H 14 44.84 -38.85 -30.13
C ALA H 14 44.01 -38.98 -28.84
N PRO H 15 43.53 -40.17 -28.41
CA PRO H 15 42.93 -40.21 -27.06
C PRO H 15 43.96 -40.16 -25.94
N GLN H 16 45.25 -40.41 -26.26
CA GLN H 16 46.32 -40.31 -25.28
C GLN H 16 46.41 -38.92 -24.67
N ASP H 17 46.29 -37.89 -25.51
CA ASP H 17 46.46 -36.52 -25.05
C ASP H 17 45.29 -36.07 -24.18
N VAL H 18 44.08 -36.50 -24.54
CA VAL H 18 42.91 -36.06 -23.79
C VAL H 18 42.73 -36.88 -22.51
N GLU H 19 43.19 -38.13 -22.49
CA GLU H 19 43.06 -38.92 -21.27
C GLU H 19 44.16 -38.59 -20.28
N MET H 20 45.39 -38.39 -20.78
CA MET H 20 46.47 -37.96 -19.89
C MET H 20 46.27 -36.53 -19.42
N LYS H 21 45.83 -35.66 -20.32
CA LYS H 21 45.48 -34.29 -19.93
C LYS H 21 44.29 -34.28 -18.99
N GLU H 22 43.38 -35.25 -19.14
CA GLU H 22 42.22 -35.31 -18.27
C GLU H 22 42.60 -35.78 -16.87
N GLU H 23 43.44 -36.82 -16.78
CA GLU H 23 43.83 -37.32 -15.47
C GLU H 23 44.79 -36.37 -14.76
N ALA H 24 45.57 -35.59 -15.52
CA ALA H 24 46.38 -34.55 -14.90
C ALA H 24 45.51 -33.35 -14.52
N ALA H 25 44.43 -33.13 -15.25
CA ALA H 25 43.59 -31.95 -15.02
C ALA H 25 42.67 -32.15 -13.83
N THR H 26 42.04 -33.32 -13.73
CA THR H 26 41.17 -33.59 -12.59
C THR H 26 41.96 -34.16 -11.43
N GLY H 27 43.07 -34.84 -11.72
CA GLY H 27 43.95 -35.28 -10.64
C GLY H 27 44.67 -34.13 -9.99
N GLY H 28 45.48 -33.40 -10.77
CA GLY H 28 46.13 -32.20 -10.25
C GLY H 28 45.17 -31.09 -9.92
N GLY H 29 44.00 -31.08 -10.56
CA GLY H 29 42.98 -30.12 -10.20
C GLY H 29 42.32 -30.45 -8.87
N SER H 30 42.18 -31.74 -8.56
CA SER H 30 41.54 -32.13 -7.31
C SER H 30 42.51 -32.03 -6.15
N THR H 31 43.70 -32.60 -6.30
CA THR H 31 44.72 -32.50 -5.27
C THR H 31 45.20 -31.07 -5.11
N GLY H 32 45.54 -30.41 -6.23
CA GLY H 32 45.92 -29.01 -6.22
C GLY H 32 44.80 -28.05 -5.86
N GLU H 33 43.54 -28.49 -5.90
CA GLU H 33 42.43 -27.67 -5.45
C GLU H 33 42.23 -27.79 -3.95
N ALA H 34 41.90 -28.99 -3.48
CA ALA H 34 41.55 -29.15 -2.07
C ALA H 34 42.73 -29.54 -1.20
N ASP H 35 43.97 -29.35 -1.66
CA ASP H 35 45.15 -29.87 -0.98
C ASP H 35 45.38 -29.21 0.38
N GLY H 36 45.34 -27.88 0.43
CA GLY H 36 45.57 -27.15 1.66
C GLY H 36 44.43 -27.30 2.63
N LYS H 37 43.22 -26.98 2.17
CA LYS H 37 42.00 -27.15 2.97
C LYS H 37 41.02 -27.98 2.16
N THR H 38 41.07 -29.30 2.36
CA THR H 38 40.07 -30.16 1.77
C THR H 38 38.74 -30.02 2.51
N ALA H 39 38.81 -29.79 3.82
CA ALA H 39 37.61 -29.68 4.64
C ALA H 39 36.83 -28.39 4.41
N ALA H 40 37.50 -27.32 3.99
CA ALA H 40 36.82 -26.06 3.73
C ALA H 40 36.07 -26.14 2.40
N ALA H 41 36.80 -26.40 1.31
CA ALA H 41 36.20 -26.50 0.00
C ALA H 41 35.72 -27.92 -0.26
N ALA H 42 34.41 -28.09 -0.40
CA ALA H 42 33.85 -29.42 -0.55
C ALA H 42 32.92 -29.46 -1.76
N ALA H 43 32.87 -30.63 -2.39
CA ALA H 43 32.01 -31.01 -3.51
C ALA H 43 32.24 -30.18 -4.77
N GLU H 44 33.37 -29.48 -4.89
CA GLU H 44 33.63 -28.73 -6.12
C GLU H 44 33.98 -29.66 -7.27
N HIS H 45 34.58 -30.81 -6.96
CA HIS H 45 34.86 -31.84 -7.95
C HIS H 45 33.80 -32.92 -7.99
N SER H 46 32.67 -32.71 -7.29
CA SER H 46 31.57 -33.66 -7.38
C SER H 46 30.97 -33.67 -8.77
N GLN H 47 30.52 -32.50 -9.24
CA GLN H 47 30.00 -32.38 -10.60
C GLN H 47 31.10 -32.56 -11.64
N ARG H 48 32.35 -32.28 -11.27
CA ARG H 48 33.44 -32.44 -12.21
C ARG H 48 33.71 -33.92 -12.47
N GLU H 49 33.78 -34.72 -11.39
CA GLU H 49 34.07 -36.14 -11.55
C GLU H 49 32.91 -36.88 -12.20
N LEU H 50 31.67 -36.56 -11.80
CA LEU H 50 30.53 -37.24 -12.42
C LEU H 50 30.35 -36.81 -13.87
N ASP H 51 30.65 -35.56 -14.19
CA ASP H 51 30.55 -35.14 -15.58
C ASP H 51 31.67 -35.71 -16.42
N THR H 52 32.83 -36.01 -15.81
CA THR H 52 33.83 -36.77 -16.55
C THR H 52 33.43 -38.22 -16.72
N VAL H 53 32.72 -38.79 -15.74
CA VAL H 53 32.26 -40.17 -15.86
C VAL H 53 31.21 -40.30 -16.94
N THR H 54 30.21 -39.41 -16.93
CA THR H 54 29.22 -39.40 -18.00
C THR H 54 29.82 -38.89 -19.31
N LEU H 55 30.97 -38.21 -19.24
CA LEU H 55 31.69 -37.81 -20.43
C LEU H 55 32.45 -38.99 -21.03
N GLU H 56 32.82 -39.97 -20.19
CA GLU H 56 33.54 -41.14 -20.66
C GLU H 56 32.65 -42.38 -20.72
N ASP H 57 31.35 -42.23 -20.50
CA ASP H 57 30.45 -43.36 -20.67
C ASP H 57 30.23 -43.68 -22.14
N ILE H 58 30.38 -42.68 -23.01
CA ILE H 58 30.21 -42.87 -24.45
C ILE H 58 31.58 -43.00 -25.14
N LYS H 59 32.61 -43.41 -24.41
CA LYS H 59 33.92 -43.68 -25.02
C LYS H 59 33.84 -44.80 -26.05
N GLU H 60 34.34 -44.49 -27.24
CA GLU H 60 34.68 -45.49 -28.25
C GLU H 60 36.14 -45.94 -28.08
N HIS H 61 36.63 -45.95 -26.84
CA HIS H 61 38.03 -46.04 -26.42
C HIS H 61 38.80 -47.20 -27.02
N VAL H 62 38.40 -48.43 -26.73
CA VAL H 62 39.13 -49.61 -27.14
C VAL H 62 38.33 -50.34 -28.23
N LYS H 63 38.84 -50.26 -29.46
CA LYS H 63 38.29 -51.00 -30.58
C LYS H 63 39.37 -51.89 -31.19
N GLN H 64 40.60 -51.36 -31.25
CA GLN H 64 41.74 -52.01 -31.88
C GLN H 64 42.89 -52.16 -30.91
N LEU H 65 42.72 -51.67 -29.67
CA LEU H 65 43.80 -51.53 -28.70
C LEU H 65 44.22 -52.83 -28.04
N GLU H 66 43.66 -53.96 -28.46
CA GLU H 66 44.18 -55.25 -27.99
C GLU H 66 45.51 -55.58 -28.67
N LYS H 67 45.76 -55.00 -29.84
CA LYS H 67 46.97 -55.27 -30.63
C LYS H 67 47.96 -54.13 -30.46
N ALA H 68 48.92 -54.31 -29.55
CA ALA H 68 50.16 -53.52 -29.43
C ALA H 68 49.92 -52.04 -29.08
N VAL H 69 48.79 -51.72 -28.46
CA VAL H 69 48.57 -50.40 -27.89
C VAL H 69 48.54 -50.44 -26.36
N SER H 70 48.74 -51.63 -25.77
CA SER H 70 48.54 -51.88 -24.35
C SER H 70 49.65 -51.34 -23.44
N GLY H 71 50.47 -50.39 -23.90
CA GLY H 71 51.42 -49.74 -23.01
C GLY H 71 50.80 -48.85 -21.97
N LYS H 72 49.56 -48.40 -22.19
CA LYS H 72 48.85 -47.55 -21.24
C LYS H 72 48.40 -48.32 -20.01
N GLU H 73 48.36 -49.65 -20.09
CA GLU H 73 47.86 -50.43 -18.96
C GLU H 73 48.89 -50.62 -17.85
N PRO H 74 50.16 -50.98 -18.10
CA PRO H 74 51.10 -51.05 -16.95
C PRO H 74 51.52 -49.69 -16.43
N ARG H 75 51.45 -48.64 -17.25
CA ARG H 75 51.74 -47.32 -16.72
C ARG H 75 50.55 -46.84 -15.88
N PHE H 76 50.83 -45.90 -14.99
CA PHE H 76 49.86 -45.45 -14.00
C PHE H 76 50.28 -44.07 -13.51
N VAL H 77 49.75 -43.69 -12.35
CA VAL H 77 49.92 -42.38 -11.71
C VAL H 77 51.38 -41.98 -11.53
N LEU H 78 52.11 -42.74 -10.71
CA LEU H 78 53.55 -42.55 -10.42
C LEU H 78 53.92 -41.12 -9.99
N ARG H 79 53.05 -40.47 -9.22
CA ARG H 79 53.31 -39.08 -8.82
C ARG H 79 53.89 -39.02 -7.41
N ALA H 80 55.15 -38.56 -7.31
CA ALA H 80 55.81 -38.13 -6.06
C ALA H 80 56.00 -39.27 -5.06
N LEU H 81 56.38 -40.43 -5.58
CA LEU H 81 56.46 -41.65 -4.79
C LEU H 81 57.74 -41.69 -3.96
N ARG H 82 57.74 -42.63 -2.99
CA ARG H 82 58.91 -43.17 -2.29
C ARG H 82 59.53 -42.21 -1.28
N MET H 83 59.11 -40.94 -1.31
CA MET H 83 59.59 -39.92 -0.38
C MET H 83 58.68 -38.71 -0.51
N LEU H 84 58.15 -38.25 0.63
CA LEU H 84 57.22 -37.11 0.58
C LEU H 84 57.94 -35.78 0.34
N PRO H 85 59.09 -35.46 0.95
CA PRO H 85 59.86 -34.32 0.45
C PRO H 85 60.74 -34.72 -0.72
N SER H 86 61.39 -33.71 -1.32
CA SER H 86 62.39 -33.83 -2.39
C SER H 86 61.81 -34.57 -3.61
N THR H 87 60.78 -33.95 -4.17
CA THR H 87 60.11 -34.50 -5.35
C THR H 87 60.51 -33.81 -6.65
N SER H 88 61.61 -33.04 -6.65
CA SER H 88 62.05 -32.35 -7.87
C SER H 88 62.60 -33.34 -8.89
N ARG H 89 63.39 -34.31 -8.43
CA ARG H 89 63.87 -35.36 -9.31
C ARG H 89 62.73 -36.24 -9.80
N ARG H 90 61.64 -36.32 -9.03
CA ARG H 90 60.43 -36.97 -9.50
C ARG H 90 59.69 -36.12 -10.52
N LEU H 91 59.78 -34.80 -10.40
CA LEU H 91 59.30 -33.92 -11.46
C LEU H 91 60.09 -34.12 -12.74
N ASN H 92 61.37 -34.49 -12.63
CA ASN H 92 62.10 -34.96 -13.79
C ASN H 92 61.59 -36.31 -14.27
N HIS H 93 61.31 -37.21 -13.31
CA HIS H 93 60.88 -38.57 -13.63
C HIS H 93 59.56 -38.61 -14.39
N TYR H 94 58.69 -37.62 -14.15
CA TYR H 94 57.39 -37.54 -14.83
C TYR H 94 57.56 -37.42 -16.33
N VAL H 95 58.57 -36.68 -16.77
CA VAL H 95 58.88 -36.59 -18.18
C VAL H 95 59.69 -37.82 -18.61
N LEU H 96 60.48 -38.36 -17.68
CA LEU H 96 61.37 -39.48 -18.02
C LEU H 96 60.60 -40.75 -18.42
N TYR H 97 59.70 -41.23 -17.54
CA TYR H 97 59.03 -42.51 -17.85
C TYR H 97 58.06 -42.37 -19.02
N LYS H 98 57.48 -41.19 -19.21
CA LYS H 98 56.69 -40.95 -20.41
C LYS H 98 57.56 -40.88 -21.66
N ALA H 99 58.83 -40.51 -21.51
CA ALA H 99 59.73 -40.43 -22.65
C ALA H 99 60.41 -41.74 -22.98
N VAL H 100 60.45 -42.70 -22.03
CA VAL H 100 61.10 -43.99 -22.29
C VAL H 100 60.29 -44.79 -23.31
N GLN H 101 58.96 -44.76 -23.20
CA GLN H 101 58.09 -45.45 -24.15
C GLN H 101 58.01 -44.74 -25.50
N GLY H 102 58.58 -43.54 -25.64
CA GLY H 102 58.56 -42.78 -26.85
C GLY H 102 59.84 -42.75 -27.66
N PHE H 103 60.85 -43.56 -27.30
CA PHE H 103 62.07 -43.62 -28.12
C PHE H 103 61.88 -44.56 -29.31
N PHE H 104 61.73 -45.86 -29.05
CA PHE H 104 61.49 -46.84 -30.12
C PHE H 104 60.14 -47.52 -29.96
N THR H 105 59.94 -48.29 -28.89
CA THR H 105 58.78 -49.16 -28.69
C THR H 105 58.66 -49.46 -27.20
N SER H 106 57.83 -50.46 -26.89
CA SER H 106 57.69 -50.96 -25.53
C SER H 106 57.24 -52.41 -25.57
N ASN H 107 57.76 -53.21 -24.65
CA ASN H 107 57.24 -54.55 -24.43
C ASN H 107 55.91 -54.44 -23.71
N ASN H 108 54.84 -54.86 -24.37
CA ASN H 108 53.49 -54.62 -23.87
C ASN H 108 52.66 -55.91 -23.93
N ALA H 109 51.64 -55.95 -23.08
CA ALA H 109 50.68 -57.06 -23.01
C ALA H 109 49.44 -56.55 -22.29
N THR H 110 48.40 -57.38 -22.30
CA THR H 110 47.09 -56.95 -21.80
C THR H 110 46.75 -57.62 -20.47
N ARG H 111 46.71 -58.95 -20.42
CA ARG H 111 46.08 -59.69 -19.34
C ARG H 111 47.08 -60.22 -18.31
N ASP H 112 48.35 -59.86 -18.42
CA ASP H 112 49.36 -60.43 -17.53
C ASP H 112 49.43 -59.66 -16.21
N PHE H 113 49.63 -58.34 -16.27
CA PHE H 113 49.86 -57.52 -15.10
C PHE H 113 48.53 -56.92 -14.66
N LEU H 114 47.79 -57.67 -13.85
CA LEU H 114 46.57 -57.18 -13.22
C LEU H 114 46.69 -57.31 -11.72
N LEU H 115 47.17 -58.47 -11.27
CA LEU H 115 47.15 -58.81 -9.85
C LEU H 115 48.15 -58.02 -9.00
N PRO H 116 49.41 -57.72 -9.44
CA PRO H 116 50.22 -56.81 -8.62
C PRO H 116 49.93 -55.34 -8.85
N PHE H 117 48.66 -54.93 -8.82
CA PHE H 117 48.33 -53.52 -8.73
C PHE H 117 48.47 -52.97 -7.32
N LEU H 118 48.79 -53.82 -6.36
CA LEU H 118 48.88 -53.42 -4.97
C LEU H 118 50.31 -53.16 -4.53
N GLU H 119 51.26 -53.10 -5.46
CA GLU H 119 52.66 -52.87 -5.13
C GLU H 119 52.86 -51.51 -4.47
N GLU H 120 52.38 -50.44 -5.13
CA GLU H 120 52.43 -49.13 -4.48
C GLU H 120 51.43 -48.98 -3.33
N PRO H 121 50.17 -49.45 -3.40
CA PRO H 121 49.31 -49.37 -2.20
C PRO H 121 49.77 -50.14 -0.96
N MET H 122 50.80 -50.99 -1.06
CA MET H 122 51.39 -51.54 0.17
C MET H 122 52.21 -50.50 0.92
N ASP H 123 53.08 -49.77 0.23
CA ASP H 123 53.99 -48.84 0.90
C ASP H 123 53.47 -47.41 0.80
N THR H 124 53.36 -46.86 -0.41
CA THR H 124 52.92 -45.49 -0.64
C THR H 124 52.11 -45.48 -1.92
N GLU H 125 50.84 -45.09 -1.85
CA GLU H 125 50.05 -44.91 -3.06
C GLU H 125 50.61 -43.76 -3.89
N ALA H 126 50.60 -42.55 -3.35
CA ALA H 126 51.26 -41.45 -4.03
C ALA H 126 52.36 -40.81 -3.18
N ASP H 127 52.03 -40.42 -1.96
CA ASP H 127 52.84 -39.46 -1.23
C ASP H 127 53.06 -39.79 0.25
N LEU H 128 52.37 -40.82 0.77
CA LEU H 128 52.27 -41.24 2.17
C LEU H 128 51.45 -40.26 3.02
N GLN H 129 51.01 -39.13 2.46
CA GLN H 129 50.26 -38.13 3.21
C GLN H 129 48.80 -38.06 2.76
N PHE H 130 48.56 -37.88 1.47
CA PHE H 130 47.20 -37.82 0.94
C PHE H 130 46.72 -39.17 0.40
N ARG H 131 47.20 -40.27 0.98
CA ARG H 131 46.85 -41.67 0.70
C ARG H 131 45.37 -41.98 0.46
N PRO H 132 44.38 -41.44 1.21
CA PRO H 132 42.98 -41.74 0.82
C PRO H 132 42.57 -41.16 -0.53
N ARG H 133 42.70 -39.84 -0.69
CA ARG H 133 42.23 -39.17 -1.90
C ARG H 133 43.07 -39.54 -3.11
N THR H 134 44.37 -39.78 -2.91
CA THR H 134 45.21 -40.23 -4.00
C THR H 134 45.05 -41.72 -4.25
N GLY H 135 44.64 -42.47 -3.22
CA GLY H 135 44.40 -43.89 -3.42
C GLY H 135 43.15 -44.15 -4.23
N LYS H 136 42.05 -43.46 -3.90
CA LYS H 136 40.84 -43.61 -4.69
C LYS H 136 40.94 -42.88 -6.01
N ALA H 137 41.61 -41.72 -6.02
CA ALA H 137 41.83 -40.98 -7.25
C ALA H 137 42.80 -41.68 -8.18
N ALA H 138 43.60 -42.60 -7.66
CA ALA H 138 44.48 -43.42 -8.47
C ALA H 138 43.73 -44.67 -8.96
N SER H 139 43.21 -45.45 -8.02
CA SER H 139 42.68 -46.78 -8.36
C SER H 139 41.33 -46.68 -9.03
N THR H 140 40.39 -45.95 -8.43
CA THR H 140 38.99 -46.00 -8.86
C THR H 140 38.68 -45.55 -10.29
N PRO H 141 39.41 -44.62 -10.94
CA PRO H 141 39.10 -44.41 -12.36
C PRO H 141 39.55 -45.54 -13.27
N LEU H 142 40.71 -46.13 -13.00
CA LEU H 142 41.27 -47.10 -13.94
C LEU H 142 40.65 -48.48 -13.83
N LEU H 143 39.84 -48.73 -12.80
CA LEU H 143 39.25 -50.06 -12.67
C LEU H 143 38.10 -50.31 -13.65
N PRO H 144 37.21 -49.35 -13.97
CA PRO H 144 36.31 -49.61 -15.12
C PRO H 144 36.99 -49.64 -16.48
N GLU H 145 38.24 -49.16 -16.61
CA GLU H 145 38.91 -49.27 -17.90
C GLU H 145 39.34 -50.70 -18.18
N VAL H 146 40.12 -51.30 -17.28
CA VAL H 146 40.56 -52.68 -17.49
C VAL H 146 39.41 -53.64 -17.27
N GLU H 147 38.49 -53.31 -16.37
CA GLU H 147 37.33 -54.16 -16.14
C GLU H 147 36.15 -53.79 -17.02
N ALA H 148 36.37 -52.91 -18.00
CA ALA H 148 35.47 -52.85 -19.14
C ALA H 148 35.63 -54.11 -19.97
N TYR H 149 34.67 -54.35 -20.86
CA TYR H 149 34.42 -55.65 -21.49
C TYR H 149 34.33 -56.73 -20.41
N LEU H 150 33.24 -56.60 -19.64
CA LEU H 150 32.92 -57.49 -18.54
C LEU H 150 32.88 -58.95 -18.95
N GLN H 151 32.46 -59.23 -20.19
CA GLN H 151 32.42 -60.59 -20.71
C GLN H 151 33.84 -61.08 -21.01
N LEU H 152 33.92 -62.34 -21.45
CA LEU H 152 35.16 -63.05 -21.83
C LEU H 152 36.14 -63.13 -20.66
N LEU H 153 35.66 -63.79 -19.59
CA LEU H 153 36.42 -64.15 -18.37
C LEU H 153 37.11 -62.96 -17.68
N VAL H 154 36.53 -61.76 -17.85
CA VAL H 154 36.93 -60.59 -17.08
C VAL H 154 36.06 -60.44 -15.83
N VAL H 155 35.01 -61.28 -15.71
CA VAL H 155 34.22 -61.39 -14.49
C VAL H 155 35.08 -61.85 -13.31
N ILE H 156 35.96 -62.81 -13.56
CA ILE H 156 36.91 -63.24 -12.53
C ILE H 156 37.91 -62.14 -12.25
N PHE H 157 38.37 -61.45 -13.31
CA PHE H 157 39.20 -60.27 -13.16
C PHE H 157 38.44 -59.17 -12.41
N MET H 158 37.12 -59.10 -12.61
CA MET H 158 36.33 -58.18 -11.82
C MET H 158 36.30 -58.58 -10.36
N MET H 159 36.28 -59.88 -10.07
CA MET H 159 36.34 -60.33 -8.67
C MET H 159 37.67 -59.98 -8.03
N ASN H 160 38.76 -60.09 -8.81
CA ASN H 160 40.07 -59.58 -8.35
C ASN H 160 40.01 -58.09 -8.08
N SER H 161 39.34 -57.33 -8.95
CA SER H 161 39.24 -55.90 -8.75
C SER H 161 38.35 -55.57 -7.55
N LYS H 162 37.31 -56.37 -7.33
CA LYS H 162 36.47 -56.27 -6.13
C LYS H 162 37.33 -56.38 -4.88
N ARG H 163 37.99 -57.52 -4.71
CA ARG H 163 38.76 -57.77 -3.50
C ARG H 163 39.94 -56.82 -3.35
N TYR H 164 40.41 -56.23 -4.45
CA TYR H 164 41.42 -55.17 -4.31
C TYR H 164 40.79 -53.88 -3.81
N LYS H 165 39.60 -53.55 -4.32
CA LYS H 165 38.85 -52.36 -3.86
C LYS H 165 38.51 -52.44 -2.39
N GLU H 166 37.90 -53.55 -1.95
CA GLU H 166 37.62 -53.72 -0.53
C GLU H 166 38.91 -53.78 0.27
N ALA H 167 39.90 -54.51 -0.25
CA ALA H 167 41.14 -54.79 0.47
C ALA H 167 41.93 -53.53 0.77
N GLN H 168 41.86 -52.52 -0.11
CA GLN H 168 42.57 -51.30 0.24
C GLN H 168 41.65 -50.27 0.90
N LYS H 169 40.39 -50.15 0.48
CA LYS H 169 39.59 -49.10 1.11
C LYS H 169 38.30 -49.59 1.74
N ILE H 170 37.56 -50.49 1.10
CA ILE H 170 36.16 -50.65 1.46
C ILE H 170 35.84 -52.06 1.95
N SER H 171 36.77 -52.53 2.76
CA SER H 171 36.59 -53.72 3.57
C SER H 171 35.98 -53.16 4.90
N ASP H 172 36.39 -51.93 5.27
CA ASP H 172 35.94 -51.16 6.42
C ASP H 172 36.30 -49.70 6.10
N ASP H 173 37.56 -49.54 5.70
CA ASP H 173 38.23 -48.32 5.26
C ASP H 173 39.66 -48.36 5.80
N LEU H 174 40.51 -47.37 5.48
CA LEU H 174 41.79 -47.30 6.17
C LEU H 174 41.68 -46.48 7.44
N MET H 175 40.93 -45.37 7.39
CA MET H 175 40.38 -44.75 8.58
C MET H 175 38.86 -44.74 8.39
N GLN H 176 38.26 -45.60 9.22
CA GLN H 176 36.84 -45.90 9.25
C GLN H 176 36.00 -45.01 8.37
N LYS H 177 35.80 -43.81 8.86
CA LYS H 177 35.00 -42.81 8.20
C LYS H 177 35.77 -41.52 7.96
N ILE H 178 36.39 -41.36 6.77
CA ILE H 178 37.37 -40.32 6.40
C ILE H 178 36.94 -38.92 6.85
N SER H 179 35.64 -38.64 6.72
CA SER H 179 34.93 -37.43 7.14
C SER H 179 35.42 -36.20 6.41
N THR H 180 35.70 -36.34 5.11
CA THR H 180 36.15 -35.23 4.28
C THR H 180 35.47 -35.35 2.91
N GLN H 181 36.02 -34.60 1.95
CA GLN H 181 35.45 -34.52 0.61
C GLN H 181 35.59 -35.84 -0.14
N ASN H 182 36.59 -36.64 0.24
CA ASN H 182 36.73 -37.98 -0.36
C ASN H 182 35.97 -39.05 0.40
N ARG H 183 35.51 -38.75 1.61
CA ARG H 183 34.49 -39.56 2.26
C ARG H 183 33.20 -39.36 1.47
N ARG H 184 32.85 -38.09 1.28
CA ARG H 184 31.65 -37.73 0.52
C ARG H 184 31.76 -38.15 -0.94
N ALA H 185 32.97 -38.25 -1.47
CA ALA H 185 33.17 -38.85 -2.77
C ALA H 185 33.01 -40.35 -2.69
N LEU H 186 33.66 -40.99 -1.70
CA LEU H 186 33.71 -42.43 -1.51
C LEU H 186 32.34 -43.06 -1.31
N ASP H 187 31.35 -42.27 -0.87
CA ASP H 187 29.96 -42.73 -0.82
C ASP H 187 29.48 -43.16 -2.20
N LEU H 188 29.46 -42.23 -3.15
CA LEU H 188 28.98 -42.53 -4.49
C LEU H 188 30.03 -43.24 -5.33
N VAL H 189 31.30 -43.17 -4.94
CA VAL H 189 32.35 -43.91 -5.62
C VAL H 189 32.23 -45.40 -5.30
N ALA H 190 32.12 -45.74 -4.01
CA ALA H 190 31.89 -47.13 -3.60
C ALA H 190 30.54 -47.62 -4.10
N ALA H 191 29.54 -46.74 -4.10
CA ALA H 191 28.25 -47.06 -4.73
C ALA H 191 28.43 -47.42 -6.19
N LYS H 192 29.12 -46.56 -6.94
CA LYS H 192 29.35 -46.75 -8.38
C LYS H 192 30.12 -48.03 -8.66
N CYS H 193 31.08 -48.36 -7.79
CA CYS H 193 31.71 -49.67 -7.79
C CYS H 193 30.67 -50.79 -7.70
N TYR H 194 29.75 -50.65 -6.74
CA TYR H 194 28.81 -51.74 -6.50
C TYR H 194 27.77 -51.84 -7.62
N TYR H 195 27.46 -50.72 -8.26
CA TYR H 195 26.65 -50.77 -9.48
C TYR H 195 27.43 -51.40 -10.62
N TYR H 196 28.74 -51.19 -10.65
CA TYR H 196 29.52 -51.61 -11.81
C TYR H 196 29.70 -53.11 -11.83
N HIS H 197 30.08 -53.70 -10.69
CA HIS H 197 30.06 -55.15 -10.65
C HIS H 197 28.76 -55.70 -10.11
N ALA H 198 27.70 -54.89 -10.05
CA ALA H 198 26.37 -55.45 -9.87
C ALA H 198 25.93 -56.23 -11.09
N ARG H 199 26.45 -55.90 -12.28
CA ARG H 199 26.22 -56.74 -13.45
C ARG H 199 26.92 -58.08 -13.31
N VAL H 200 28.12 -58.08 -12.73
CA VAL H 200 28.79 -59.33 -12.37
C VAL H 200 27.97 -60.10 -11.35
N TYR H 201 27.37 -59.37 -10.40
CA TYR H 201 26.54 -59.97 -9.35
C TYR H 201 25.32 -60.66 -9.94
N GLU H 202 24.41 -59.88 -10.55
CA GLU H 202 23.21 -60.46 -11.16
C GLU H 202 23.51 -61.31 -12.39
N PHE H 203 24.75 -61.28 -12.89
CA PHE H 203 25.11 -62.08 -14.05
C PHE H 203 25.03 -63.57 -13.74
N LEU H 204 25.51 -63.98 -12.57
CA LEU H 204 25.42 -65.38 -12.18
C LEU H 204 24.85 -65.53 -10.77
N ASP H 205 25.26 -64.67 -9.84
CA ASP H 205 24.81 -64.70 -8.45
C ASP H 205 23.53 -63.88 -8.29
N LYS H 206 23.21 -63.57 -7.04
CA LYS H 206 22.07 -62.74 -6.66
C LYS H 206 22.38 -62.10 -5.31
N LEU H 207 21.34 -61.60 -4.64
CA LEU H 207 21.47 -60.95 -3.35
C LEU H 207 21.99 -61.92 -2.28
N ASP H 208 23.24 -61.76 -1.85
CA ASP H 208 23.73 -62.67 -0.82
C ASP H 208 25.13 -62.39 -0.31
N VAL H 209 25.55 -61.13 -0.32
CA VAL H 209 26.89 -60.79 0.17
C VAL H 209 27.11 -59.33 0.54
N VAL H 210 27.68 -58.60 -0.40
CA VAL H 210 28.05 -57.20 -0.24
C VAL H 210 26.81 -56.35 -0.11
N ARG H 211 25.73 -56.81 -0.72
CA ARG H 211 24.42 -56.21 -0.54
C ARG H 211 23.91 -56.38 0.88
N SER H 212 24.16 -57.55 1.49
CA SER H 212 23.78 -57.74 2.88
C SER H 212 24.68 -56.96 3.83
N PHE H 213 25.95 -56.77 3.46
CA PHE H 213 26.81 -55.89 4.23
C PHE H 213 26.46 -54.43 4.05
N LEU H 214 25.83 -54.09 2.94
CA LEU H 214 25.62 -52.69 2.58
C LEU H 214 24.57 -52.03 3.45
N HIS H 215 23.81 -52.82 4.21
CA HIS H 215 23.01 -52.24 5.28
C HIS H 215 23.89 -51.79 6.44
N ALA H 216 24.93 -52.57 6.76
CA ALA H 216 25.83 -52.18 7.83
C ALA H 216 26.71 -51.01 7.41
N ARG H 217 27.20 -51.03 6.17
CA ARG H 217 27.90 -49.86 5.66
C ARG H 217 26.92 -48.72 5.41
N LEU H 218 25.64 -49.04 5.25
CA LEU H 218 24.62 -48.01 5.06
C LEU H 218 24.35 -47.28 6.36
N ARG H 219 24.55 -47.95 7.49
CA ARG H 219 24.37 -47.31 8.78
C ARG H 219 25.68 -47.03 9.50
N THR H 220 26.82 -47.24 8.86
CA THR H 220 28.08 -46.99 9.54
C THR H 220 28.48 -45.53 9.43
N ALA H 221 27.75 -44.81 8.58
CA ALA H 221 27.97 -43.38 8.37
C ALA H 221 27.66 -42.56 9.61
N THR H 222 27.01 -43.20 10.59
CA THR H 222 26.64 -42.58 11.86
C THR H 222 25.26 -41.92 11.94
N LEU H 223 24.65 -41.67 10.78
CA LEU H 223 23.35 -41.05 10.72
C LEU H 223 23.46 -39.53 10.53
N ARG H 224 24.54 -38.94 11.03
CA ARG H 224 24.73 -37.50 10.89
C ARG H 224 24.94 -37.07 9.44
N HIS H 225 24.79 -37.97 8.48
CA HIS H 225 24.93 -37.65 7.07
C HIS H 225 23.81 -36.77 6.54
N ASP H 226 24.13 -36.07 5.45
CA ASP H 226 23.16 -35.54 4.49
C ASP H 226 22.52 -36.67 3.67
N ALA H 227 23.16 -37.84 3.65
CA ALA H 227 22.63 -39.12 3.18
C ALA H 227 22.36 -39.14 1.69
N ASP H 228 23.11 -38.34 0.92
CA ASP H 228 23.06 -38.43 -0.53
C ASP H 228 23.62 -39.76 -1.00
N GLY H 229 24.87 -40.04 -0.62
CA GLY H 229 25.47 -41.32 -0.97
C GLY H 229 24.80 -42.49 -0.28
N GLN H 230 24.25 -42.25 0.91
CA GLN H 230 23.44 -43.25 1.60
C GLN H 230 22.18 -43.57 0.80
N ALA H 231 21.62 -42.56 0.13
CA ALA H 231 20.47 -42.81 -0.72
C ALA H 231 20.86 -43.55 -1.99
N THR H 232 22.04 -43.24 -2.53
CA THR H 232 22.52 -43.97 -3.71
C THR H 232 22.78 -45.43 -3.37
N LEU H 233 23.29 -45.70 -2.18
CA LEU H 233 23.40 -47.07 -1.72
C LEU H 233 22.03 -47.69 -1.46
N LEU H 234 21.03 -46.87 -1.14
CA LEU H 234 19.66 -47.38 -1.04
C LEU H 234 19.09 -47.74 -2.40
N ASN H 235 19.53 -47.07 -3.47
CA ASN H 235 18.96 -47.29 -4.78
C ASN H 235 19.33 -48.67 -5.34
N LEU H 236 20.55 -49.13 -5.08
CA LEU H 236 20.92 -50.47 -5.52
C LEU H 236 20.15 -51.52 -4.71
N LEU H 237 19.85 -51.20 -3.46
CA LEU H 237 19.04 -52.08 -2.64
C LEU H 237 17.62 -52.18 -3.19
N LEU H 238 17.06 -51.05 -3.61
CA LEU H 238 15.68 -51.08 -4.08
C LEU H 238 15.58 -51.69 -5.48
N ARG H 239 16.60 -51.47 -6.31
CA ARG H 239 16.64 -52.12 -7.62
C ARG H 239 16.88 -53.62 -7.47
N ASN H 240 17.66 -54.00 -6.47
CA ASN H 240 17.75 -55.39 -6.05
C ASN H 240 16.42 -55.90 -5.54
N TYR H 241 15.59 -55.04 -5.00
CA TYR H 241 14.28 -55.45 -4.51
C TYR H 241 13.23 -55.38 -5.60
N LEU H 242 13.60 -54.92 -6.80
CA LEU H 242 12.61 -54.78 -7.87
C LEU H 242 12.26 -56.13 -8.46
N HIS H 243 13.26 -56.94 -8.83
CA HIS H 243 13.00 -58.15 -9.59
C HIS H 243 12.26 -59.19 -8.75
N TYR H 244 12.65 -59.36 -7.49
CA TYR H 244 11.93 -60.22 -6.56
C TYR H 244 12.24 -59.82 -5.13
N SER H 245 11.38 -58.99 -4.53
CA SER H 245 11.27 -59.06 -3.08
C SER H 245 9.85 -59.34 -2.62
N LEU H 246 8.94 -58.43 -2.99
CA LEU H 246 7.48 -58.49 -2.84
C LEU H 246 7.01 -58.37 -1.39
N TYR H 247 7.91 -58.42 -0.40
CA TYR H 247 7.55 -58.23 1.00
C TYR H 247 7.58 -56.74 1.30
N ASP H 248 6.64 -56.29 2.12
CA ASP H 248 6.48 -54.86 2.33
C ASP H 248 6.63 -54.44 3.79
N GLN H 249 6.96 -55.36 4.68
CA GLN H 249 7.10 -54.99 6.08
C GLN H 249 8.49 -54.43 6.40
N ALA H 250 9.39 -54.32 5.43
CA ALA H 250 10.64 -53.61 5.68
C ALA H 250 10.85 -52.41 4.76
N GLU H 251 10.98 -52.65 3.47
CA GLU H 251 11.43 -51.57 2.59
C GLU H 251 10.28 -50.60 2.34
N LYS H 252 9.09 -51.14 2.12
CA LYS H 252 7.91 -50.32 1.96
C LYS H 252 7.51 -49.76 3.31
N LEU H 253 7.64 -48.44 3.44
CA LEU H 253 7.24 -47.62 4.59
C LEU H 253 8.14 -47.80 5.80
N VAL H 254 8.94 -48.86 5.80
CA VAL H 254 9.86 -49.14 6.89
C VAL H 254 11.19 -48.52 6.52
N SER H 255 11.62 -48.79 5.30
CA SER H 255 12.84 -48.18 4.79
C SER H 255 12.59 -46.68 4.77
N LYS H 256 11.33 -46.29 4.55
CA LYS H 256 10.92 -44.90 4.54
C LYS H 256 11.28 -44.27 5.88
N SER H 257 12.33 -43.45 5.85
CA SER H 257 12.84 -42.78 7.04
C SER H 257 12.67 -41.30 6.78
N VAL H 258 13.50 -40.49 7.44
CA VAL H 258 13.54 -39.03 7.50
C VAL H 258 13.25 -38.32 6.17
N PHE H 259 13.55 -38.99 5.03
CA PHE H 259 13.59 -38.51 3.65
C PHE H 259 14.63 -37.40 3.54
N PRO H 260 15.93 -37.73 3.59
CA PRO H 260 16.97 -36.69 3.64
C PRO H 260 17.07 -35.83 2.38
N GLU H 261 17.96 -34.85 2.42
CA GLU H 261 18.22 -33.99 1.27
C GLU H 261 18.98 -34.81 0.26
N GLN H 262 18.23 -35.42 -0.66
CA GLN H 262 18.72 -36.45 -1.58
C GLN H 262 18.58 -35.90 -2.98
N ALA H 263 19.57 -35.16 -3.46
CA ALA H 263 19.24 -34.47 -4.69
C ALA H 263 19.92 -34.98 -5.94
N ASN H 264 21.23 -34.75 -6.09
CA ASN H 264 22.10 -35.20 -7.19
C ASN H 264 21.68 -34.70 -8.58
N ASN H 265 20.51 -34.06 -8.70
CA ASN H 265 19.78 -33.75 -9.93
C ASN H 265 19.55 -34.95 -10.85
N ASN H 266 19.69 -36.18 -10.33
CA ASN H 266 19.36 -37.41 -11.02
C ASN H 266 18.55 -38.29 -10.08
N GLU H 267 18.95 -38.27 -8.81
CA GLU H 267 18.49 -39.30 -7.88
C GLU H 267 17.05 -39.08 -7.45
N TRP H 268 16.54 -37.84 -7.54
CA TRP H 268 15.10 -37.64 -7.42
C TRP H 268 14.35 -38.42 -8.50
N ALA H 269 14.84 -38.32 -9.74
CA ALA H 269 14.18 -38.97 -10.86
C ALA H 269 14.26 -40.49 -10.76
N ARG H 270 15.47 -41.03 -10.61
CA ARG H 270 15.57 -42.49 -10.69
C ARG H 270 15.18 -43.16 -9.38
N TYR H 271 15.49 -42.54 -8.24
CA TYR H 271 14.94 -42.96 -6.95
C TYR H 271 13.42 -42.92 -6.97
N LEU H 272 12.85 -41.91 -7.60
CA LEU H 272 11.40 -41.76 -7.58
C LEU H 272 10.75 -42.74 -8.55
N TYR H 273 11.41 -43.05 -9.67
CA TYR H 273 10.91 -44.12 -10.53
C TYR H 273 10.98 -45.46 -9.83
N TYR H 274 12.01 -45.67 -9.01
CA TYR H 274 12.14 -46.96 -8.35
C TYR H 274 11.03 -47.16 -7.32
N THR H 275 10.81 -46.14 -6.47
CA THR H 275 9.72 -46.24 -5.52
C THR H 275 8.35 -46.13 -6.19
N GLY H 276 8.28 -45.57 -7.40
CA GLY H 276 7.01 -45.57 -8.11
C GLY H 276 6.74 -46.89 -8.82
N ARG H 277 7.81 -47.59 -9.20
CA ARG H 277 7.70 -48.92 -9.77
C ARG H 277 7.20 -49.89 -8.73
N ILE H 278 7.73 -49.79 -7.50
CA ILE H 278 7.26 -50.71 -6.47
C ILE H 278 5.92 -50.23 -5.90
N LYS H 279 5.69 -48.92 -5.88
CA LYS H 279 4.37 -48.40 -5.55
C LYS H 279 3.39 -48.42 -6.72
N ALA H 280 3.75 -49.06 -7.82
CA ALA H 280 2.87 -49.20 -8.97
C ALA H 280 2.12 -50.52 -8.98
N ILE H 281 2.41 -51.41 -8.03
CA ILE H 281 1.78 -52.72 -8.03
C ILE H 281 0.48 -52.72 -7.24
N GLN H 282 0.28 -51.74 -6.35
CA GLN H 282 -1.00 -51.56 -5.68
C GLN H 282 -1.91 -50.60 -6.43
N LEU H 283 -1.49 -50.19 -7.64
CA LEU H 283 -2.28 -49.39 -8.58
C LEU H 283 -2.63 -48.02 -7.99
N GLU H 284 -1.58 -47.26 -7.67
CA GLU H 284 -1.77 -45.93 -7.13
C GLU H 284 -2.20 -44.97 -8.23
N TYR H 285 -3.34 -44.34 -8.02
CA TYR H 285 -3.98 -43.55 -9.06
C TYR H 285 -3.71 -42.06 -8.88
N SER H 286 -3.65 -41.60 -7.62
CA SER H 286 -3.44 -40.18 -7.37
C SER H 286 -1.96 -39.83 -7.33
N GLU H 287 -1.19 -40.54 -6.50
CA GLU H 287 0.15 -40.10 -6.15
C GLU H 287 1.15 -40.43 -7.25
N ALA H 288 1.25 -41.72 -7.61
CA ALA H 288 2.28 -42.17 -8.55
C ALA H 288 2.05 -41.65 -9.96
N ARG H 289 0.80 -41.29 -10.27
CA ARG H 289 0.47 -40.60 -11.52
C ARG H 289 1.25 -39.30 -11.65
N ARG H 290 1.02 -38.37 -10.72
CA ARG H 290 1.62 -37.04 -10.82
C ARG H 290 3.12 -37.08 -10.52
N THR H 291 3.55 -37.84 -9.52
CA THR H 291 4.96 -37.75 -9.16
C THR H 291 5.80 -38.64 -10.07
N MET H 292 5.21 -39.69 -10.63
CA MET H 292 5.97 -40.49 -11.56
C MET H 292 6.03 -39.83 -12.93
N THR H 293 4.98 -39.07 -13.28
CA THR H 293 5.06 -38.19 -14.44
C THR H 293 6.08 -37.07 -14.20
N ASN H 294 6.21 -36.62 -12.95
CA ASN H 294 7.23 -35.65 -12.58
C ASN H 294 8.62 -36.23 -12.78
N ALA H 295 8.84 -37.46 -12.30
CA ALA H 295 10.12 -38.15 -12.46
C ALA H 295 10.42 -38.46 -13.92
N LEU H 296 9.40 -38.67 -14.74
CA LEU H 296 9.59 -38.61 -16.19
C LEU H 296 10.14 -37.26 -16.61
N ARG H 297 9.57 -36.18 -16.08
CA ARG H 297 10.01 -34.86 -16.52
C ARG H 297 11.33 -34.44 -15.91
N LYS H 298 11.90 -35.20 -14.99
CA LYS H 298 13.21 -34.85 -14.45
C LYS H 298 14.29 -35.55 -15.27
N ALA H 299 15.54 -35.34 -14.86
CA ALA H 299 16.74 -35.62 -15.65
C ALA H 299 16.70 -35.15 -17.10
N PRO H 300 16.78 -33.84 -17.36
CA PRO H 300 16.84 -33.36 -18.74
C PRO H 300 18.24 -33.26 -19.30
N GLN H 301 19.27 -33.33 -18.44
CA GLN H 301 20.64 -32.94 -18.73
C GLN H 301 21.27 -33.72 -19.87
N HIS H 302 21.38 -35.03 -19.73
CA HIS H 302 22.12 -35.83 -20.70
C HIS H 302 21.20 -36.31 -21.80
N THR H 303 20.20 -37.12 -21.43
CA THR H 303 19.13 -37.50 -22.34
C THR H 303 17.80 -37.33 -21.62
N ALA H 304 16.79 -36.85 -22.34
CA ALA H 304 15.40 -37.04 -21.97
C ALA H 304 14.79 -38.22 -22.71
N VAL H 305 15.60 -38.99 -23.43
CA VAL H 305 15.08 -39.93 -24.41
C VAL H 305 15.28 -41.37 -23.99
N GLY H 306 16.54 -41.79 -23.78
CA GLY H 306 16.87 -43.20 -23.86
C GLY H 306 16.41 -44.02 -22.67
N PHE H 307 16.29 -43.38 -21.50
CA PHE H 307 15.86 -44.11 -20.32
C PHE H 307 14.41 -43.86 -19.95
N LYS H 308 13.87 -42.68 -20.25
CA LYS H 308 12.54 -42.28 -19.80
C LYS H 308 11.42 -42.95 -20.58
N GLN H 309 11.77 -43.86 -21.49
CA GLN H 309 10.83 -44.81 -22.06
C GLN H 309 10.32 -45.80 -21.03
N THR H 310 11.03 -45.96 -19.92
CA THR H 310 10.65 -46.96 -18.93
C THR H 310 9.67 -46.38 -17.93
N VAL H 311 10.00 -45.22 -17.38
CA VAL H 311 9.04 -44.45 -16.58
C VAL H 311 7.87 -43.98 -17.43
N HIS H 312 8.10 -43.78 -18.73
CA HIS H 312 7.02 -43.40 -19.62
C HIS H 312 6.11 -44.58 -19.90
N LYS H 313 6.70 -45.73 -20.21
CA LYS H 313 5.91 -46.91 -20.54
C LYS H 313 5.12 -47.40 -19.34
N LEU H 314 5.78 -47.53 -18.19
CA LEU H 314 5.10 -47.85 -16.94
C LEU H 314 4.05 -46.82 -16.59
N LEU H 315 4.36 -45.54 -16.88
CA LEU H 315 3.43 -44.45 -16.60
C LEU H 315 2.13 -44.61 -17.37
N ILE H 316 2.21 -44.78 -18.69
CA ILE H 316 0.98 -44.94 -19.47
C ILE H 316 0.30 -46.27 -19.18
N VAL H 317 1.09 -47.29 -18.80
CA VAL H 317 0.54 -48.57 -18.32
C VAL H 317 -0.37 -48.37 -17.12
N VAL H 318 0.02 -47.50 -16.17
CA VAL H 318 -0.89 -47.24 -15.06
C VAL H 318 -1.85 -46.09 -15.33
N GLU H 319 -1.66 -45.33 -16.41
CA GLU H 319 -2.58 -44.25 -16.77
C GLU H 319 -3.83 -44.77 -17.45
N LEU H 320 -3.70 -45.80 -18.28
CA LEU H 320 -4.89 -46.39 -18.89
C LEU H 320 -5.76 -47.17 -17.92
N LEU H 321 -5.32 -47.35 -16.67
CA LEU H 321 -6.20 -47.93 -15.67
C LEU H 321 -7.32 -46.98 -15.30
N LEU H 322 -7.07 -45.67 -15.35
CA LEU H 322 -8.03 -44.70 -14.85
C LEU H 322 -9.07 -44.30 -15.89
N GLY H 323 -9.02 -44.87 -17.09
CA GLY H 323 -9.95 -44.56 -18.14
C GLY H 323 -9.48 -43.48 -19.09
N GLU H 324 -8.62 -42.58 -18.63
CA GLU H 324 -8.13 -41.45 -19.41
C GLU H 324 -6.66 -41.68 -19.70
N ILE H 325 -6.35 -42.03 -20.94
CA ILE H 325 -4.97 -42.40 -21.31
C ILE H 325 -4.39 -41.39 -22.29
N PRO H 326 -3.55 -40.47 -21.82
CA PRO H 326 -2.86 -39.57 -22.75
C PRO H 326 -1.66 -40.25 -23.39
N ASP H 327 -1.59 -40.16 -24.71
CA ASP H 327 -0.54 -40.83 -25.48
C ASP H 327 0.74 -40.01 -25.45
N ARG H 328 1.66 -40.35 -26.33
CA ARG H 328 2.82 -39.50 -26.54
C ARG H 328 2.38 -38.28 -27.34
N LEU H 329 2.32 -37.12 -26.69
CA LEU H 329 1.79 -35.92 -27.31
C LEU H 329 2.85 -34.87 -27.59
N GLN H 330 3.54 -34.41 -26.55
CA GLN H 330 4.39 -33.23 -26.71
C GLN H 330 5.87 -33.55 -26.88
N PHE H 331 6.29 -34.80 -26.74
CA PHE H 331 7.69 -35.16 -26.87
C PHE H 331 7.90 -36.01 -28.11
N ARG H 332 8.80 -35.56 -28.98
CA ARG H 332 9.10 -36.21 -30.24
C ARG H 332 10.51 -36.76 -30.20
N GLN H 333 10.63 -38.07 -30.01
CA GLN H 333 11.88 -38.79 -30.15
C GLN H 333 11.57 -40.20 -30.60
N PRO H 334 12.29 -40.73 -31.59
CA PRO H 334 12.00 -42.06 -32.12
C PRO H 334 12.63 -43.19 -31.31
N SER H 335 12.50 -43.12 -29.99
CA SER H 335 12.88 -44.22 -29.11
C SER H 335 11.65 -44.66 -28.34
N LEU H 336 10.96 -43.66 -27.76
CA LEU H 336 9.66 -43.89 -27.16
C LEU H 336 8.63 -44.26 -28.22
N LYS H 337 8.82 -43.76 -29.45
CA LYS H 337 7.96 -44.11 -30.57
C LYS H 337 8.04 -45.60 -30.86
N ARG H 338 9.26 -46.12 -31.03
CA ARG H 338 9.44 -47.55 -31.22
C ARG H 338 9.10 -48.34 -29.96
N SER H 339 9.18 -47.70 -28.81
CA SER H 339 8.77 -48.36 -27.57
C SER H 339 7.27 -48.63 -27.56
N LEU H 340 6.46 -47.68 -28.04
CA LEU H 340 5.02 -47.84 -28.06
C LEU H 340 4.49 -48.38 -29.39
N MET H 341 5.37 -48.61 -30.38
CA MET H 341 4.98 -49.26 -31.64
C MET H 341 4.27 -50.60 -31.47
N PRO H 342 4.59 -51.46 -30.48
CA PRO H 342 3.64 -52.52 -30.17
C PRO H 342 2.46 -52.04 -29.34
N TYR H 343 2.65 -51.03 -28.50
CA TYR H 343 1.65 -50.71 -27.50
C TYR H 343 0.50 -49.89 -28.07
N PHE H 344 0.64 -49.36 -29.30
CA PHE H 344 -0.29 -48.35 -29.79
C PHE H 344 -1.67 -48.91 -30.08
N LEU H 345 -1.73 -50.10 -30.68
CA LEU H 345 -3.02 -50.69 -31.05
C LEU H 345 -3.83 -51.03 -29.82
N LEU H 346 -3.16 -51.46 -28.75
CA LEU H 346 -3.90 -51.80 -27.55
C LEU H 346 -4.23 -50.57 -26.71
N THR H 347 -3.37 -49.55 -26.72
CA THR H 347 -3.67 -48.37 -25.92
C THR H 347 -4.72 -47.50 -26.60
N GLN H 348 -4.88 -47.65 -27.93
CA GLN H 348 -6.06 -47.09 -28.58
C GLN H 348 -7.24 -48.03 -28.42
N ALA H 349 -6.98 -49.31 -28.23
CA ALA H 349 -8.04 -50.26 -27.93
C ALA H 349 -8.53 -50.18 -26.48
N VAL H 350 -7.95 -49.31 -25.67
CA VAL H 350 -8.45 -49.08 -24.31
C VAL H 350 -9.83 -48.44 -24.34
N ARG H 351 -9.99 -47.35 -25.10
CA ARG H 351 -11.10 -46.43 -24.90
C ARG H 351 -12.41 -46.97 -25.46
N THR H 352 -12.36 -47.53 -26.67
CA THR H 352 -13.56 -48.16 -27.22
C THR H 352 -13.95 -49.40 -26.43
N GLY H 353 -12.95 -50.16 -25.97
CA GLY H 353 -13.14 -51.20 -24.98
C GLY H 353 -14.01 -52.37 -25.40
N ASN H 354 -13.71 -52.95 -26.56
CA ASN H 354 -14.46 -54.07 -27.10
C ASN H 354 -13.87 -55.35 -26.53
N LEU H 355 -14.69 -56.14 -25.82
CA LEU H 355 -14.19 -57.24 -25.01
C LEU H 355 -13.57 -58.35 -25.86
N ALA H 356 -14.39 -59.01 -26.69
CA ALA H 356 -13.98 -60.25 -27.34
C ALA H 356 -12.90 -60.03 -28.39
N LYS H 357 -12.96 -58.90 -29.08
CA LYS H 357 -11.93 -58.55 -30.05
C LYS H 357 -10.61 -58.29 -29.36
N PHE H 358 -10.58 -57.31 -28.45
CA PHE H 358 -9.32 -56.83 -27.91
C PHE H 358 -8.67 -57.84 -26.97
N ASN H 359 -9.49 -58.72 -26.38
CA ASN H 359 -8.94 -59.86 -25.66
C ASN H 359 -8.10 -60.74 -26.57
N GLN H 360 -8.54 -60.91 -27.82
CA GLN H 360 -7.72 -61.61 -28.80
C GLN H 360 -6.55 -60.74 -29.27
N VAL H 361 -6.74 -59.42 -29.29
CA VAL H 361 -5.73 -58.50 -29.84
C VAL H 361 -4.49 -58.45 -28.95
N LEU H 362 -4.69 -58.44 -27.62
CA LEU H 362 -3.56 -58.35 -26.68
C LEU H 362 -2.60 -59.53 -26.81
N ASP H 363 -3.11 -60.73 -26.58
CA ASP H 363 -2.30 -61.94 -26.66
C ASP H 363 -1.92 -62.29 -28.10
N GLN H 364 -2.66 -61.76 -29.08
CA GLN H 364 -2.47 -62.04 -30.51
C GLN H 364 -1.08 -61.69 -30.99
N PHE H 365 -0.73 -60.41 -30.99
CA PHE H 365 0.64 -60.00 -31.23
C PHE H 365 1.40 -59.77 -29.93
N GLY H 366 0.87 -60.23 -28.81
CA GLY H 366 1.59 -60.17 -27.55
C GLY H 366 2.89 -60.94 -27.63
N GLU H 367 4.01 -60.21 -27.73
CA GLU H 367 5.30 -60.87 -27.70
C GLU H 367 6.14 -60.38 -26.52
N LYS H 368 6.40 -59.07 -26.48
CA LYS H 368 7.38 -58.55 -25.53
C LYS H 368 6.70 -57.92 -24.32
N PHE H 369 5.54 -57.29 -24.51
CA PHE H 369 4.82 -56.79 -23.35
C PHE H 369 4.19 -57.93 -22.56
N GLN H 370 3.82 -59.03 -23.20
CA GLN H 370 3.40 -60.20 -22.43
C GLN H 370 4.55 -61.15 -22.15
N ALA H 371 5.70 -60.97 -22.80
CA ALA H 371 6.93 -61.61 -22.36
C ALA H 371 7.69 -60.76 -21.35
N ASP H 372 7.12 -59.63 -20.94
CA ASP H 372 7.80 -58.75 -20.00
C ASP H 372 7.62 -59.28 -18.59
N GLY H 373 6.63 -60.12 -18.38
CA GLY H 373 6.57 -60.94 -17.19
C GLY H 373 5.20 -60.96 -16.53
N THR H 374 4.69 -62.18 -16.32
CA THR H 374 3.63 -62.55 -15.39
C THR H 374 2.27 -61.89 -15.59
N TYR H 375 2.08 -61.17 -16.72
CA TYR H 375 0.82 -60.60 -17.21
C TYR H 375 -0.04 -59.87 -16.18
N THR H 376 0.57 -59.14 -15.24
CA THR H 376 -0.17 -58.70 -14.06
C THR H 376 -1.13 -57.56 -14.37
N LEU H 377 -0.61 -56.42 -14.78
CA LEU H 377 -1.50 -55.27 -14.91
C LEU H 377 -2.28 -55.32 -16.21
N ILE H 378 -1.84 -56.16 -17.15
CA ILE H 378 -2.67 -56.43 -18.32
C ILE H 378 -3.78 -57.43 -17.94
N ILE H 379 -3.53 -58.30 -16.97
CA ILE H 379 -4.59 -59.22 -16.56
C ILE H 379 -5.58 -58.47 -15.68
N ARG H 380 -5.16 -57.39 -15.02
CA ARG H 380 -6.11 -56.49 -14.39
C ARG H 380 -6.80 -55.62 -15.44
N LEU H 381 -6.10 -55.36 -16.54
CA LEU H 381 -6.67 -54.58 -17.62
C LEU H 381 -7.82 -55.32 -18.28
N ARG H 382 -7.71 -56.65 -18.38
CA ARG H 382 -8.67 -57.45 -19.12
C ARG H 382 -10.08 -57.40 -18.54
N HIS H 383 -10.20 -57.17 -17.24
CA HIS H 383 -11.50 -56.82 -16.68
C HIS H 383 -11.56 -55.38 -16.19
N ASN H 384 -10.51 -54.59 -16.44
CA ASN H 384 -10.62 -53.14 -16.30
C ASN H 384 -11.20 -52.50 -17.56
N VAL H 385 -11.33 -53.28 -18.65
CA VAL H 385 -11.89 -52.80 -19.91
C VAL H 385 -13.30 -52.28 -19.72
N ILE H 386 -14.17 -53.09 -19.13
CA ILE H 386 -15.56 -52.69 -18.96
C ILE H 386 -15.70 -51.63 -17.87
N LYS H 387 -14.73 -51.52 -16.96
CA LYS H 387 -14.81 -50.49 -15.93
C LYS H 387 -14.41 -49.12 -16.47
N THR H 388 -13.39 -49.07 -17.33
CA THR H 388 -13.05 -47.81 -17.97
C THR H 388 -14.07 -47.45 -19.04
N GLY H 389 -14.65 -48.45 -19.69
CA GLY H 389 -15.71 -48.19 -20.65
C GLY H 389 -16.97 -47.68 -19.99
N VAL H 390 -17.31 -48.25 -18.83
CA VAL H 390 -18.47 -47.77 -18.09
C VAL H 390 -18.13 -46.46 -17.39
N ARG H 391 -16.83 -46.14 -17.26
CA ARG H 391 -16.45 -44.81 -16.82
C ARG H 391 -16.65 -43.80 -17.95
N MET H 392 -16.47 -44.25 -19.19
CA MET H 392 -16.88 -43.42 -20.32
C MET H 392 -18.40 -43.30 -20.39
N ILE H 393 -19.12 -44.34 -19.96
CA ILE H 393 -20.57 -44.22 -19.77
C ILE H 393 -20.89 -43.20 -18.70
N SER H 394 -20.05 -43.12 -17.66
CA SER H 394 -20.24 -42.07 -16.66
C SER H 394 -19.95 -40.70 -17.24
N LEU H 395 -19.04 -40.62 -18.21
CA LEU H 395 -18.86 -39.40 -18.98
C LEU H 395 -19.95 -39.18 -20.00
N SER H 396 -20.80 -40.18 -20.23
CA SER H 396 -22.01 -40.07 -21.04
C SER H 396 -23.22 -39.97 -20.11
N TYR H 397 -24.41 -40.11 -20.68
CA TYR H 397 -25.65 -39.69 -20.05
C TYR H 397 -26.05 -40.58 -18.87
N SER H 398 -27.16 -40.21 -18.24
CA SER H 398 -27.48 -40.68 -16.90
C SER H 398 -28.17 -42.04 -16.90
N ARG H 399 -29.35 -42.11 -17.50
CA ARG H 399 -30.21 -43.29 -17.40
C ARG H 399 -29.59 -44.48 -18.10
N ILE H 400 -29.77 -45.66 -17.54
CA ILE H 400 -29.22 -46.88 -18.11
C ILE H 400 -30.35 -47.69 -18.73
N SER H 401 -30.24 -47.91 -20.03
CA SER H 401 -31.21 -48.69 -20.77
C SER H 401 -30.92 -50.17 -20.62
N LEU H 402 -31.90 -50.99 -20.99
CA LEU H 402 -31.76 -52.43 -20.92
C LEU H 402 -31.39 -53.03 -22.26
N ALA H 403 -31.54 -52.28 -23.35
CA ALA H 403 -31.18 -52.75 -24.69
C ALA H 403 -30.05 -51.92 -25.30
N ASP H 404 -30.18 -50.59 -25.34
CA ASP H 404 -29.24 -49.72 -26.01
C ASP H 404 -27.85 -49.72 -25.38
N ILE H 405 -27.77 -49.27 -24.13
CA ILE H 405 -26.46 -49.11 -23.50
C ILE H 405 -26.03 -50.40 -22.83
N ALA H 406 -26.98 -51.29 -22.52
CA ALA H 406 -26.63 -52.61 -22.02
C ALA H 406 -26.06 -53.48 -23.13
N GLN H 407 -26.70 -53.47 -24.30
CA GLN H 407 -26.13 -54.07 -25.50
C GLN H 407 -24.84 -53.39 -25.91
N LYS H 408 -24.74 -52.07 -25.70
CA LYS H 408 -23.56 -51.33 -26.10
C LYS H 408 -22.36 -51.67 -25.21
N LEU H 409 -22.61 -51.93 -23.94
CA LEU H 409 -21.60 -52.45 -23.04
C LEU H 409 -21.46 -53.97 -23.11
N GLN H 410 -22.04 -54.59 -24.16
CA GLN H 410 -21.95 -56.03 -24.44
C GLN H 410 -22.45 -56.89 -23.29
N LEU H 411 -23.40 -56.35 -22.54
CA LEU H 411 -23.75 -56.83 -21.21
C LEU H 411 -25.28 -56.82 -21.09
N ASP H 412 -25.91 -57.95 -21.36
CA ASP H 412 -27.34 -58.01 -21.67
C ASP H 412 -28.10 -58.76 -20.58
N SER H 413 -28.43 -58.05 -19.50
CA SER H 413 -29.25 -58.54 -18.39
C SER H 413 -29.66 -57.34 -17.54
N PRO H 414 -30.83 -57.39 -16.89
CA PRO H 414 -31.17 -56.32 -15.93
C PRO H 414 -30.29 -56.30 -14.71
N GLU H 415 -29.85 -57.48 -14.24
CA GLU H 415 -29.12 -57.59 -12.98
C GLU H 415 -27.72 -57.02 -13.09
N ASP H 416 -26.95 -57.49 -14.08
CA ASP H 416 -25.52 -57.15 -14.15
C ASP H 416 -25.30 -55.70 -14.52
N ALA H 417 -26.28 -55.08 -15.17
CA ALA H 417 -26.22 -53.66 -15.52
C ALA H 417 -26.15 -52.81 -14.27
N GLU H 418 -27.20 -52.84 -13.46
CA GLU H 418 -27.23 -52.13 -12.20
C GLU H 418 -26.21 -52.67 -11.21
N PHE H 419 -25.82 -53.94 -11.38
CA PHE H 419 -24.89 -54.57 -10.45
C PHE H 419 -23.47 -54.04 -10.65
N ILE H 420 -23.01 -53.97 -11.90
CA ILE H 420 -21.63 -53.57 -12.17
C ILE H 420 -21.53 -52.05 -12.26
N VAL H 421 -22.60 -51.39 -12.73
CA VAL H 421 -22.73 -49.95 -12.52
C VAL H 421 -22.69 -49.62 -11.04
N ALA H 422 -23.33 -50.45 -10.21
CA ALA H 422 -23.22 -50.31 -8.77
C ALA H 422 -21.82 -50.61 -8.28
N LYS H 423 -21.06 -51.44 -9.00
CA LYS H 423 -19.66 -51.60 -8.65
C LYS H 423 -18.86 -50.36 -9.00
N ALA H 424 -19.30 -49.58 -9.98
CA ALA H 424 -18.73 -48.26 -10.15
C ALA H 424 -19.26 -47.27 -9.12
N ILE H 425 -20.42 -47.54 -8.53
CA ILE H 425 -20.99 -46.65 -7.53
C ILE H 425 -20.26 -46.81 -6.20
N ARG H 426 -19.85 -48.04 -5.86
CA ARG H 426 -19.12 -48.25 -4.61
C ARG H 426 -17.67 -47.76 -4.69
N ASP H 427 -17.24 -47.26 -5.85
CA ASP H 427 -15.93 -46.64 -5.96
C ASP H 427 -15.90 -45.31 -5.22
N GLY H 428 -16.86 -44.43 -5.52
CA GLY H 428 -16.83 -43.08 -5.04
C GLY H 428 -16.19 -42.10 -5.99
N VAL H 429 -15.65 -42.57 -7.12
CA VAL H 429 -15.02 -41.68 -8.09
C VAL H 429 -16.07 -40.95 -8.92
N ILE H 430 -17.33 -41.36 -8.83
CA ILE H 430 -18.39 -40.83 -9.68
C ILE H 430 -19.43 -40.10 -8.83
N GLU H 431 -20.46 -39.57 -9.48
CA GLU H 431 -21.62 -39.02 -8.79
C GLU H 431 -22.89 -39.56 -9.44
N ALA H 432 -23.69 -40.29 -8.66
CA ALA H 432 -24.82 -41.02 -9.19
C ALA H 432 -25.92 -41.14 -8.15
N SER H 433 -27.15 -41.27 -8.63
CA SER H 433 -28.35 -41.29 -7.82
C SER H 433 -29.10 -42.59 -8.04
N ILE H 434 -28.98 -43.53 -7.11
CA ILE H 434 -29.64 -44.83 -7.25
C ILE H 434 -31.11 -44.63 -6.94
N ASN H 435 -31.95 -44.73 -7.97
CA ASN H 435 -33.38 -44.54 -7.81
C ASN H 435 -34.11 -45.61 -8.60
N HIS H 436 -35.15 -46.17 -8.02
CA HIS H 436 -36.06 -47.05 -8.72
C HIS H 436 -37.48 -46.54 -8.52
N GLU H 437 -38.05 -45.98 -9.57
CA GLU H 437 -39.44 -45.52 -9.53
C GLU H 437 -40.29 -46.54 -10.26
N LYS H 438 -39.87 -46.87 -11.48
CA LYS H 438 -40.48 -47.92 -12.29
C LYS H 438 -39.54 -49.09 -12.51
N GLY H 439 -38.32 -49.01 -12.00
CA GLY H 439 -37.27 -49.97 -12.28
C GLY H 439 -36.09 -49.39 -13.01
N TYR H 440 -36.26 -48.28 -13.72
CA TYR H 440 -35.16 -47.60 -14.38
C TYR H 440 -34.29 -46.92 -13.34
N VAL H 441 -32.98 -46.92 -13.59
CA VAL H 441 -32.00 -46.43 -12.64
C VAL H 441 -31.55 -45.06 -13.12
N GLN H 442 -31.69 -44.08 -12.26
CA GLN H 442 -31.31 -42.71 -12.55
C GLN H 442 -29.85 -42.49 -12.16
N SER H 443 -29.38 -41.27 -12.42
CA SER H 443 -28.21 -40.69 -11.77
C SER H 443 -28.29 -39.19 -12.00
N LYS H 444 -27.84 -38.42 -11.02
CA LYS H 444 -27.85 -36.98 -11.25
C LYS H 444 -26.66 -36.54 -12.08
N GLU H 445 -25.62 -37.38 -12.14
CA GLU H 445 -24.40 -37.26 -12.96
C GLU H 445 -23.78 -35.86 -12.96
N MET H 446 -23.89 -35.17 -11.82
CA MET H 446 -23.45 -33.79 -11.70
C MET H 446 -21.92 -33.76 -11.68
N ILE H 447 -21.33 -33.32 -12.80
CA ILE H 447 -19.90 -33.04 -12.85
C ILE H 447 -19.62 -31.54 -12.73
N ASP H 448 -20.51 -30.81 -12.05
CA ASP H 448 -20.32 -29.38 -11.85
C ASP H 448 -19.09 -29.09 -11.01
N ILE H 449 -18.21 -28.26 -11.56
CA ILE H 449 -17.00 -27.84 -10.86
C ILE H 449 -17.35 -26.85 -9.75
N TYR H 450 -16.36 -26.58 -8.90
CA TYR H 450 -16.57 -25.75 -7.73
C TYR H 450 -16.75 -24.28 -8.05
N SER H 451 -16.69 -23.88 -9.31
CA SER H 451 -17.03 -22.54 -9.74
C SER H 451 -18.46 -22.22 -9.31
N THR H 452 -18.57 -21.24 -8.41
CA THR H 452 -19.77 -20.93 -7.62
C THR H 452 -20.29 -22.15 -6.86
N ARG H 453 -19.40 -23.01 -6.38
CA ARG H 453 -19.77 -24.12 -5.51
C ARG H 453 -18.68 -24.29 -4.46
N GLU H 454 -18.83 -23.58 -3.34
CA GLU H 454 -17.87 -23.51 -2.24
C GLU H 454 -16.43 -23.21 -2.67
N PRO H 455 -16.19 -22.04 -3.31
CA PRO H 455 -14.85 -21.84 -3.90
C PRO H 455 -13.77 -21.56 -2.87
N GLN H 456 -14.11 -20.83 -1.80
CA GLN H 456 -13.14 -20.43 -0.78
C GLN H 456 -12.50 -21.64 -0.12
N LEU H 457 -13.33 -22.59 0.27
CA LEU H 457 -12.82 -23.82 0.87
C LEU H 457 -12.12 -24.67 -0.18
N ALA H 458 -12.51 -24.54 -1.45
CA ALA H 458 -11.96 -25.39 -2.49
C ALA H 458 -10.53 -24.99 -2.85
N PHE H 459 -10.31 -23.81 -3.41
CA PHE H 459 -8.93 -23.41 -3.66
C PHE H 459 -8.30 -22.68 -2.48
N HIS H 460 -8.92 -22.76 -1.30
CA HIS H 460 -8.26 -22.49 -0.02
C HIS H 460 -6.95 -23.25 0.08
N GLN H 461 -7.06 -24.59 0.03
CA GLN H 461 -5.89 -25.47 0.12
C GLN H 461 -4.95 -25.27 -1.07
N ARG H 462 -5.49 -24.89 -2.23
CA ARG H 462 -4.66 -24.57 -3.37
C ARG H 462 -3.81 -23.33 -3.11
N ILE H 463 -4.41 -22.31 -2.46
CA ILE H 463 -3.68 -21.11 -2.09
C ILE H 463 -2.58 -21.42 -1.09
N SER H 464 -2.91 -22.20 -0.05
CA SER H 464 -1.92 -22.49 0.98
C SER H 464 -0.77 -23.32 0.44
N PHE H 465 -1.08 -24.40 -0.26
CA PHE H 465 -0.04 -25.27 -0.83
C PHE H 465 0.76 -24.55 -1.90
N CYS H 466 0.08 -23.82 -2.80
CA CYS H 466 0.77 -23.15 -3.89
C CYS H 466 1.68 -22.05 -3.38
N LEU H 467 1.20 -21.26 -2.43
CA LEU H 467 2.04 -20.23 -1.83
C LEU H 467 3.19 -20.81 -1.03
N ASP H 468 3.00 -21.99 -0.45
CA ASP H 468 4.13 -22.64 0.22
C ASP H 468 5.17 -23.09 -0.77
N ILE H 469 4.75 -23.59 -1.94
CA ILE H 469 5.72 -23.99 -2.97
C ILE H 469 6.41 -22.77 -3.56
N HIS H 470 5.65 -21.72 -3.86
CA HIS H 470 6.26 -20.52 -4.43
C HIS H 470 7.14 -19.82 -3.42
N ASN H 471 6.80 -19.91 -2.13
CA ASN H 471 7.56 -19.18 -1.11
C ASN H 471 8.75 -19.98 -0.62
N MET H 472 8.69 -21.31 -0.72
CA MET H 472 9.91 -22.08 -0.52
C MET H 472 10.82 -21.99 -1.74
N SER H 473 10.24 -21.65 -2.90
CA SER H 473 11.07 -21.25 -4.02
C SER H 473 11.68 -19.87 -3.78
N VAL H 474 10.96 -19.01 -3.05
CA VAL H 474 11.54 -17.75 -2.59
C VAL H 474 12.68 -18.02 -1.61
N LYS H 475 12.55 -19.07 -0.79
CA LYS H 475 13.71 -19.49 -0.01
C LYS H 475 14.82 -20.02 -0.91
N ALA H 476 14.45 -20.68 -2.00
CA ALA H 476 15.41 -21.22 -2.95
C ALA H 476 16.02 -20.16 -3.86
N MET H 477 15.57 -18.91 -3.77
CA MET H 477 16.28 -17.80 -4.36
C MET H 477 16.85 -16.85 -3.31
N ARG H 478 16.60 -17.13 -2.03
CA ARG H 478 17.33 -16.46 -0.96
C ARG H 478 18.66 -17.14 -0.67
N PHE H 479 18.62 -18.44 -0.35
CA PHE H 479 19.83 -19.11 0.14
C PHE H 479 20.93 -19.36 -0.91
N PRO H 480 20.68 -19.67 -2.18
CA PRO H 480 21.82 -19.80 -3.12
C PRO H 480 22.52 -18.49 -3.45
N PRO H 481 21.88 -17.31 -3.37
CA PRO H 481 22.69 -16.09 -3.33
C PRO H 481 23.53 -15.91 -2.07
N LYS H 482 23.09 -16.46 -0.93
CA LYS H 482 24.01 -16.60 0.19
C LYS H 482 25.19 -17.49 -0.19
N SER H 483 24.92 -18.55 -0.95
CA SER H 483 25.98 -19.41 -1.48
C SER H 483 26.78 -18.76 -2.60
N TYR H 484 26.33 -17.62 -3.12
CA TYR H 484 27.11 -16.78 -4.02
C TYR H 484 28.03 -15.85 -3.25
N ASN H 485 27.46 -15.08 -2.33
CA ASN H 485 28.24 -14.08 -1.62
C ASN H 485 29.06 -14.68 -0.48
N LYS H 486 29.06 -16.01 -0.31
CA LYS H 486 29.84 -16.62 0.77
C LYS H 486 31.34 -16.48 0.55
N ASP H 487 31.82 -16.65 -0.68
CA ASP H 487 33.24 -16.61 -0.94
C ASP H 487 33.82 -15.21 -0.98
N LEU H 488 32.97 -14.19 -1.07
CA LEU H 488 33.41 -12.82 -1.29
C LEU H 488 32.53 -11.83 -0.53
N MET I 1 -42.08 79.95 -46.63
CA MET I 1 -42.72 80.14 -45.34
C MET I 1 -44.22 79.85 -45.47
N ALA I 2 -44.81 79.28 -44.43
CA ALA I 2 -46.18 78.78 -44.46
C ALA I 2 -47.23 79.89 -44.42
N ASP I 3 -46.83 81.15 -44.28
CA ASP I 3 -47.80 82.24 -44.16
C ASP I 3 -48.50 82.52 -45.49
N GLY I 4 -47.95 82.05 -46.62
CA GLY I 4 -48.62 82.20 -47.88
C GLY I 4 -49.74 81.20 -48.12
N GLY I 5 -49.53 79.95 -47.74
CA GLY I 5 -50.57 78.94 -47.83
C GLY I 5 -51.54 79.02 -46.67
N SER I 6 -51.16 79.74 -45.62
CA SER I 6 -52.06 79.95 -44.49
C SER I 6 -53.17 80.92 -44.85
N GLU I 7 -52.86 81.98 -45.61
CA GLU I 7 -53.90 82.89 -46.08
C GLU I 7 -54.80 82.18 -47.08
N ARG I 8 -54.22 81.30 -47.90
CA ARG I 8 -54.99 80.41 -48.76
C ARG I 8 -55.87 79.47 -47.94
N ALA I 9 -55.43 79.11 -46.73
CA ALA I 9 -56.18 78.19 -45.89
C ALA I 9 -57.38 78.89 -45.24
N ASP I 10 -57.14 79.97 -44.49
CA ASP I 10 -58.27 80.63 -43.81
C ASP I 10 -59.11 81.47 -44.76
N GLY I 11 -58.67 81.67 -46.00
CA GLY I 11 -59.57 82.16 -47.02
C GLY I 11 -60.35 81.00 -47.63
N ARG I 12 -59.66 79.87 -47.82
CA ARG I 12 -60.22 78.73 -48.52
C ARG I 12 -61.35 78.08 -47.72
N ILE I 13 -61.24 78.08 -46.38
CA ILE I 13 -62.30 77.51 -45.56
C ILE I 13 -63.53 78.40 -45.55
N VAL I 14 -63.37 79.68 -45.85
CA VAL I 14 -64.52 80.56 -46.04
C VAL I 14 -65.13 80.34 -47.42
N LYS I 15 -64.30 80.18 -48.44
CA LYS I 15 -64.83 80.14 -49.81
C LYS I 15 -65.39 78.78 -50.20
N MET I 16 -64.94 77.70 -49.57
CA MET I 16 -65.38 76.35 -49.94
C MET I 16 -66.54 75.94 -49.04
N GLU I 17 -67.75 76.28 -49.45
CA GLU I 17 -68.93 75.91 -48.66
C GLU I 17 -69.90 75.04 -49.45
N VAL I 18 -70.31 75.51 -50.63
CA VAL I 18 -71.35 74.87 -51.42
C VAL I 18 -70.76 74.21 -52.67
N ASP I 19 -69.52 74.51 -53.00
CA ASP I 19 -68.92 74.18 -54.29
C ASP I 19 -68.69 72.68 -54.46
N TYR I 20 -68.77 72.23 -55.72
CA TYR I 20 -68.62 70.83 -56.04
C TYR I 20 -67.15 70.41 -55.97
N SER I 21 -66.90 69.15 -56.33
CA SER I 21 -65.56 68.60 -56.37
C SER I 21 -64.74 69.08 -57.55
N ALA I 22 -65.36 69.74 -58.53
CA ALA I 22 -64.61 70.35 -59.62
C ALA I 22 -63.77 71.51 -59.12
N THR I 23 -64.26 72.23 -58.11
CA THR I 23 -63.46 73.27 -57.46
C THR I 23 -62.32 72.67 -56.64
N VAL I 24 -62.51 71.44 -56.13
CA VAL I 24 -61.42 70.73 -55.49
C VAL I 24 -60.39 70.31 -56.53
N ASP I 25 -60.85 69.98 -57.74
CA ASP I 25 -59.92 69.72 -58.85
C ASP I 25 -59.21 70.99 -59.27
N GLN I 26 -59.84 72.14 -59.07
CA GLN I 26 -59.12 73.40 -59.21
C GLN I 26 -58.14 73.61 -58.06
N ARG I 27 -58.41 73.01 -56.91
CA ARG I 27 -57.51 73.15 -55.77
C ARG I 27 -56.32 72.18 -55.88
N LEU I 28 -56.42 71.18 -56.75
CA LEU I 28 -55.33 70.22 -56.95
C LEU I 28 -54.02 70.84 -57.45
N PRO I 29 -53.98 71.73 -58.45
CA PRO I 29 -52.72 72.44 -58.70
C PRO I 29 -52.42 73.49 -57.65
N GLU I 30 -53.42 73.94 -56.90
CA GLU I 30 -53.19 74.90 -55.83
C GLU I 30 -52.46 74.26 -54.65
N CYS I 31 -52.69 72.97 -54.42
CA CYS I 31 -52.09 72.28 -53.29
C CYS I 31 -50.94 71.39 -53.70
N ALA I 32 -50.85 71.03 -54.98
CA ALA I 32 -49.69 70.30 -55.48
C ALA I 32 -48.44 71.16 -55.34
N LYS I 33 -48.49 72.39 -55.86
CA LYS I 33 -47.35 73.29 -55.73
C LYS I 33 -47.13 73.73 -54.29
N LEU I 34 -48.18 73.76 -53.48
CA LEU I 34 -48.05 74.23 -52.11
C LEU I 34 -47.41 73.15 -51.24
N ALA I 35 -47.59 71.88 -51.60
CA ALA I 35 -46.86 70.80 -50.96
C ALA I 35 -45.47 70.62 -51.53
N LYS I 36 -45.27 70.96 -52.81
CA LYS I 36 -43.93 70.91 -53.40
C LYS I 36 -43.02 71.98 -52.83
N GLU I 37 -43.56 73.18 -52.59
CA GLU I 37 -42.77 74.24 -51.98
C GLU I 37 -42.74 74.03 -50.47
N GLY I 38 -41.96 74.85 -49.78
CA GLY I 38 -41.84 74.69 -48.35
C GLY I 38 -40.93 73.54 -47.94
N ARG I 39 -39.64 73.70 -48.21
CA ARG I 39 -38.63 72.73 -47.80
C ARG I 39 -38.50 72.64 -46.28
N LEU I 40 -38.88 73.70 -45.56
CA LEU I 40 -38.60 73.86 -44.14
C LEU I 40 -39.21 72.76 -43.30
N GLN I 41 -38.39 72.21 -42.39
CA GLN I 41 -38.84 71.12 -41.53
C GLN I 41 -39.86 71.61 -40.52
N GLU I 42 -39.50 72.64 -39.74
CA GLU I 42 -40.24 73.05 -38.56
C GLU I 42 -41.30 74.12 -38.87
N VAL I 43 -41.29 74.68 -40.08
CA VAL I 43 -42.18 75.80 -40.40
C VAL I 43 -43.44 75.29 -41.10
N ILE I 44 -43.27 74.39 -42.08
CA ILE I 44 -44.36 73.95 -42.94
C ILE I 44 -45.30 72.97 -42.24
N GLU I 45 -45.00 72.61 -40.99
CA GLU I 45 -45.89 71.78 -40.18
C GLU I 45 -47.25 72.43 -39.98
N THR I 46 -47.28 73.75 -39.89
CA THR I 46 -48.56 74.47 -39.81
C THR I 46 -49.32 74.35 -41.13
N LEU I 47 -48.61 74.44 -42.26
CA LEU I 47 -49.26 74.41 -43.56
C LEU I 47 -49.82 73.03 -43.86
N LEU I 48 -49.15 71.97 -43.39
CA LEU I 48 -49.76 70.65 -43.49
C LEU I 48 -50.73 70.38 -42.35
N SER I 49 -50.76 71.25 -41.35
CA SER I 49 -51.86 71.22 -40.38
C SER I 49 -53.01 72.12 -40.81
N LEU I 50 -52.94 72.71 -42.00
CA LEU I 50 -54.05 73.48 -42.55
C LEU I 50 -54.59 72.87 -43.84
N GLU I 51 -53.71 72.55 -44.79
CA GLU I 51 -54.13 72.14 -46.14
C GLU I 51 -54.86 70.80 -46.12
N LYS I 52 -54.39 69.88 -45.29
CA LYS I 52 -55.03 68.57 -45.20
C LYS I 52 -56.41 68.68 -44.59
N GLN I 53 -56.60 69.63 -43.69
CA GLN I 53 -57.92 69.88 -43.11
C GLN I 53 -58.83 70.64 -44.07
N THR I 54 -58.26 71.42 -44.99
CA THR I 54 -59.09 72.01 -46.04
C THR I 54 -59.58 70.93 -47.01
N ARG I 55 -58.69 70.03 -47.41
CA ARG I 55 -59.08 69.03 -48.39
C ARG I 55 -59.98 67.95 -47.77
N THR I 56 -59.74 67.58 -46.50
CA THR I 56 -60.61 66.60 -45.86
C THR I 56 -61.87 67.27 -45.29
N ALA I 57 -61.84 68.59 -45.15
CA ALA I 57 -63.08 69.31 -44.87
C ALA I 57 -63.96 69.35 -46.11
N SER I 58 -63.34 69.49 -47.29
CA SER I 58 -64.08 69.32 -48.54
C SER I 58 -64.54 67.88 -48.70
N ASP I 59 -63.75 66.92 -48.18
CA ASP I 59 -64.21 65.53 -48.15
C ASP I 59 -65.38 65.37 -47.19
N MET I 60 -65.43 66.17 -46.14
CA MET I 60 -66.56 66.13 -45.22
C MET I 60 -67.82 66.67 -45.87
N VAL I 61 -67.70 67.78 -46.60
CA VAL I 61 -68.86 68.36 -47.28
C VAL I 61 -69.34 67.43 -48.40
N SER I 62 -68.40 66.82 -49.12
CA SER I 62 -68.78 65.93 -50.22
C SER I 62 -69.33 64.61 -49.71
N THR I 63 -68.89 64.15 -48.55
CA THR I 63 -69.45 62.95 -47.92
C THR I 63 -70.64 63.23 -47.01
N SER I 64 -71.07 64.48 -46.90
CA SER I 64 -72.15 64.81 -45.97
C SER I 64 -73.51 64.31 -46.43
N ARG I 65 -74.02 64.85 -47.54
CA ARG I 65 -75.38 64.55 -47.97
C ARG I 65 -75.42 63.47 -49.04
N ILE I 66 -74.83 63.75 -50.19
CA ILE I 66 -74.89 62.86 -51.35
C ILE I 66 -73.48 62.32 -51.62
N LEU I 67 -73.37 61.00 -51.75
CA LEU I 67 -72.06 60.37 -51.83
C LEU I 67 -72.13 59.12 -52.70
N VAL I 68 -71.34 59.10 -53.77
CA VAL I 68 -71.07 57.87 -54.50
C VAL I 68 -69.73 57.28 -54.02
N ALA I 69 -68.81 58.16 -53.57
CA ALA I 69 -67.50 57.88 -52.97
C ALA I 69 -66.49 57.25 -53.93
N VAL I 70 -66.87 57.01 -55.19
CA VAL I 70 -65.93 56.49 -56.18
C VAL I 70 -64.89 57.54 -56.51
N VAL I 71 -65.33 58.78 -56.72
CA VAL I 71 -64.43 59.90 -56.91
C VAL I 71 -63.60 60.13 -55.65
N LYS I 72 -64.20 59.87 -54.49
CA LYS I 72 -63.52 60.07 -53.22
C LYS I 72 -62.40 59.04 -53.02
N MET I 73 -62.71 57.76 -53.14
CA MET I 73 -61.69 56.76 -52.91
C MET I 73 -60.71 56.64 -54.07
N CYS I 74 -61.12 57.06 -55.28
CA CYS I 74 -60.18 57.05 -56.39
C CYS I 74 -59.21 58.22 -56.33
N TYR I 75 -59.62 59.35 -55.73
CA TYR I 75 -58.72 60.49 -55.60
C TYR I 75 -57.49 60.17 -54.74
N GLU I 76 -57.70 59.69 -53.52
CA GLU I 76 -56.56 59.32 -52.71
C GLU I 76 -55.97 57.99 -53.14
N ALA I 77 -56.83 57.01 -53.47
CA ALA I 77 -56.35 55.66 -53.78
C ALA I 77 -55.53 55.63 -55.06
N LYS I 78 -55.73 56.60 -55.96
CA LYS I 78 -54.79 56.74 -57.07
C LYS I 78 -53.78 57.85 -56.81
N GLU I 79 -54.08 58.77 -55.90
CA GLU I 79 -53.25 59.95 -55.66
C GLU I 79 -52.75 59.94 -54.22
N TRP I 80 -51.56 59.37 -54.01
CA TRP I 80 -50.96 59.39 -52.70
C TRP I 80 -49.68 60.22 -52.69
N ASP I 81 -48.77 59.92 -53.61
CA ASP I 81 -47.42 60.45 -53.57
C ASP I 81 -47.08 61.34 -54.75
N LEU I 82 -48.08 61.99 -55.37
CA LEU I 82 -47.81 62.83 -56.53
C LEU I 82 -47.00 64.06 -56.17
N LEU I 83 -47.26 64.63 -54.99
CA LEU I 83 -46.39 65.67 -54.46
C LEU I 83 -45.09 65.11 -53.93
N ASN I 84 -45.03 63.80 -53.66
CA ASN I 84 -43.83 63.14 -53.17
C ASN I 84 -43.02 62.51 -54.29
N GLU I 85 -43.37 62.76 -55.55
CA GLU I 85 -42.53 62.29 -56.65
C GLU I 85 -41.57 63.37 -57.14
N ASN I 86 -41.93 64.64 -56.96
CA ASN I 86 -41.04 65.73 -57.34
C ASN I 86 -39.92 65.96 -56.33
N ILE I 87 -40.18 65.68 -55.06
CA ILE I 87 -39.29 66.11 -53.99
C ILE I 87 -38.20 65.05 -53.79
N MET I 88 -36.98 65.40 -54.17
CA MET I 88 -35.80 64.61 -53.87
C MET I 88 -35.36 64.82 -52.41
N LEU I 89 -35.92 65.82 -51.75
CA LEU I 89 -35.44 66.29 -50.46
C LEU I 89 -36.33 65.72 -49.35
N LEU I 90 -35.92 64.58 -48.80
CA LEU I 90 -36.61 63.98 -47.67
C LEU I 90 -36.44 64.89 -46.46
N SER I 91 -37.50 65.60 -46.11
CA SER I 91 -37.47 66.53 -44.99
C SER I 91 -37.62 65.85 -43.64
N LYS I 92 -37.65 64.50 -43.62
CA LYS I 92 -37.64 63.62 -42.43
C LYS I 92 -38.61 64.08 -41.34
N ARG I 93 -39.80 64.52 -41.79
CA ARG I 93 -40.80 65.21 -40.98
C ARG I 93 -41.27 64.40 -39.78
N ARG I 94 -41.87 63.24 -40.04
CA ARG I 94 -42.31 62.26 -39.04
C ARG I 94 -43.26 62.89 -38.01
N SER I 95 -44.06 63.86 -38.47
CA SER I 95 -44.98 64.55 -37.58
C SER I 95 -46.42 64.39 -38.03
N GLN I 96 -46.70 64.69 -39.31
CA GLN I 96 -48.08 64.82 -39.75
C GLN I 96 -48.57 63.61 -40.55
N LEU I 97 -47.70 62.65 -40.87
CA LEU I 97 -48.16 61.41 -41.50
C LEU I 97 -48.96 60.58 -40.49
N LYS I 98 -48.57 60.64 -39.22
CA LYS I 98 -49.41 60.09 -38.15
C LYS I 98 -50.72 60.85 -38.04
N GLN I 99 -50.67 62.17 -38.25
CA GLN I 99 -51.90 62.97 -38.27
C GLN I 99 -52.69 62.73 -39.54
N ALA I 100 -51.99 62.45 -40.65
CA ALA I 100 -52.64 62.06 -41.90
C ALA I 100 -53.47 60.80 -41.71
N VAL I 101 -52.79 59.69 -41.39
CA VAL I 101 -53.44 58.40 -41.26
C VAL I 101 -54.42 58.37 -40.10
N ALA I 102 -54.10 59.09 -39.02
CA ALA I 102 -55.00 59.15 -37.86
C ALA I 102 -56.26 59.96 -38.16
N LYS I 103 -56.16 61.01 -38.97
CA LYS I 103 -57.35 61.77 -39.31
C LYS I 103 -58.17 61.03 -40.38
N MET I 104 -57.50 60.28 -41.24
CA MET I 104 -58.22 59.43 -42.19
C MET I 104 -58.98 58.32 -41.46
N VAL I 105 -58.35 57.69 -40.47
CA VAL I 105 -59.04 56.62 -39.75
C VAL I 105 -60.07 57.18 -38.78
N GLN I 106 -59.95 58.45 -38.37
CA GLN I 106 -61.02 59.02 -37.57
C GLN I 106 -62.21 59.39 -38.45
N GLN I 107 -61.93 59.83 -39.68
CA GLN I 107 -63.00 60.11 -40.63
C GLN I 107 -63.69 58.83 -41.06
N CYS I 108 -62.91 57.76 -41.25
CA CYS I 108 -63.46 56.44 -41.51
C CYS I 108 -64.16 55.87 -40.30
N CYS I 109 -63.79 56.33 -39.10
CA CYS I 109 -64.48 55.87 -37.90
C CYS I 109 -65.82 56.57 -37.74
N THR I 110 -65.91 57.82 -38.19
CA THR I 110 -67.20 58.49 -38.29
C THR I 110 -68.01 58.02 -39.49
N TYR I 111 -67.36 57.38 -40.45
CA TYR I 111 -68.02 56.88 -41.65
C TYR I 111 -68.13 55.36 -41.68
N VAL I 112 -67.83 54.69 -40.56
CA VAL I 112 -67.80 53.23 -40.57
C VAL I 112 -69.05 52.64 -39.94
N GLU I 113 -69.88 53.48 -39.33
CA GLU I 113 -71.08 52.96 -38.67
C GLU I 113 -72.13 52.58 -39.71
N GLU I 114 -72.75 53.56 -40.36
CA GLU I 114 -73.77 53.22 -41.35
C GLU I 114 -74.00 54.27 -42.43
N ILE I 115 -74.04 53.80 -43.67
CA ILE I 115 -74.27 54.65 -44.84
C ILE I 115 -74.69 53.80 -46.03
N THR I 116 -73.80 52.90 -46.47
CA THR I 116 -74.03 51.99 -47.59
C THR I 116 -72.88 51.00 -47.64
N ASP I 117 -73.19 49.71 -47.50
CA ASP I 117 -72.14 48.70 -47.54
C ASP I 117 -71.14 48.94 -48.66
N LEU I 118 -71.39 49.94 -49.53
CA LEU I 118 -70.52 50.13 -50.69
C LEU I 118 -69.15 50.71 -50.34
N PRO I 119 -69.00 51.84 -49.61
CA PRO I 119 -67.65 52.39 -49.47
C PRO I 119 -66.80 51.65 -48.45
N ILE I 120 -67.41 50.85 -47.58
CA ILE I 120 -66.66 50.25 -46.49
C ILE I 120 -65.78 49.11 -47.00
N LYS I 121 -66.28 48.32 -47.95
CA LYS I 121 -65.49 47.18 -48.43
C LYS I 121 -64.35 47.62 -49.33
N LEU I 122 -64.58 48.67 -50.13
CA LEU I 122 -63.56 49.12 -51.07
C LEU I 122 -62.59 50.08 -50.41
N ARG I 123 -63.08 50.90 -49.50
CA ARG I 123 -62.24 51.76 -48.69
C ARG I 123 -61.38 50.96 -47.73
N LEU I 124 -61.95 49.93 -47.11
CA LEU I 124 -61.16 49.09 -46.22
C LEU I 124 -60.20 48.20 -47.00
N ILE I 125 -60.61 47.72 -48.17
CA ILE I 125 -59.67 46.95 -49.00
C ILE I 125 -58.60 47.88 -49.59
N ASP I 126 -58.87 49.18 -49.66
CA ASP I 126 -57.87 50.17 -49.99
C ASP I 126 -56.87 50.31 -48.85
N THR I 127 -57.37 50.53 -47.64
CA THR I 127 -56.47 50.93 -46.57
C THR I 127 -55.76 49.73 -45.95
N LEU I 128 -56.27 48.51 -46.15
CA LEU I 128 -55.52 47.33 -45.69
C LEU I 128 -54.38 47.01 -46.65
N ARG I 129 -54.47 47.48 -47.89
CA ARG I 129 -53.29 47.49 -48.74
C ARG I 129 -52.41 48.69 -48.43
N MET I 130 -52.98 49.76 -47.86
CA MET I 130 -52.16 50.85 -47.35
C MET I 130 -51.38 50.43 -46.11
N VAL I 131 -51.85 49.39 -45.40
CA VAL I 131 -51.05 48.77 -44.35
C VAL I 131 -49.75 48.21 -44.91
N THR I 132 -49.83 47.47 -46.01
CA THR I 132 -48.63 46.91 -46.63
C THR I 132 -47.79 48.00 -47.29
N GLU I 133 -48.45 49.00 -47.87
CA GLU I 133 -47.71 50.06 -48.55
C GLU I 133 -47.14 51.08 -47.57
N GLY I 134 -47.54 51.02 -46.30
CA GLY I 134 -47.00 51.96 -45.33
C GLY I 134 -45.57 51.67 -44.96
N LYS I 135 -45.34 50.49 -44.34
CA LYS I 135 -44.04 49.89 -43.98
C LYS I 135 -43.30 50.59 -42.85
N ILE I 136 -43.77 51.77 -42.42
CA ILE I 136 -43.23 52.48 -41.27
C ILE I 136 -44.43 53.09 -40.53
N TYR I 137 -44.74 52.54 -39.36
CA TYR I 137 -45.79 53.09 -38.52
C TYR I 137 -45.57 52.58 -37.10
N VAL I 138 -46.23 53.24 -36.13
CA VAL I 138 -46.15 52.90 -34.72
C VAL I 138 -46.91 51.62 -34.39
N GLU I 139 -47.70 51.10 -35.36
CA GLU I 139 -48.54 49.89 -35.25
C GLU I 139 -49.68 50.08 -34.25
N ILE I 140 -50.44 51.17 -34.45
CA ILE I 140 -51.71 51.40 -33.76
C ILE I 140 -52.81 51.27 -34.80
N GLU I 141 -52.75 52.14 -35.81
CA GLU I 141 -53.81 52.24 -36.79
C GLU I 141 -53.83 51.05 -37.74
N ARG I 142 -52.63 50.57 -38.11
CA ARG I 142 -52.51 49.42 -39.00
C ARG I 142 -53.16 48.18 -38.39
N ALA I 143 -53.07 48.07 -37.06
CA ALA I 143 -53.91 47.12 -36.36
C ALA I 143 -55.37 47.52 -36.39
N ARG I 144 -55.65 48.83 -36.26
CA ARG I 144 -57.00 49.31 -35.93
C ARG I 144 -57.99 49.07 -37.07
N LEU I 145 -57.57 49.34 -38.31
CA LEU I 145 -58.51 49.25 -39.43
C LEU I 145 -58.91 47.81 -39.72
N THR I 146 -57.96 46.88 -39.62
CA THR I 146 -58.26 45.51 -39.97
C THR I 146 -58.81 44.73 -38.79
N LYS I 147 -58.64 45.22 -37.56
CA LYS I 147 -59.40 44.60 -36.49
C LYS I 147 -60.81 45.19 -36.38
N THR I 148 -61.02 46.45 -36.79
CA THR I 148 -62.40 46.93 -36.86
C THR I 148 -63.10 46.44 -38.12
N LEU I 149 -62.35 45.90 -39.09
CA LEU I 149 -62.94 45.04 -40.09
C LEU I 149 -63.20 43.64 -39.54
N ALA I 150 -62.24 43.11 -38.77
CA ALA I 150 -62.27 41.72 -38.35
C ALA I 150 -63.36 41.45 -37.32
N THR I 151 -63.72 42.46 -36.53
CA THR I 151 -64.86 42.32 -35.62
C THR I 151 -66.17 42.17 -36.38
N ILE I 152 -66.29 42.82 -37.53
CA ILE I 152 -67.43 42.58 -38.40
C ILE I 152 -67.31 41.21 -39.05
N LYS I 153 -66.08 40.80 -39.35
CA LYS I 153 -65.84 39.46 -39.91
C LYS I 153 -66.15 38.34 -38.94
N GLU I 154 -66.20 38.63 -37.63
CA GLU I 154 -66.60 37.61 -36.67
C GLU I 154 -68.08 37.26 -36.84
N GLN I 155 -68.94 38.27 -36.98
CA GLN I 155 -70.35 38.00 -37.24
C GLN I 155 -70.65 37.75 -38.70
N ASN I 156 -69.67 37.95 -39.58
CA ASN I 156 -69.87 37.62 -40.99
C ASN I 156 -69.88 36.11 -41.19
N GLY I 157 -69.27 35.36 -40.28
CA GLY I 157 -69.11 33.94 -40.45
C GLY I 157 -67.90 33.57 -41.28
N ASP I 158 -67.13 34.55 -41.71
CA ASP I 158 -65.99 34.36 -42.59
C ASP I 158 -64.72 34.45 -41.75
N VAL I 159 -64.21 33.29 -41.33
CA VAL I 159 -62.99 33.23 -40.54
C VAL I 159 -61.78 32.91 -41.42
N LYS I 160 -61.92 33.04 -42.74
CA LYS I 160 -60.78 32.99 -43.65
C LYS I 160 -59.80 34.14 -43.41
N GLU I 161 -60.28 35.28 -42.92
CA GLU I 161 -59.43 36.43 -42.64
C GLU I 161 -58.67 36.30 -41.33
N ALA I 162 -58.82 35.19 -40.60
CA ALA I 162 -58.05 34.96 -39.39
C ALA I 162 -56.57 34.83 -39.68
N ALA I 163 -56.22 34.15 -40.77
CA ALA I 163 -54.83 34.08 -41.21
C ALA I 163 -54.32 35.45 -41.63
N SER I 164 -55.20 36.31 -42.14
CA SER I 164 -54.81 37.65 -42.54
C SER I 164 -54.49 38.52 -41.32
N ILE I 165 -55.42 38.56 -40.35
CA ILE I 165 -55.24 39.41 -39.19
C ILE I 165 -54.12 38.88 -38.30
N LEU I 166 -53.98 37.55 -38.19
CA LEU I 166 -52.91 37.04 -37.35
C LEU I 166 -51.57 37.01 -38.08
N GLN I 167 -51.59 37.01 -39.41
CA GLN I 167 -50.35 37.16 -40.15
C GLN I 167 -49.86 38.60 -40.10
N GLU I 168 -50.79 39.57 -40.16
CA GLU I 168 -50.41 40.96 -39.99
C GLU I 168 -50.11 41.30 -38.53
N LEU I 169 -50.49 40.42 -37.59
CA LEU I 169 -50.29 40.72 -36.18
C LEU I 169 -48.82 40.60 -35.80
N GLN I 170 -48.12 39.63 -36.39
CA GLN I 170 -46.68 39.47 -36.17
C GLN I 170 -45.92 40.71 -36.62
N VAL I 171 -46.31 41.27 -37.77
CA VAL I 171 -45.71 42.49 -38.27
C VAL I 171 -46.09 43.67 -37.36
N GLU I 172 -47.33 43.68 -36.87
CA GLU I 172 -47.80 44.79 -36.07
C GLU I 172 -47.45 44.67 -34.59
N THR I 173 -46.69 43.65 -34.20
CA THR I 173 -46.14 43.57 -32.86
C THR I 173 -44.61 43.63 -32.81
N TYR I 174 -43.95 43.64 -33.97
CA TYR I 174 -42.50 43.79 -34.02
C TYR I 174 -42.14 45.01 -34.84
N GLY I 175 -41.09 45.70 -34.40
CA GLY I 175 -40.63 46.92 -35.03
C GLY I 175 -40.95 48.18 -34.26
N SER I 176 -41.65 48.09 -33.14
CA SER I 176 -42.00 49.26 -32.35
C SER I 176 -42.08 48.86 -30.89
N MET I 177 -42.20 49.85 -30.01
CA MET I 177 -42.33 49.63 -28.57
C MET I 177 -43.70 50.11 -28.13
N GLU I 178 -44.62 49.18 -27.94
CA GLU I 178 -45.95 49.45 -27.42
C GLU I 178 -46.18 48.57 -26.19
N LYS I 179 -46.40 49.22 -25.05
CA LYS I 179 -46.70 48.46 -23.84
C LYS I 179 -48.20 48.22 -23.71
N LYS I 180 -49.00 49.28 -23.86
CA LYS I 180 -50.43 49.21 -23.57
C LYS I 180 -51.21 48.53 -24.69
N GLU I 181 -50.98 48.96 -25.94
CA GLU I 181 -51.81 48.50 -27.04
C GLU I 181 -51.48 47.06 -27.42
N ARG I 182 -50.26 46.62 -27.13
CA ARG I 182 -49.84 45.27 -27.51
C ARG I 182 -50.58 44.22 -26.70
N VAL I 183 -50.80 44.50 -25.41
CA VAL I 183 -51.57 43.59 -24.57
C VAL I 183 -53.03 43.59 -24.97
N GLU I 184 -53.56 44.73 -25.42
CA GLU I 184 -54.93 44.79 -25.90
C GLU I 184 -55.10 44.07 -27.23
N PHE I 185 -54.06 44.05 -28.06
CA PHE I 185 -54.13 43.48 -29.39
C PHE I 185 -53.61 42.04 -29.42
N ILE I 186 -53.11 41.54 -28.30
CA ILE I 186 -52.69 40.14 -28.24
C ILE I 186 -53.88 39.21 -28.03
N LEU I 187 -55.05 39.73 -27.69
CA LEU I 187 -56.23 38.87 -27.57
C LEU I 187 -56.78 38.43 -28.92
N GLU I 188 -56.40 39.14 -29.99
CA GLU I 188 -56.76 38.74 -31.34
C GLU I 188 -56.16 37.38 -31.70
N GLN I 189 -55.03 37.04 -31.09
CA GLN I 189 -54.31 35.79 -31.33
C GLN I 189 -55.19 34.58 -31.02
N MET I 190 -55.79 34.56 -29.84
CA MET I 190 -56.72 33.50 -29.50
C MET I 190 -58.18 33.91 -29.64
N ARG I 191 -58.47 35.06 -30.26
CA ARG I 191 -59.85 35.47 -30.40
C ARG I 191 -60.58 34.62 -31.42
N LEU I 192 -60.12 34.64 -32.66
CA LEU I 192 -60.68 33.80 -33.71
C LEU I 192 -60.16 32.37 -33.66
N CYS I 193 -59.18 32.09 -32.81
CA CYS I 193 -58.53 30.78 -32.82
C CYS I 193 -59.47 29.69 -32.29
N LEU I 194 -60.49 30.07 -31.52
CA LEU I 194 -61.55 29.12 -31.19
C LEU I 194 -62.34 28.71 -32.42
N ALA I 195 -62.55 29.62 -33.37
CA ALA I 195 -63.16 29.22 -34.63
C ALA I 195 -62.15 28.46 -35.48
N VAL I 196 -60.87 28.75 -35.32
CA VAL I 196 -59.86 28.14 -36.18
C VAL I 196 -59.44 26.77 -35.64
N LYS I 197 -59.24 26.67 -34.32
CA LYS I 197 -58.87 25.44 -33.60
C LYS I 197 -57.55 24.83 -34.12
N ASP I 198 -56.65 25.70 -34.56
CA ASP I 198 -55.40 25.26 -35.18
C ASP I 198 -54.35 25.10 -34.12
N TYR I 199 -53.90 23.86 -33.91
CA TYR I 199 -52.82 23.57 -32.98
C TYR I 199 -51.51 24.21 -33.40
N ILE I 200 -51.22 24.24 -34.71
CA ILE I 200 -49.94 24.78 -35.16
C ILE I 200 -49.96 26.30 -35.08
N ARG I 201 -51.15 26.90 -35.16
CA ARG I 201 -51.21 28.35 -35.03
C ARG I 201 -51.12 28.74 -33.56
N THR I 202 -51.62 27.90 -32.65
CA THR I 202 -51.34 28.10 -31.24
C THR I 202 -49.86 27.91 -30.93
N GLN I 203 -49.21 26.98 -31.63
CA GLN I 203 -47.78 26.81 -31.50
C GLN I 203 -47.01 28.02 -32.02
N ILE I 204 -47.53 28.68 -33.05
CA ILE I 204 -46.91 29.91 -33.54
C ILE I 204 -47.13 31.04 -32.55
N ILE I 205 -48.40 31.34 -32.24
CA ILE I 205 -48.75 32.45 -31.39
C ILE I 205 -48.34 32.15 -29.97
N SER I 206 -48.75 29.99 -27.62
CA SER I 206 -48.39 30.92 -26.56
C SER I 206 -46.97 31.44 -26.72
N LYS I 207 -46.30 30.88 -27.74
CA LYS I 207 -44.86 31.08 -27.94
C LYS I 207 -44.49 32.54 -28.14
N LYS I 208 -45.14 33.19 -29.10
CA LYS I 208 -44.96 34.61 -29.31
C LYS I 208 -45.86 35.45 -28.39
N ILE I 209 -46.73 34.82 -27.61
CA ILE I 209 -47.58 35.57 -26.70
C ILE I 209 -46.79 35.98 -25.46
N ASN I 210 -46.35 34.99 -24.69
CA ASN I 210 -45.77 35.28 -23.39
C ASN I 210 -44.24 35.42 -23.43
N THR I 211 -43.69 35.85 -24.57
CA THR I 211 -42.25 35.98 -24.77
C THR I 211 -41.58 36.91 -23.75
N LYS I 212 -42.11 38.13 -23.55
CA LYS I 212 -41.63 39.03 -22.51
C LYS I 212 -42.84 39.70 -21.86
N PHE I 213 -43.29 39.16 -20.73
CA PHE I 213 -44.36 39.73 -19.94
C PHE I 213 -44.37 39.10 -18.56
N PHE I 214 -44.22 39.90 -17.50
CA PHE I 214 -44.40 39.29 -16.19
C PHE I 214 -45.58 39.85 -15.41
N GLN I 215 -45.48 41.07 -14.89
CA GLN I 215 -46.64 41.68 -14.26
C GLN I 215 -46.79 43.15 -14.64
N GLU I 216 -45.70 43.89 -14.49
CA GLU I 216 -45.78 45.33 -14.31
C GLU I 216 -46.08 46.06 -15.62
N GLU I 217 -46.31 47.38 -15.47
CA GLU I 217 -46.69 48.37 -16.50
C GLU I 217 -47.84 47.92 -17.40
N ASN I 218 -48.67 46.97 -16.93
CA ASN I 218 -49.71 46.37 -17.74
C ASN I 218 -50.88 46.01 -16.85
N THR I 219 -51.80 46.97 -16.66
CA THR I 219 -53.10 46.69 -16.08
C THR I 219 -54.16 47.25 -17.02
N GLU I 220 -55.21 46.43 -16.91
CA GLU I 220 -56.56 46.55 -17.31
C GLU I 220 -57.29 45.84 -16.12
N LYS I 221 -56.74 45.73 -14.88
CA LYS I 221 -57.50 44.98 -13.92
C LYS I 221 -57.94 43.64 -14.50
N LEU I 222 -58.43 43.66 -15.74
CA LEU I 222 -58.86 42.45 -16.43
C LEU I 222 -57.70 41.72 -17.13
N LYS I 223 -56.47 41.95 -16.68
CA LYS I 223 -55.33 41.13 -17.10
C LYS I 223 -55.57 39.66 -16.82
N LEU I 224 -55.92 39.34 -15.56
CA LEU I 224 -55.95 37.96 -15.10
C LEU I 224 -57.09 37.17 -15.72
N LYS I 225 -58.17 37.85 -16.11
CA LYS I 225 -59.22 37.19 -16.87
C LYS I 225 -58.69 36.74 -18.22
N TYR I 226 -57.83 37.56 -18.83
CA TYR I 226 -57.19 37.12 -20.06
C TYR I 226 -56.15 36.04 -19.80
N TYR I 227 -55.50 36.05 -18.62
CA TYR I 227 -54.59 34.95 -18.29
C TYR I 227 -55.34 33.63 -18.20
N ASN I 228 -56.56 33.67 -17.64
CA ASN I 228 -57.47 32.54 -17.75
C ASN I 228 -57.86 32.25 -19.19
N LEU I 229 -57.95 33.27 -20.04
CA LEU I 229 -58.25 33.06 -21.44
C LEU I 229 -57.04 32.61 -22.26
N MET I 230 -55.86 32.49 -21.65
CA MET I 230 -54.66 32.13 -22.40
C MET I 230 -54.44 30.63 -22.45
N ILE I 231 -54.22 30.01 -21.29
CA ILE I 231 -53.72 28.64 -21.25
C ILE I 231 -54.85 27.65 -21.06
N GLN I 232 -56.10 28.12 -21.07
CA GLN I 232 -57.24 27.20 -21.12
C GLN I 232 -57.28 26.45 -22.43
N LEU I 233 -56.87 27.09 -23.52
CA LEU I 233 -56.86 26.44 -24.82
C LEU I 233 -55.58 25.65 -24.99
N ASP I 234 -54.59 25.93 -24.14
CA ASP I 234 -53.40 25.09 -24.05
C ASP I 234 -53.65 23.86 -23.18
N GLN I 235 -54.65 23.90 -22.30
CA GLN I 235 -55.14 22.68 -21.68
C GLN I 235 -56.04 21.92 -22.64
N HIS I 236 -56.75 22.65 -23.49
CA HIS I 236 -57.53 22.04 -24.56
C HIS I 236 -56.62 21.30 -25.54
N GLU I 237 -55.53 21.93 -25.96
CA GLU I 237 -54.74 21.41 -27.06
C GLU I 237 -53.58 20.56 -26.56
N GLY I 238 -52.93 20.99 -25.47
CA GLY I 238 -52.03 20.13 -24.73
C GLY I 238 -52.83 19.24 -23.83
N SER I 239 -52.16 18.53 -22.92
CA SER I 239 -52.88 17.52 -22.16
C SER I 239 -53.00 17.83 -20.67
N TYR I 240 -51.92 17.73 -19.89
CA TYR I 240 -52.10 17.86 -18.44
C TYR I 240 -51.04 18.72 -17.78
N LEU I 241 -49.80 18.62 -18.27
CA LEU I 241 -48.71 19.43 -17.78
C LEU I 241 -48.87 20.91 -18.08
N SER I 242 -49.73 21.26 -19.03
CA SER I 242 -49.90 22.65 -19.45
C SER I 242 -50.48 23.53 -18.34
N ILE I 243 -51.25 22.95 -17.42
CA ILE I 243 -51.78 23.73 -16.30
C ILE I 243 -50.92 23.65 -15.08
N CYS I 244 -49.86 22.82 -15.10
CA CYS I 244 -48.96 22.72 -13.96
C CYS I 244 -48.24 24.04 -13.71
N LYS I 245 -47.85 24.73 -14.77
CA LYS I 245 -47.26 26.05 -14.62
C LYS I 245 -48.29 27.17 -14.75
N HIS I 246 -49.52 26.84 -15.13
CA HIS I 246 -50.56 27.84 -15.36
C HIS I 246 -51.40 28.11 -14.12
N TYR I 247 -51.99 27.07 -13.55
CA TYR I 247 -52.80 27.25 -12.35
C TYR I 247 -51.96 27.40 -11.09
N ARG I 248 -50.64 27.32 -11.19
CA ARG I 248 -49.80 27.72 -10.08
C ARG I 248 -49.60 29.22 -10.00
N ALA I 249 -50.10 29.97 -10.98
CA ALA I 249 -49.96 31.42 -11.02
C ALA I 249 -51.25 32.16 -10.72
N ILE I 250 -52.35 31.45 -10.44
CA ILE I 250 -53.62 32.10 -10.11
C ILE I 250 -53.80 32.26 -8.62
N TYR I 251 -52.71 32.21 -7.85
CA TYR I 251 -52.75 32.44 -6.41
C TYR I 251 -52.90 33.92 -6.05
N ASP I 252 -52.47 34.82 -6.92
CA ASP I 252 -52.68 36.24 -6.70
C ASP I 252 -54.03 36.73 -7.20
N THR I 253 -54.76 35.90 -7.93
CA THR I 253 -56.13 36.19 -8.32
C THR I 253 -57.05 36.35 -7.09
N PRO I 254 -56.89 35.60 -5.98
CA PRO I 254 -57.49 36.07 -4.72
C PRO I 254 -56.93 37.37 -4.18
N CYS I 255 -55.64 37.65 -4.39
CA CYS I 255 -55.06 38.88 -3.84
C CYS I 255 -55.57 40.11 -4.58
N ILE I 256 -55.92 39.96 -5.85
CA ILE I 256 -56.43 41.10 -6.60
C ILE I 256 -57.91 41.33 -6.32
N GLN I 257 -58.71 40.27 -6.29
CA GLN I 257 -60.16 40.39 -6.32
C GLN I 257 -60.80 39.81 -5.05
N ALA I 258 -62.12 39.75 -5.07
CA ALA I 258 -62.87 39.11 -3.99
C ALA I 258 -62.58 37.62 -3.97
N GLU I 259 -62.34 37.08 -2.79
CA GLU I 259 -61.82 35.72 -2.68
C GLU I 259 -62.92 34.67 -2.60
N SER I 260 -64.20 35.07 -2.57
CA SER I 260 -65.29 34.13 -2.31
C SER I 260 -65.47 33.14 -3.44
N GLU I 261 -65.39 33.61 -4.69
CA GLU I 261 -65.47 32.72 -5.83
C GLU I 261 -64.12 32.15 -6.22
N LYS I 262 -63.05 32.59 -5.54
CA LYS I 262 -61.75 32.00 -5.75
C LYS I 262 -61.60 30.69 -5.00
N TRP I 263 -62.45 30.46 -3.99
CA TRP I 263 -62.63 29.12 -3.44
C TRP I 263 -63.09 28.16 -4.51
N GLN I 264 -64.03 28.61 -5.34
CA GLN I 264 -64.72 27.77 -6.30
C GLN I 264 -63.89 27.49 -7.55
N GLN I 265 -63.01 28.41 -7.93
CA GLN I 265 -62.23 28.27 -9.15
C GLN I 265 -60.75 28.17 -8.82
N ALA I 266 -60.25 29.15 -8.06
CA ALA I 266 -58.83 29.22 -7.75
C ALA I 266 -58.44 28.11 -6.78
N LEU I 267 -59.21 27.95 -5.71
CA LEU I 267 -58.91 26.89 -4.75
C LEU I 267 -59.46 25.54 -5.18
N LYS I 268 -60.21 25.48 -6.27
CA LYS I 268 -60.44 24.20 -6.91
C LYS I 268 -59.26 23.79 -7.77
N SER I 269 -58.79 24.69 -8.61
CA SER I 269 -57.67 24.42 -9.49
C SER I 269 -56.32 24.53 -8.79
N VAL I 270 -56.31 24.82 -7.48
CA VAL I 270 -55.06 24.88 -6.76
C VAL I 270 -54.52 23.49 -6.47
N VAL I 271 -55.35 22.46 -6.60
CA VAL I 271 -54.92 21.10 -6.32
C VAL I 271 -54.68 20.29 -7.60
N LEU I 272 -55.33 20.65 -8.70
CA LEU I 272 -55.29 19.80 -9.89
C LEU I 272 -53.92 19.86 -10.57
N TYR I 273 -53.25 21.01 -10.51
CA TYR I 273 -51.96 21.11 -11.17
C TYR I 273 -50.88 20.36 -10.41
N VAL I 274 -51.05 20.18 -9.10
CA VAL I 274 -50.08 19.40 -8.36
C VAL I 274 -50.51 17.94 -8.32
N ILE I 275 -51.76 17.64 -8.67
CA ILE I 275 -52.09 16.28 -9.08
C ILE I 275 -51.35 15.92 -10.35
N LEU I 276 -51.39 16.80 -11.33
CA LEU I 276 -50.71 16.58 -12.60
C LEU I 276 -49.24 16.98 -12.56
N ALA I 277 -48.71 17.29 -11.38
CA ALA I 277 -47.28 17.55 -11.24
C ALA I 277 -46.51 16.27 -11.51
N PRO I 278 -45.44 16.33 -12.31
CA PRO I 278 -44.67 15.12 -12.60
C PRO I 278 -43.99 14.58 -11.36
N PHE I 279 -43.77 13.26 -11.36
CA PHE I 279 -43.45 12.54 -10.15
C PHE I 279 -42.02 12.77 -9.68
N ASP I 280 -41.18 13.39 -10.50
CA ASP I 280 -39.75 13.41 -10.23
C ASP I 280 -39.39 14.49 -9.20
N ASN I 281 -39.62 15.76 -9.53
CA ASN I 281 -39.17 16.82 -8.66
C ASN I 281 -40.28 17.80 -8.27
N GLU I 282 -41.08 18.23 -9.24
CA GLU I 282 -42.05 19.31 -9.03
C GLU I 282 -43.14 18.91 -8.03
N GLN I 283 -43.51 17.62 -8.03
CA GLN I 283 -44.39 17.09 -7.00
C GLN I 283 -43.81 17.27 -5.61
N SER I 284 -42.49 17.12 -5.46
CA SER I 284 -41.89 17.07 -4.13
C SER I 284 -41.86 18.44 -3.47
N ASP I 285 -41.43 19.47 -4.20
CA ASP I 285 -41.30 20.80 -3.64
C ASP I 285 -42.53 21.66 -3.85
N LEU I 286 -43.29 21.45 -4.93
CA LEU I 286 -44.45 22.28 -5.23
C LEU I 286 -45.63 22.03 -4.30
N VAL I 287 -45.64 20.93 -3.55
CA VAL I 287 -46.70 20.74 -2.57
C VAL I 287 -46.53 21.62 -1.35
N HIS I 288 -45.35 22.19 -1.13
CA HIS I 288 -45.19 23.12 -0.03
C HIS I 288 -45.57 24.54 -0.45
N ARG I 289 -45.73 24.76 -1.75
CA ARG I 289 -46.18 26.07 -2.22
C ARG I 289 -47.66 26.25 -1.94
N ILE I 290 -48.41 25.15 -1.89
CA ILE I 290 -49.80 25.21 -1.42
C ILE I 290 -49.92 24.92 0.06
N SER I 291 -48.98 24.19 0.65
CA SER I 291 -48.97 23.94 2.08
C SER I 291 -48.65 25.23 2.84
N GLY I 292 -49.35 25.44 3.94
CA GLY I 292 -49.22 26.64 4.73
C GLY I 292 -50.38 27.60 4.61
N ASP I 293 -51.20 27.45 3.58
CA ASP I 293 -52.42 28.24 3.45
C ASP I 293 -53.42 27.82 4.51
N LYS I 294 -53.97 28.79 5.22
CA LYS I 294 -55.07 28.49 6.13
C LYS I 294 -56.35 28.23 5.35
N LYS I 295 -56.45 28.79 4.15
CA LYS I 295 -57.55 28.46 3.25
C LYS I 295 -57.40 27.07 2.62
N LEU I 296 -56.24 26.43 2.78
CA LEU I 296 -56.07 25.08 2.26
C LEU I 296 -56.85 24.07 3.08
N GLU I 297 -56.77 24.16 4.42
CA GLU I 297 -57.50 23.24 5.28
C GLU I 297 -59.00 23.47 5.29
N GLU I 298 -59.44 24.66 4.87
CA GLU I 298 -60.89 24.92 4.80
C GLU I 298 -61.53 24.16 3.65
N ILE I 299 -60.73 23.69 2.71
CA ILE I 299 -61.22 22.83 1.63
C ILE I 299 -61.49 21.44 2.20
N PRO I 300 -62.60 20.79 1.84
CA PRO I 300 -62.76 19.37 2.18
C PRO I 300 -61.81 18.48 1.40
N LYS I 301 -61.30 18.93 0.27
CA LYS I 301 -60.40 18.18 -0.59
C LYS I 301 -58.96 18.29 -0.12
N TYR I 302 -58.73 19.06 0.96
CA TYR I 302 -57.45 19.08 1.66
C TYR I 302 -57.01 17.69 2.07
N LYS I 303 -57.94 16.89 2.58
CA LYS I 303 -57.60 15.51 2.94
C LYS I 303 -57.32 14.68 1.70
N ASP I 304 -57.86 15.06 0.54
CA ASP I 304 -57.55 14.31 -0.67
C ASP I 304 -56.14 14.66 -1.15
N LEU I 305 -55.75 15.93 -0.99
CA LEU I 305 -54.36 16.33 -1.16
C LEU I 305 -53.42 15.57 -0.23
N LEU I 306 -53.80 15.41 1.04
CA LEU I 306 -52.96 14.71 2.00
C LEU I 306 -52.93 13.21 1.71
N LYS I 307 -53.99 12.68 1.11
CA LYS I 307 -53.97 11.30 0.64
C LYS I 307 -53.09 11.14 -0.58
N LEU I 308 -52.95 12.19 -1.39
CA LEU I 308 -51.99 12.19 -2.47
C LEU I 308 -50.62 12.69 -2.05
N PHE I 309 -50.40 12.94 -0.75
CA PHE I 309 -49.17 13.61 -0.33
C PHE I 309 -47.99 12.64 -0.35
N THR I 310 -47.99 11.64 0.53
CA THR I 310 -46.94 10.62 0.56
C THR I 310 -47.41 9.43 1.35
N THR I 311 -46.65 8.34 1.24
CA THR I 311 -46.83 7.07 1.94
C THR I 311 -48.25 6.53 1.78
N MET I 312 -48.64 6.36 0.52
CA MET I 312 -50.02 6.05 0.21
C MET I 312 -50.30 4.59 0.55
N GLU I 313 -51.14 4.40 1.57
CA GLU I 313 -51.79 3.11 1.75
C GLU I 313 -52.65 2.86 0.53
N LEU I 314 -52.57 1.64 0.00
CA LEU I 314 -53.37 1.27 -1.16
C LEU I 314 -54.85 1.33 -0.81
N MET I 315 -55.51 2.37 -1.30
CA MET I 315 -56.83 2.72 -0.81
C MET I 315 -57.85 2.50 -1.92
N ARG I 316 -59.09 2.33 -1.51
CA ARG I 316 -60.18 2.04 -2.43
C ARG I 316 -60.71 3.33 -3.04
N TRP I 317 -60.85 3.32 -4.36
CA TRP I 317 -61.32 4.48 -5.09
C TRP I 317 -62.83 4.57 -5.10
N SER I 318 -63.51 3.50 -4.68
CA SER I 318 -64.93 3.58 -4.41
C SER I 318 -65.21 4.52 -3.25
N THR I 319 -64.26 4.70 -2.33
CA THR I 319 -64.35 5.75 -1.34
C THR I 319 -64.19 7.13 -1.98
N LEU I 320 -63.49 7.21 -3.11
CA LEU I 320 -63.39 8.47 -3.82
C LEU I 320 -64.58 8.71 -4.73
N VAL I 321 -65.42 7.70 -4.94
CA VAL I 321 -66.59 7.83 -5.81
C VAL I 321 -67.59 8.81 -5.21
N GLU I 322 -67.92 8.66 -3.92
CA GLU I 322 -68.83 9.63 -3.31
C GLU I 322 -68.20 10.99 -3.13
N ASP I 323 -66.86 11.05 -2.98
CA ASP I 323 -66.17 12.34 -2.87
C ASP I 323 -66.27 13.13 -4.17
N TYR I 324 -66.03 12.47 -5.30
CA TYR I 324 -66.13 13.19 -6.58
C TYR I 324 -67.59 13.40 -6.97
N GLY I 325 -68.47 12.49 -6.54
CA GLY I 325 -69.87 12.62 -6.89
C GLY I 325 -70.55 13.78 -6.19
N MET I 326 -70.40 13.87 -4.86
CA MET I 326 -70.89 15.07 -4.18
C MET I 326 -70.03 16.28 -4.49
N GLU I 327 -68.80 16.07 -4.97
CA GLU I 327 -67.98 17.18 -5.45
C GLU I 327 -68.56 17.75 -6.76
N LEU I 328 -69.33 16.94 -7.48
CA LEU I 328 -70.22 17.47 -8.53
C LEU I 328 -71.53 18.01 -7.98
N ARG I 329 -72.06 17.43 -6.89
CA ARG I 329 -73.41 17.77 -6.46
C ARG I 329 -73.48 19.12 -5.75
N LYS I 330 -72.56 19.38 -4.81
CA LYS I 330 -72.64 20.61 -4.03
C LYS I 330 -72.19 21.81 -4.86
N GLY I 331 -72.96 22.89 -4.78
CA GLY I 331 -72.52 24.18 -5.26
C GLY I 331 -71.97 25.05 -4.16
N SER I 332 -71.71 24.49 -2.98
CA SER I 332 -71.14 25.27 -1.88
C SER I 332 -69.72 25.72 -2.20
N LEU I 333 -68.92 24.82 -2.76
CA LEU I 333 -67.56 25.13 -3.16
C LEU I 333 -67.20 24.23 -4.33
N GLU I 334 -66.13 24.64 -5.04
CA GLU I 334 -65.60 24.04 -6.28
C GLU I 334 -66.70 23.61 -7.25
N SER I 335 -67.58 24.58 -7.52
CA SER I 335 -68.68 24.40 -8.48
C SER I 335 -68.27 23.92 -9.88
N PRO I 336 -67.11 24.35 -10.51
CA PRO I 336 -66.80 23.80 -11.84
C PRO I 336 -66.22 22.40 -11.90
N ALA I 337 -66.77 21.47 -11.11
CA ALA I 337 -66.53 20.06 -11.37
C ALA I 337 -67.33 19.58 -12.56
N THR I 338 -68.51 20.18 -12.76
CA THR I 338 -69.27 19.98 -13.98
C THR I 338 -68.55 20.59 -15.18
N ASP I 339 -67.67 21.58 -14.95
CA ASP I 339 -66.78 22.05 -16.00
C ASP I 339 -65.57 21.15 -16.19
N VAL I 340 -65.14 20.47 -15.12
CA VAL I 340 -64.13 19.42 -15.29
C VAL I 340 -64.67 18.32 -16.19
N PHE I 341 -65.90 17.89 -15.94
CA PHE I 341 -66.65 17.07 -16.89
C PHE I 341 -67.35 17.89 -17.98
N GLY I 342 -66.80 19.04 -18.35
CA GLY I 342 -67.49 19.91 -19.29
C GLY I 342 -67.58 19.35 -20.69
N SER I 343 -66.43 18.98 -21.27
CA SER I 343 -66.47 18.32 -22.56
C SER I 343 -66.87 16.86 -22.38
N THR I 344 -67.45 16.30 -23.43
CA THR I 344 -67.99 14.95 -23.42
C THR I 344 -66.90 13.91 -23.24
N GLU I 345 -65.70 14.17 -23.76
CA GLU I 345 -64.60 13.23 -23.68
C GLU I 345 -63.48 13.69 -22.77
N GLU I 346 -63.33 15.01 -22.56
CA GLU I 346 -62.13 15.52 -21.89
C GLU I 346 -62.12 15.19 -20.41
N GLY I 347 -63.25 15.37 -19.73
CA GLY I 347 -63.33 14.98 -18.33
C GLY I 347 -63.21 13.49 -18.13
N GLU I 348 -63.65 12.71 -19.12
CA GLU I 348 -63.43 11.27 -19.08
C GLU I 348 -61.94 10.94 -19.23
N LYS I 349 -61.22 11.72 -20.03
CA LYS I 349 -59.78 11.53 -20.14
C LYS I 349 -59.08 11.95 -18.85
N ARG I 350 -59.56 13.02 -18.22
CA ARG I 350 -59.03 13.44 -16.92
C ARG I 350 -59.31 12.38 -15.86
N TRP I 351 -60.41 11.65 -16.02
CA TRP I 351 -60.84 10.72 -14.99
C TRP I 351 -60.12 9.40 -15.11
N LYS I 352 -60.08 8.83 -16.32
CA LYS I 352 -59.31 7.62 -16.54
C LYS I 352 -57.82 7.87 -16.41
N ASP I 353 -57.38 9.05 -16.85
CA ASP I 353 -56.00 9.49 -16.61
C ASP I 353 -55.76 9.77 -15.13
N LEU I 354 -56.80 10.08 -14.37
CA LEU I 354 -56.63 10.40 -12.96
C LEU I 354 -56.48 9.13 -12.14
N LYS I 355 -57.44 8.21 -12.30
CA LYS I 355 -57.34 6.87 -11.71
C LYS I 355 -56.08 6.16 -12.16
N ASN I 356 -55.73 6.32 -13.43
CA ASN I 356 -54.47 5.82 -13.95
C ASN I 356 -53.28 6.46 -13.24
N ARG I 357 -53.33 7.77 -13.02
CA ARG I 357 -52.18 8.48 -12.48
C ARG I 357 -51.95 8.09 -11.02
N VAL I 358 -53.02 7.92 -10.25
CA VAL I 358 -52.83 7.49 -8.88
C VAL I 358 -52.51 6.00 -8.80
N VAL I 359 -53.04 5.19 -9.72
CA VAL I 359 -52.78 3.75 -9.66
C VAL I 359 -51.39 3.44 -10.21
N GLU I 360 -50.74 4.40 -10.84
CA GLU I 360 -49.31 4.27 -11.11
C GLU I 360 -48.49 4.87 -9.98
N HIS I 361 -48.98 5.97 -9.40
CA HIS I 361 -48.25 6.68 -8.36
C HIS I 361 -48.05 5.82 -7.12
N ASN I 362 -49.10 5.12 -6.68
CA ASN I 362 -48.96 4.27 -5.51
C ASN I 362 -48.04 3.09 -5.77
N ILE I 363 -47.97 2.62 -7.02
CA ILE I 363 -47.00 1.60 -7.39
C ILE I 363 -45.59 2.16 -7.29
N ARG I 364 -45.43 3.45 -7.62
CA ARG I 364 -44.13 4.06 -7.41
C ARG I 364 -43.84 4.28 -5.94
N ILE I 365 -44.87 4.32 -5.09
CA ILE I 365 -44.63 4.44 -3.66
C ILE I 365 -44.23 3.10 -3.06
N MET I 366 -44.99 2.04 -3.33
CA MET I 366 -44.64 0.72 -2.83
C MET I 366 -43.43 0.14 -3.55
N ALA I 367 -43.04 0.73 -4.68
CA ALA I 367 -41.83 0.37 -5.37
C ALA I 367 -40.57 0.84 -4.66
N LYS I 368 -40.70 1.84 -3.77
CA LYS I 368 -39.63 2.17 -2.86
C LYS I 368 -39.38 1.03 -1.89
N TYR I 369 -40.45 0.45 -1.37
CA TYR I 369 -40.32 -0.64 -0.43
C TYR I 369 -39.97 -1.93 -1.16
N TYR I 370 -39.04 -2.67 -0.59
CA TYR I 370 -38.67 -3.99 -1.11
C TYR I 370 -39.53 -5.09 -0.51
N THR I 371 -40.63 -4.71 0.14
CA THR I 371 -41.44 -5.61 0.97
C THR I 371 -42.20 -6.66 0.18
N ARG I 372 -42.20 -6.59 -1.16
CA ARG I 372 -42.70 -7.64 -2.05
C ARG I 372 -44.18 -7.94 -1.82
N ILE I 373 -45.02 -7.00 -2.26
CA ILE I 373 -46.46 -7.17 -2.11
C ILE I 373 -47.05 -8.15 -3.14
N THR I 374 -46.22 -8.72 -4.03
CA THR I 374 -46.51 -9.93 -4.82
C THR I 374 -47.72 -9.72 -5.75
N MET I 375 -47.48 -8.97 -6.82
CA MET I 375 -48.52 -8.31 -7.63
C MET I 375 -49.66 -9.22 -8.13
N LYS I 376 -49.50 -10.54 -8.10
CA LYS I 376 -50.65 -11.41 -8.37
C LYS I 376 -51.66 -11.32 -7.23
N ARG I 377 -51.18 -11.18 -6.00
CA ARG I 377 -52.05 -10.86 -4.86
C ARG I 377 -52.57 -9.44 -4.94
N MET I 378 -51.72 -8.51 -5.40
CA MET I 378 -52.10 -7.10 -5.49
C MET I 378 -53.21 -6.89 -6.50
N ALA I 379 -53.16 -7.60 -7.63
CA ALA I 379 -54.23 -7.53 -8.62
C ALA I 379 -55.54 -8.08 -8.08
N GLN I 380 -55.47 -9.00 -7.11
CA GLN I 380 -56.67 -9.48 -6.43
C GLN I 380 -57.18 -8.49 -5.40
N LEU I 381 -56.28 -7.80 -4.70
CA LEU I 381 -56.71 -6.79 -3.73
C LEU I 381 -57.22 -5.53 -4.43
N LEU I 382 -56.72 -5.25 -5.62
CA LEU I 382 -57.13 -4.07 -6.39
C LEU I 382 -58.45 -4.28 -7.12
N ASP I 383 -58.93 -5.53 -7.20
CA ASP I 383 -60.14 -5.91 -7.95
C ASP I 383 -60.07 -5.44 -9.40
N LEU I 384 -58.92 -5.64 -10.03
CA LEU I 384 -58.74 -5.29 -11.42
C LEU I 384 -58.00 -6.43 -12.12
N SER I 385 -58.11 -6.46 -13.44
CA SER I 385 -57.56 -7.56 -14.22
C SER I 385 -56.05 -7.45 -14.34
N VAL I 386 -55.40 -8.61 -14.44
CA VAL I 386 -53.96 -8.66 -14.67
C VAL I 386 -53.58 -8.23 -16.08
N ASP I 387 -54.54 -8.19 -17.01
CA ASP I 387 -54.24 -7.77 -18.37
C ASP I 387 -54.07 -6.26 -18.44
N GLU I 388 -54.91 -5.53 -17.70
CA GLU I 388 -54.65 -4.11 -17.58
C GLU I 388 -53.54 -3.83 -16.59
N SER I 389 -53.10 -4.83 -15.82
CA SER I 389 -51.84 -4.70 -15.09
C SER I 389 -50.65 -4.88 -16.02
N GLU I 390 -50.83 -5.66 -17.10
CA GLU I 390 -49.84 -5.68 -18.17
C GLU I 390 -49.83 -4.34 -18.89
N ALA I 391 -51.01 -3.72 -19.04
CA ALA I 391 -51.07 -2.35 -19.53
C ALA I 391 -50.40 -1.39 -18.55
N PHE I 392 -50.54 -1.66 -17.24
CA PHE I 392 -49.84 -0.87 -16.24
C PHE I 392 -48.35 -1.07 -16.37
N LEU I 393 -47.91 -2.26 -16.74
CA LEU I 393 -46.51 -2.51 -17.01
C LEU I 393 -46.06 -1.84 -18.29
N SER I 394 -46.97 -1.63 -19.24
CA SER I 394 -46.64 -0.83 -20.41
C SER I 394 -46.49 0.63 -20.03
N ASN I 395 -47.19 1.07 -18.99
CA ASN I 395 -46.93 2.38 -18.42
C ASN I 395 -45.70 2.39 -17.53
N LEU I 396 -45.25 1.22 -17.07
CA LEU I 396 -44.06 1.13 -16.24
C LEU I 396 -42.79 1.06 -17.06
N VAL I 397 -42.83 0.43 -18.23
CA VAL I 397 -41.63 0.37 -19.06
C VAL I 397 -41.32 1.75 -19.65
N VAL I 398 -42.34 2.57 -19.90
CA VAL I 398 -42.13 3.97 -20.21
C VAL I 398 -42.01 4.82 -18.96
N ASN I 399 -42.42 4.30 -17.81
CA ASN I 399 -42.19 4.95 -16.53
C ASN I 399 -40.92 4.45 -15.88
N LYS I 400 -40.10 3.71 -16.64
CA LYS I 400 -38.79 3.21 -16.26
C LYS I 400 -38.87 2.29 -15.04
N THR I 401 -39.55 1.17 -15.27
CA THR I 401 -39.46 0.00 -14.40
C THR I 401 -38.25 -0.85 -14.73
N ILE I 402 -37.38 -0.37 -15.63
CA ILE I 402 -36.34 -1.13 -16.32
C ILE I 402 -35.36 -1.83 -15.37
N PHE I 403 -35.30 -1.38 -14.12
CA PHE I 403 -34.63 -2.12 -13.05
C PHE I 403 -35.69 -2.87 -12.25
N ALA I 404 -35.99 -4.10 -12.67
CA ALA I 404 -36.97 -4.96 -12.00
C ALA I 404 -36.74 -6.41 -12.44
N LYS I 405 -37.54 -7.28 -11.85
CA LYS I 405 -37.48 -8.73 -12.10
C LYS I 405 -38.89 -9.24 -12.36
N VAL I 406 -39.11 -9.86 -13.52
CA VAL I 406 -40.38 -10.51 -13.79
C VAL I 406 -40.13 -12.02 -13.86
N ASP I 407 -41.21 -12.79 -13.97
CA ASP I 407 -41.10 -14.25 -13.97
C ASP I 407 -41.88 -14.83 -15.16
N ARG I 408 -41.21 -15.75 -15.88
CA ARG I 408 -41.94 -16.66 -16.76
C ARG I 408 -42.72 -17.67 -15.94
N LEU I 409 -42.13 -18.15 -14.85
CA LEU I 409 -42.74 -19.18 -14.01
C LEU I 409 -43.86 -18.60 -13.17
N ALA I 410 -43.54 -17.66 -12.29
CA ALA I 410 -44.54 -17.02 -11.47
C ALA I 410 -45.08 -15.77 -12.17
N GLY I 411 -45.91 -15.03 -11.45
CA GLY I 411 -46.31 -13.71 -11.89
C GLY I 411 -45.88 -12.70 -10.85
N ILE I 412 -45.21 -13.21 -9.81
CA ILE I 412 -44.71 -12.36 -8.73
C ILE I 412 -43.49 -11.62 -9.24
N ILE I 413 -43.40 -10.33 -8.92
CA ILE I 413 -42.30 -9.52 -9.43
C ILE I 413 -41.34 -9.13 -8.31
N ASN I 414 -40.14 -8.73 -8.69
CA ASN I 414 -39.17 -8.19 -7.74
C ASN I 414 -38.64 -6.88 -8.28
N PHE I 415 -38.72 -5.83 -7.46
CA PHE I 415 -38.16 -4.54 -7.80
C PHE I 415 -36.72 -4.40 -7.36
N GLN I 416 -36.14 -5.47 -6.81
CA GLN I 416 -34.76 -5.39 -6.35
C GLN I 416 -33.93 -6.62 -6.69
N ARG I 417 -33.14 -7.06 -5.71
CA ARG I 417 -32.28 -8.22 -5.86
C ARG I 417 -31.44 -8.17 -7.14
N PRO I 418 -30.66 -7.09 -7.31
CA PRO I 418 -29.80 -6.97 -8.49
C PRO I 418 -28.80 -8.12 -8.58
N LYS I 419 -27.84 -7.96 -9.50
CA LYS I 419 -26.70 -8.87 -9.55
C LYS I 419 -25.85 -8.80 -8.29
N ASP I 420 -25.93 -7.68 -7.54
CA ASP I 420 -25.32 -7.45 -6.23
C ASP I 420 -23.81 -7.66 -6.22
N PRO I 421 -23.04 -6.70 -6.73
CA PRO I 421 -21.58 -6.86 -6.68
C PRO I 421 -21.09 -6.67 -5.26
N ASN I 422 -20.33 -7.66 -4.78
CA ASN I 422 -19.83 -7.60 -3.42
C ASN I 422 -18.69 -6.62 -3.27
N ASN I 423 -17.99 -6.32 -4.35
CA ASN I 423 -17.04 -5.22 -4.38
C ASN I 423 -17.71 -3.86 -4.54
N LEU I 424 -19.01 -3.83 -4.79
CA LEU I 424 -19.72 -2.55 -4.82
C LEU I 424 -20.78 -2.47 -3.73
N LEU I 425 -21.73 -3.42 -3.75
CA LEU I 425 -22.95 -3.24 -2.99
C LEU I 425 -22.78 -3.73 -1.56
N ASN I 426 -22.39 -4.99 -1.39
CA ASN I 426 -22.14 -5.52 -0.05
C ASN I 426 -20.88 -4.91 0.54
N ASP I 427 -19.96 -4.48 -0.33
CA ASP I 427 -18.95 -3.48 0.03
C ASP I 427 -19.58 -2.30 0.73
N TRP I 428 -20.55 -1.65 0.09
CA TRP I 428 -21.12 -0.41 0.61
C TRP I 428 -21.89 -0.62 1.91
N SER I 429 -22.69 -1.70 1.96
CA SER I 429 -23.45 -2.04 3.16
C SER I 429 -22.52 -2.38 4.32
N GLN I 430 -21.47 -3.16 4.04
CA GLN I 430 -20.50 -3.52 5.07
C GLN I 430 -19.73 -2.30 5.55
N LYS I 431 -19.41 -1.39 4.63
CA LYS I 431 -18.76 -0.12 4.96
C LYS I 431 -19.59 0.70 5.94
N LEU I 432 -20.79 1.11 5.55
CA LEU I 432 -21.55 2.03 6.41
C LEU I 432 -22.06 1.35 7.67
N ASN I 433 -22.32 0.04 7.59
CA ASN I 433 -22.72 -0.70 8.78
C ASN I 433 -21.58 -0.78 9.78
N SER I 434 -20.41 -1.24 9.33
CA SER I 434 -19.25 -1.39 10.21
C SER I 434 -18.80 -0.05 10.77
N LEU I 435 -18.64 0.94 9.90
CA LEU I 435 -18.17 2.26 10.31
C LEU I 435 -19.16 2.97 11.22
N MET I 436 -20.45 2.88 10.92
CA MET I 436 -21.44 3.53 11.77
C MET I 436 -21.55 2.83 13.12
N SER I 437 -21.35 1.51 13.13
CA SER I 437 -21.24 0.79 14.40
C SER I 437 -20.05 1.27 15.22
N LEU I 438 -18.91 1.51 14.54
CA LEU I 438 -17.71 1.96 15.23
C LEU I 438 -17.87 3.36 15.80
N VAL I 439 -18.29 4.31 14.97
CA VAL I 439 -18.27 5.70 15.43
C VAL I 439 -19.50 6.03 16.25
N ASN I 440 -20.64 5.36 16.01
CA ASN I 440 -21.76 5.54 16.91
C ASN I 440 -21.48 4.88 18.24
N LYS I 441 -20.78 3.74 18.19
CA LYS I 441 -20.23 3.13 19.39
C LYS I 441 -19.25 4.06 20.11
N THR I 442 -18.58 4.95 19.38
CA THR I 442 -17.56 5.80 19.96
C THR I 442 -18.14 6.95 20.80
N THR I 443 -19.25 7.54 20.36
CA THR I 443 -19.65 8.86 20.87
C THR I 443 -20.32 8.81 22.24
N HIS I 444 -21.43 8.08 22.35
CA HIS I 444 -22.11 7.94 23.64
C HIS I 444 -21.29 7.17 24.66
N LEU I 445 -20.25 6.48 24.21
CA LEU I 445 -19.28 5.84 25.08
C LEU I 445 -18.61 6.86 26.00
N ILE I 446 -17.87 7.80 25.39
CA ILE I 446 -17.21 8.84 26.14
C ILE I 446 -18.21 9.88 26.65
N ALA I 447 -19.40 9.96 26.04
CA ALA I 447 -20.40 10.91 26.52
C ALA I 447 -21.02 10.44 27.82
N LYS I 448 -21.42 9.17 27.89
CA LYS I 448 -21.88 8.60 29.16
C LYS I 448 -20.74 8.51 30.16
N GLU I 449 -19.51 8.32 29.67
CA GLU I 449 -18.33 8.44 30.53
C GLU I 449 -18.21 9.84 31.13
N GLU I 450 -18.70 10.86 30.43
CA GLU I 450 -18.81 12.17 31.07
C GLU I 450 -20.06 12.31 31.92
N MET I 451 -21.11 11.53 31.65
CA MET I 451 -22.32 11.60 32.45
C MET I 451 -22.12 11.00 33.83
N ILE I 452 -21.25 9.99 33.95
CA ILE I 452 -21.00 9.38 35.25
C ILE I 452 -20.06 10.20 36.11
N HIS I 453 -19.39 11.20 35.53
CA HIS I 453 -18.59 12.14 36.29
C HIS I 453 -19.42 13.02 37.21
N ASN I 454 -20.66 13.31 36.82
CA ASN I 454 -21.52 14.22 37.56
C ASN I 454 -22.21 13.55 38.74
N LEU I 455 -22.18 12.22 38.81
CA LEU I 455 -22.73 11.53 39.98
C LEU I 455 -21.82 11.63 41.19
N GLN I 456 -20.53 11.93 40.98
CA GLN I 456 -19.61 12.06 42.08
C GLN I 456 -19.85 13.34 42.86
N ASN J 1 -30.18 15.57 -106.94
CA ASN J 1 -28.93 14.85 -106.93
C ASN J 1 -29.01 13.52 -106.16
N ASP J 2 -27.88 12.81 -106.08
CA ASP J 2 -27.87 11.54 -105.38
C ASP J 2 -27.85 11.73 -103.87
N GLU J 3 -27.39 12.89 -103.38
CA GLU J 3 -27.41 13.14 -101.94
C GLU J 3 -28.82 13.24 -101.40
N GLU J 4 -29.73 13.87 -102.15
CA GLU J 4 -31.13 13.90 -101.77
C GLU J 4 -31.77 12.52 -101.94
N ALA J 5 -31.34 11.76 -102.95
CA ALA J 5 -31.85 10.41 -103.14
C ALA J 5 -31.42 9.49 -102.00
N VAL J 6 -30.20 9.70 -101.49
CA VAL J 6 -29.73 8.98 -100.32
C VAL J 6 -30.46 9.47 -99.07
N GLN J 7 -30.83 10.75 -99.04
CA GLN J 7 -31.58 11.27 -97.90
C GLN J 7 -32.98 10.67 -97.82
N VAL J 8 -33.68 10.61 -98.97
CA VAL J 8 -35.02 10.03 -98.96
C VAL J 8 -34.99 8.51 -98.87
N LYS J 9 -33.92 7.87 -99.35
CA LYS J 9 -33.79 6.42 -99.16
C LYS J 9 -33.47 6.09 -97.72
N GLU J 10 -32.66 6.93 -97.05
CA GLU J 10 -32.35 6.72 -95.65
C GLU J 10 -33.56 7.00 -94.75
N GLN J 11 -34.40 7.97 -95.12
CA GLN J 11 -35.64 8.09 -94.36
C GLN J 11 -36.66 7.02 -94.76
N SER J 12 -36.43 6.35 -95.90
CA SER J 12 -37.16 5.11 -96.16
C SER J 12 -36.57 3.95 -95.38
N ILE J 13 -35.33 4.09 -94.89
CA ILE J 13 -34.74 3.09 -94.02
C ILE J 13 -35.24 3.26 -92.59
N LEU J 14 -35.31 4.51 -92.12
CA LEU J 14 -36.00 4.79 -90.86
C LEU J 14 -37.49 4.48 -90.96
N GLU J 15 -38.07 4.68 -92.15
CA GLU J 15 -39.49 4.42 -92.35
C GLU J 15 -39.79 2.92 -92.35
N LEU J 16 -39.08 2.15 -93.18
CA LEU J 16 -39.28 0.70 -93.22
C LEU J 16 -38.83 0.04 -91.93
N GLY J 17 -37.78 0.55 -91.28
CA GLY J 17 -37.43 0.07 -89.97
C GLY J 17 -38.48 0.36 -88.92
N SER J 18 -39.19 1.48 -89.09
CA SER J 18 -40.27 1.82 -88.17
C SER J 18 -41.47 0.89 -88.35
N LEU J 19 -41.88 0.66 -89.61
CA LEU J 19 -43.04 -0.21 -89.83
C LEU J 19 -42.72 -1.67 -89.57
N LEU J 20 -41.46 -2.07 -89.76
CA LEU J 20 -41.08 -3.44 -89.39
C LEU J 20 -40.95 -3.59 -87.87
N ALA J 21 -40.56 -2.51 -87.18
CA ALA J 21 -40.57 -2.56 -85.72
C ALA J 21 -41.98 -2.51 -85.16
N LYS J 22 -42.91 -1.90 -85.89
CA LYS J 22 -44.32 -1.91 -85.49
C LYS J 22 -44.96 -3.26 -85.79
N THR J 23 -44.58 -3.91 -86.89
CA THR J 23 -45.07 -5.25 -87.16
C THR J 23 -44.26 -6.33 -86.47
N GLY J 24 -43.19 -5.95 -85.76
CA GLY J 24 -42.48 -6.89 -84.90
C GLY J 24 -41.65 -7.92 -85.65
N GLN J 25 -40.90 -7.49 -86.65
CA GLN J 25 -40.03 -8.37 -87.40
C GLN J 25 -38.62 -8.33 -86.82
N ALA J 26 -38.05 -9.51 -86.57
CA ALA J 26 -36.77 -9.62 -85.89
C ALA J 26 -35.66 -10.08 -86.82
N ALA J 27 -35.88 -11.17 -87.57
CA ALA J 27 -34.86 -11.63 -88.49
C ALA J 27 -34.78 -10.76 -89.73
N GLU J 28 -35.90 -10.15 -90.13
CA GLU J 28 -35.90 -9.23 -91.25
C GLU J 28 -35.21 -7.93 -90.89
N LEU J 29 -35.53 -7.37 -89.71
CA LEU J 29 -34.88 -6.15 -89.26
C LEU J 29 -33.45 -6.43 -88.82
N GLY J 30 -33.18 -7.61 -88.27
CA GLY J 30 -31.81 -7.98 -87.97
C GLY J 30 -30.98 -8.22 -89.22
N GLY J 31 -31.62 -8.68 -90.29
CA GLY J 31 -30.95 -8.82 -91.56
C GLY J 31 -30.90 -7.56 -92.39
N LEU J 32 -31.65 -6.53 -91.98
CA LEU J 32 -31.68 -5.28 -92.73
C LEU J 32 -30.38 -4.50 -92.56
N LEU J 33 -29.76 -4.62 -91.39
CA LEU J 33 -28.46 -4.00 -91.16
C LEU J 33 -27.38 -4.68 -92.00
N LYS J 34 -27.60 -5.96 -92.34
CA LYS J 34 -26.74 -6.65 -93.29
C LYS J 34 -27.13 -6.30 -94.73
N TYR J 35 -28.38 -5.89 -94.94
CA TYR J 35 -28.84 -5.51 -96.27
C TYR J 35 -28.35 -4.12 -96.65
N VAL J 36 -28.12 -3.25 -95.66
CA VAL J 36 -27.64 -1.89 -95.93
C VAL J 36 -26.12 -1.79 -95.89
N ARG J 37 -25.41 -2.92 -95.89
CA ARG J 37 -23.95 -2.90 -95.80
C ARG J 37 -23.23 -2.22 -96.96
N PRO J 38 -23.57 -2.41 -98.25
CA PRO J 38 -22.89 -1.60 -99.29
C PRO J 38 -23.38 -0.17 -99.35
N PHE J 39 -24.59 0.11 -98.87
CA PHE J 39 -25.15 1.46 -98.92
C PHE J 39 -24.50 2.39 -97.90
N LEU J 40 -24.01 1.85 -96.78
CA LEU J 40 -23.30 2.66 -95.80
C LEU J 40 -21.92 3.09 -96.28
N ASN J 41 -21.36 2.39 -97.27
CA ASN J 41 -20.08 2.77 -97.85
C ASN J 41 -20.25 3.88 -98.87
N SER J 42 -21.48 4.13 -99.33
CA SER J 42 -21.77 5.23 -100.24
C SER J 42 -21.87 6.57 -99.53
N ILE J 43 -21.81 6.58 -98.19
CA ILE J 43 -21.83 7.81 -97.41
C ILE J 43 -20.75 7.78 -96.33
N SER J 44 -20.71 8.83 -95.52
CA SER J 44 -19.65 8.97 -94.53
C SER J 44 -19.88 8.04 -93.34
N LYS J 45 -18.81 7.84 -92.58
CA LYS J 45 -18.85 6.92 -91.44
C LYS J 45 -19.65 7.46 -90.27
N ALA J 46 -19.91 8.77 -90.24
CA ALA J 46 -20.66 9.34 -89.12
C ALA J 46 -22.14 9.02 -89.25
N LYS J 47 -22.71 9.24 -90.44
CA LYS J 47 -24.10 8.88 -90.67
C LYS J 47 -24.28 7.37 -90.73
N ALA J 48 -23.25 6.65 -91.17
CA ALA J 48 -23.31 5.19 -91.18
C ALA J 48 -23.32 4.64 -89.76
N ALA J 49 -22.38 5.09 -88.92
CA ALA J 49 -22.28 4.60 -87.55
C ALA J 49 -23.48 5.06 -86.72
N ARG J 50 -23.91 6.31 -86.89
CA ARG J 50 -25.09 6.81 -86.23
C ARG J 50 -26.35 6.06 -86.67
N LEU J 51 -26.40 5.67 -87.94
CA LEU J 51 -27.53 4.89 -88.44
C LEU J 51 -27.52 3.47 -87.87
N VAL J 52 -26.34 2.88 -87.71
CA VAL J 52 -26.22 1.57 -87.08
C VAL J 52 -26.64 1.64 -85.62
N ARG J 53 -26.29 2.73 -84.94
CA ARG J 53 -26.77 2.94 -83.57
C ARG J 53 -28.27 3.14 -83.53
N SER J 54 -28.85 3.74 -84.59
CA SER J 54 -30.29 3.93 -84.65
C SER J 54 -31.02 2.60 -84.79
N LEU J 55 -30.72 1.83 -85.85
CA LEU J 55 -31.41 0.56 -86.08
C LEU J 55 -31.03 -0.47 -85.03
N LEU J 56 -29.84 -0.33 -84.45
CA LEU J 56 -29.39 -1.24 -83.40
C LEU J 56 -30.13 -1.00 -82.10
N ASP J 57 -30.22 0.26 -81.66
CA ASP J 57 -30.89 0.56 -80.40
C ASP J 57 -32.40 0.35 -80.52
N LEU J 58 -32.97 0.73 -81.67
CA LEU J 58 -34.39 0.48 -81.88
C LEU J 58 -34.66 -1.00 -82.17
N PHE J 59 -33.63 -1.77 -82.50
CA PHE J 59 -33.78 -3.22 -82.64
C PHE J 59 -33.66 -3.92 -81.29
N LEU J 60 -32.87 -3.37 -80.37
CA LEU J 60 -32.71 -3.97 -79.06
C LEU J 60 -33.81 -3.56 -78.09
N ASP J 61 -34.45 -2.40 -78.30
CA ASP J 61 -35.54 -2.00 -77.42
C ASP J 61 -36.83 -2.78 -77.70
N MET J 62 -36.90 -3.49 -78.82
CA MET J 62 -38.05 -4.34 -79.11
C MET J 62 -38.10 -5.58 -78.21
N GLU J 63 -36.93 -6.03 -77.73
CA GLU J 63 -36.76 -7.19 -76.86
C GLU J 63 -37.33 -8.46 -77.49
N ALA J 64 -36.71 -8.84 -78.61
CA ALA J 64 -37.14 -10.03 -79.34
C ALA J 64 -35.94 -10.80 -79.86
N ALA J 65 -35.87 -12.08 -79.49
CA ALA J 65 -34.89 -13.06 -79.96
C ALA J 65 -33.46 -12.62 -79.65
N THR J 66 -33.17 -12.55 -78.35
CA THR J 66 -31.88 -12.05 -77.87
C THR J 66 -30.72 -13.01 -78.14
N GLY J 67 -30.99 -14.24 -78.56
CA GLY J 67 -29.91 -15.16 -78.85
C GLY J 67 -29.16 -14.81 -80.12
N GLN J 68 -29.90 -14.41 -81.16
CA GLN J 68 -29.28 -13.96 -82.40
C GLN J 68 -28.83 -12.51 -82.32
N GLU J 69 -29.22 -11.79 -81.26
CA GLU J 69 -28.83 -10.40 -81.13
C GLU J 69 -27.36 -10.24 -80.77
N VAL J 70 -26.86 -11.04 -79.83
CA VAL J 70 -25.47 -10.93 -79.41
C VAL J 70 -24.53 -11.45 -80.50
N GLU J 71 -24.89 -12.57 -81.14
CA GLU J 71 -24.09 -13.11 -82.23
C GLU J 71 -24.14 -12.21 -83.45
N LEU J 72 -25.31 -11.63 -83.73
CA LEU J 72 -25.43 -10.72 -84.86
C LEU J 72 -24.67 -9.42 -84.59
N CYS J 73 -24.61 -9.00 -83.32
CA CYS J 73 -23.75 -7.88 -82.94
C CYS J 73 -22.28 -8.22 -83.10
N LEU J 74 -21.93 -9.49 -82.88
CA LEU J 74 -20.55 -9.90 -83.16
C LEU J 74 -20.29 -9.94 -84.67
N GLU J 75 -21.34 -10.13 -85.47
CA GLU J 75 -21.20 -9.95 -86.91
C GLU J 75 -21.12 -8.47 -87.28
N CYS J 76 -21.65 -7.60 -86.40
CA CYS J 76 -21.52 -6.17 -86.65
C CYS J 76 -20.12 -5.67 -86.31
N ILE J 77 -19.52 -6.20 -85.23
CA ILE J 77 -18.14 -5.88 -84.91
C ILE J 77 -17.20 -6.50 -85.94
N GLU J 78 -17.52 -7.73 -86.38
CA GLU J 78 -16.76 -8.40 -87.42
C GLU J 78 -16.82 -7.64 -88.74
N TRP J 79 -18.01 -7.18 -89.12
CA TRP J 79 -18.15 -6.42 -90.36
C TRP J 79 -17.51 -5.04 -90.25
N ALA J 80 -17.67 -4.40 -89.08
CA ALA J 80 -17.10 -3.07 -88.85
C ALA J 80 -15.58 -3.11 -88.85
N LYS J 81 -15.00 -4.20 -88.35
CA LYS J 81 -13.55 -4.37 -88.45
C LYS J 81 -13.16 -4.78 -89.86
N SER J 82 -14.07 -5.46 -90.58
CA SER J 82 -13.78 -5.88 -91.95
C SER J 82 -13.70 -4.70 -92.89
N GLU J 83 -14.52 -3.67 -92.67
CA GLU J 83 -14.37 -2.41 -93.36
C GLU J 83 -13.49 -1.43 -92.60
N LYS J 84 -12.92 -1.86 -91.48
CA LYS J 84 -12.00 -1.08 -90.63
C LYS J 84 -12.62 0.23 -90.15
N ARG J 85 -13.75 0.10 -89.46
CA ARG J 85 -14.40 1.23 -88.78
C ARG J 85 -14.19 1.03 -87.28
N THR J 86 -13.22 1.77 -86.73
CA THR J 86 -12.80 1.55 -85.35
C THR J 86 -13.83 2.08 -84.36
N PHE J 87 -14.27 3.32 -84.55
CA PHE J 87 -15.22 3.93 -83.62
C PHE J 87 -16.59 3.27 -83.71
N LEU J 88 -16.94 2.73 -84.89
CA LEU J 88 -18.19 2.00 -85.05
C LEU J 88 -18.21 0.74 -84.19
N ARG J 89 -17.17 -0.09 -84.29
CA ARG J 89 -17.14 -1.30 -83.47
C ARG J 89 -16.84 -0.98 -82.01
N GLN J 90 -16.28 0.19 -81.71
CA GLN J 90 -16.25 0.65 -80.32
C GLN J 90 -17.65 0.95 -79.80
N ALA J 91 -18.52 1.51 -80.66
CA ALA J 91 -19.90 1.73 -80.25
C ALA J 91 -20.67 0.42 -80.15
N LEU J 92 -20.35 -0.53 -81.03
CA LEU J 92 -21.01 -1.83 -81.03
C LEU J 92 -20.59 -2.64 -79.80
N GLU J 93 -19.34 -2.51 -79.37
CA GLU J 93 -18.97 -3.07 -78.08
C GLU J 93 -19.57 -2.27 -76.94
N ALA J 94 -19.79 -0.97 -77.13
CA ALA J 94 -20.33 -0.12 -76.07
C ALA J 94 -21.80 -0.44 -75.80
N ARG J 95 -22.53 -0.91 -76.81
CA ARG J 95 -23.90 -1.35 -76.61
C ARG J 95 -23.96 -2.83 -76.30
N LEU J 96 -23.03 -3.61 -76.84
CA LEU J 96 -22.99 -5.04 -76.58
C LEU J 96 -22.63 -5.33 -75.13
N VAL J 97 -21.83 -4.47 -74.51
CA VAL J 97 -21.52 -4.64 -73.10
C VAL J 97 -22.73 -4.28 -72.24
N SER J 98 -23.62 -3.42 -72.76
CA SER J 98 -24.89 -3.21 -72.08
C SER J 98 -25.82 -4.40 -72.29
N LEU J 99 -25.65 -5.12 -73.40
CA LEU J 99 -26.40 -6.37 -73.60
C LEU J 99 -25.93 -7.45 -72.65
N TYR J 100 -24.62 -7.55 -72.40
CA TYR J 100 -24.14 -8.49 -71.39
C TYR J 100 -24.45 -8.02 -69.98
N PHE J 101 -24.61 -6.71 -69.77
CA PHE J 101 -25.09 -6.22 -68.47
C PHE J 101 -26.54 -6.62 -68.25
N ASP J 102 -27.34 -6.58 -69.32
CA ASP J 102 -28.72 -7.04 -69.23
C ASP J 102 -28.81 -8.56 -69.12
N THR J 103 -27.81 -9.28 -69.65
CA THR J 103 -27.77 -10.73 -69.56
C THR J 103 -27.19 -11.20 -68.22
N LYS J 104 -26.66 -10.26 -67.43
CA LYS J 104 -25.91 -10.52 -66.20
C LYS J 104 -24.75 -11.48 -66.44
N ARG J 105 -24.02 -11.23 -67.52
CA ARG J 105 -22.80 -11.97 -67.85
C ARG J 105 -21.62 -11.05 -67.55
N TYR J 106 -21.18 -11.07 -66.30
CA TYR J 106 -20.24 -10.09 -65.77
C TYR J 106 -18.80 -10.44 -66.08
N GLN J 107 -18.54 -11.62 -66.64
CA GLN J 107 -17.16 -12.03 -66.94
C GLN J 107 -16.67 -11.32 -68.20
N GLU J 108 -17.31 -11.61 -69.33
CA GLU J 108 -16.85 -11.05 -70.60
C GLU J 108 -17.30 -9.62 -70.81
N ALA J 109 -18.25 -9.14 -70.01
CA ALA J 109 -18.59 -7.72 -70.06
C ALA J 109 -17.48 -6.89 -69.43
N LEU J 110 -16.97 -7.32 -68.28
CA LEU J 110 -15.87 -6.64 -67.64
C LEU J 110 -14.56 -6.89 -68.38
N HIS J 111 -14.41 -8.09 -68.96
CA HIS J 111 -13.17 -8.43 -69.66
C HIS J 111 -13.10 -7.71 -71.00
N LEU J 112 -14.11 -7.90 -71.86
CA LEU J 112 -14.14 -7.22 -73.15
C LEU J 112 -14.32 -5.72 -72.98
N GLY J 113 -15.04 -5.28 -71.95
CA GLY J 113 -15.13 -3.85 -71.67
C GLY J 113 -13.83 -3.27 -71.18
N SER J 114 -13.04 -4.06 -70.44
CA SER J 114 -11.73 -3.61 -70.00
C SER J 114 -10.75 -3.54 -71.17
N GLN J 115 -10.80 -4.52 -72.07
CA GLN J 115 -10.01 -4.44 -73.31
C GLN J 115 -10.49 -3.29 -74.20
N LEU J 116 -11.76 -2.91 -74.08
CA LEU J 116 -12.23 -1.70 -74.74
C LEU J 116 -11.68 -0.45 -74.05
N LEU J 117 -11.49 -0.52 -72.73
CA LEU J 117 -10.86 0.59 -72.01
C LEU J 117 -9.40 0.73 -72.39
N ARG J 118 -8.74 -0.37 -72.76
CA ARG J 118 -7.35 -0.30 -73.18
C ARG J 118 -7.20 0.45 -74.51
N GLU J 119 -8.25 0.41 -75.35
CA GLU J 119 -8.22 1.23 -76.55
C GLU J 119 -9.03 2.51 -76.41
N LEU J 120 -9.62 2.78 -75.24
CA LEU J 120 -10.24 4.09 -75.04
C LEU J 120 -9.36 5.05 -74.24
N LYS J 121 -8.55 4.53 -73.30
CA LYS J 121 -7.64 5.39 -72.54
C LYS J 121 -6.56 5.99 -73.43
N LYS J 122 -6.19 5.30 -74.50
CA LYS J 122 -5.22 5.83 -75.45
C LYS J 122 -5.85 6.83 -76.42
N MET J 123 -7.07 6.57 -76.88
CA MET J 123 -7.66 7.33 -77.97
C MET J 123 -8.41 8.56 -77.45
N ASP J 124 -8.99 9.31 -78.38
CA ASP J 124 -9.79 10.50 -78.10
C ASP J 124 -11.22 10.09 -77.75
N ASP J 125 -12.14 11.06 -77.78
CA ASP J 125 -13.56 10.93 -77.41
C ASP J 125 -13.67 10.50 -75.94
N LYS J 126 -13.31 11.44 -75.07
CA LYS J 126 -13.36 11.25 -73.62
C LYS J 126 -14.77 11.07 -73.10
N ALA J 127 -15.79 11.54 -73.82
CA ALA J 127 -17.16 11.35 -73.37
C ALA J 127 -17.59 9.90 -73.51
N LEU J 128 -16.98 9.16 -74.44
CA LEU J 128 -17.27 7.74 -74.58
C LEU J 128 -16.70 6.94 -73.42
N LEU J 129 -15.62 7.43 -72.79
CA LEU J 129 -15.07 6.77 -71.63
C LEU J 129 -15.98 6.90 -70.42
N VAL J 130 -16.82 7.94 -70.40
CA VAL J 130 -17.76 8.15 -69.30
C VAL J 130 -18.85 7.09 -69.34
N GLU J 131 -19.21 6.62 -70.54
CA GLU J 131 -20.19 5.56 -70.67
C GLU J 131 -19.68 4.24 -70.09
N VAL J 132 -18.42 3.90 -70.40
CA VAL J 132 -17.91 2.59 -70.05
C VAL J 132 -17.31 2.57 -68.65
N GLN J 133 -16.94 3.74 -68.11
CA GLN J 133 -16.58 3.80 -66.69
C GLN J 133 -17.82 3.95 -65.83
N LEU J 134 -18.88 4.53 -66.39
CA LEU J 134 -20.18 4.52 -65.76
C LEU J 134 -20.73 3.10 -65.64
N LEU J 135 -20.76 2.37 -66.75
CA LEU J 135 -21.23 0.99 -66.73
C LEU J 135 -20.22 0.07 -66.06
N GLU J 136 -18.95 0.47 -66.02
CA GLU J 136 -17.96 -0.24 -65.21
C GLU J 136 -18.29 -0.11 -63.73
N SER J 137 -18.71 1.09 -63.31
CA SER J 137 -19.25 1.25 -61.96
C SER J 137 -20.53 0.45 -61.78
N LYS J 138 -21.33 0.30 -62.84
CA LYS J 138 -22.55 -0.49 -62.74
C LYS J 138 -22.24 -1.98 -62.57
N THR J 139 -21.16 -2.46 -63.18
CA THR J 139 -20.88 -3.89 -63.09
C THR J 139 -20.05 -4.23 -61.85
N TYR J 140 -19.23 -3.30 -61.34
CA TYR J 140 -18.60 -3.58 -60.07
C TYR J 140 -19.58 -3.38 -58.91
N HIS J 141 -20.54 -2.48 -59.07
CA HIS J 141 -21.60 -2.40 -58.08
C HIS J 141 -22.54 -3.60 -58.17
N ALA J 142 -22.78 -4.11 -59.38
CA ALA J 142 -23.61 -5.29 -59.54
C ALA J 142 -22.93 -6.53 -58.99
N LEU J 143 -21.59 -6.59 -59.10
CA LEU J 143 -20.81 -7.60 -58.40
C LEU J 143 -20.49 -7.21 -56.96
N SER J 144 -20.94 -6.03 -56.53
CA SER J 144 -20.76 -5.47 -55.19
C SER J 144 -19.27 -5.34 -54.84
N ASN J 145 -18.60 -4.51 -55.63
CA ASN J 145 -17.20 -4.16 -55.40
C ASN J 145 -17.11 -2.64 -55.31
N LEU J 146 -16.95 -2.14 -54.09
CA LEU J 146 -17.06 -0.70 -53.87
C LEU J 146 -15.82 0.12 -54.28
N PRO J 147 -14.56 -0.28 -53.98
CA PRO J 147 -13.44 0.59 -54.40
C PRO J 147 -13.26 0.73 -55.90
N LYS J 148 -13.50 -0.32 -56.67
CA LYS J 148 -13.36 -0.19 -58.12
C LYS J 148 -14.52 0.59 -58.71
N ALA J 149 -15.69 0.56 -58.07
CA ALA J 149 -16.81 1.38 -58.50
C ALA J 149 -16.57 2.86 -58.19
N ARG J 150 -15.96 3.15 -57.04
CA ARG J 150 -15.62 4.53 -56.72
C ARG J 150 -14.48 5.03 -57.59
N ALA J 151 -13.54 4.15 -57.95
CA ALA J 151 -12.43 4.56 -58.80
C ALA J 151 -12.87 4.80 -60.23
N ALA J 152 -13.73 3.93 -60.77
CA ALA J 152 -14.25 4.14 -62.11
C ALA J 152 -15.21 5.33 -62.15
N LEU J 153 -15.97 5.53 -61.06
CA LEU J 153 -16.83 6.69 -60.92
C LEU J 153 -16.02 7.98 -60.93
N THR J 154 -14.97 8.04 -60.10
CA THR J 154 -14.17 9.25 -59.97
C THR J 154 -13.38 9.51 -61.25
N SER J 155 -12.97 8.45 -61.92
CA SER J 155 -12.29 8.61 -63.21
C SER J 155 -13.24 9.14 -64.27
N ALA J 156 -14.51 8.69 -64.24
CA ALA J 156 -15.50 9.27 -65.15
C ALA J 156 -15.84 10.71 -64.77
N ARG J 157 -15.71 11.07 -63.49
CA ARG J 157 -15.94 12.45 -63.07
C ARG J 157 -14.83 13.36 -63.56
N THR J 158 -13.57 12.98 -63.34
CA THR J 158 -12.46 13.80 -63.78
C THR J 158 -12.24 13.72 -65.28
N THR J 159 -12.86 12.75 -65.95
CA THR J 159 -12.89 12.73 -67.40
C THR J 159 -13.99 13.64 -67.93
N ALA J 160 -15.16 13.62 -67.29
CA ALA J 160 -16.32 14.38 -67.73
C ALA J 160 -16.42 15.76 -67.10
N ASN J 161 -15.37 16.23 -66.41
CA ASN J 161 -15.46 17.55 -65.79
C ASN J 161 -15.34 18.66 -66.83
N ALA J 162 -14.57 18.43 -67.90
CA ALA J 162 -14.43 19.42 -68.96
C ALA J 162 -15.58 19.32 -69.96
N ILE J 163 -16.18 18.15 -70.10
CA ILE J 163 -17.22 17.91 -71.10
C ILE J 163 -18.58 18.20 -70.49
N TYR J 164 -19.35 19.07 -71.14
CA TYR J 164 -20.76 19.21 -70.80
C TYR J 164 -21.51 17.97 -71.26
N CYS J 165 -21.82 17.12 -70.34
CA CYS J 165 -22.50 15.88 -70.67
C CYS J 165 -23.98 16.12 -70.89
N PRO J 166 -24.65 15.29 -71.68
CA PRO J 166 -26.11 15.28 -71.69
C PRO J 166 -26.63 14.80 -70.34
N PRO J 167 -27.83 15.25 -69.93
CA PRO J 167 -28.36 14.86 -68.62
C PRO J 167 -28.72 13.39 -68.51
N LYS J 168 -28.83 12.67 -69.64
CA LYS J 168 -28.86 11.22 -69.61
C LYS J 168 -27.58 10.66 -68.99
N LEU J 169 -26.44 11.25 -69.35
CA LEU J 169 -25.16 10.80 -68.82
C LEU J 169 -24.75 11.54 -67.56
N GLN J 170 -25.11 12.82 -67.45
CA GLN J 170 -24.67 13.63 -66.32
C GLN J 170 -25.35 13.20 -65.03
N ALA J 171 -26.64 12.91 -65.08
CA ALA J 171 -27.37 12.52 -63.88
C ALA J 171 -27.11 11.08 -63.47
N THR J 172 -26.65 10.24 -64.39
CA THR J 172 -26.44 8.83 -64.07
C THR J 172 -25.22 8.67 -63.15
N LEU J 173 -24.28 9.62 -63.21
CA LEU J 173 -23.15 9.65 -62.28
C LEU J 173 -23.63 9.74 -60.83
N ASP J 174 -24.49 10.73 -60.55
CA ASP J 174 -24.99 10.88 -59.18
C ASP J 174 -26.03 9.84 -58.84
N MET J 175 -26.78 9.35 -59.84
CA MET J 175 -27.74 8.26 -59.60
C MET J 175 -27.04 7.01 -59.12
N GLN J 176 -25.93 6.65 -59.77
CA GLN J 176 -25.16 5.50 -59.31
C GLN J 176 -24.39 5.85 -58.03
N SER J 177 -23.99 7.12 -57.89
CA SER J 177 -23.19 7.54 -56.75
C SER J 177 -23.96 7.44 -55.45
N GLY J 178 -25.26 7.75 -55.48
CA GLY J 178 -26.08 7.58 -54.30
C GLY J 178 -26.21 6.11 -53.91
N ILE J 179 -26.20 5.22 -54.89
CA ILE J 179 -26.25 3.79 -54.57
C ILE J 179 -24.89 3.34 -54.03
N ILE J 180 -23.83 4.03 -54.44
CA ILE J 180 -22.50 3.73 -53.88
C ILE J 180 -22.41 4.17 -52.42
N HIS J 181 -22.82 5.41 -52.12
CA HIS J 181 -22.69 5.91 -50.76
C HIS J 181 -23.72 5.32 -49.82
N ALA J 182 -24.97 5.22 -50.24
CA ALA J 182 -26.01 4.54 -49.47
C ALA J 182 -25.93 3.02 -49.59
N ALA J 183 -24.97 2.50 -50.37
CA ALA J 183 -24.66 1.08 -50.29
C ALA J 183 -23.83 0.80 -49.05
N GLU J 184 -22.96 1.72 -48.67
CA GLU J 184 -22.22 1.67 -47.42
C GLU J 184 -22.91 2.48 -46.32
N GLU J 185 -23.90 3.30 -46.70
CA GLU J 185 -24.77 4.05 -45.79
C GLU J 185 -23.96 5.01 -44.92
N LYS J 186 -23.06 5.75 -45.58
CA LYS J 186 -22.20 6.70 -44.88
C LYS J 186 -22.97 7.95 -44.49
N ASP J 187 -23.53 8.64 -45.48
CA ASP J 187 -24.29 9.86 -45.25
C ASP J 187 -25.49 9.86 -46.18
N TRP J 188 -26.69 9.89 -45.60
CA TRP J 188 -27.90 10.00 -46.41
C TRP J 188 -28.24 11.44 -46.76
N LYS J 189 -27.55 12.42 -46.17
CA LYS J 189 -27.69 13.80 -46.66
C LYS J 189 -27.02 13.95 -48.01
N THR J 190 -25.78 13.45 -48.12
CA THR J 190 -25.08 13.48 -49.40
C THR J 190 -25.73 12.55 -50.40
N ALA J 191 -26.13 11.35 -49.96
CA ALA J 191 -26.77 10.40 -50.86
C ALA J 191 -28.14 10.89 -51.30
N TYR J 192 -28.88 11.54 -50.40
CA TYR J 192 -30.14 12.16 -50.79
C TYR J 192 -29.92 13.36 -51.70
N SER J 193 -28.74 14.01 -51.59
CA SER J 193 -28.38 15.00 -52.60
C SER J 193 -28.10 14.31 -53.94
N TYR J 194 -27.58 13.09 -53.92
CA TYR J 194 -27.27 12.40 -55.18
C TYR J 194 -28.54 11.91 -55.87
N PHE J 195 -29.51 11.42 -55.10
CA PHE J 195 -30.76 10.99 -55.74
C PHE J 195 -31.67 12.18 -55.99
N TYR J 196 -31.48 13.27 -55.25
CA TYR J 196 -32.25 14.47 -55.51
C TYR J 196 -31.79 15.14 -56.79
N GLU J 197 -30.48 15.33 -56.95
CA GLU J 197 -29.95 15.88 -58.20
C GLU J 197 -30.10 14.90 -59.34
N ALA J 198 -30.08 13.59 -59.03
CA ALA J 198 -30.42 12.58 -60.03
C ALA J 198 -31.86 12.74 -60.50
N PHE J 199 -32.78 13.05 -59.57
CA PHE J 199 -34.15 13.36 -59.94
C PHE J 199 -34.22 14.66 -60.73
N GLU J 200 -33.33 15.61 -60.43
CA GLU J 200 -33.25 16.84 -61.22
C GLU J 200 -32.81 16.54 -62.65
N GLY J 201 -32.01 15.50 -62.84
CA GLY J 201 -31.62 15.10 -64.17
C GLY J 201 -32.67 14.28 -64.91
N TYR J 202 -33.35 13.38 -64.20
CA TYR J 202 -34.36 12.54 -64.83
C TYR J 202 -35.75 13.14 -64.79
N ASP J 203 -35.88 14.41 -64.40
CA ASP J 203 -37.18 15.06 -64.40
C ASP J 203 -37.67 15.29 -65.82
N SER J 204 -38.88 14.80 -66.11
CA SER J 204 -39.64 15.06 -67.34
C SER J 204 -38.96 14.55 -68.60
N ILE J 205 -37.99 13.65 -68.50
CA ILE J 205 -37.37 13.08 -69.69
C ILE J 205 -37.78 11.64 -69.94
N ASP J 206 -38.13 10.89 -68.89
CA ASP J 206 -38.50 9.48 -69.03
C ASP J 206 -39.29 9.07 -67.80
N SER J 207 -40.52 8.57 -68.04
CA SER J 207 -41.44 8.33 -66.93
C SER J 207 -41.13 7.08 -66.11
N PRO J 208 -40.69 5.94 -66.66
CA PRO J 208 -40.16 4.89 -65.77
C PRO J 208 -38.92 5.32 -65.01
N LYS J 209 -38.04 6.09 -65.65
CA LYS J 209 -36.85 6.60 -64.96
C LYS J 209 -37.23 7.64 -63.90
N ALA J 210 -38.33 8.37 -64.11
CA ALA J 210 -38.77 9.34 -63.12
C ALA J 210 -39.46 8.67 -61.95
N ILE J 211 -40.26 7.64 -62.21
CA ILE J 211 -40.94 6.98 -61.09
C ILE J 211 -39.95 6.13 -60.30
N THR J 212 -38.90 5.61 -60.95
CA THR J 212 -37.86 5.00 -60.15
C THR J 212 -36.93 6.04 -59.53
N SER J 213 -36.90 7.26 -60.07
CA SER J 213 -36.12 8.34 -59.47
C SER J 213 -36.75 8.78 -58.14
N LEU J 214 -38.07 8.98 -58.14
CA LEU J 214 -38.74 9.30 -56.89
C LEU J 214 -38.84 8.08 -55.98
N LYS J 215 -38.83 6.88 -56.56
CA LYS J 215 -38.64 5.68 -55.75
C LYS J 215 -37.30 5.72 -55.03
N TYR J 216 -36.29 6.29 -55.67
CA TYR J 216 -34.99 6.37 -55.03
C TYR J 216 -34.92 7.51 -54.02
N MET J 217 -35.64 8.60 -54.27
CA MET J 217 -35.70 9.71 -53.31
C MET J 217 -36.43 9.29 -52.04
N LEU J 218 -37.62 8.70 -52.20
CA LEU J 218 -38.35 8.19 -51.04
C LEU J 218 -37.63 6.99 -50.43
N LEU J 219 -36.82 6.29 -51.23
CA LEU J 219 -36.06 5.16 -50.74
C LEU J 219 -34.95 5.60 -49.80
N CYS J 220 -34.02 6.43 -50.30
CA CYS J 220 -32.92 6.89 -49.47
C CYS J 220 -33.39 7.82 -48.36
N LYS J 221 -34.53 8.47 -48.57
CA LYS J 221 -35.09 9.37 -47.57
C LYS J 221 -35.88 8.63 -46.51
N ILE J 222 -36.43 7.45 -46.82
CA ILE J 222 -36.99 6.61 -45.75
C ILE J 222 -35.88 5.82 -45.07
N MET J 223 -34.72 5.68 -45.71
CA MET J 223 -33.58 5.06 -45.03
C MET J 223 -32.98 5.99 -43.98
N LEU J 224 -33.20 7.30 -44.09
CA LEU J 224 -32.90 8.22 -43.00
C LEU J 224 -34.08 8.42 -42.07
N ASN J 225 -35.14 7.62 -42.25
CA ASN J 225 -36.26 7.49 -41.31
C ASN J 225 -37.05 8.78 -41.12
N THR J 226 -37.55 9.33 -42.22
CA THR J 226 -38.48 10.46 -42.19
C THR J 226 -39.65 10.14 -43.12
N PRO J 227 -40.69 9.48 -42.60
CA PRO J 227 -41.88 9.25 -43.42
C PRO J 227 -42.74 10.49 -43.61
N GLU J 228 -42.51 11.53 -42.81
CA GLU J 228 -43.26 12.77 -42.98
C GLU J 228 -42.85 13.48 -44.26
N ASP J 229 -41.55 13.43 -44.60
CA ASP J 229 -41.13 13.95 -45.89
C ASP J 229 -41.54 13.02 -47.03
N VAL J 230 -41.79 11.74 -46.74
CA VAL J 230 -42.40 10.87 -47.75
C VAL J 230 -43.83 11.33 -48.03
N GLN J 231 -44.55 11.69 -46.96
CA GLN J 231 -45.87 12.30 -47.11
C GLN J 231 -45.78 13.64 -47.82
N ALA J 232 -44.66 14.35 -47.64
CA ALA J 232 -44.49 15.65 -48.29
C ALA J 232 -44.17 15.50 -49.77
N LEU J 233 -43.46 14.43 -50.16
CA LEU J 233 -43.11 14.30 -51.56
C LEU J 233 -44.13 13.47 -52.33
N VAL J 234 -45.04 12.79 -51.62
CA VAL J 234 -46.29 12.38 -52.26
C VAL J 234 -47.35 13.46 -52.14
N SER J 235 -47.07 14.54 -51.42
CA SER J 235 -47.99 15.65 -51.27
C SER J 235 -47.75 16.79 -52.24
N GLY J 236 -46.53 16.89 -52.80
CA GLY J 236 -46.27 17.92 -53.80
C GLY J 236 -46.85 17.53 -55.15
N LYS J 237 -47.45 18.49 -55.83
CA LYS J 237 -48.22 18.20 -57.03
C LYS J 237 -47.33 17.95 -58.25
N LEU J 238 -46.04 18.30 -58.17
CA LEU J 238 -45.11 18.10 -59.28
C LEU J 238 -44.86 16.62 -59.55
N ALA J 239 -44.35 15.90 -58.55
CA ALA J 239 -44.08 14.49 -58.73
C ALA J 239 -45.33 13.62 -58.56
N LEU J 240 -46.46 14.21 -58.18
CA LEU J 240 -47.67 13.43 -57.95
C LEU J 240 -48.28 12.93 -59.25
N ARG J 241 -47.99 13.57 -60.38
CA ARG J 241 -48.39 13.03 -61.67
C ARG J 241 -47.59 11.79 -62.04
N TYR J 242 -46.43 11.60 -61.42
CA TYR J 242 -45.63 10.41 -61.60
C TYR J 242 -45.91 9.35 -60.54
N ALA J 243 -47.00 9.47 -59.79
CA ALA J 243 -47.37 8.43 -58.85
C ALA J 243 -47.96 7.25 -59.58
N GLY J 244 -47.91 6.09 -58.93
CA GLY J 244 -48.44 4.88 -59.55
C GLY J 244 -48.33 3.70 -58.61
N ARG J 245 -48.33 2.51 -59.23
CA ARG J 245 -48.22 1.27 -58.48
C ARG J 245 -46.86 1.09 -57.81
N GLN J 246 -45.84 1.81 -58.28
CA GLN J 246 -44.53 1.79 -57.63
C GLN J 246 -44.59 2.42 -56.25
N THR J 247 -45.04 3.68 -56.17
CA THR J 247 -44.89 4.46 -54.95
C THR J 247 -45.99 4.18 -53.92
N GLU J 248 -47.04 3.45 -54.28
CA GLU J 248 -48.00 2.97 -53.29
C GLU J 248 -47.32 2.01 -52.31
N ALA J 249 -46.42 1.18 -52.81
CA ALA J 249 -45.63 0.31 -51.96
C ALA J 249 -44.75 1.12 -51.02
N LEU J 250 -44.22 2.25 -51.51
CA LEU J 250 -43.45 3.14 -50.65
C LEU J 250 -44.32 3.84 -49.62
N LYS J 251 -45.58 4.11 -49.98
CA LYS J 251 -46.50 4.69 -49.01
C LYS J 251 -46.88 3.69 -47.94
N CYS J 252 -46.88 2.40 -48.27
CA CYS J 252 -47.13 1.39 -47.25
C CYS J 252 -45.89 1.11 -46.41
N VAL J 253 -44.70 1.25 -47.02
CA VAL J 253 -43.44 1.16 -46.27
C VAL J 253 -43.34 2.31 -45.27
N ALA J 254 -43.56 3.54 -45.75
CA ALA J 254 -43.53 4.70 -44.87
C ALA J 254 -44.68 4.68 -43.88
N GLN J 255 -45.81 4.08 -44.27
CA GLN J 255 -46.93 3.95 -43.36
C GLN J 255 -46.63 2.98 -42.23
N ALA J 256 -46.00 1.85 -42.55
CA ALA J 256 -45.63 0.90 -41.51
C ALA J 256 -44.47 1.41 -40.66
N SER J 257 -43.64 2.29 -41.23
CA SER J 257 -42.55 2.86 -40.45
C SER J 257 -43.06 3.94 -39.50
N LYS J 258 -44.00 4.78 -39.96
CA LYS J 258 -44.58 5.79 -39.08
C LYS J 258 -45.56 5.19 -38.10
N ASN J 259 -46.07 4.00 -38.39
CA ASN J 259 -46.83 3.22 -37.42
C ASN J 259 -45.89 2.49 -36.46
N ARG J 260 -44.59 2.39 -36.81
CA ARG J 260 -43.62 1.49 -36.20
C ARG J 260 -44.15 0.06 -36.14
N SER J 261 -44.81 -0.35 -37.22
CA SER J 261 -45.46 -1.65 -37.28
C SER J 261 -44.62 -2.60 -38.12
N LEU J 262 -44.77 -3.88 -37.82
CA LEU J 262 -43.87 -4.90 -38.33
C LEU J 262 -44.61 -5.89 -39.23
N ALA J 263 -45.73 -6.44 -38.76
CA ALA J 263 -46.57 -7.30 -39.58
C ALA J 263 -47.24 -6.51 -40.70
N ASP J 264 -47.49 -5.22 -40.48
CA ASP J 264 -48.01 -4.38 -41.55
C ASP J 264 -46.96 -4.14 -42.62
N PHE J 265 -45.69 -4.02 -42.22
CA PHE J 265 -44.61 -3.98 -43.19
C PHE J 265 -44.48 -5.31 -43.92
N GLU J 266 -44.82 -6.41 -43.24
CA GLU J 266 -44.86 -7.70 -43.93
C GLU J 266 -46.03 -7.78 -44.89
N LYS J 267 -47.11 -7.04 -44.62
CA LYS J 267 -48.19 -6.94 -45.60
C LYS J 267 -47.76 -6.09 -46.78
N ALA J 268 -46.93 -5.07 -46.54
CA ALA J 268 -46.31 -4.34 -47.64
C ALA J 268 -45.36 -5.22 -48.42
N LEU J 269 -44.73 -6.18 -47.76
CA LEU J 269 -43.93 -7.21 -48.42
C LEU J 269 -44.79 -8.33 -48.99
N THR J 270 -46.10 -8.30 -48.76
CA THR J 270 -47.00 -9.37 -49.18
C THR J 270 -47.78 -8.99 -50.43
N ASP J 271 -48.50 -7.87 -50.38
CA ASP J 271 -49.33 -7.48 -51.52
C ASP J 271 -48.47 -6.87 -52.61
N TYR J 272 -47.43 -6.13 -52.24
CA TYR J 272 -46.58 -5.43 -53.20
C TYR J 272 -45.34 -6.19 -53.59
N ARG J 273 -45.23 -7.48 -53.25
CA ARG J 273 -44.10 -8.28 -53.72
C ARG J 273 -44.25 -8.69 -55.18
N ALA J 274 -45.39 -8.42 -55.81
CA ALA J 274 -45.62 -8.79 -57.19
C ALA J 274 -44.93 -7.84 -58.15
N GLU J 275 -44.73 -5.08 -56.51
CA GLU J 275 -43.64 -4.43 -57.22
C GLU J 275 -42.31 -4.61 -56.49
N LEU J 276 -42.33 -5.38 -55.41
CA LEU J 276 -41.11 -5.68 -54.67
C LEU J 276 -40.43 -6.95 -55.14
N ARG J 277 -40.98 -7.64 -56.14
CA ARG J 277 -40.24 -8.71 -56.80
C ARG J 277 -39.35 -8.14 -57.90
N ASP J 278 -39.78 -7.03 -58.51
CA ASP J 278 -38.93 -6.22 -59.36
C ASP J 278 -38.17 -5.17 -58.57
N ASP J 279 -38.06 -5.35 -57.26
CA ASP J 279 -37.30 -4.41 -56.44
C ASP J 279 -35.81 -4.65 -56.66
N PRO J 280 -35.00 -3.59 -56.69
CA PRO J 280 -33.55 -3.76 -56.88
C PRO J 280 -32.84 -4.32 -55.67
N ILE J 281 -31.50 -4.28 -55.72
CA ILE J 281 -30.60 -4.73 -54.65
C ILE J 281 -30.90 -4.09 -53.31
N ILE J 282 -31.52 -2.89 -53.31
CA ILE J 282 -31.97 -2.20 -52.10
C ILE J 282 -33.06 -2.91 -51.33
N SER J 283 -33.57 -4.05 -51.82
CA SER J 283 -34.41 -4.94 -51.02
C SER J 283 -33.71 -5.37 -49.74
N THR J 284 -32.39 -5.54 -49.80
CA THR J 284 -31.61 -5.83 -48.60
C THR J 284 -31.64 -4.67 -47.63
N HIS J 285 -31.64 -3.44 -48.13
CA HIS J 285 -31.75 -2.27 -47.27
C HIS J 285 -33.14 -2.18 -46.65
N LEU J 286 -34.17 -2.56 -47.43
CA LEU J 286 -35.52 -2.61 -46.89
C LEU J 286 -35.64 -3.69 -45.83
N ALA J 287 -34.98 -4.83 -46.05
CA ALA J 287 -35.00 -5.93 -45.09
C ALA J 287 -34.23 -5.58 -43.84
N LYS J 288 -33.17 -4.77 -43.97
CA LYS J 288 -32.45 -4.30 -42.80
C LYS J 288 -33.26 -3.25 -42.04
N LEU J 289 -34.10 -2.49 -42.77
CA LEU J 289 -35.04 -1.60 -42.09
C LEU J 289 -36.07 -2.40 -41.31
N TYR J 290 -36.59 -3.47 -41.92
CA TYR J 290 -37.53 -4.37 -41.23
C TYR J 290 -36.89 -5.01 -40.02
N ASP J 291 -35.68 -5.53 -40.18
CA ASP J 291 -35.03 -6.22 -39.09
C ASP J 291 -34.56 -5.26 -38.02
N ASN J 292 -34.32 -4.00 -38.39
CA ASN J 292 -33.92 -3.01 -37.40
C ASN J 292 -35.11 -2.56 -36.59
N LEU J 293 -36.28 -2.40 -37.23
CA LEU J 293 -37.51 -2.17 -36.47
C LEU J 293 -37.85 -3.38 -35.61
N LEU J 294 -37.51 -4.59 -36.09
CA LEU J 294 -37.61 -5.78 -35.27
C LEU J 294 -36.65 -5.70 -34.09
N GLU J 295 -35.45 -5.17 -34.30
CA GLU J 295 -34.49 -4.99 -33.21
C GLU J 295 -35.01 -4.01 -32.18
N GLN J 296 -35.66 -2.94 -32.62
CA GLN J 296 -36.23 -1.98 -31.68
C GLN J 296 -37.42 -2.58 -30.94
N ASN J 297 -38.17 -3.46 -31.61
CA ASN J 297 -39.19 -4.25 -30.94
C ASN J 297 -38.59 -5.12 -29.84
N LEU J 298 -37.50 -5.82 -30.17
CA LEU J 298 -36.90 -6.76 -29.24
C LEU J 298 -36.27 -6.04 -28.06
N ILE J 299 -35.51 -4.98 -28.31
CA ILE J 299 -34.99 -4.19 -27.21
C ILE J 299 -36.07 -3.35 -26.56
N ARG J 300 -37.30 -3.34 -27.08
CA ARG J 300 -38.39 -2.72 -26.36
C ARG J 300 -39.04 -3.68 -25.38
N VAL J 301 -39.51 -4.83 -25.87
CA VAL J 301 -40.36 -5.68 -25.03
C VAL J 301 -39.53 -6.57 -24.10
N ILE J 302 -38.34 -6.99 -24.54
CA ILE J 302 -37.52 -7.87 -23.70
C ILE J 302 -36.88 -7.09 -22.56
N GLU J 303 -36.50 -5.84 -22.82
CA GLU J 303 -35.76 -4.99 -21.87
C GLU J 303 -36.34 -4.88 -20.46
N PRO J 304 -37.66 -4.81 -20.22
CA PRO J 304 -38.12 -4.93 -18.83
C PRO J 304 -38.14 -6.35 -18.31
N PHE J 305 -38.03 -7.34 -19.17
CA PHE J 305 -38.31 -8.72 -18.81
C PHE J 305 -37.01 -9.47 -18.56
N SER J 306 -36.81 -9.90 -17.32
CA SER J 306 -35.73 -10.83 -17.03
C SER J 306 -36.00 -12.19 -17.65
N ARG J 307 -37.17 -12.75 -17.35
CA ARG J 307 -37.54 -14.10 -17.78
C ARG J 307 -39.04 -14.08 -18.10
N VAL J 308 -39.40 -14.48 -19.32
CA VAL J 308 -40.77 -14.33 -19.79
C VAL J 308 -41.12 -15.47 -20.75
N GLN J 309 -42.42 -15.70 -20.90
CA GLN J 309 -42.92 -16.64 -21.90
C GLN J 309 -42.63 -16.11 -23.29
N ILE J 310 -42.36 -17.04 -24.20
CA ILE J 310 -42.05 -16.64 -25.57
C ILE J 310 -43.32 -16.31 -26.35
N GLU J 311 -44.45 -16.88 -25.94
CA GLU J 311 -45.69 -16.61 -26.65
C GLU J 311 -46.46 -15.47 -25.99
N HIS J 312 -46.18 -15.19 -24.72
CA HIS J 312 -46.62 -13.94 -24.12
C HIS J 312 -45.96 -12.75 -24.80
N ILE J 313 -44.72 -12.91 -25.25
CA ILE J 313 -43.99 -11.78 -25.80
C ILE J 313 -44.05 -11.75 -27.31
N SER J 314 -44.31 -12.89 -27.96
CA SER J 314 -44.58 -12.93 -29.39
C SER J 314 -46.05 -12.71 -29.68
N SER J 315 -46.92 -12.86 -28.68
CA SER J 315 -48.33 -12.59 -28.86
C SER J 315 -48.58 -11.10 -29.05
N LEU J 316 -47.70 -10.26 -28.50
CA LEU J 316 -47.67 -8.84 -28.84
C LEU J 316 -47.50 -8.63 -30.34
N ILE J 317 -46.55 -9.34 -30.93
CA ILE J 317 -46.22 -9.12 -32.33
C ILE J 317 -46.94 -10.10 -33.25
N LYS J 318 -47.69 -11.06 -32.69
CA LYS J 318 -48.45 -12.13 -33.35
C LYS J 318 -47.70 -12.80 -34.50
N LEU J 319 -46.43 -13.11 -34.27
CA LEU J 319 -45.57 -13.77 -35.24
C LEU J 319 -45.01 -15.04 -34.63
N SER J 320 -44.51 -15.92 -35.51
CA SER J 320 -43.95 -17.19 -35.08
C SER J 320 -42.64 -16.97 -34.32
N LYS J 321 -42.29 -17.95 -33.50
CA LYS J 321 -41.10 -17.89 -32.68
C LYS J 321 -39.86 -18.41 -33.40
N ALA J 322 -40.03 -18.89 -34.62
CA ALA J 322 -38.92 -19.56 -35.32
C ALA J 322 -37.91 -18.53 -35.79
N ASP J 323 -38.35 -17.65 -36.69
CA ASP J 323 -37.51 -16.58 -37.21
C ASP J 323 -37.09 -15.60 -36.12
N VAL J 324 -37.97 -15.38 -35.14
CA VAL J 324 -37.63 -14.53 -34.00
C VAL J 324 -36.53 -15.16 -33.17
N GLU J 325 -36.63 -16.47 -32.93
CA GLU J 325 -35.59 -17.22 -32.24
C GLU J 325 -34.27 -17.18 -33.01
N ARG J 326 -34.34 -17.25 -34.34
CA ARG J 326 -33.14 -17.23 -35.16
C ARG J 326 -32.46 -15.87 -35.13
N LYS J 327 -33.25 -14.80 -35.21
CA LYS J 327 -32.68 -13.46 -35.22
C LYS J 327 -32.15 -13.09 -33.84
N LEU J 328 -32.91 -13.43 -32.79
CA LEU J 328 -32.47 -13.22 -31.43
C LEU J 328 -31.17 -13.96 -31.15
N SER J 329 -31.18 -15.28 -31.29
CA SER J 329 -30.01 -16.11 -31.06
C SER J 329 -28.85 -15.73 -31.96
N GLN J 330 -29.15 -15.27 -33.18
CA GLN J 330 -28.13 -14.74 -34.07
C GLN J 330 -27.47 -13.50 -33.49
N MET J 331 -28.26 -12.63 -32.87
CA MET J 331 -27.68 -11.40 -32.33
C MET J 331 -27.08 -11.62 -30.95
N ILE J 332 -27.41 -12.72 -30.28
CA ILE J 332 -26.56 -13.16 -29.18
C ILE J 332 -25.23 -13.67 -29.72
N LEU J 333 -25.26 -14.35 -30.87
CA LEU J 333 -24.02 -14.84 -31.47
C LEU J 333 -23.14 -13.71 -31.99
N ASP J 334 -23.71 -12.58 -32.38
CA ASP J 334 -22.90 -11.41 -32.65
C ASP J 334 -22.68 -10.55 -31.42
N LYS J 335 -23.24 -10.96 -30.28
CA LYS J 335 -23.02 -10.35 -28.96
C LYS J 335 -23.39 -8.87 -28.92
N LYS J 336 -24.53 -8.53 -29.52
CA LYS J 336 -24.96 -7.15 -29.43
C LYS J 336 -25.55 -6.83 -28.06
N PHE J 337 -25.98 -7.84 -27.29
CA PHE J 337 -26.51 -7.64 -25.96
C PHE J 337 -26.38 -8.95 -25.19
N HIS J 338 -26.82 -8.92 -23.93
CA HIS J 338 -26.66 -10.04 -23.02
C HIS J 338 -27.93 -10.86 -22.96
N GLY J 339 -27.81 -12.14 -23.29
CA GLY J 339 -28.94 -13.04 -23.23
C GLY J 339 -28.54 -14.42 -23.71
N ILE J 340 -29.36 -15.41 -23.36
CA ILE J 340 -29.22 -16.77 -23.86
C ILE J 340 -30.58 -17.46 -23.77
N LEU J 341 -30.94 -18.14 -24.86
CA LEU J 341 -32.29 -18.62 -25.10
C LEU J 341 -32.46 -20.07 -24.63
N ASP J 342 -33.62 -20.63 -24.95
CA ASP J 342 -33.99 -21.98 -24.55
C ASP J 342 -35.08 -22.48 -25.48
N GLN J 343 -35.08 -23.80 -25.68
CA GLN J 343 -36.06 -24.47 -26.54
C GLN J 343 -36.99 -25.33 -25.70
N GLY J 344 -36.48 -26.05 -24.71
CA GLY J 344 -37.35 -26.81 -23.83
C GLY J 344 -38.19 -25.90 -22.95
N GLU J 345 -37.56 -24.90 -22.34
CA GLU J 345 -38.24 -24.10 -21.34
C GLU J 345 -38.61 -22.71 -21.85
N GLY J 346 -37.92 -22.22 -22.88
CA GLY J 346 -38.19 -20.89 -23.39
C GLY J 346 -37.74 -19.76 -22.48
N VAL J 347 -36.74 -20.01 -21.64
CA VAL J 347 -36.30 -19.07 -20.62
C VAL J 347 -35.23 -18.16 -21.19
N LEU J 348 -35.33 -16.86 -20.91
CA LEU J 348 -34.28 -15.90 -21.19
C LEU J 348 -33.55 -15.57 -19.88
N ILE J 349 -32.22 -15.55 -19.92
CA ILE J 349 -31.39 -15.16 -18.78
C ILE J 349 -30.44 -14.07 -19.25
N ILE J 350 -30.33 -12.98 -18.46
CA ILE J 350 -29.52 -11.82 -18.81
C ILE J 350 -28.53 -11.56 -17.68
N PHE J 351 -27.24 -11.50 -18.03
CA PHE J 351 -26.15 -11.41 -17.07
C PHE J 351 -24.96 -10.73 -17.73
N ASP J 352 -23.99 -10.28 -16.95
CA ASP J 352 -22.81 -9.66 -17.55
C ASP J 352 -21.56 -9.92 -16.72
N GLU J 353 -20.41 -9.69 -17.33
CA GLU J 353 -19.11 -9.86 -16.66
C GLU J 353 -18.32 -8.57 -16.77
N PRO J 354 -18.44 -7.70 -15.78
CA PRO J 354 -17.64 -6.45 -15.78
C PRO J 354 -16.15 -6.64 -15.55
N PRO J 355 -15.65 -7.53 -14.61
CA PRO J 355 -14.19 -7.36 -14.37
C PRO J 355 -13.28 -8.08 -15.38
N VAL J 356 -13.22 -7.52 -16.60
CA VAL J 356 -12.52 -8.18 -17.69
C VAL J 356 -11.01 -8.01 -17.59
N ASP J 357 -10.53 -6.93 -16.96
CA ASP J 357 -9.13 -6.54 -17.05
C ASP J 357 -8.25 -7.22 -16.02
N LYS J 358 -8.79 -8.12 -15.20
CA LYS J 358 -7.96 -8.82 -14.23
C LYS J 358 -7.21 -9.98 -14.87
N THR J 359 -7.97 -10.91 -15.47
CA THR J 359 -7.40 -12.13 -16.02
C THR J 359 -6.57 -11.85 -17.26
N TYR J 360 -6.88 -10.76 -17.97
CA TYR J 360 -6.06 -10.32 -19.10
C TYR J 360 -4.64 -9.99 -18.66
N GLU J 361 -4.50 -9.05 -17.74
CA GLU J 361 -3.19 -8.62 -17.29
C GLU J 361 -2.48 -9.72 -16.51
N ALA J 362 -3.26 -10.55 -15.81
CA ALA J 362 -2.68 -11.69 -15.09
C ALA J 362 -2.08 -12.70 -16.08
N ALA J 363 -2.89 -13.14 -17.05
CA ALA J 363 -2.46 -14.17 -17.99
C ALA J 363 -1.33 -13.66 -18.90
N LEU J 364 -1.41 -12.41 -19.32
CA LEU J 364 -0.33 -11.84 -20.13
C LEU J 364 0.93 -11.65 -19.30
N GLU J 365 0.79 -11.39 -18.01
CA GLU J 365 1.98 -11.37 -17.16
C GLU J 365 2.59 -12.76 -17.01
N THR J 366 1.76 -13.82 -17.02
CA THR J 366 2.31 -15.16 -17.00
C THR J 366 3.06 -15.46 -18.29
N ILE J 367 2.45 -15.15 -19.43
CA ILE J 367 3.03 -15.50 -20.73
C ILE J 367 4.29 -14.68 -20.99
N GLN J 368 4.30 -13.41 -20.56
CA GLN J 368 5.51 -12.63 -20.70
C GLN J 368 6.58 -13.07 -19.70
N ASN J 369 6.20 -13.64 -18.56
CA ASN J 369 7.22 -14.17 -17.67
C ASN J 369 7.76 -15.53 -18.11
N MET J 370 7.03 -16.21 -19.00
CA MET J 370 7.49 -17.47 -19.57
C MET J 370 8.83 -17.30 -20.27
N SER J 371 8.94 -16.30 -21.15
CA SER J 371 10.19 -16.08 -21.87
C SER J 371 11.31 -15.61 -20.94
N LYS J 372 10.97 -14.99 -19.82
CA LYS J 372 11.97 -14.63 -18.83
C LYS J 372 12.58 -15.88 -18.22
N VAL J 373 11.73 -16.81 -17.78
CA VAL J 373 12.23 -18.01 -17.14
C VAL J 373 12.92 -18.93 -18.15
N VAL J 374 12.36 -19.05 -19.35
CA VAL J 374 12.91 -19.95 -20.36
C VAL J 374 14.22 -19.40 -20.91
N ASP J 375 14.28 -18.09 -21.15
CA ASP J 375 15.53 -17.48 -21.60
C ASP J 375 16.58 -17.49 -20.50
N SER J 376 16.13 -17.38 -19.24
CA SER J 376 17.03 -17.63 -18.12
C SER J 376 17.60 -19.04 -18.18
N LEU J 377 16.75 -20.03 -18.45
CA LEU J 377 17.20 -21.41 -18.58
C LEU J 377 18.08 -21.61 -19.82
N TYR J 378 17.99 -20.70 -20.79
CA TYR J 378 18.91 -20.75 -21.91
C TYR J 378 20.27 -20.20 -21.53
N ASN J 379 20.29 -19.15 -20.69
CA ASN J 379 21.55 -18.67 -20.16
C ASN J 379 22.20 -19.69 -19.23
N LYS J 380 21.41 -20.38 -18.43
CA LYS J 380 21.98 -21.27 -17.43
C LYS J 380 22.32 -22.61 -18.05
N ALA J 381 21.47 -23.11 -18.95
CA ALA J 381 21.81 -24.27 -19.75
C ALA J 381 22.99 -23.98 -20.67
N LYS J 382 23.18 -22.71 -21.04
CA LYS J 382 24.43 -22.32 -21.70
C LYS J 382 25.62 -22.41 -20.77
N LYS J 383 25.50 -21.88 -19.55
CA LYS J 383 26.67 -21.68 -18.71
C LYS J 383 27.11 -22.94 -17.97
N LEU J 384 26.21 -23.92 -17.78
CA LEU J 384 26.57 -25.14 -17.06
C LEU J 384 26.95 -26.25 -18.03
N THR J 385 26.05 -26.57 -18.96
CA THR J 385 26.31 -27.62 -19.93
C THR J 385 26.19 -27.09 -21.36
N PRO K 1 8.35 -28.27 -62.14
CA PRO K 1 8.78 -26.88 -62.36
C PRO K 1 7.61 -25.92 -62.44
N LYS K 2 7.80 -24.82 -63.17
CA LYS K 2 6.74 -23.85 -63.38
C LYS K 2 5.91 -24.17 -64.61
N ASN K 3 6.26 -25.22 -65.33
CA ASN K 3 5.54 -25.69 -66.49
C ASN K 3 4.16 -26.21 -66.10
N PRO K 4 3.25 -26.31 -67.06
CA PRO K 4 1.98 -27.04 -66.79
C PRO K 4 2.16 -28.52 -66.51
N ASP K 5 3.34 -29.09 -66.79
CA ASP K 5 3.65 -30.45 -66.39
C ASP K 5 3.72 -30.61 -64.87
N LEU K 6 3.85 -29.50 -64.14
CA LEU K 6 3.64 -29.52 -62.69
C LEU K 6 2.21 -29.92 -62.35
N ARG K 7 1.22 -29.26 -62.96
CA ARG K 7 -0.16 -29.53 -62.60
C ARG K 7 -0.67 -30.82 -63.22
N ILE K 8 -0.17 -31.18 -64.40
CA ILE K 8 -0.50 -32.49 -64.96
C ILE K 8 0.15 -33.60 -64.16
N ALA K 9 1.39 -33.40 -63.74
CA ALA K 9 2.08 -34.32 -62.84
C ALA K 9 1.57 -34.23 -61.41
N GLN K 10 0.65 -33.31 -61.13
CA GLN K 10 -0.01 -33.18 -59.84
C GLN K 10 -1.30 -33.99 -59.81
N LEU K 11 -1.73 -34.51 -60.96
CA LEU K 11 -2.90 -35.36 -61.09
C LEU K 11 -2.60 -36.82 -60.79
N ARG K 12 -1.35 -37.15 -60.47
CA ARG K 12 -0.97 -38.53 -60.20
C ARG K 12 -1.57 -39.05 -58.90
N PHE K 13 -1.93 -38.14 -57.98
CA PHE K 13 -2.53 -38.58 -56.74
C PHE K 13 -3.94 -39.10 -56.97
N LEU K 14 -4.75 -38.34 -57.70
CA LEU K 14 -6.08 -38.81 -58.07
C LEU K 14 -6.03 -39.91 -59.12
N LEU K 15 -4.95 -39.99 -59.89
CA LEU K 15 -4.71 -41.15 -60.73
C LEU K 15 -4.42 -42.39 -59.90
N SER K 16 -3.85 -42.20 -58.71
CA SER K 16 -3.29 -43.31 -57.95
C SER K 16 -4.35 -44.09 -57.18
N LEU K 17 -5.06 -43.42 -56.28
CA LEU K 17 -5.84 -44.14 -55.28
C LEU K 17 -7.16 -44.71 -55.81
N PRO K 18 -8.00 -43.97 -56.57
CA PRO K 18 -9.12 -44.66 -57.21
C PRO K 18 -8.70 -45.24 -58.54
N GLU K 19 -9.38 -46.33 -58.92
CA GLU K 19 -9.32 -46.84 -60.27
C GLU K 19 -10.38 -46.22 -61.16
N HIS K 20 -11.22 -45.36 -60.59
CA HIS K 20 -12.33 -44.77 -61.33
C HIS K 20 -11.87 -43.59 -62.18
N ARG K 21 -11.16 -42.65 -61.57
CA ARG K 21 -10.76 -41.42 -62.24
C ARG K 21 -9.40 -41.55 -62.93
N GLY K 22 -8.79 -42.72 -62.89
CA GLY K 22 -7.55 -42.97 -63.58
C GLY K 22 -7.65 -43.15 -65.08
N ASP K 23 -8.75 -42.76 -65.72
CA ASP K 23 -8.89 -42.86 -67.18
C ASP K 23 -8.57 -41.51 -67.85
N ALA K 24 -9.22 -40.44 -67.39
CA ALA K 24 -8.87 -39.11 -67.88
C ALA K 24 -7.52 -38.67 -67.33
N ALA K 25 -7.19 -39.12 -66.11
CA ALA K 25 -5.91 -38.77 -65.50
C ALA K 25 -4.76 -39.43 -66.22
N VAL K 26 -4.96 -40.66 -66.74
CA VAL K 26 -3.94 -41.25 -67.61
C VAL K 26 -4.09 -40.72 -69.03
N ARG K 27 -5.24 -40.13 -69.37
CA ARG K 27 -5.43 -39.63 -70.72
C ARG K 27 -4.62 -38.35 -70.94
N ASP K 28 -4.72 -37.39 -70.03
CA ASP K 28 -3.92 -36.18 -70.19
C ASP K 28 -2.46 -36.39 -69.78
N GLU K 29 -2.16 -37.49 -69.09
CA GLU K 29 -0.77 -37.80 -68.80
C GLU K 29 -0.09 -38.44 -70.01
N LEU K 30 -0.80 -39.34 -70.69
CA LEU K 30 -0.29 -39.92 -71.92
C LEU K 30 -0.26 -38.91 -73.05
N MET K 31 -1.26 -38.03 -73.11
CA MET K 31 -1.23 -36.94 -74.09
C MET K 31 -0.16 -35.92 -73.72
N ALA K 32 0.05 -35.69 -72.43
CA ALA K 32 1.09 -34.79 -71.97
C ALA K 32 2.46 -35.45 -71.89
N ALA K 33 2.58 -36.71 -72.31
CA ALA K 33 3.87 -37.40 -72.29
C ALA K 33 4.84 -36.83 -73.31
N VAL K 34 4.33 -36.17 -74.36
CA VAL K 34 5.17 -35.54 -75.37
C VAL K 34 5.62 -34.15 -74.97
N ARG K 35 5.33 -33.70 -73.75
CA ARG K 35 5.49 -32.31 -73.37
C ARG K 35 6.43 -32.18 -72.18
N ASP K 36 7.34 -31.20 -72.27
CA ASP K 36 8.26 -30.81 -71.20
C ASP K 36 9.16 -31.95 -70.73
N ASN K 37 9.53 -32.83 -71.66
CA ASN K 37 10.40 -33.99 -71.43
C ASN K 37 9.86 -34.87 -70.29
N ASN K 38 8.65 -35.37 -70.52
CA ASN K 38 7.84 -36.01 -69.50
C ASN K 38 8.30 -37.43 -69.17
N MET K 39 9.34 -37.92 -69.84
CA MET K 39 9.80 -39.31 -69.82
C MET K 39 10.04 -39.92 -68.45
N ALA K 40 10.92 -39.31 -67.67
CA ALA K 40 11.26 -39.84 -66.35
C ALA K 40 10.14 -39.78 -65.30
N PRO K 41 9.22 -38.79 -65.26
CA PRO K 41 8.07 -38.92 -64.34
C PRO K 41 7.17 -40.12 -64.60
N TYR K 42 6.67 -40.33 -65.82
CA TYR K 42 5.80 -41.49 -65.99
C TYR K 42 6.59 -42.79 -66.08
N TYR K 43 7.89 -42.72 -66.34
CA TYR K 43 8.71 -43.90 -66.17
C TYR K 43 8.87 -44.24 -64.69
N GLU K 44 8.89 -43.22 -63.82
CA GLU K 44 8.91 -43.43 -62.38
C GLU K 44 7.60 -44.00 -61.86
N ALA K 45 6.47 -43.35 -62.17
CA ALA K 45 5.16 -43.81 -61.76
C ALA K 45 4.55 -44.76 -62.79
N LEU K 46 5.37 -45.43 -63.60
CA LEU K 46 4.87 -46.33 -64.61
C LEU K 46 4.30 -47.61 -63.99
N CYS K 47 4.75 -47.95 -62.78
CA CYS K 47 4.10 -49.00 -62.01
C CYS K 47 2.67 -48.62 -61.65
N LYS K 48 2.41 -47.32 -61.47
CA LYS K 48 1.06 -46.81 -61.31
C LYS K 48 0.37 -46.55 -62.65
N SER K 49 0.93 -47.05 -63.74
CA SER K 49 0.44 -46.79 -65.08
C SER K 49 0.21 -48.12 -65.80
N LEU K 50 -0.03 -48.01 -67.10
CA LEU K 50 -0.36 -49.16 -67.94
C LEU K 50 0.89 -49.97 -68.27
N ASP K 51 0.75 -50.86 -69.25
CA ASP K 51 1.76 -51.85 -69.58
C ASP K 51 2.88 -51.22 -70.42
N TRP K 52 3.69 -52.09 -71.02
CA TRP K 52 4.95 -51.69 -71.63
C TRP K 52 4.92 -51.73 -73.16
N GLN K 53 3.79 -52.07 -73.78
CA GLN K 53 3.70 -52.19 -75.23
C GLN K 53 3.92 -50.87 -75.96
N ILE K 54 3.04 -49.90 -75.74
CA ILE K 54 3.18 -48.60 -76.39
C ILE K 54 4.09 -47.67 -75.57
N ASP K 55 4.47 -48.09 -74.36
CA ASP K 55 5.35 -47.27 -73.53
C ASP K 55 6.75 -47.22 -74.10
N VAL K 56 7.29 -48.36 -74.56
CA VAL K 56 8.66 -48.44 -75.05
C VAL K 56 8.85 -47.80 -76.42
N ASP K 57 7.78 -47.27 -77.02
CA ASP K 57 7.90 -46.61 -78.32
C ASP K 57 8.47 -45.20 -78.17
N LEU K 58 7.86 -44.38 -77.32
CA LEU K 58 8.22 -42.97 -77.23
C LEU K 58 9.37 -42.70 -76.27
N LEU K 59 9.70 -43.65 -75.39
CA LEU K 59 10.84 -43.46 -74.49
C LEU K 59 12.14 -43.35 -75.28
N ASN K 60 12.24 -44.10 -76.38
CA ASN K 60 13.43 -44.06 -77.21
C ASN K 60 13.58 -42.73 -77.94
N LYS K 61 12.46 -42.05 -78.22
CA LYS K 61 12.54 -40.76 -78.87
C LYS K 61 12.76 -39.63 -77.88
N MET K 62 12.14 -39.71 -76.69
CA MET K 62 12.35 -38.68 -75.69
C MET K 62 13.76 -38.74 -75.09
N LYS K 63 14.32 -39.95 -74.98
CA LYS K 63 15.63 -40.11 -74.35
C LYS K 63 16.75 -39.51 -75.18
N LYS K 64 16.58 -39.42 -76.49
CA LYS K 64 17.66 -38.91 -77.32
C LYS K 64 17.58 -37.40 -77.48
N ALA K 65 16.36 -36.85 -77.56
CA ALA K 65 16.20 -35.40 -77.59
C ALA K 65 16.51 -34.79 -76.23
N ASN K 66 16.35 -35.58 -75.17
CA ASN K 66 16.84 -35.24 -73.84
C ASN K 66 18.32 -34.87 -73.88
N GLU K 67 19.16 -35.79 -74.39
CA GLU K 67 20.59 -35.52 -74.47
C GLU K 67 20.92 -34.52 -75.58
N ASP K 68 20.07 -34.39 -76.59
CA ASP K 68 20.36 -33.43 -77.65
C ASP K 68 20.23 -31.99 -77.16
N GLU K 69 19.06 -31.64 -76.59
CA GLU K 69 18.91 -30.30 -76.05
C GLU K 69 19.75 -30.12 -74.79
N LEU K 70 20.02 -31.22 -74.08
CA LEU K 70 20.91 -31.17 -72.92
C LEU K 70 22.33 -30.78 -73.33
N LYS K 71 22.86 -31.42 -74.38
CA LYS K 71 24.21 -31.08 -74.83
C LYS K 71 24.24 -29.77 -75.60
N ARG K 72 23.09 -29.28 -76.08
CA ARG K 72 23.07 -27.92 -76.62
C ARG K 72 23.10 -26.91 -75.49
N LEU K 73 22.51 -27.24 -74.33
CA LEU K 73 22.68 -26.40 -73.15
C LEU K 73 24.08 -26.53 -72.58
N ASP K 74 24.76 -27.65 -72.82
CA ASP K 74 26.11 -27.83 -72.35
C ASP K 74 27.10 -27.06 -73.22
N GLU K 75 27.00 -27.22 -74.54
CA GLU K 75 27.86 -26.47 -75.46
C GLU K 75 27.54 -24.98 -75.41
N GLU K 76 26.26 -24.64 -75.25
CA GLU K 76 25.88 -23.24 -75.08
C GLU K 76 26.37 -22.70 -73.74
N LEU K 77 26.44 -23.58 -72.73
CA LEU K 77 27.03 -23.19 -71.46
C LEU K 77 28.53 -22.94 -71.59
N GLU K 78 29.22 -23.77 -72.39
CA GLU K 78 30.65 -23.61 -72.60
C GLU K 78 30.95 -22.37 -73.43
N ASP K 79 30.06 -22.02 -74.36
CA ASP K 79 30.23 -20.79 -75.11
C ASP K 79 29.85 -19.57 -74.28
N ALA K 80 28.96 -19.76 -73.29
CA ALA K 80 28.77 -18.77 -72.25
C ALA K 80 29.92 -18.74 -71.27
N GLU K 81 30.68 -19.82 -71.18
CA GLU K 81 31.85 -19.90 -70.32
C GLU K 81 33.04 -19.27 -71.05
N LYS K 82 34.10 -18.97 -70.29
CA LYS K 82 35.34 -18.35 -70.77
C LYS K 82 35.09 -16.97 -71.39
N ASN K 83 34.00 -16.32 -70.97
CA ASN K 83 33.60 -15.04 -71.50
C ASN K 83 33.12 -14.18 -70.34
N LEU K 84 33.29 -12.87 -70.48
CA LEU K 84 32.91 -11.93 -69.44
C LEU K 84 31.38 -11.84 -69.38
N GLY K 85 30.82 -12.21 -68.25
CA GLY K 85 29.39 -12.15 -68.08
C GLY K 85 28.99 -12.87 -66.81
N GLU K 86 27.85 -12.45 -66.26
CA GLU K 86 27.30 -13.10 -65.10
C GLU K 86 25.94 -13.70 -65.42
N SER K 87 25.05 -12.87 -65.96
CA SER K 87 23.68 -13.31 -66.23
C SER K 87 23.61 -14.22 -67.45
N GLU K 88 24.62 -14.20 -68.32
CA GLU K 88 24.67 -15.18 -69.39
C GLU K 88 24.91 -16.57 -68.83
N ILE K 89 25.87 -16.69 -67.91
CA ILE K 89 26.17 -17.96 -67.28
C ILE K 89 25.07 -18.31 -66.28
N ARG K 90 24.49 -17.29 -65.63
CA ARG K 90 23.35 -17.50 -64.74
C ARG K 90 22.15 -18.07 -65.49
N ASP K 91 21.86 -17.51 -66.66
CA ASP K 91 20.69 -17.96 -67.42
C ASP K 91 20.97 -19.23 -68.19
N ALA K 92 22.22 -19.48 -68.58
CA ALA K 92 22.56 -20.75 -69.20
C ALA K 92 22.49 -21.89 -68.20
N MET K 93 23.08 -21.66 -67.01
CA MET K 93 22.97 -22.61 -65.91
C MET K 93 21.53 -22.76 -65.44
N MET K 94 20.78 -21.67 -65.49
CA MET K 94 19.41 -21.68 -64.98
C MET K 94 18.48 -22.39 -65.93
N ALA K 95 18.62 -22.13 -67.24
CA ALA K 95 17.80 -22.83 -68.23
C ALA K 95 18.19 -24.30 -68.33
N LYS K 96 19.48 -24.59 -68.13
CA LYS K 96 19.92 -25.96 -67.92
C LYS K 96 19.22 -26.59 -66.73
N ALA K 97 19.07 -25.83 -65.65
CA ALA K 97 18.51 -26.36 -64.41
C ALA K 97 17.00 -26.52 -64.49
N GLU K 98 16.33 -25.64 -65.24
CA GLU K 98 14.90 -25.79 -65.45
C GLU K 98 14.62 -26.91 -66.43
N TYR K 99 15.55 -27.13 -67.36
CA TYR K 99 15.50 -28.31 -68.22
C TYR K 99 15.68 -29.58 -67.41
N LEU K 100 16.54 -29.53 -66.39
CA LEU K 100 16.65 -30.64 -65.45
C LEU K 100 15.42 -30.75 -64.55
N CYS K 101 14.66 -29.66 -64.42
CA CYS K 101 13.33 -29.79 -63.83
C CYS K 101 12.33 -30.37 -64.80
N ARG K 102 12.58 -30.22 -66.11
CA ARG K 102 11.68 -30.80 -67.10
C ARG K 102 11.84 -32.30 -67.17
N ILE K 103 13.07 -32.80 -67.08
CA ILE K 103 13.26 -34.24 -66.96
C ILE K 103 12.81 -34.74 -65.58
N GLY K 104 12.79 -33.88 -64.58
CA GLY K 104 12.33 -34.28 -63.27
C GLY K 104 13.40 -34.86 -62.39
N ASP K 105 14.64 -34.40 -62.51
CA ASP K 105 15.77 -34.94 -61.78
C ASP K 105 16.49 -33.80 -61.09
N LYS K 106 16.38 -33.74 -59.77
CA LYS K 106 16.99 -32.70 -58.97
C LYS K 106 18.37 -33.08 -58.47
N GLU K 107 18.97 -34.13 -59.03
CA GLU K 107 20.38 -34.39 -58.77
C GLU K 107 21.24 -33.36 -59.47
N GLY K 108 21.08 -33.25 -60.79
CA GLY K 108 21.78 -32.23 -61.55
C GLY K 108 21.14 -30.87 -61.41
N ALA K 109 19.86 -30.84 -61.03
CA ALA K 109 19.21 -29.57 -60.80
C ALA K 109 19.51 -29.02 -59.40
N LEU K 110 19.82 -29.88 -58.44
CA LEU K 110 20.24 -29.40 -57.13
C LEU K 110 21.62 -28.75 -57.23
N THR K 111 22.56 -29.43 -57.88
CA THR K 111 23.87 -28.82 -58.08
C THR K 111 23.84 -27.72 -59.13
N ALA K 112 22.89 -27.76 -60.06
CA ALA K 112 22.83 -26.74 -61.09
C ALA K 112 22.24 -25.44 -60.54
N PHE K 113 21.09 -25.55 -59.86
CA PHE K 113 20.56 -24.42 -59.10
C PHE K 113 21.45 -24.05 -57.92
N ARG K 114 22.34 -24.96 -57.50
CA ARG K 114 23.35 -24.59 -56.51
C ARG K 114 24.44 -23.73 -57.14
N LYS K 115 24.83 -24.04 -58.38
CA LYS K 115 25.87 -23.26 -59.05
C LYS K 115 25.35 -21.89 -59.44
N THR K 116 24.15 -21.82 -60.04
CA THR K 116 23.58 -20.52 -60.31
C THR K 116 23.04 -19.87 -59.04
N TYR K 117 22.83 -20.64 -57.97
CA TYR K 117 22.59 -20.10 -56.64
C TYR K 117 23.83 -19.44 -56.09
N ASP K 118 25.01 -19.88 -56.54
CA ASP K 118 26.24 -19.20 -56.21
C ASP K 118 26.56 -18.08 -57.20
N LYS K 119 25.90 -18.09 -58.37
CA LYS K 119 26.04 -17.02 -59.36
C LYS K 119 24.98 -15.95 -59.21
N THR K 120 24.27 -15.92 -58.09
CA THR K 120 23.26 -14.88 -57.85
C THR K 120 23.93 -13.52 -57.68
N VAL K 121 23.70 -12.63 -58.64
CA VAL K 121 24.23 -11.28 -58.53
C VAL K 121 23.45 -10.47 -57.50
N ALA K 122 22.14 -10.71 -57.36
CA ALA K 122 21.33 -10.03 -56.36
C ALA K 122 20.57 -11.09 -55.57
N LEU K 123 19.98 -10.66 -54.46
CA LEU K 123 19.14 -11.58 -53.68
C LEU K 123 17.79 -11.81 -54.33
N GLY K 124 17.37 -10.94 -55.24
CA GLY K 124 16.11 -11.16 -55.94
C GLY K 124 16.19 -12.32 -56.89
N HIS K 125 17.26 -12.40 -57.68
CA HIS K 125 17.56 -13.57 -58.48
C HIS K 125 17.75 -14.80 -57.62
N ARG K 126 18.30 -14.62 -56.42
CA ARG K 126 18.43 -15.72 -55.47
C ARG K 126 17.07 -16.23 -55.03
N LEU K 127 16.14 -15.32 -54.76
CA LEU K 127 14.79 -15.74 -54.40
C LEU K 127 14.06 -16.35 -55.60
N ASP K 128 14.44 -15.96 -56.81
CA ASP K 128 13.90 -16.60 -58.01
C ASP K 128 14.35 -18.05 -58.09
N ILE K 129 15.63 -18.30 -57.84
CA ILE K 129 16.16 -19.67 -57.79
C ILE K 129 15.53 -20.45 -56.63
N VAL K 130 15.30 -19.77 -55.49
CA VAL K 130 14.59 -20.35 -54.35
C VAL K 130 13.22 -20.84 -54.77
N PHE K 131 12.44 -19.98 -55.43
CA PHE K 131 11.12 -20.37 -55.93
C PHE K 131 11.21 -21.46 -56.98
N TYR K 132 12.30 -21.50 -57.74
CA TYR K 132 12.51 -22.59 -58.67
C TYR K 132 12.75 -23.91 -57.95
N LEU K 133 13.23 -23.84 -56.70
CA LEU K 133 13.21 -25.04 -55.86
C LEU K 133 11.86 -25.26 -55.19
N LEU K 134 11.06 -24.22 -55.03
CA LEU K 134 9.77 -24.39 -54.34
C LEU K 134 8.75 -25.05 -55.25
N ARG K 135 8.78 -24.70 -56.53
CA ARG K 135 7.76 -25.19 -57.47
C ARG K 135 7.93 -26.68 -57.76
N ILE K 136 9.18 -27.17 -57.75
CA ILE K 136 9.41 -28.59 -57.90
C ILE K 136 9.40 -29.26 -56.54
N GLY K 137 9.64 -28.49 -55.47
CA GLY K 137 9.46 -29.03 -54.14
C GLY K 137 8.01 -29.23 -53.78
N LEU K 138 7.10 -28.59 -54.52
CA LEU K 138 5.67 -28.86 -54.38
C LEU K 138 5.32 -30.25 -54.90
N PHE K 139 5.78 -30.60 -56.10
CA PHE K 139 5.61 -31.95 -56.64
C PHE K 139 6.38 -32.97 -55.82
N TYR K 140 7.55 -32.60 -55.33
CA TYR K 140 8.43 -33.48 -54.57
C TYR K 140 8.02 -33.59 -53.11
N MET K 141 7.17 -32.67 -52.63
CA MET K 141 6.57 -32.60 -51.28
C MET K 141 7.59 -32.84 -50.15
N ASP K 142 8.80 -32.33 -50.34
CA ASP K 142 9.76 -32.20 -49.26
C ASP K 142 9.26 -31.15 -48.26
N ASN K 143 9.70 -31.28 -47.01
CA ASN K 143 9.28 -30.28 -46.04
C ASN K 143 10.40 -29.31 -45.73
N ASP K 144 11.51 -29.81 -45.19
CA ASP K 144 12.56 -28.93 -44.70
C ASP K 144 13.40 -28.38 -45.83
N LEU K 145 13.50 -29.12 -46.94
CA LEU K 145 14.36 -28.73 -48.05
C LEU K 145 13.87 -27.45 -48.70
N ILE K 146 12.55 -27.28 -48.76
CA ILE K 146 11.99 -26.06 -49.34
C ILE K 146 11.70 -24.99 -48.31
N THR K 147 11.71 -25.31 -47.02
CA THR K 147 11.68 -24.25 -46.02
C THR K 147 13.06 -23.75 -45.67
N ARG K 148 14.11 -24.42 -46.15
CA ARG K 148 15.48 -24.00 -45.84
C ARG K 148 15.84 -22.75 -46.62
N ASN K 149 15.58 -22.75 -47.93
CA ASN K 149 15.92 -21.60 -48.75
C ASN K 149 14.94 -20.44 -48.59
N THR K 150 13.76 -20.71 -48.02
CA THR K 150 12.86 -19.61 -47.68
C THR K 150 13.16 -19.09 -46.29
N GLU K 151 13.73 -19.93 -45.42
CA GLU K 151 14.24 -19.42 -44.16
C GLU K 151 15.48 -18.56 -44.39
N LYS K 152 16.35 -18.97 -45.31
CA LYS K 152 17.58 -18.22 -45.54
C LYS K 152 17.35 -17.05 -46.49
N ALA K 153 16.45 -17.21 -47.45
CA ALA K 153 16.02 -16.12 -48.32
C ALA K 153 14.97 -15.25 -47.66
N LYS K 154 14.52 -15.62 -46.46
CA LYS K 154 13.54 -14.83 -45.73
C LYS K 154 14.18 -13.58 -45.15
N SER K 155 15.27 -13.75 -44.41
CA SER K 155 15.97 -12.63 -43.84
C SER K 155 16.71 -11.86 -44.93
N LEU K 156 16.88 -10.56 -44.69
CA LEU K 156 17.68 -9.65 -45.52
C LEU K 156 17.16 -9.58 -46.96
N ILE K 157 15.91 -9.14 -47.10
CA ILE K 157 15.36 -8.91 -48.43
C ILE K 157 15.63 -7.47 -48.86
N GLU K 158 15.11 -6.50 -48.09
CA GLU K 158 15.48 -5.07 -48.15
C GLU K 158 15.07 -4.36 -49.44
N GLU K 159 14.45 -5.07 -50.38
CA GLU K 159 14.10 -4.51 -51.68
C GLU K 159 12.60 -4.29 -51.86
N GLY K 160 11.82 -4.38 -50.79
CA GLY K 160 10.41 -4.10 -50.84
C GLY K 160 9.56 -5.23 -51.38
N GLY K 161 8.26 -5.20 -51.07
CA GLY K 161 7.36 -6.20 -51.57
C GLY K 161 7.09 -5.99 -53.05
N ASP K 162 7.59 -6.90 -53.88
CA ASP K 162 7.40 -6.80 -55.32
C ASP K 162 6.00 -7.27 -55.69
N TRP K 163 5.70 -7.28 -56.98
CA TRP K 163 4.31 -7.32 -57.40
C TRP K 163 3.77 -8.74 -57.49
N ASP K 164 4.53 -9.66 -58.10
CA ASP K 164 4.20 -11.07 -58.03
C ASP K 164 5.38 -11.91 -57.53
N ARG K 165 6.53 -11.29 -57.25
CA ARG K 165 7.60 -12.02 -56.58
C ARG K 165 7.27 -12.25 -55.11
N ARG K 166 7.16 -11.15 -54.35
CA ARG K 166 6.78 -11.22 -52.94
C ARG K 166 5.37 -11.79 -52.78
N ASN K 167 4.47 -11.43 -53.68
CA ASN K 167 3.14 -12.04 -53.74
C ASN K 167 3.24 -13.54 -54.01
N ARG K 168 4.15 -13.95 -54.89
CA ARG K 168 4.31 -15.37 -55.19
C ARG K 168 4.82 -16.14 -53.99
N LEU K 169 5.74 -15.54 -53.24
CA LEU K 169 6.22 -16.16 -52.00
C LEU K 169 5.13 -16.24 -50.95
N LYS K 170 4.28 -15.20 -50.88
CA LYS K 170 3.14 -15.20 -49.97
C LYS K 170 2.14 -16.29 -50.33
N VAL K 171 1.95 -16.51 -51.64
CA VAL K 171 1.14 -17.63 -52.11
C VAL K 171 1.76 -18.94 -51.67
N TYR K 172 3.09 -19.06 -51.77
CA TYR K 172 3.79 -20.26 -51.29
C TYR K 172 3.64 -20.45 -49.79
N GLN K 173 3.52 -19.35 -49.03
CA GLN K 173 3.14 -19.46 -47.63
C GLN K 173 1.75 -20.06 -47.51
N GLY K 174 0.86 -19.68 -48.43
CA GLY K 174 -0.41 -20.39 -48.56
C GLY K 174 -0.24 -21.86 -48.91
N LEU K 175 0.79 -22.20 -49.68
CA LEU K 175 1.02 -23.60 -50.06
C LEU K 175 1.41 -24.45 -48.86
N TYR K 176 2.49 -24.07 -48.16
CA TYR K 176 2.89 -24.92 -47.04
C TYR K 176 1.95 -24.79 -45.85
N CYS K 177 1.16 -23.73 -45.78
CA CYS K 177 0.12 -23.71 -44.76
C CYS K 177 -1.15 -24.42 -45.19
N VAL K 178 -1.30 -24.77 -46.47
CA VAL K 178 -2.26 -25.81 -46.82
C VAL K 178 -1.69 -27.18 -46.46
N ALA K 179 -0.39 -27.36 -46.66
CA ALA K 179 0.29 -28.59 -46.26
C ALA K 179 0.21 -28.81 -44.75
N ILE K 180 0.76 -27.87 -43.97
CA ILE K 180 0.65 -27.96 -42.53
C ILE K 180 -0.79 -27.65 -42.11
N ARG K 181 -1.14 -28.06 -40.89
CA ARG K 181 -2.46 -27.79 -40.35
C ARG K 181 -2.49 -26.57 -39.45
N ASP K 182 -1.44 -25.74 -39.43
CA ASP K 182 -1.54 -24.42 -38.84
C ASP K 182 -2.48 -23.54 -39.65
N PHE K 183 -3.50 -23.02 -39.01
CA PHE K 183 -4.59 -22.35 -39.71
C PHE K 183 -4.77 -20.91 -39.28
N LYS K 184 -4.64 -20.61 -37.99
CA LYS K 184 -4.87 -19.25 -37.52
C LYS K 184 -3.70 -18.34 -37.84
N GLN K 185 -2.56 -18.92 -38.23
CA GLN K 185 -1.53 -18.13 -38.88
C GLN K 185 -1.55 -18.32 -40.40
N ALA K 186 -2.33 -19.28 -40.91
CA ALA K 186 -2.66 -19.33 -42.32
C ALA K 186 -3.78 -18.37 -42.68
N ALA K 187 -4.39 -17.72 -41.69
CA ALA K 187 -5.50 -16.80 -41.93
C ALA K 187 -5.02 -15.45 -42.44
N GLU K 188 -3.73 -15.15 -42.33
CA GLU K 188 -3.17 -13.91 -42.81
C GLU K 188 -2.64 -14.03 -44.22
N LEU K 189 -2.46 -15.25 -44.70
CA LEU K 189 -1.70 -15.46 -45.93
C LEU K 189 -2.50 -15.14 -47.17
N PHE K 190 -3.80 -15.46 -47.17
CA PHE K 190 -4.65 -15.17 -48.30
C PHE K 190 -5.13 -13.72 -48.33
N LEU K 191 -4.66 -12.88 -47.42
CA LEU K 191 -5.12 -11.50 -47.37
C LEU K 191 -4.59 -10.68 -48.55
N ASP K 192 -3.62 -11.21 -49.30
CA ASP K 192 -3.13 -10.58 -50.52
C ASP K 192 -3.95 -10.93 -51.74
N THR K 193 -5.13 -11.53 -51.59
CA THR K 193 -5.88 -12.06 -52.72
C THR K 193 -6.46 -10.96 -53.61
N VAL K 194 -6.44 -9.71 -53.14
CA VAL K 194 -6.60 -8.56 -54.02
C VAL K 194 -5.54 -8.59 -55.11
N SER K 195 -4.30 -8.88 -54.72
CA SER K 195 -3.17 -8.86 -55.64
C SER K 195 -2.83 -10.23 -56.22
N THR K 196 -3.43 -11.32 -55.74
CA THR K 196 -3.09 -12.61 -56.33
C THR K 196 -3.80 -12.78 -57.66
N PHE K 197 -3.24 -13.65 -58.49
CA PHE K 197 -3.54 -13.65 -59.91
C PHE K 197 -3.42 -15.08 -60.40
N THR K 198 -3.81 -15.32 -61.65
CA THR K 198 -3.63 -16.62 -62.27
C THR K 198 -2.15 -16.92 -62.40
N SER K 199 -1.67 -17.84 -61.58
CA SER K 199 -0.26 -18.19 -61.52
C SER K 199 -0.08 -19.59 -62.10
N TYR K 200 0.15 -19.67 -63.40
CA TYR K 200 0.35 -20.95 -64.06
C TYR K 200 1.70 -21.57 -63.72
N GLU K 201 2.58 -20.83 -63.05
CA GLU K 201 3.78 -21.42 -62.49
C GLU K 201 3.43 -22.36 -61.34
N LEU K 202 2.48 -21.98 -60.48
CA LEU K 202 1.96 -22.93 -59.51
C LEU K 202 0.47 -23.22 -59.65
N MET K 203 -0.38 -22.20 -59.48
CA MET K 203 -1.76 -22.41 -59.13
C MET K 203 -2.66 -21.34 -59.72
N ASP K 204 -3.79 -21.78 -60.28
CA ASP K 204 -4.82 -20.90 -60.79
C ASP K 204 -5.39 -20.03 -59.67
N TYR K 205 -5.87 -18.85 -60.07
CA TYR K 205 -6.46 -17.91 -59.11
C TYR K 205 -7.77 -18.44 -58.55
N LYS K 206 -8.61 -19.04 -59.40
CA LYS K 206 -9.87 -19.59 -58.91
C LYS K 206 -9.64 -20.83 -58.06
N THR K 207 -8.53 -21.53 -58.29
CA THR K 207 -8.18 -22.63 -57.40
C THR K 207 -7.54 -22.09 -56.13
N PHE K 208 -6.93 -20.92 -56.18
CA PHE K 208 -6.48 -20.25 -54.97
C PHE K 208 -7.67 -19.85 -54.10
N VAL K 209 -8.72 -19.34 -54.74
CA VAL K 209 -9.97 -19.04 -54.02
C VAL K 209 -10.58 -20.34 -53.49
N THR K 210 -10.56 -21.39 -54.32
CA THR K 210 -11.17 -22.66 -53.96
C THR K 210 -10.43 -23.32 -52.80
N TYR K 211 -9.13 -23.05 -52.68
CA TYR K 211 -8.40 -23.62 -51.55
C TYR K 211 -8.45 -22.71 -50.33
N THR K 212 -8.53 -21.40 -50.51
CA THR K 212 -8.64 -20.54 -49.33
C THR K 212 -10.06 -20.47 -48.77
N VAL K 213 -11.05 -21.04 -49.47
CA VAL K 213 -12.38 -21.06 -48.89
C VAL K 213 -12.49 -22.11 -47.79
N TYR K 214 -11.58 -23.07 -47.75
CA TYR K 214 -11.60 -24.06 -46.68
C TYR K 214 -11.06 -23.48 -45.39
N VAL K 215 -9.87 -22.89 -45.42
CA VAL K 215 -9.24 -22.36 -44.21
C VAL K 215 -10.05 -21.19 -43.65
N SER K 216 -10.67 -20.39 -44.52
CA SER K 216 -11.60 -19.38 -44.06
C SER K 216 -12.88 -20.02 -43.54
N MET K 217 -13.37 -21.04 -44.24
CA MET K 217 -14.71 -21.56 -43.97
C MET K 217 -14.75 -22.36 -42.66
N ILE K 218 -13.64 -23.01 -42.31
CA ILE K 218 -13.55 -23.78 -41.07
C ILE K 218 -12.83 -22.95 -40.00
N ALA K 219 -11.65 -22.43 -40.35
CA ALA K 219 -10.72 -21.91 -39.35
C ALA K 219 -11.08 -20.54 -38.80
N LEU K 220 -12.17 -19.94 -39.27
CA LEU K 220 -12.52 -18.57 -38.89
C LEU K 220 -13.94 -18.52 -38.35
N GLU K 221 -14.17 -17.63 -37.39
CA GLU K 221 -15.47 -17.47 -36.73
C GLU K 221 -16.28 -16.35 -37.38
N ARG K 222 -17.44 -16.06 -36.78
CA ARG K 222 -18.33 -15.04 -37.36
C ARG K 222 -17.82 -13.60 -37.21
N PRO K 223 -17.15 -13.18 -36.11
CA PRO K 223 -16.38 -11.93 -36.21
C PRO K 223 -15.24 -12.00 -37.21
N ASP K 224 -14.65 -13.17 -37.40
CA ASP K 224 -13.56 -13.30 -38.37
C ASP K 224 -14.09 -13.26 -39.80
N LEU K 225 -15.19 -13.96 -40.07
CA LEU K 225 -15.73 -13.97 -41.42
C LEU K 225 -16.42 -12.65 -41.75
N ARG K 226 -17.22 -12.14 -40.81
CA ARG K 226 -17.86 -10.84 -40.95
C ARG K 226 -16.82 -9.73 -41.02
N GLU K 227 -15.69 -9.92 -40.36
CA GLU K 227 -14.59 -8.95 -40.42
C GLU K 227 -13.89 -9.00 -41.77
N LYS K 228 -13.39 -10.16 -42.16
CA LYS K 228 -12.55 -10.24 -43.36
C LYS K 228 -13.39 -10.33 -44.61
N VAL K 229 -14.18 -11.40 -44.75
CA VAL K 229 -14.64 -11.79 -46.08
C VAL K 229 -16.09 -11.37 -46.35
N ILE K 230 -16.95 -11.44 -45.33
CA ILE K 230 -18.32 -10.96 -45.51
C ILE K 230 -18.32 -9.46 -45.70
N LYS K 231 -17.39 -8.78 -45.02
CA LYS K 231 -17.09 -7.39 -45.38
C LYS K 231 -16.41 -7.29 -46.73
N GLY K 232 -15.51 -8.22 -47.05
CA GLY K 232 -14.67 -8.08 -48.21
C GLY K 232 -15.38 -8.32 -49.52
N ALA K 233 -15.02 -7.51 -50.50
CA ALA K 233 -15.64 -7.55 -51.82
C ALA K 233 -14.97 -8.55 -52.75
N GLU K 234 -13.83 -9.11 -52.34
CA GLU K 234 -13.09 -10.01 -53.19
C GLU K 234 -13.82 -11.33 -53.35
N ILE K 235 -14.38 -11.84 -52.24
CA ILE K 235 -15.25 -13.01 -52.34
C ILE K 235 -16.59 -12.62 -52.95
N LEU K 236 -16.95 -11.33 -52.88
CA LEU K 236 -18.21 -10.91 -53.49
C LEU K 236 -18.09 -10.86 -55.00
N GLU K 237 -16.87 -10.74 -55.52
CA GLU K 237 -16.66 -10.92 -56.94
C GLU K 237 -16.77 -12.38 -57.35
N VAL K 238 -16.03 -13.25 -56.66
CA VAL K 238 -15.83 -14.62 -57.13
C VAL K 238 -16.87 -15.58 -56.61
N LEU K 239 -17.84 -15.12 -55.82
CA LEU K 239 -18.94 -15.99 -55.46
C LEU K 239 -19.84 -16.31 -56.63
N HIS K 240 -19.85 -15.45 -57.66
CA HIS K 240 -20.65 -15.69 -58.85
C HIS K 240 -20.08 -16.80 -59.71
N SER K 241 -18.84 -17.21 -59.48
CA SER K 241 -18.24 -18.30 -60.25
C SER K 241 -18.92 -19.63 -59.93
N LEU K 242 -19.06 -19.96 -58.65
CA LEU K 242 -19.72 -21.20 -58.28
C LEU K 242 -20.86 -20.92 -57.30
N PRO K 243 -22.06 -21.44 -57.59
CA PRO K 243 -23.19 -21.24 -56.67
C PRO K 243 -23.12 -22.07 -55.41
N ALA K 244 -22.26 -23.09 -55.38
CA ALA K 244 -22.14 -23.92 -54.19
C ALA K 244 -21.47 -23.16 -53.05
N VAL K 245 -20.41 -22.40 -53.37
CA VAL K 245 -19.61 -21.70 -52.37
C VAL K 245 -20.45 -20.67 -51.62
N ARG K 246 -21.33 -19.98 -52.35
CA ARG K 246 -22.26 -19.04 -51.75
C ARG K 246 -23.21 -19.74 -50.78
N GLN K 247 -23.59 -20.98 -51.08
CA GLN K 247 -24.40 -21.76 -50.15
C GLN K 247 -23.58 -22.17 -48.93
N TYR K 248 -22.31 -22.54 -49.14
CA TYR K 248 -21.48 -22.96 -48.02
C TYR K 248 -21.03 -21.80 -47.15
N LEU K 249 -21.25 -20.56 -47.61
CA LEU K 249 -21.01 -19.42 -46.73
C LEU K 249 -22.30 -18.92 -46.10
N PHE K 250 -23.35 -18.81 -46.92
CA PHE K 250 -24.57 -18.16 -46.43
C PHE K 250 -25.43 -19.10 -45.61
N SER K 251 -25.46 -20.38 -45.97
CA SER K 251 -26.25 -21.35 -45.19
C SER K 251 -25.51 -21.78 -43.93
N LEU K 252 -24.18 -21.87 -44.00
CA LEU K 252 -23.36 -22.11 -42.81
C LEU K 252 -23.43 -20.93 -41.86
N TYR K 253 -23.28 -19.71 -42.39
CA TYR K 253 -23.41 -18.51 -41.60
C TYR K 253 -24.84 -18.30 -41.10
N GLU K 254 -25.81 -18.81 -41.85
CA GLU K 254 -27.22 -18.79 -41.51
C GLU K 254 -27.60 -19.98 -40.64
N CYS K 255 -26.66 -20.94 -40.48
CA CYS K 255 -26.74 -22.06 -39.53
C CYS K 255 -27.89 -23.00 -39.89
N ARG K 256 -28.02 -23.27 -41.18
CA ARG K 256 -29.05 -24.16 -41.72
C ARG K 256 -28.43 -25.52 -42.01
N TYR K 257 -28.54 -26.44 -41.07
CA TYR K 257 -27.87 -27.73 -41.19
C TYR K 257 -28.58 -28.69 -42.12
N SER K 258 -29.88 -28.53 -42.30
CA SER K 258 -30.65 -29.47 -43.12
C SER K 258 -30.25 -29.36 -44.59
N VAL K 259 -29.85 -28.17 -45.03
CA VAL K 259 -29.31 -28.02 -46.37
C VAL K 259 -27.78 -28.15 -46.38
N PHE K 260 -27.11 -27.77 -45.30
CA PHE K 260 -25.64 -27.78 -45.30
C PHE K 260 -25.10 -29.20 -45.22
N PHE K 261 -25.84 -30.10 -44.60
CA PHE K 261 -25.43 -31.50 -44.59
C PHE K 261 -25.86 -32.19 -45.88
N GLN K 262 -26.97 -31.72 -46.47
CA GLN K 262 -27.38 -32.20 -47.79
C GLN K 262 -26.34 -31.85 -48.85
N SER K 263 -25.70 -30.71 -48.72
CA SER K 263 -24.68 -30.25 -49.64
C SER K 263 -23.26 -30.55 -49.15
N LEU K 264 -23.10 -31.00 -47.91
CA LEU K 264 -21.77 -31.19 -47.35
C LEU K 264 -21.09 -32.44 -47.90
N ALA K 265 -21.86 -33.33 -48.54
CA ALA K 265 -21.28 -34.48 -49.22
C ALA K 265 -20.40 -34.06 -50.39
N VAL K 266 -20.70 -32.91 -51.00
CA VAL K 266 -19.86 -32.40 -52.08
C VAL K 266 -18.55 -31.87 -51.50
N VAL K 267 -18.58 -31.34 -50.28
CA VAL K 267 -17.35 -30.97 -49.59
C VAL K 267 -16.58 -32.22 -49.20
N GLU K 268 -17.29 -33.31 -48.91
CA GLU K 268 -16.62 -34.56 -48.56
C GLU K 268 -15.93 -35.18 -49.76
N GLN K 269 -16.66 -35.38 -50.87
CA GLN K 269 -16.09 -36.02 -52.04
C GLN K 269 -15.09 -35.10 -52.72
N GLU K 270 -15.35 -33.80 -52.72
CA GLU K 270 -14.38 -32.81 -53.17
C GLU K 270 -13.16 -32.79 -52.27
N MET K 271 -13.35 -33.09 -50.98
CA MET K 271 -12.31 -32.89 -49.99
C MET K 271 -11.20 -33.93 -50.14
N LYS K 272 -11.56 -35.13 -50.56
CA LYS K 272 -10.57 -36.15 -50.88
C LYS K 272 -10.10 -35.95 -52.32
N LYS K 273 -9.28 -36.91 -52.78
CA LYS K 273 -8.82 -37.03 -54.18
C LYS K 273 -7.98 -35.83 -54.63
N ASP K 274 -7.39 -35.13 -53.68
CA ASP K 274 -6.69 -33.88 -53.96
C ASP K 274 -5.23 -34.03 -53.56
N TRP K 275 -4.37 -33.30 -54.26
CA TRP K 275 -2.93 -33.42 -54.09
C TRP K 275 -2.44 -33.04 -52.70
N LEU K 276 -2.49 -31.76 -52.38
CA LEU K 276 -1.96 -31.25 -51.12
C LEU K 276 -3.03 -31.22 -50.02
N PHE K 277 -4.27 -31.49 -50.40
CA PHE K 277 -5.42 -31.29 -49.54
C PHE K 277 -5.97 -32.60 -48.98
N ALA K 278 -5.34 -33.73 -49.33
CA ALA K 278 -5.90 -35.03 -48.95
C ALA K 278 -5.84 -35.34 -47.46
N PRO K 279 -4.67 -35.46 -46.79
CA PRO K 279 -4.60 -36.28 -45.57
C PRO K 279 -5.34 -35.69 -44.39
N HIS K 280 -5.77 -34.44 -44.49
CA HIS K 280 -6.44 -33.77 -43.40
C HIS K 280 -7.94 -33.83 -43.53
N TYR K 281 -8.44 -34.60 -44.50
CA TYR K 281 -9.87 -34.64 -44.79
C TYR K 281 -10.66 -35.25 -43.65
N ARG K 282 -10.02 -36.06 -42.82
CA ARG K 282 -10.63 -36.47 -41.58
C ARG K 282 -10.74 -35.31 -40.60
N TYR K 283 -9.77 -34.41 -40.61
CA TYR K 283 -9.76 -33.35 -39.61
C TYR K 283 -10.75 -32.24 -39.93
N TYR K 284 -10.85 -31.85 -41.20
CA TYR K 284 -11.74 -30.74 -41.58
C TYR K 284 -13.20 -31.10 -41.32
N VAL K 285 -13.57 -32.36 -41.55
CA VAL K 285 -14.93 -32.83 -41.29
C VAL K 285 -15.26 -32.67 -39.82
N ARG K 286 -14.50 -33.35 -38.95
CA ARG K 286 -14.77 -33.36 -37.52
C ARG K 286 -14.67 -31.98 -36.89
N GLU K 287 -13.62 -31.25 -37.26
CA GLU K 287 -13.41 -29.88 -36.78
C GLU K 287 -14.55 -28.97 -37.21
N MET K 288 -15.08 -29.20 -38.40
CA MET K 288 -16.20 -28.37 -38.85
C MET K 288 -17.49 -28.77 -38.16
N ARG K 289 -17.65 -30.05 -37.83
CA ARG K 289 -18.82 -30.51 -37.10
C ARG K 289 -18.84 -29.91 -35.70
N ILE K 290 -17.72 -30.01 -34.96
CA ILE K 290 -17.68 -29.45 -33.61
C ILE K 290 -17.74 -27.92 -33.64
N HIS K 291 -17.23 -27.30 -34.71
CA HIS K 291 -17.33 -25.84 -34.79
C HIS K 291 -18.77 -25.41 -35.07
N ALA K 292 -19.49 -26.21 -35.84
CA ALA K 292 -20.91 -25.94 -36.08
C ALA K 292 -21.75 -26.21 -34.83
N TYR K 293 -21.40 -27.26 -34.09
CA TYR K 293 -22.18 -27.61 -32.90
C TYR K 293 -21.90 -26.63 -31.78
N SER K 294 -20.70 -26.05 -31.77
CA SER K 294 -20.40 -24.95 -30.88
C SER K 294 -21.07 -23.66 -31.33
N GLN K 295 -21.27 -23.51 -32.64
CA GLN K 295 -21.98 -22.35 -33.17
C GLN K 295 -23.43 -22.33 -32.73
N LEU K 296 -24.14 -23.45 -32.92
CA LEU K 296 -25.49 -23.56 -32.38
C LEU K 296 -25.48 -23.56 -30.85
N LEU K 297 -24.56 -24.28 -30.24
CA LEU K 297 -24.61 -24.54 -28.81
C LEU K 297 -24.10 -23.35 -28.00
N GLU K 298 -23.51 -22.36 -28.65
CA GLU K 298 -23.04 -21.17 -27.93
C GLU K 298 -24.20 -20.35 -27.42
N SER K 299 -25.10 -19.94 -28.32
CA SER K 299 -26.21 -19.07 -27.95
C SER K 299 -27.35 -19.80 -27.26
N TYR K 300 -27.22 -21.10 -27.04
CA TYR K 300 -28.30 -21.93 -26.52
C TYR K 300 -27.86 -22.57 -25.22
N ARG K 301 -28.64 -22.35 -24.17
CA ARG K 301 -28.39 -22.95 -22.86
C ARG K 301 -28.98 -24.35 -22.78
N SER K 302 -30.29 -24.44 -22.93
CA SER K 302 -30.99 -25.71 -22.94
C SER K 302 -31.65 -25.92 -24.30
N LEU K 303 -31.75 -27.19 -24.71
CA LEU K 303 -32.11 -27.54 -26.08
C LEU K 303 -32.86 -28.86 -26.08
N THR K 304 -34.06 -28.86 -26.62
CA THR K 304 -34.74 -30.12 -26.82
C THR K 304 -34.12 -30.90 -27.97
N LEU K 305 -34.31 -32.22 -27.94
CA LEU K 305 -33.82 -33.05 -29.03
C LEU K 305 -34.75 -32.99 -30.24
N GLY K 306 -35.97 -32.45 -30.05
CA GLY K 306 -36.88 -32.33 -31.17
C GLY K 306 -36.47 -31.24 -32.14
N TYR K 307 -36.30 -30.01 -31.63
CA TYR K 307 -35.84 -28.90 -32.45
C TYR K 307 -34.42 -29.12 -32.94
N MET K 308 -33.63 -29.87 -32.18
CA MET K 308 -32.29 -30.23 -32.63
C MET K 308 -32.33 -31.20 -33.80
N ALA K 309 -33.14 -32.26 -33.69
CA ALA K 309 -33.27 -33.21 -34.78
C ALA K 309 -33.92 -32.59 -36.00
N GLU K 310 -34.84 -31.66 -35.81
CA GLU K 310 -35.38 -30.87 -36.91
C GLU K 310 -34.33 -29.96 -37.51
N ALA K 311 -33.43 -29.44 -36.68
CA ALA K 311 -32.42 -28.51 -37.15
C ALA K 311 -31.38 -29.20 -38.00
N PHE K 312 -30.88 -30.35 -37.53
CA PHE K 312 -29.85 -31.04 -38.29
C PHE K 312 -30.45 -31.93 -39.38
N GLY K 313 -31.72 -32.30 -39.25
CA GLY K 313 -32.35 -33.19 -40.20
C GLY K 313 -31.78 -34.59 -40.12
N VAL K 314 -31.60 -35.07 -38.88
CA VAL K 314 -30.94 -36.35 -38.63
C VAL K 314 -31.71 -37.02 -37.50
N GLY K 315 -31.54 -38.34 -37.38
CA GLY K 315 -32.11 -39.05 -36.25
C GLY K 315 -31.42 -38.69 -34.96
N VAL K 316 -32.14 -38.89 -33.86
CA VAL K 316 -31.64 -38.56 -32.53
C VAL K 316 -30.53 -39.53 -32.12
N GLU K 317 -30.53 -40.73 -32.72
CA GLU K 317 -29.50 -41.73 -32.45
C GLU K 317 -28.11 -41.27 -32.84
N PHE K 318 -27.98 -40.36 -33.81
CA PHE K 318 -26.63 -39.99 -34.18
C PHE K 318 -26.12 -38.85 -33.31
N ILE K 319 -26.96 -37.85 -33.04
CA ILE K 319 -26.57 -36.77 -32.14
C ILE K 319 -26.43 -37.23 -30.71
N ASP K 320 -27.00 -38.39 -30.37
CA ASP K 320 -26.74 -39.04 -29.10
C ASP K 320 -25.25 -39.36 -28.95
N GLN K 321 -24.71 -40.15 -29.87
CA GLN K 321 -23.30 -40.53 -29.78
C GLN K 321 -22.37 -39.40 -30.20
N GLU K 322 -22.87 -38.40 -30.93
CA GLU K 322 -22.07 -37.24 -31.30
C GLU K 322 -21.57 -36.53 -30.07
N LEU K 323 -22.49 -35.89 -29.35
CA LEU K 323 -22.08 -35.00 -28.27
C LEU K 323 -21.55 -35.78 -27.08
N SER K 324 -21.92 -37.05 -26.97
CA SER K 324 -21.25 -37.95 -26.04
C SER K 324 -19.79 -38.13 -26.41
N ARG K 325 -19.49 -38.23 -27.70
CA ARG K 325 -18.09 -38.18 -28.09
C ARG K 325 -17.50 -36.78 -28.00
N PHE K 326 -18.33 -35.74 -27.95
CA PHE K 326 -17.78 -34.40 -27.89
C PHE K 326 -17.68 -33.85 -26.47
N ILE K 327 -18.07 -34.62 -25.47
CA ILE K 327 -17.73 -34.26 -24.10
C ILE K 327 -16.27 -34.57 -23.81
N ALA K 328 -15.88 -35.83 -23.97
CA ALA K 328 -14.49 -36.20 -23.77
C ALA K 328 -13.67 -35.94 -25.02
N ALA K 329 -14.08 -36.54 -26.14
CA ALA K 329 -13.28 -36.51 -27.36
C ALA K 329 -13.25 -35.11 -27.98
N GLY K 330 -14.41 -34.53 -28.24
CA GLY K 330 -14.43 -33.20 -28.82
C GLY K 330 -14.08 -32.12 -27.83
N ARG K 331 -14.55 -32.28 -26.59
CA ARG K 331 -14.30 -31.37 -25.47
C ARG K 331 -14.81 -29.96 -25.79
N LEU K 332 -16.13 -29.87 -25.90
CA LEU K 332 -16.80 -28.61 -26.17
C LEU K 332 -17.29 -27.91 -24.92
N HIS K 333 -18.03 -28.60 -24.05
CA HIS K 333 -18.72 -27.93 -22.95
C HIS K 333 -18.79 -28.86 -21.76
N CYS K 334 -19.45 -28.38 -20.72
CA CYS K 334 -19.83 -29.14 -19.55
C CYS K 334 -20.79 -30.28 -19.89
N LYS K 335 -21.06 -31.10 -18.87
CA LYS K 335 -21.77 -32.37 -19.04
C LYS K 335 -23.21 -32.17 -19.47
N ILE K 336 -23.64 -33.01 -20.41
CA ILE K 336 -24.99 -33.02 -20.96
C ILE K 336 -25.76 -34.21 -20.39
N ASP K 337 -27.06 -34.01 -20.11
CA ASP K 337 -27.85 -34.99 -19.38
C ASP K 337 -29.04 -35.43 -20.21
N LYS K 338 -29.52 -36.65 -19.96
CA LYS K 338 -30.67 -37.23 -20.65
C LYS K 338 -31.77 -37.67 -19.67
N VAL K 339 -31.79 -37.13 -18.45
CA VAL K 339 -32.87 -37.47 -17.51
C VAL K 339 -34.21 -36.93 -18.01
N ASN K 340 -34.19 -35.82 -18.73
CA ASN K 340 -35.36 -35.27 -19.37
C ASN K 340 -35.29 -35.42 -20.88
N GLU K 341 -34.26 -36.10 -21.38
CA GLU K 341 -33.98 -36.32 -22.81
C GLU K 341 -33.88 -35.00 -23.56
N ILE K 342 -33.14 -34.05 -22.98
CA ILE K 342 -33.02 -32.68 -23.45
C ILE K 342 -31.58 -32.24 -23.26
N VAL K 343 -30.99 -31.65 -24.30
CA VAL K 343 -29.66 -31.07 -24.21
C VAL K 343 -29.69 -29.89 -23.25
N GLU K 344 -28.94 -30.02 -22.15
CA GLU K 344 -28.79 -28.94 -21.17
C GLU K 344 -27.30 -28.82 -20.85
N THR K 345 -26.71 -27.69 -21.19
CA THR K 345 -25.36 -27.37 -20.75
C THR K 345 -25.45 -26.37 -19.60
N ASN K 346 -24.33 -26.22 -18.90
CA ASN K 346 -24.23 -25.24 -17.82
C ASN K 346 -23.31 -24.14 -18.30
N ARG K 347 -22.10 -24.53 -18.71
CA ARG K 347 -21.02 -23.68 -19.21
C ARG K 347 -20.74 -22.54 -18.22
N PRO K 348 -20.07 -22.79 -17.07
CA PRO K 348 -19.64 -21.69 -16.20
C PRO K 348 -18.28 -21.15 -16.60
N ASP K 349 -18.09 -20.93 -17.90
CA ASP K 349 -16.76 -20.76 -18.46
C ASP K 349 -16.29 -19.31 -18.44
N SER K 350 -17.05 -18.41 -17.83
CA SER K 350 -16.69 -16.99 -17.83
C SER K 350 -16.08 -16.57 -16.50
N LYS K 351 -16.86 -16.61 -15.41
CA LYS K 351 -16.49 -15.94 -14.16
C LYS K 351 -15.28 -16.53 -13.45
N ASN K 352 -15.41 -17.76 -12.98
CA ASN K 352 -14.31 -18.38 -12.25
C ASN K 352 -13.34 -19.06 -13.19
N TRP K 353 -13.85 -19.61 -14.29
CA TRP K 353 -12.98 -20.27 -15.25
C TRP K 353 -12.11 -19.27 -15.99
N GLN K 354 -12.55 -18.01 -16.10
CA GLN K 354 -11.70 -16.96 -16.65
C GLN K 354 -10.45 -16.75 -15.80
N TYR K 355 -10.56 -16.97 -14.50
CA TYR K 355 -9.39 -16.98 -13.63
C TYR K 355 -8.65 -18.32 -13.66
N GLN K 356 -9.37 -19.43 -13.80
CA GLN K 356 -8.74 -20.74 -13.68
C GLN K 356 -8.23 -21.28 -15.00
N GLU K 357 -8.27 -20.49 -16.06
CA GLU K 357 -7.48 -20.78 -17.24
C GLU K 357 -5.99 -20.61 -16.99
N THR K 358 -5.61 -19.88 -15.94
CA THR K 358 -4.23 -19.57 -15.64
C THR K 358 -3.60 -20.52 -14.64
N ILE K 359 -4.37 -21.44 -14.05
CA ILE K 359 -3.78 -22.37 -13.11
C ILE K 359 -2.94 -23.43 -13.84
N LYS K 360 -3.23 -23.64 -15.14
CA LYS K 360 -2.40 -24.52 -15.96
C LYS K 360 -1.00 -23.94 -16.12
N LYS K 361 -0.92 -22.67 -16.48
CA LYS K 361 0.36 -21.98 -16.57
C LYS K 361 0.99 -21.75 -15.20
N GLY K 362 0.18 -21.76 -14.14
CA GLY K 362 0.71 -21.65 -12.79
C GLY K 362 1.40 -22.93 -12.39
N ASP K 363 0.85 -24.07 -12.82
CA ASP K 363 1.49 -25.34 -12.54
C ASP K 363 2.67 -25.58 -13.48
N LEU K 364 2.59 -25.09 -14.71
CA LEU K 364 3.70 -25.27 -15.64
C LEU K 364 4.87 -24.38 -15.25
N LEU K 365 4.59 -23.16 -14.82
CA LEU K 365 5.62 -22.31 -14.23
C LEU K 365 6.09 -22.87 -12.90
N LEU K 366 5.23 -23.60 -12.19
CA LEU K 366 5.65 -24.22 -10.94
C LEU K 366 6.65 -25.33 -11.19
N ASN K 367 6.41 -26.15 -12.21
CA ASN K 367 7.38 -27.18 -12.54
C ASN K 367 8.60 -26.58 -13.21
N ARG K 368 8.44 -25.43 -13.86
CA ARG K 368 9.59 -24.80 -14.49
C ARG K 368 10.47 -24.10 -13.45
N VAL K 369 9.89 -23.67 -12.33
CA VAL K 369 10.76 -23.19 -11.25
C VAL K 369 11.23 -24.35 -10.39
N GLN K 370 10.60 -25.52 -10.50
CA GLN K 370 11.25 -26.73 -10.00
C GLN K 370 12.46 -27.09 -10.85
N LYS K 371 12.38 -26.85 -12.16
CA LYS K 371 13.55 -26.96 -13.02
C LYS K 371 14.60 -25.91 -12.65
N LEU K 372 14.15 -24.71 -12.30
CA LEU K 372 15.06 -23.70 -11.78
C LEU K 372 15.71 -24.17 -10.48
N SER K 373 14.96 -24.92 -9.67
CA SER K 373 15.55 -25.57 -8.50
C SER K 373 16.50 -26.69 -8.89
N ARG K 374 16.31 -27.30 -10.07
CA ARG K 374 17.25 -28.29 -10.55
C ARG K 374 18.54 -27.65 -11.07
N VAL K 375 18.51 -26.37 -11.42
CA VAL K 375 19.73 -25.65 -11.74
C VAL K 375 20.60 -25.45 -10.49
N ILE K 376 19.98 -25.44 -9.30
CA ILE K 376 20.68 -25.05 -8.08
C ILE K 376 21.75 -26.07 -7.72
N ASN K 377 22.98 -25.57 -7.54
CA ASN K 377 24.17 -26.24 -7.04
C ASN K 377 24.75 -27.30 -7.98
N MET K 378 24.09 -27.57 -9.10
CA MET K 378 24.60 -28.46 -10.15
C MET K 378 23.84 -28.22 -11.44
N ALA L 1 -23.30 23.17 14.82
CA ALA L 1 -22.68 24.40 14.32
C ALA L 1 -21.25 24.13 13.89
N VAL L 2 -20.43 23.66 14.82
CA VAL L 2 -19.02 23.34 14.57
C VAL L 2 -18.89 21.82 14.56
N GLN L 3 -18.35 21.29 13.46
CA GLN L 3 -18.21 19.85 13.32
C GLN L 3 -16.94 19.32 13.97
N LYS L 4 -15.82 19.99 13.78
CA LYS L 4 -14.55 19.47 14.29
C LYS L 4 -13.65 20.63 14.70
N VAL L 5 -12.61 20.28 15.47
CA VAL L 5 -11.61 21.25 15.91
C VAL L 5 -10.25 20.74 15.47
N VAL L 6 -9.27 21.63 15.48
CA VAL L 6 -7.87 21.30 15.23
C VAL L 6 -7.03 21.88 16.36
N VAL L 7 -6.35 21.01 17.10
CA VAL L 7 -5.53 21.43 18.21
C VAL L 7 -4.07 21.16 17.86
N HIS L 8 -3.28 22.17 17.86
CA HIS L 8 -1.87 21.98 17.60
C HIS L 8 -1.15 21.47 18.83
N PRO L 9 -0.09 20.68 18.63
CA PRO L 9 0.67 20.13 19.78
C PRO L 9 1.41 21.16 20.61
N LEU L 10 1.49 22.42 20.15
CA LEU L 10 2.16 23.47 20.90
C LEU L 10 1.51 23.72 22.25
N VAL L 11 0.17 23.68 22.30
CA VAL L 11 -0.51 23.99 23.56
C VAL L 11 -0.37 22.82 24.53
N LEU L 12 -0.34 21.59 24.02
CA LEU L 12 -0.15 20.44 24.90
C LEU L 12 1.29 20.37 25.39
N LEU L 13 2.22 20.84 24.57
CA LEU L 13 3.58 21.05 25.03
C LEU L 13 3.64 22.18 26.05
N SER L 14 2.72 23.14 25.98
CA SER L 14 2.60 24.10 27.06
C SER L 14 1.87 23.51 28.26
N VAL L 15 1.25 22.33 28.12
CA VAL L 15 0.75 21.61 29.28
C VAL L 15 1.87 20.78 29.91
N VAL L 16 2.83 20.37 29.09
CA VAL L 16 4.11 19.95 29.64
C VAL L 16 4.75 21.10 30.41
N ASP L 17 4.58 22.33 29.93
CA ASP L 17 5.02 23.47 30.70
C ASP L 17 4.18 23.71 31.94
N HIS L 18 2.87 23.38 31.88
CA HIS L 18 2.00 23.39 33.06
C HIS L 18 2.53 22.46 34.13
N PHE L 19 3.12 21.35 33.72
CA PHE L 19 3.67 20.40 34.68
C PHE L 19 5.15 20.68 34.95
N ASN L 20 5.73 21.66 34.25
CA ASN L 20 7.08 22.11 34.53
C ASN L 20 7.09 23.20 35.60
N ARG L 21 6.32 24.26 35.39
CA ARG L 21 6.43 25.46 36.22
C ARG L 21 5.71 25.36 37.56
N ILE L 22 5.28 24.14 37.95
CA ILE L 22 4.63 23.88 39.23
C ILE L 22 5.50 24.36 40.39
N GLY L 23 6.72 23.83 40.46
CA GLY L 23 7.65 24.17 41.51
C GLY L 23 7.57 23.24 42.72
N LYS L 24 6.86 22.12 42.56
CA LYS L 24 6.68 21.09 43.61
C LYS L 24 6.05 21.63 44.90
N VAL L 25 4.72 21.74 44.90
CA VAL L 25 4.03 22.30 46.05
C VAL L 25 3.24 21.21 46.77
N GLY L 26 2.71 20.25 46.00
CA GLY L 26 1.80 19.26 46.52
C GLY L 26 0.36 19.52 46.16
N ASN L 27 0.11 20.37 45.17
CA ASN L 27 -1.26 20.74 44.82
C ASN L 27 -1.72 19.97 43.59
N GLN L 28 -1.00 20.16 42.46
CA GLN L 28 -1.17 19.51 41.14
C GLN L 28 -2.64 19.36 40.71
N LYS L 29 -3.39 20.45 40.83
CA LYS L 29 -4.79 20.44 40.46
C LYS L 29 -4.95 20.52 38.95
N ARG L 30 -6.20 20.65 38.50
CA ARG L 30 -6.54 20.80 37.09
C ARG L 30 -6.24 22.19 36.55
N VAL L 31 -4.95 22.56 36.48
CA VAL L 31 -4.53 23.93 36.20
C VAL L 31 -5.03 24.39 34.85
N VAL L 32 -5.79 25.47 34.87
CA VAL L 32 -6.52 25.95 33.71
C VAL L 32 -5.63 26.90 32.94
N GLY L 33 -5.53 26.66 31.63
CA GLY L 33 -4.88 27.60 30.74
C GLY L 33 -5.92 28.20 29.82
N VAL L 34 -5.65 29.43 29.42
CA VAL L 34 -6.58 30.17 28.58
C VAL L 34 -6.35 29.78 27.14
N LEU L 35 -7.22 28.94 26.60
CA LEU L 35 -7.07 28.44 25.25
C LEU L 35 -7.32 29.54 24.23
N LEU L 36 -6.41 29.65 23.26
CA LEU L 36 -6.56 30.58 22.16
C LEU L 36 -6.64 29.80 20.87
N GLY L 37 -7.30 30.37 19.87
CA GLY L 37 -7.50 29.65 18.63
C GLY L 37 -8.29 30.47 17.64
N SER L 38 -8.69 29.81 16.54
CA SER L 38 -9.44 30.44 15.47
C SER L 38 -10.84 29.83 15.40
N TRP L 39 -11.80 30.53 15.98
CA TRP L 39 -13.22 30.24 15.80
C TRP L 39 -13.75 30.76 14.47
N GLN L 40 -12.92 31.46 13.71
CA GLN L 40 -13.28 32.22 12.51
C GLN L 40 -13.88 31.33 11.43
N LYS L 41 -13.14 30.31 11.01
CA LYS L 41 -13.70 29.32 10.11
C LYS L 41 -14.62 28.39 10.91
N LYS L 42 -15.46 27.62 10.21
CA LYS L 42 -16.35 26.66 10.84
C LYS L 42 -15.58 25.61 11.63
N VAL L 43 -14.38 25.27 11.16
CA VAL L 43 -13.46 24.44 11.94
C VAL L 43 -12.72 25.33 12.94
N LEU L 44 -12.46 24.78 14.14
CA LEU L 44 -11.69 25.49 15.14
C LEU L 44 -10.22 25.10 15.04
N ASP L 45 -9.34 26.08 15.04
CA ASP L 45 -7.91 25.85 14.86
C ASP L 45 -7.14 26.49 16.02
N VAL L 46 -6.59 25.66 16.90
CA VAL L 46 -5.77 26.15 18.01
C VAL L 46 -4.37 26.44 17.50
N SER L 47 -3.88 27.64 17.77
CA SER L 47 -2.48 27.96 17.46
C SER L 47 -1.61 27.89 18.71
N ASN L 48 -1.97 28.66 19.74
CA ASN L 48 -1.15 28.75 20.94
C ASN L 48 -2.10 29.07 22.10
N SER L 49 -1.53 29.21 23.31
CA SER L 49 -2.28 29.58 24.50
C SER L 49 -1.31 30.10 25.55
N PHE L 50 -1.86 30.37 26.74
CA PHE L 50 -1.11 30.67 27.94
C PHE L 50 -1.92 30.16 29.12
N ALA L 51 -1.43 30.38 30.33
CA ALA L 51 -2.11 29.91 31.53
C ALA L 51 -2.21 31.00 32.57
N VAL L 52 -3.08 30.77 33.56
CA VAL L 52 -3.47 31.76 34.55
C VAL L 52 -3.48 31.08 35.91
N PRO L 53 -3.02 31.74 36.98
CA PRO L 53 -3.08 31.14 38.32
C PRO L 53 -4.50 30.90 38.79
N PHE L 54 -4.83 29.62 38.96
CA PHE L 54 -6.18 29.16 39.27
C PHE L 54 -6.15 28.31 40.53
N ASP L 55 -6.98 28.66 41.51
CA ASP L 55 -7.07 27.90 42.75
C ASP L 55 -8.51 27.59 43.08
N GLU L 56 -8.74 26.35 43.51
CA GLU L 56 -9.98 25.91 44.12
C GLU L 56 -9.73 25.67 45.60
N ASP L 57 -10.76 25.20 46.30
CA ASP L 57 -10.65 24.81 47.69
C ASP L 57 -10.52 23.29 47.75
N ASP L 58 -9.99 22.80 48.88
CA ASP L 58 -9.95 21.38 49.15
C ASP L 58 -11.36 20.79 49.17
N LYS L 59 -12.19 21.25 50.11
CA LYS L 59 -13.51 20.66 50.30
C LYS L 59 -14.51 21.20 49.30
N ASP L 60 -14.68 22.51 49.23
CA ASP L 60 -15.64 23.12 48.32
C ASP L 60 -15.15 23.03 46.89
N ASP L 61 -15.99 22.51 46.01
CA ASP L 61 -15.72 22.56 44.58
C ASP L 61 -16.03 23.93 43.99
N SER L 62 -17.05 24.62 44.52
CA SER L 62 -17.59 25.80 43.87
C SER L 62 -16.78 27.07 44.13
N VAL L 63 -15.71 27.00 44.92
CA VAL L 63 -14.78 28.12 45.03
C VAL L 63 -13.74 27.99 43.93
N TRP L 64 -13.60 29.03 43.12
CA TRP L 64 -12.70 29.01 41.98
C TRP L 64 -12.23 30.42 41.67
N PHE L 65 -10.97 30.55 41.27
CA PHE L 65 -10.26 31.82 41.26
C PHE L 65 -9.67 32.07 39.89
N LEU L 66 -10.17 33.08 39.20
CA LEU L 66 -9.59 33.51 37.94
C LEU L 66 -9.27 34.99 37.99
N ASP L 67 -8.89 35.53 36.83
CA ASP L 67 -8.51 36.94 36.71
C ASP L 67 -8.98 37.46 35.37
N HIS L 68 -9.61 38.63 35.40
CA HIS L 68 -9.97 39.33 34.18
C HIS L 68 -8.83 40.21 33.70
N ASP L 69 -8.10 40.82 34.64
CA ASP L 69 -7.01 41.73 34.28
C ASP L 69 -5.85 40.97 33.66
N TYR L 70 -5.55 39.79 34.20
CA TYR L 70 -4.50 38.96 33.61
C TYR L 70 -4.91 38.46 32.23
N LEU L 71 -6.20 38.16 32.06
CA LEU L 71 -6.72 37.76 30.75
C LEU L 71 -6.61 38.89 29.74
N GLU L 72 -6.98 40.11 30.15
CA GLU L 72 -6.97 41.23 29.20
C GLU L 72 -5.56 41.74 28.96
N ASN L 73 -4.64 41.49 29.88
CA ASN L 73 -3.27 41.96 29.69
C ASN L 73 -2.46 40.95 28.88
N MET L 74 -2.53 39.67 29.23
CA MET L 74 -1.85 38.65 28.44
C MET L 74 -2.47 38.52 27.06
N TYR L 75 -3.79 38.54 26.99
CA TYR L 75 -4.46 38.58 25.70
C TYR L 75 -4.25 39.91 24.99
N GLY L 76 -4.06 40.98 25.76
CA GLY L 76 -3.82 42.27 25.13
C GLY L 76 -2.45 42.35 24.47
N MET L 77 -1.42 41.91 25.18
CA MET L 77 -0.06 41.89 24.64
C MET L 77 0.06 40.85 23.53
N PHE L 78 -0.65 39.73 23.68
CA PHE L 78 -0.63 38.71 22.65
C PHE L 78 -1.34 39.21 21.39
N LYS L 79 -2.43 39.95 21.56
CA LYS L 79 -3.10 40.53 20.41
C LYS L 79 -2.28 41.66 19.83
N LYS L 80 -1.45 42.29 20.65
CA LYS L 80 -0.52 43.31 20.16
C LYS L 80 0.58 42.69 19.31
N VAL L 81 1.03 41.49 19.67
CA VAL L 81 2.04 40.86 18.82
C VAL L 81 1.38 40.07 17.69
N ASN L 82 0.21 39.48 17.95
CA ASN L 82 -0.49 38.72 16.92
C ASN L 82 -1.99 38.89 17.11
N ALA L 83 -2.61 39.66 16.24
CA ALA L 83 -4.04 39.88 16.26
C ALA L 83 -4.79 38.95 15.31
N ARG L 84 -4.10 38.02 14.67
CA ARG L 84 -4.76 37.04 13.80
C ARG L 84 -5.40 35.91 14.57
N GLU L 85 -5.19 35.84 15.88
CA GLU L 85 -5.80 34.84 16.74
C GLU L 85 -6.52 35.56 17.87
N ARG L 86 -7.66 35.03 18.27
CA ARG L 86 -8.43 35.61 19.36
C ARG L 86 -8.69 34.55 20.42
N ILE L 87 -9.29 35.00 21.52
CA ILE L 87 -9.78 34.09 22.55
C ILE L 87 -10.86 33.17 21.98
N VAL L 88 -10.84 31.92 22.43
CA VAL L 88 -11.88 30.99 22.02
C VAL L 88 -12.49 30.23 23.21
N GLY L 89 -11.64 29.64 24.05
CA GLY L 89 -12.14 28.72 25.06
C GLY L 89 -11.10 28.48 26.12
N TRP L 90 -11.21 27.32 26.78
CA TRP L 90 -10.28 26.96 27.83
C TRP L 90 -10.21 25.44 27.97
N TYR L 91 -9.52 25.03 29.03
CA TYR L 91 -9.23 23.64 29.29
C TYR L 91 -8.74 23.49 30.71
N HIS L 92 -9.05 22.34 31.30
CA HIS L 92 -8.42 21.91 32.54
C HIS L 92 -7.71 20.59 32.26
N THR L 93 -6.60 20.38 32.93
CA THR L 93 -5.80 19.19 32.65
C THR L 93 -6.19 18.02 33.52
N GLY L 94 -7.16 18.19 34.42
CA GLY L 94 -7.66 17.09 35.22
C GLY L 94 -8.39 16.06 34.39
N PRO L 95 -8.39 14.81 34.86
CA PRO L 95 -9.18 13.77 34.17
C PRO L 95 -10.67 13.89 34.40
N LYS L 96 -11.11 14.66 35.39
CA LYS L 96 -12.50 14.62 35.82
C LYS L 96 -13.19 15.95 35.63
N LEU L 97 -14.42 15.87 35.15
CA LEU L 97 -15.30 17.03 35.02
C LEU L 97 -15.95 17.27 36.38
N HIS L 98 -15.59 18.38 37.01
CA HIS L 98 -16.18 18.76 38.28
C HIS L 98 -17.53 19.42 38.07
N LYS L 99 -18.28 19.56 39.16
CA LYS L 99 -19.53 20.30 39.12
C LYS L 99 -19.29 21.77 38.88
N ASN L 100 -18.17 22.31 39.37
CA ASN L 100 -17.85 23.71 39.27
C ASN L 100 -17.54 24.16 37.84
N ASP L 101 -17.29 23.22 36.94
CA ASP L 101 -16.75 23.55 35.63
C ASP L 101 -17.78 24.24 34.74
N ILE L 102 -19.06 24.10 35.07
CA ILE L 102 -20.08 24.91 34.40
C ILE L 102 -19.92 26.38 34.77
N ALA L 103 -19.58 26.67 36.03
CA ALA L 103 -19.44 28.05 36.48
C ALA L 103 -18.10 28.63 36.07
N ILE L 104 -17.04 27.83 36.15
CA ILE L 104 -15.74 28.24 35.63
C ILE L 104 -15.81 28.45 34.13
N ASN L 105 -16.56 27.60 33.43
CA ASN L 105 -16.82 27.76 32.01
C ASN L 105 -17.64 29.02 31.73
N GLU L 106 -18.52 29.39 32.67
CA GLU L 106 -19.50 30.44 32.42
C GLU L 106 -18.83 31.81 32.30
N LEU L 107 -17.69 31.99 32.98
CA LEU L 107 -16.95 33.24 32.88
C LEU L 107 -16.43 33.46 31.46
N MET L 108 -15.97 32.40 30.82
CA MET L 108 -15.53 32.54 29.43
C MET L 108 -16.64 32.30 28.44
N LYS L 109 -17.83 31.89 28.90
CA LYS L 109 -18.98 32.00 28.02
C LYS L 109 -19.47 33.43 27.96
N ARG L 110 -19.37 34.15 29.08
CA ARG L 110 -19.69 35.58 29.09
C ARG L 110 -18.72 36.40 28.25
N TYR L 111 -17.47 36.50 28.71
CA TYR L 111 -16.58 37.54 28.20
C TYR L 111 -16.00 37.15 26.86
N CYS L 112 -15.71 35.89 26.69
CA CYS L 112 -15.36 35.36 25.38
C CYS L 112 -16.68 34.88 24.78
N PRO L 113 -16.73 34.49 23.51
CA PRO L 113 -17.95 33.86 22.98
C PRO L 113 -18.19 32.45 23.50
N ASN L 114 -19.02 31.69 22.80
CA ASN L 114 -19.28 30.31 23.19
C ASN L 114 -17.94 29.59 23.27
N SER L 115 -17.46 29.36 24.49
CA SER L 115 -16.17 28.72 24.70
C SER L 115 -16.16 27.19 24.72
N VAL L 116 -15.13 26.62 24.09
CA VAL L 116 -14.91 25.19 24.04
C VAL L 116 -14.15 24.77 25.29
N LEU L 117 -14.40 23.55 25.75
CA LEU L 117 -13.69 22.97 26.87
C LEU L 117 -12.88 21.78 26.36
N VAL L 118 -11.68 21.60 26.91
CA VAL L 118 -10.84 20.45 26.57
C VAL L 118 -10.46 19.74 27.86
N ILE L 119 -10.82 18.46 27.95
CA ILE L 119 -10.30 17.58 28.98
C ILE L 119 -9.08 16.89 28.42
N ILE L 120 -7.96 17.04 29.11
CA ILE L 120 -6.75 16.30 28.87
C ILE L 120 -6.31 15.64 30.17
N ASP L 121 -5.17 14.97 30.13
CA ASP L 121 -4.74 14.10 31.21
C ASP L 121 -3.44 14.60 31.80
N VAL L 122 -3.35 14.50 33.14
CA VAL L 122 -2.14 14.91 33.83
C VAL L 122 -1.00 13.93 33.57
N LYS L 123 -1.30 12.65 33.42
CA LYS L 123 -0.28 11.66 33.10
C LYS L 123 -0.65 11.01 31.79
N PRO L 124 0.16 11.11 30.76
CA PRO L 124 -0.24 10.61 29.44
C PRO L 124 -0.14 9.10 29.28
N LYS L 125 -0.65 8.36 30.27
CA LYS L 125 -0.66 6.91 30.24
C LYS L 125 -1.84 6.35 29.49
N ASP L 126 -2.79 7.21 29.11
CA ASP L 126 -3.91 6.78 28.29
C ASP L 126 -3.41 6.51 26.88
N LEU L 127 -3.70 5.31 26.38
CA LEU L 127 -3.38 4.99 25.00
C LEU L 127 -4.26 5.78 24.04
N GLY L 128 -5.46 6.15 24.45
CA GLY L 128 -6.36 6.92 23.62
C GLY L 128 -5.90 8.34 23.43
N LEU L 129 -6.69 9.07 22.66
CA LEU L 129 -6.37 10.46 22.34
C LEU L 129 -6.58 11.30 23.59
N PRO L 130 -5.60 12.09 24.02
CA PRO L 130 -5.74 12.81 25.29
C PRO L 130 -6.74 13.96 25.24
N THR L 131 -7.03 14.49 24.06
CA THR L 131 -7.78 15.72 23.91
C THR L 131 -9.20 15.42 23.46
N GLU L 132 -10.19 15.99 24.15
CA GLU L 132 -11.60 15.85 23.81
C GLU L 132 -12.25 17.23 23.82
N ALA L 133 -12.76 17.65 22.67
CA ALA L 133 -13.44 18.94 22.55
C ALA L 133 -14.89 18.79 22.98
N TYR L 134 -15.27 19.49 24.03
CA TYR L 134 -16.63 19.43 24.58
C TYR L 134 -17.29 20.77 24.34
N ILE L 135 -18.27 20.80 23.45
CA ILE L 135 -18.95 22.05 23.11
C ILE L 135 -19.84 22.44 24.29
N SER L 136 -19.79 23.73 24.63
CA SER L 136 -20.55 24.26 25.75
C SER L 136 -21.88 24.78 25.22
N VAL L 137 -22.86 23.88 25.14
CA VAL L 137 -24.19 24.22 24.67
C VAL L 137 -25.23 23.70 25.64
N GLU L 138 -26.34 24.44 25.73
CA GLU L 138 -27.50 24.01 26.50
C GLU L 138 -28.43 23.28 25.53
N GLU L 139 -28.81 22.06 25.89
CA GLU L 139 -29.67 21.25 25.04
C GLU L 139 -30.94 20.86 25.78
N VAL L 140 -32.03 20.84 25.03
CA VAL L 140 -33.37 20.58 25.56
C VAL L 140 -33.54 19.07 25.65
N HIS L 141 -34.00 18.60 26.81
CA HIS L 141 -33.99 17.17 27.12
C HIS L 141 -35.41 16.62 27.02
N ASP L 142 -35.52 15.36 26.56
CA ASP L 142 -36.83 14.77 26.29
C ASP L 142 -37.58 14.38 27.56
N ASP L 143 -36.87 14.15 28.67
CA ASP L 143 -37.51 13.74 29.91
C ASP L 143 -38.25 14.90 30.56
N GLY L 144 -37.95 16.12 30.17
CA GLY L 144 -38.53 17.28 30.79
C GLY L 144 -37.65 17.92 31.84
N THR L 145 -36.48 17.35 32.09
CA THR L 145 -35.52 17.94 33.00
C THR L 145 -35.11 19.32 32.51
N PRO L 146 -34.93 20.29 33.41
CA PRO L 146 -34.65 21.67 32.98
C PRO L 146 -33.33 21.78 32.22
N THR L 147 -33.28 22.76 31.33
CA THR L 147 -32.17 22.90 30.40
C THR L 147 -30.93 23.39 31.15
N SER L 148 -29.80 22.72 30.91
CA SER L 148 -28.54 23.07 31.54
C SER L 148 -27.44 22.99 30.50
N LYS L 149 -26.29 23.59 30.84
CA LYS L 149 -25.12 23.54 29.97
C LYS L 149 -24.61 22.10 29.87
N THR L 150 -24.51 21.61 28.64
CA THR L 150 -24.24 20.20 28.38
C THR L 150 -23.01 20.10 27.49
N PHE L 151 -22.10 19.21 27.85
CA PHE L 151 -20.81 19.13 27.17
C PHE L 151 -20.84 17.93 26.22
N GLU L 152 -21.19 18.19 24.97
CA GLU L 152 -21.23 17.17 23.94
C GLU L 152 -19.87 17.12 23.27
N HIS L 153 -19.37 15.91 23.01
CA HIS L 153 -18.07 15.78 22.39
C HIS L 153 -18.12 16.22 20.94
N VAL L 154 -17.24 17.15 20.59
CA VAL L 154 -16.92 17.49 19.22
C VAL L 154 -15.64 16.75 18.89
N THR L 155 -15.65 16.04 17.76
CA THR L 155 -14.50 15.25 17.35
C THR L 155 -13.29 16.15 17.05
N SER L 156 -12.11 15.60 17.30
CA SER L 156 -10.88 16.39 17.26
C SER L 156 -9.83 15.67 16.44
N GLU L 157 -8.92 16.47 15.89
CA GLU L 157 -7.69 15.97 15.29
C GLU L 157 -6.53 16.84 15.73
N ILE L 158 -5.38 16.20 15.91
CA ILE L 158 -4.17 16.88 16.36
C ILE L 158 -3.26 17.01 15.14
N GLY L 159 -3.13 18.23 14.64
CA GLY L 159 -2.28 18.47 13.49
C GLY L 159 -1.30 19.59 13.78
N ALA L 160 -0.19 19.57 13.07
CA ALA L 160 0.85 20.58 13.16
C ALA L 160 0.98 21.26 11.80
N GLU L 161 1.35 22.54 11.82
CA GLU L 161 1.18 23.36 10.62
C GLU L 161 2.32 23.15 9.62
N GLU L 162 3.48 23.72 9.89
CA GLU L 162 4.65 23.38 9.09
C GLU L 162 5.87 23.06 9.94
N ALA L 163 6.28 24.04 10.73
CA ALA L 163 7.57 23.96 11.40
C ALA L 163 7.52 23.10 12.64
N GLU L 164 6.32 22.97 13.22
CA GLU L 164 6.11 22.11 14.38
C GLU L 164 6.39 20.65 14.01
N GLU L 165 6.06 20.27 12.77
CA GLU L 165 6.44 18.97 12.23
C GLU L 165 7.95 18.80 12.21
N VAL L 166 8.66 19.83 11.74
CA VAL L 166 10.10 19.74 11.56
C VAL L 166 10.82 19.67 12.90
N GLY L 167 10.41 20.54 13.82
CA GLY L 167 11.03 20.57 15.13
C GLY L 167 10.73 19.32 15.95
N VAL L 168 9.48 18.87 15.91
CA VAL L 168 9.11 17.63 16.61
C VAL L 168 9.85 16.43 16.01
N GLU L 169 9.90 16.37 14.68
CA GLU L 169 10.55 15.24 14.01
C GLU L 169 12.05 15.27 14.23
N HIS L 170 12.62 16.46 14.40
CA HIS L 170 14.03 16.57 14.76
C HIS L 170 14.27 16.20 16.21
N LEU L 171 13.31 16.52 17.09
CA LEU L 171 13.47 16.19 18.50
C LEU L 171 13.31 14.70 18.75
N LEU L 172 12.50 14.02 17.95
CA LEU L 172 12.27 12.60 18.23
C LEU L 172 13.41 11.73 17.72
N ARG L 173 13.55 11.64 16.39
CA ARG L 173 14.39 10.66 15.69
C ARG L 173 14.09 9.22 16.10
N ASP L 174 12.89 8.96 16.60
CA ASP L 174 12.52 7.68 17.18
C ASP L 174 11.28 7.18 16.46
N ILE L 175 10.36 8.11 16.19
CA ILE L 175 9.18 7.76 15.42
C ILE L 175 9.58 7.53 13.96
N LYS L 176 8.86 6.63 13.31
CA LYS L 176 9.01 6.40 11.88
C LYS L 176 7.77 6.93 11.19
N ASP L 177 7.93 7.29 9.92
CA ASP L 177 6.90 7.94 9.13
C ASP L 177 5.85 6.92 8.66
N THR L 178 5.09 7.32 7.63
CA THR L 178 3.97 6.55 7.08
C THR L 178 4.34 5.11 6.77
N THR L 179 5.33 4.92 5.89
CA THR L 179 6.09 3.68 5.66
C THR L 179 5.19 2.46 5.45
N VAL L 180 4.43 2.52 4.36
CA VAL L 180 3.46 1.50 4.02
C VAL L 180 4.24 0.26 3.60
N GLY L 181 3.66 -0.93 3.76
CA GLY L 181 4.36 -2.16 3.53
C GLY L 181 4.16 -3.11 4.69
N THR L 182 5.24 -3.76 5.14
CA THR L 182 5.09 -4.73 6.22
C THR L 182 4.83 -4.04 7.56
N LEU L 183 5.77 -3.20 8.02
CA LEU L 183 5.90 -2.84 9.43
C LEU L 183 4.80 -1.93 9.96
N SER L 184 4.60 -0.75 9.37
CA SER L 184 3.67 0.21 9.94
C SER L 184 2.23 -0.24 9.75
N GLN L 185 1.97 -1.06 8.74
CA GLN L 185 0.69 -1.72 8.65
C GLN L 185 0.57 -2.76 9.77
N ARG L 186 1.54 -3.68 9.85
CA ARG L 186 1.39 -4.87 10.68
C ARG L 186 1.47 -4.56 12.17
N ILE L 187 1.95 -3.38 12.55
CA ILE L 187 2.02 -3.04 13.98
C ILE L 187 0.68 -2.53 14.47
N THR L 188 0.03 -1.68 13.65
CA THR L 188 -1.38 -1.40 13.83
C THR L 188 -2.19 -2.68 13.81
N ASN L 189 -1.84 -3.60 12.91
CA ASN L 189 -2.47 -4.91 12.90
C ASN L 189 -2.00 -5.81 14.05
N GLN L 190 -0.98 -5.43 14.79
CA GLN L 190 -0.65 -6.14 16.03
C GLN L 190 -1.52 -5.63 17.18
N VAL L 191 -1.40 -4.34 17.49
CA VAL L 191 -1.96 -3.83 18.74
C VAL L 191 -3.41 -3.39 18.56
N HIS L 192 -3.97 -3.54 17.36
CA HIS L 192 -5.26 -2.93 17.04
C HIS L 192 -6.41 -3.54 17.83
N GLY L 193 -6.38 -4.87 18.06
CA GLY L 193 -7.41 -5.48 18.87
C GLY L 193 -7.25 -5.12 20.33
N LEU L 194 -6.02 -4.83 20.75
CA LEU L 194 -5.79 -4.30 22.09
C LEU L 194 -6.32 -2.88 22.19
N LYS L 195 -6.36 -2.17 21.07
CA LYS L 195 -6.79 -0.78 21.11
C LYS L 195 -8.31 -0.64 21.17
N GLY L 196 -9.05 -1.64 20.70
CA GLY L 196 -10.48 -1.63 20.86
C GLY L 196 -10.83 -2.41 22.11
N LEU L 197 -9.90 -3.29 22.49
CA LEU L 197 -10.05 -4.09 23.69
C LEU L 197 -9.97 -3.25 24.95
N ASN L 198 -8.94 -2.40 25.07
CA ASN L 198 -8.83 -1.57 26.26
C ASN L 198 -9.90 -0.48 26.26
N SER L 199 -10.33 -0.04 25.08
CA SER L 199 -11.46 0.88 25.00
C SER L 199 -12.73 0.24 25.54
N LYS L 200 -13.13 -0.88 24.92
CA LYS L 200 -14.36 -1.56 25.31
C LYS L 200 -14.30 -2.09 26.73
N LEU L 201 -13.22 -2.78 27.08
CA LEU L 201 -13.03 -3.28 28.44
C LEU L 201 -12.93 -2.15 29.45
N LEU L 202 -12.35 -1.02 29.07
CA LEU L 202 -12.28 0.15 29.93
C LEU L 202 -13.65 0.80 30.12
N ASP L 203 -14.57 0.55 29.20
CA ASP L 203 -15.89 1.18 29.24
C ASP L 203 -16.95 0.30 29.87
N ILE L 204 -17.08 -0.95 29.42
CA ILE L 204 -18.22 -1.78 29.80
C ILE L 204 -18.09 -2.34 31.20
N ARG L 205 -16.91 -2.32 31.79
CA ARG L 205 -16.79 -2.86 33.14
C ARG L 205 -17.33 -1.87 34.17
N SER L 206 -16.86 -0.63 34.15
CA SER L 206 -17.41 0.37 35.06
C SER L 206 -18.78 0.84 34.59
N TYR L 207 -19.06 0.75 33.29
CA TYR L 207 -20.40 0.92 32.76
C TYR L 207 -21.36 -0.10 33.37
N LEU L 208 -20.97 -1.37 33.33
CA LEU L 208 -21.73 -2.43 34.01
C LEU L 208 -21.80 -2.23 35.52
N GLU L 209 -20.81 -1.57 36.11
CA GLU L 209 -20.93 -1.17 37.51
C GLU L 209 -22.03 -0.12 37.68
N LYS L 210 -22.10 0.85 36.76
CA LYS L 210 -23.13 1.88 36.83
C LYS L 210 -24.48 1.35 36.39
N VAL L 211 -24.54 0.14 35.85
CA VAL L 211 -25.82 -0.50 35.59
C VAL L 211 -26.53 -0.84 36.90
N ALA L 212 -25.88 -1.64 37.74
CA ALA L 212 -26.54 -2.10 38.95
C ALA L 212 -26.42 -1.08 40.08
N THR L 213 -25.28 -0.40 40.17
CA THR L 213 -25.02 0.53 41.27
C THR L 213 -25.22 1.98 40.88
N GLY L 214 -25.92 2.25 39.77
CA GLY L 214 -26.04 3.60 39.28
C GLY L 214 -27.48 4.04 39.11
N LYS L 215 -27.65 5.34 39.28
CA LYS L 215 -28.90 6.08 39.16
C LYS L 215 -28.49 7.49 38.75
N LEU L 216 -29.32 8.48 39.08
CA LEU L 216 -29.03 9.84 38.67
C LEU L 216 -28.77 9.73 37.17
N PRO L 217 -29.78 10.09 36.35
CA PRO L 217 -29.89 10.08 34.89
C PRO L 217 -28.55 9.97 34.17
N ILE L 218 -28.11 8.73 33.94
CA ILE L 218 -26.81 8.50 33.32
C ILE L 218 -26.91 8.61 31.80
N ASN L 219 -27.94 9.32 31.33
CA ASN L 219 -28.49 9.22 29.97
C ASN L 219 -28.92 7.77 29.73
N HIS L 220 -29.92 7.37 30.51
CA HIS L 220 -30.62 6.10 30.36
C HIS L 220 -31.24 5.94 28.98
N GLN L 221 -31.59 7.03 28.31
CA GLN L 221 -32.19 6.94 26.99
C GLN L 221 -31.20 6.50 25.93
N ILE L 222 -29.94 6.96 26.03
CA ILE L 222 -28.94 6.63 25.00
C ILE L 222 -28.49 5.17 25.12
N ILE L 223 -28.88 4.49 26.20
CA ILE L 223 -28.67 3.05 26.29
C ILE L 223 -29.54 2.32 25.28
N TYR L 224 -30.69 2.88 24.91
CA TYR L 224 -31.59 2.19 23.98
C TYR L 224 -31.06 2.27 22.55
N GLN L 225 -30.61 3.44 22.14
CA GLN L 225 -29.93 3.57 20.84
C GLN L 225 -28.60 2.84 20.84
N LEU L 226 -27.88 2.93 21.96
CA LEU L 226 -26.61 2.22 22.17
C LEU L 226 -26.73 0.72 21.92
N GLN L 227 -27.57 0.07 22.73
CA GLN L 227 -27.78 -1.37 22.61
C GLN L 227 -28.49 -1.72 21.31
N ASP L 228 -29.29 -0.78 20.80
CA ASP L 228 -29.97 -0.97 19.52
C ASP L 228 -28.96 -1.14 18.38
N VAL L 229 -28.06 -0.17 18.23
CA VAL L 229 -27.02 -0.22 17.21
C VAL L 229 -26.07 -1.37 17.46
N PHE L 230 -25.86 -1.71 18.74
CA PHE L 230 -25.08 -2.89 19.06
C PHE L 230 -25.77 -4.17 18.61
N ASN L 231 -27.09 -4.18 18.64
CA ASN L 231 -27.87 -5.27 18.08
C ASN L 231 -28.25 -5.02 16.62
N LEU L 232 -27.59 -4.09 15.95
CA LEU L 232 -27.70 -4.05 14.49
C LEU L 232 -26.66 -4.92 13.81
N LEU L 233 -25.83 -5.65 14.56
CA LEU L 233 -24.94 -6.67 14.00
C LEU L 233 -25.24 -7.99 14.73
N PRO L 234 -26.32 -8.72 14.33
CA PRO L 234 -26.73 -9.93 15.05
C PRO L 234 -26.03 -11.21 14.58
N ASP L 235 -24.70 -11.16 14.49
CA ASP L 235 -23.84 -12.29 14.11
C ASP L 235 -24.22 -12.84 12.74
N VAL L 236 -23.91 -12.02 11.71
CA VAL L 236 -24.29 -12.24 10.31
C VAL L 236 -24.05 -13.68 9.86
N SER L 237 -25.00 -14.23 9.09
CA SER L 237 -24.97 -15.61 8.64
C SER L 237 -24.00 -15.85 7.50
N LEU L 238 -23.42 -14.80 6.92
CA LEU L 238 -22.39 -14.80 5.88
C LEU L 238 -22.83 -15.37 4.55
N GLN L 239 -24.10 -15.78 4.37
CA GLN L 239 -24.50 -16.58 3.21
C GLN L 239 -24.40 -15.80 1.91
N GLU L 240 -24.80 -14.53 1.95
CA GLU L 240 -24.53 -13.65 0.84
C GLU L 240 -23.06 -13.24 0.80
N PHE L 241 -22.39 -13.21 1.95
CA PHE L 241 -21.03 -12.69 2.02
C PHE L 241 -20.00 -13.77 1.72
N VAL L 242 -20.46 -15.02 1.50
CA VAL L 242 -19.61 -16.09 0.98
C VAL L 242 -18.95 -15.67 -0.32
N LYS L 243 -19.74 -15.19 -1.27
CA LYS L 243 -19.21 -14.76 -2.55
C LYS L 243 -18.31 -13.53 -2.41
N ALA L 244 -18.54 -12.73 -1.36
CA ALA L 244 -17.60 -11.67 -1.03
C ALA L 244 -16.25 -12.24 -0.61
N PHE L 245 -16.28 -13.38 0.09
CA PHE L 245 -15.02 -14.02 0.41
C PHE L 245 -14.40 -14.71 -0.80
N TYR L 246 -15.22 -15.11 -1.79
CA TYR L 246 -14.63 -15.50 -3.07
C TYR L 246 -13.99 -14.30 -3.75
N LEU L 247 -14.54 -13.11 -3.53
CA LEU L 247 -14.02 -11.93 -4.19
C LEU L 247 -12.67 -11.52 -3.59
N LYS L 248 -12.61 -11.37 -2.26
CA LYS L 248 -11.35 -11.01 -1.62
C LYS L 248 -10.35 -12.16 -1.71
N THR L 249 -10.84 -13.39 -1.75
CA THR L 249 -9.97 -14.55 -1.92
C THR L 249 -9.46 -14.66 -3.36
N ASN L 250 -10.19 -14.11 -4.32
CA ASN L 250 -9.74 -14.16 -5.70
C ASN L 250 -8.76 -13.02 -5.96
N ASP L 251 -8.99 -11.87 -5.31
CA ASP L 251 -7.98 -10.82 -5.26
C ASP L 251 -6.72 -11.32 -4.56
N GLN L 252 -6.91 -12.13 -3.52
CA GLN L 252 -5.79 -12.82 -2.87
C GLN L 252 -5.04 -13.70 -3.86
N MET L 253 -5.76 -14.44 -4.71
CA MET L 253 -5.13 -15.27 -5.75
C MET L 253 -4.37 -14.42 -6.75
N VAL L 254 -4.86 -13.21 -7.02
CA VAL L 254 -4.11 -12.27 -7.86
C VAL L 254 -2.80 -11.89 -7.17
N VAL L 255 -2.84 -11.68 -5.85
CA VAL L 255 -1.62 -11.36 -5.12
C VAL L 255 -0.70 -12.58 -5.05
N VAL L 256 -1.28 -13.78 -5.11
CA VAL L 256 -0.49 -15.02 -5.20
C VAL L 256 0.33 -15.04 -6.47
N TYR L 257 -0.34 -14.84 -7.61
CA TYR L 257 0.35 -14.95 -8.89
C TYR L 257 1.33 -13.79 -9.09
N LEU L 258 1.01 -12.62 -8.54
CA LEU L 258 1.95 -11.50 -8.60
C LEU L 258 3.17 -11.74 -7.73
N ALA L 259 2.96 -12.27 -6.51
CA ALA L 259 4.08 -12.50 -5.61
C ALA L 259 4.98 -13.60 -6.14
N SER L 260 4.37 -14.72 -6.54
CA SER L 260 5.10 -15.86 -7.08
C SER L 260 5.86 -15.49 -8.35
N LEU L 261 5.15 -14.89 -9.31
CA LEU L 261 5.74 -14.56 -10.60
C LEU L 261 6.84 -13.50 -10.46
N ILE L 262 6.56 -12.43 -9.72
CA ILE L 262 7.51 -11.33 -9.67
C ILE L 262 8.74 -11.69 -8.85
N ARG L 263 8.56 -12.39 -7.72
CA ARG L 263 9.73 -12.89 -6.98
C ARG L 263 10.53 -13.87 -7.83
N SER L 264 9.84 -14.71 -8.60
CA SER L 264 10.51 -15.62 -9.53
C SER L 264 11.29 -14.87 -10.61
N VAL L 265 10.84 -13.67 -10.97
CA VAL L 265 11.61 -12.82 -11.87
C VAL L 265 12.83 -12.25 -11.15
N VAL L 266 12.70 -11.96 -9.84
CA VAL L 266 13.85 -11.47 -9.08
C VAL L 266 14.89 -12.57 -8.93
N ALA L 267 14.47 -13.84 -9.02
CA ALA L 267 15.41 -14.97 -8.97
C ALA L 267 16.41 -15.00 -10.13
N LEU L 268 16.14 -14.29 -11.22
CA LEU L 268 16.94 -14.31 -12.44
C LEU L 268 18.40 -13.89 -12.24
N HIS L 269 18.59 -12.61 -11.84
CA HIS L 269 19.93 -12.06 -11.68
C HIS L 269 20.68 -12.78 -10.57
N ASN L 270 19.95 -13.26 -9.57
CA ASN L 270 20.51 -14.08 -8.51
C ASN L 270 21.10 -15.36 -9.07
N LEU L 271 20.28 -16.15 -9.75
CA LEU L 271 20.69 -17.46 -10.23
C LEU L 271 21.43 -17.40 -11.55
N ILE L 272 21.79 -16.21 -12.03
CA ILE L 272 22.81 -16.07 -13.06
C ILE L 272 24.14 -15.70 -12.40
N ASN L 273 24.11 -14.63 -11.60
CA ASN L 273 25.32 -14.04 -11.06
C ASN L 273 26.02 -14.98 -10.10
N ASN L 274 25.25 -15.83 -9.41
CA ASN L 274 25.78 -16.82 -8.48
C ASN L 274 26.78 -17.75 -9.13
N LYS L 275 26.54 -18.13 -10.38
CA LYS L 275 27.47 -18.94 -11.13
C LYS L 275 28.51 -18.08 -11.83
N ILE L 276 28.08 -17.12 -12.65
CA ILE L 276 29.00 -16.49 -13.60
C ILE L 276 30.02 -15.59 -12.91
N ALA L 277 29.72 -15.08 -11.72
CA ALA L 277 30.76 -14.31 -11.04
C ALA L 277 31.76 -15.23 -10.34
N ASN L 278 31.24 -16.23 -9.63
CA ASN L 278 32.08 -17.10 -8.80
C ASN L 278 33.03 -17.95 -9.63
N ARG L 279 32.51 -18.56 -10.70
CA ARG L 279 33.35 -19.49 -11.45
C ARG L 279 34.36 -18.75 -12.33
N ASP L 280 34.08 -17.50 -12.68
CA ASP L 280 35.01 -16.74 -13.50
C ASP L 280 36.10 -16.08 -12.67
N ALA L 281 35.72 -15.55 -11.49
CA ALA L 281 36.74 -15.10 -10.54
C ALA L 281 37.58 -16.27 -10.04
N GLU L 282 36.98 -17.46 -9.96
CA GLU L 282 37.74 -18.66 -9.60
C GLU L 282 38.69 -19.05 -10.73
N LYS L 283 38.19 -19.12 -11.97
CA LYS L 283 39.01 -19.66 -13.05
C LYS L 283 40.07 -18.66 -13.51
N LYS L 284 39.90 -17.38 -13.18
CA LYS L 284 40.97 -16.42 -13.41
C LYS L 284 41.71 -16.05 -12.13
N GLU L 285 41.32 -16.66 -11.00
CA GLU L 285 42.08 -16.49 -9.78
C GLU L 285 43.44 -17.20 -9.88
N GLY L 286 43.46 -18.37 -10.50
CA GLY L 286 44.69 -19.13 -10.66
C GLY L 286 45.34 -18.93 -12.02
N ASP M 1 -51.19 60.39 52.70
CA ASP M 1 -52.00 59.18 52.65
C ASP M 1 -51.44 58.09 53.55
N VAL M 2 -50.25 58.33 54.11
CA VAL M 2 -49.64 57.39 55.05
C VAL M 2 -50.26 57.56 56.46
N PRO M 3 -50.44 58.76 57.02
CA PRO M 3 -51.29 58.83 58.22
C PRO M 3 -52.75 58.61 57.91
N GLY M 4 -53.17 58.89 56.68
CA GLY M 4 -54.51 58.56 56.23
C GLY M 4 -54.73 57.10 55.94
N PHE M 5 -53.67 56.29 55.97
CA PHE M 5 -53.80 54.85 55.80
C PHE M 5 -54.00 54.15 57.13
N LEU M 6 -53.65 54.83 58.23
CA LEU M 6 -53.70 54.23 59.55
C LEU M 6 -55.11 53.95 60.02
N GLN M 7 -56.10 54.69 59.50
CA GLN M 7 -57.49 54.43 59.86
C GLN M 7 -57.94 53.09 59.29
N GLN M 8 -57.93 52.96 57.96
CA GLN M 8 -58.43 51.73 57.35
C GLN M 8 -57.48 50.56 57.55
N SER M 9 -56.23 50.82 57.90
CA SER M 9 -55.36 49.74 58.33
C SER M 9 -55.75 49.26 59.72
N GLN M 10 -55.96 50.22 60.64
CA GLN M 10 -56.42 49.87 61.98
C GLN M 10 -57.85 49.34 61.97
N ASN M 11 -58.75 50.05 61.29
CA ASN M 11 -60.15 49.65 61.26
C ASN M 11 -60.34 48.53 60.24
N SER M 12 -60.63 47.33 60.72
CA SER M 12 -60.73 46.17 59.86
C SER M 12 -61.59 45.12 60.55
N GLY M 13 -61.54 43.88 60.05
CA GLY M 13 -62.46 42.84 60.44
C GLY M 13 -62.25 42.25 61.83
N PRO M 14 -62.84 41.08 62.06
CA PRO M 14 -62.61 40.41 63.37
C PRO M 14 -61.25 39.75 63.49
N GLY M 15 -60.83 38.96 62.49
CA GLY M 15 -59.64 38.14 62.62
C GLY M 15 -58.45 38.67 61.86
N GLN M 16 -58.72 39.49 60.85
CA GLN M 16 -57.67 40.21 60.14
C GLN M 16 -56.74 41.11 60.97
N PRO M 17 -57.17 41.81 62.05
CA PRO M 17 -56.20 42.67 62.78
C PRO M 17 -54.99 41.97 63.39
N ALA M 18 -55.01 40.63 63.49
CA ALA M 18 -53.81 39.89 63.82
C ALA M 18 -52.71 40.12 62.78
N VAL M 19 -53.05 40.00 61.49
CA VAL M 19 -52.06 40.30 60.47
C VAL M 19 -52.01 41.78 60.13
N TRP M 20 -52.99 42.58 60.58
CA TRP M 20 -52.81 44.03 60.49
C TRP M 20 -51.88 44.54 61.57
N HIS M 21 -51.62 43.76 62.62
CA HIS M 21 -50.60 44.15 63.60
C HIS M 21 -49.22 44.15 62.96
N ARG M 22 -48.78 43.00 62.45
CA ARG M 22 -47.48 42.95 61.79
C ARG M 22 -47.50 43.69 60.46
N LEU M 23 -48.68 43.84 59.85
CA LEU M 23 -48.77 44.60 58.62
C LEU M 23 -48.59 46.09 58.88
N GLU M 24 -49.10 46.58 60.02
CA GLU M 24 -48.87 47.99 60.33
C GLU M 24 -47.49 48.21 60.94
N GLU M 25 -46.91 47.18 61.57
CA GLU M 25 -45.56 47.33 62.10
C GLU M 25 -44.53 47.37 60.98
N LEU M 26 -44.64 46.45 60.02
CA LEU M 26 -43.78 46.50 58.86
C LEU M 26 -44.13 47.65 57.94
N TYR M 27 -45.37 48.14 58.01
CA TYR M 27 -45.75 49.35 57.28
C TYR M 27 -45.07 50.58 57.87
N THR M 28 -45.03 50.68 59.21
CA THR M 28 -44.37 51.81 59.84
C THR M 28 -42.86 51.72 59.75
N LYS M 29 -42.30 50.51 59.76
CA LYS M 29 -40.86 50.38 59.63
C LYS M 29 -40.37 50.56 58.20
N LYS M 30 -41.29 50.59 57.22
CA LYS M 30 -41.02 51.01 55.84
C LYS M 30 -40.00 50.09 55.16
N LEU M 31 -40.00 48.83 55.57
CA LEU M 31 -39.28 47.77 54.88
C LEU M 31 -40.22 47.25 53.80
N TRP M 32 -39.91 47.56 52.54
CA TRP M 32 -40.81 47.17 51.45
C TRP M 32 -40.81 45.67 51.25
N HIS M 33 -39.72 45.00 51.62
CA HIS M 33 -39.64 43.57 51.37
C HIS M 33 -40.40 42.79 52.43
N GLN M 34 -40.30 43.20 53.68
CA GLN M 34 -41.06 42.54 54.73
C GLN M 34 -42.53 42.84 54.60
N LEU M 35 -42.87 44.06 54.18
CA LEU M 35 -44.25 44.41 53.86
C LEU M 35 -44.74 43.60 52.67
N THR M 36 -43.86 43.36 51.70
CA THR M 36 -44.18 42.55 50.52
C THR M 36 -44.49 41.12 50.93
N LEU M 37 -43.64 40.53 51.77
CA LEU M 37 -43.86 39.15 52.22
C LEU M 37 -45.10 39.06 53.09
N GLN M 38 -45.42 40.13 53.82
CA GLN M 38 -46.68 40.15 54.57
C GLN M 38 -47.88 40.21 53.63
N VAL M 39 -47.71 40.89 52.48
CA VAL M 39 -48.75 40.88 51.46
C VAL M 39 -48.92 39.48 50.87
N LEU M 40 -47.80 38.79 50.63
CA LEU M 40 -47.85 37.42 50.14
C LEU M 40 -48.46 36.49 51.18
N ASP M 41 -48.29 36.82 52.46
CA ASP M 41 -48.98 36.07 53.50
C ASP M 41 -50.48 36.35 53.48
N PHE M 42 -50.87 37.59 53.22
CA PHE M 42 -52.28 37.94 53.28
C PHE M 42 -53.05 37.43 52.07
N VAL M 43 -52.42 37.45 50.89
CA VAL M 43 -52.99 36.80 49.72
C VAL M 43 -52.94 35.29 49.88
N GLN M 44 -51.88 34.79 50.51
CA GLN M 44 -51.75 33.35 50.73
C GLN M 44 -52.74 32.85 51.77
N ASP M 45 -53.19 33.73 52.67
CA ASP M 45 -54.27 33.40 53.56
C ASP M 45 -55.58 33.26 52.78
N PRO M 46 -56.38 32.24 53.07
CA PRO M 46 -57.68 32.11 52.42
C PRO M 46 -58.69 33.13 52.93
N CYS M 47 -58.52 34.38 52.52
CA CYS M 47 -59.38 35.46 53.00
C CYS M 47 -60.77 35.32 52.41
N PHE M 48 -61.71 36.08 52.96
CA PHE M 48 -63.12 35.92 52.65
C PHE M 48 -63.51 36.42 51.27
N ALA M 49 -62.58 37.09 50.56
CA ALA M 49 -62.80 37.77 49.28
C ALA M 49 -63.94 38.79 49.37
N GLN M 50 -64.11 39.37 50.56
CA GLN M 50 -65.17 40.31 50.85
C GLN M 50 -64.59 41.66 51.26
N GLY M 51 -63.72 41.69 52.27
CA GLY M 51 -63.16 42.92 52.76
C GLY M 51 -61.75 43.19 52.32
N ASP M 52 -61.27 42.42 51.34
CA ASP M 52 -59.93 42.59 50.80
C ASP M 52 -59.89 43.53 49.60
N GLY M 53 -61.05 43.83 49.00
CA GLY M 53 -61.08 44.60 47.76
C GLY M 53 -60.52 46.00 47.86
N LEU M 54 -60.53 46.57 49.07
CA LEU M 54 -59.91 47.88 49.26
C LEU M 54 -58.39 47.76 49.34
N ILE M 55 -57.87 46.72 49.99
CA ILE M 55 -56.42 46.58 50.07
C ILE M 55 -55.86 46.09 48.73
N LYS M 56 -56.71 45.55 47.84
CA LYS M 56 -56.28 45.32 46.47
C LYS M 56 -55.89 46.63 45.80
N LEU M 57 -56.69 47.67 45.99
CA LEU M 57 -56.36 48.98 45.45
C LEU M 57 -55.24 49.64 46.25
N TYR M 58 -55.21 49.40 47.56
CA TYR M 58 -54.26 50.09 48.43
C TYR M 58 -52.84 49.59 48.18
N GLU M 59 -52.63 48.29 48.30
CA GLU M 59 -51.30 47.75 48.01
C GLU M 59 -51.09 47.58 46.51
N ASN M 60 -52.14 47.75 45.70
CA ASN M 60 -51.92 47.99 44.29
C ASN M 60 -51.20 49.31 44.09
N PHE M 61 -51.62 50.34 44.84
CA PHE M 61 -50.95 51.63 44.79
C PHE M 61 -49.54 51.55 45.37
N ILE M 62 -49.42 51.07 46.61
CA ILE M 62 -48.14 50.98 47.31
C ILE M 62 -47.17 50.08 46.54
N SER M 63 -47.72 49.06 45.88
CA SER M 63 -46.91 48.22 45.00
C SER M 63 -46.52 48.94 43.72
N GLU M 64 -47.33 49.89 43.25
CA GLU M 64 -46.90 50.66 42.08
C GLU M 64 -45.79 51.64 42.43
N PHE M 65 -45.96 52.47 43.46
CA PHE M 65 -44.89 53.42 43.77
C PHE M 65 -43.87 52.87 44.76
N GLU M 66 -43.82 51.56 44.99
CA GLU M 66 -42.78 51.05 45.87
C GLU M 66 -41.44 50.97 45.16
N HIS M 67 -41.47 50.80 43.82
CA HIS M 67 -40.34 50.77 42.87
C HIS M 67 -39.12 49.99 43.34
N ARG M 68 -39.33 48.93 44.12
CA ARG M 68 -38.21 48.21 44.73
C ARG M 68 -38.20 46.72 44.42
N VAL M 69 -39.31 46.06 44.72
CA VAL M 69 -39.35 44.60 44.78
C VAL M 69 -39.55 44.06 43.37
N ASN M 70 -39.15 42.80 43.15
CA ASN M 70 -39.52 42.04 41.96
C ASN M 70 -41.05 42.05 41.81
N PRO M 71 -41.59 42.62 40.75
CA PRO M 71 -43.04 42.86 40.68
C PRO M 71 -43.88 41.63 40.37
N LEU M 72 -43.30 40.43 40.37
CA LEU M 72 -44.10 39.23 40.18
C LEU M 72 -45.03 38.98 41.36
N SER M 73 -44.67 39.50 42.54
CA SER M 73 -45.61 39.61 43.64
C SER M 73 -46.84 40.40 43.24
N LEU M 74 -46.62 41.56 42.58
CA LEU M 74 -47.73 42.36 42.09
C LEU M 74 -48.51 41.63 41.00
N VAL M 75 -47.81 40.82 40.20
CA VAL M 75 -48.48 40.00 39.19
C VAL M 75 -49.42 39.01 39.85
N GLU M 76 -48.96 38.32 40.90
CA GLU M 76 -49.78 37.31 41.55
C GLU M 76 -50.96 37.93 42.30
N ILE M 77 -50.72 39.04 43.00
CA ILE M 77 -51.82 39.68 43.72
C ILE M 77 -52.83 40.27 42.73
N ILE M 78 -52.40 40.73 41.55
CA ILE M 78 -53.38 41.28 40.62
C ILE M 78 -54.10 40.15 39.87
N LEU M 79 -53.49 38.96 39.79
CA LEU M 79 -54.24 37.78 39.36
C LEU M 79 -55.30 37.41 40.38
N HIS M 80 -55.03 37.70 41.66
CA HIS M 80 -56.06 37.49 42.68
C HIS M 80 -57.08 38.63 42.67
N VAL M 81 -56.69 39.80 42.16
CA VAL M 81 -57.63 40.89 41.97
C VAL M 81 -58.64 40.52 40.90
N VAL M 82 -58.16 40.04 39.75
CA VAL M 82 -59.10 39.66 38.70
C VAL M 82 -59.79 38.35 39.04
N ARG M 83 -59.18 37.51 39.89
CA ARG M 83 -59.86 36.29 40.29
C ARG M 83 -60.98 36.60 41.27
N GLN M 84 -60.81 37.63 42.10
CA GLN M 84 -61.89 38.08 42.97
C GLN M 84 -62.93 38.88 42.19
N MET M 85 -62.50 39.63 41.18
CA MET M 85 -63.35 40.61 40.54
C MET M 85 -64.10 40.04 39.34
N THR M 86 -63.45 39.14 38.58
CA THR M 86 -63.96 38.56 37.32
C THR M 86 -64.39 39.65 36.33
N ASP M 87 -63.49 40.62 36.13
CA ASP M 87 -63.72 41.71 35.18
C ASP M 87 -62.57 41.69 34.18
N PRO M 88 -62.69 40.93 33.10
CA PRO M 88 -61.62 40.90 32.09
C PRO M 88 -61.50 42.18 31.29
N ASN M 89 -62.52 43.04 31.33
CA ASN M 89 -62.49 44.28 30.56
C ASN M 89 -61.46 45.25 31.14
N VAL M 90 -61.42 45.37 32.47
CA VAL M 90 -60.41 46.20 33.10
C VAL M 90 -59.13 45.43 33.39
N ALA M 91 -59.15 44.11 33.26
CA ALA M 91 -57.96 43.31 33.50
C ALA M 91 -56.89 43.58 32.46
N LEU M 92 -57.30 43.78 31.20
CA LEU M 92 -56.35 44.12 30.15
C LEU M 92 -55.72 45.49 30.40
N THR M 93 -56.49 46.43 30.94
CA THR M 93 -55.93 47.73 31.31
C THR M 93 -55.00 47.60 32.50
N PHE M 94 -55.30 46.67 33.40
CA PHE M 94 -54.43 46.44 34.56
C PHE M 94 -53.10 45.85 34.13
N LEU M 95 -53.15 44.80 33.32
CA LEU M 95 -51.95 44.10 32.90
C LEU M 95 -51.11 44.96 31.96
N GLU M 96 -51.76 45.66 31.03
CA GLU M 96 -51.05 46.61 30.17
C GLU M 96 -50.48 47.76 30.99
N LYS M 97 -51.19 48.18 32.03
CA LYS M 97 -50.67 49.22 32.92
C LYS M 97 -49.45 48.74 33.69
N THR M 98 -49.40 47.44 34.01
CA THR M 98 -48.19 46.90 34.61
C THR M 98 -47.07 46.81 33.57
N ARG M 99 -47.40 46.48 32.32
CA ARG M 99 -46.39 46.44 31.26
C ARG M 99 -45.77 47.81 31.02
N GLU M 100 -46.58 48.86 31.05
CA GLU M 100 -46.07 50.21 31.06
C GLU M 100 -45.38 50.54 32.37
N LYS M 101 -45.77 49.88 33.46
CA LYS M 101 -45.23 50.22 34.77
C LYS M 101 -43.96 49.44 35.07
N VAL M 102 -43.94 48.14 34.77
CA VAL M 102 -42.72 47.37 34.93
C VAL M 102 -41.77 47.72 33.80
N LYS M 103 -40.65 48.35 34.16
CA LYS M 103 -39.61 48.69 33.20
C LYS M 103 -38.78 47.43 32.90
N SER M 104 -37.80 47.56 32.02
CA SER M 104 -36.97 46.44 31.62
C SER M 104 -35.75 46.40 32.53
N SER M 105 -35.88 45.69 33.65
CA SER M 105 -34.80 45.49 34.61
C SER M 105 -34.61 43.98 34.67
N ASP M 106 -35.72 43.28 34.86
CA ASP M 106 -35.78 41.83 34.88
C ASP M 106 -36.90 41.56 33.89
N GLU M 107 -36.71 40.65 32.95
CA GLU M 107 -37.75 40.45 31.96
C GLU M 107 -38.79 39.50 32.53
N ALA M 108 -39.70 40.04 33.33
CA ALA M 108 -40.90 39.36 33.76
C ALA M 108 -42.04 39.50 32.76
N VAL M 109 -41.74 40.08 31.58
CA VAL M 109 -42.75 40.26 30.55
C VAL M 109 -43.21 38.92 29.97
N ILE M 110 -42.39 37.88 30.13
CA ILE M 110 -42.85 36.52 29.81
C ILE M 110 -43.97 36.10 30.76
N LEU M 111 -43.90 36.48 32.03
CA LEU M 111 -45.01 36.20 32.94
C LEU M 111 -46.14 37.20 32.76
N CYS M 112 -45.85 38.37 32.23
CA CYS M 112 -46.89 39.32 31.88
C CYS M 112 -47.75 38.79 30.75
N LYS M 113 -47.13 38.44 29.62
CA LYS M 113 -47.85 37.86 28.49
C LYS M 113 -48.41 36.49 28.82
N THR M 114 -47.78 35.78 29.75
CA THR M 114 -48.33 34.53 30.25
C THR M 114 -49.64 34.79 31.00
N ALA M 115 -49.68 35.87 31.80
CA ALA M 115 -50.90 36.22 32.50
C ALA M 115 -51.96 36.75 31.54
N ILE M 116 -51.55 37.57 30.56
CA ILE M 116 -52.48 38.17 29.61
C ILE M 116 -53.10 37.10 28.73
N GLY M 117 -52.27 36.27 28.11
CA GLY M 117 -52.75 35.14 27.35
C GLY M 117 -53.55 34.16 28.19
N ALA M 118 -53.16 33.99 29.46
CA ALA M 118 -53.87 33.10 30.37
C ALA M 118 -55.30 33.57 30.61
N LEU M 119 -55.49 34.85 30.87
CA LEU M 119 -56.84 35.39 30.99
C LEU M 119 -57.57 35.46 29.67
N LYS M 120 -56.85 35.59 28.57
CA LYS M 120 -57.45 35.56 27.25
C LYS M 120 -57.73 34.14 26.76
N LEU M 121 -57.35 33.12 27.53
CA LEU M 121 -57.76 31.74 27.29
C LEU M 121 -59.17 31.43 27.76
N ASN M 122 -59.99 32.46 27.96
CA ASN M 122 -61.43 32.33 28.11
C ASN M 122 -62.04 32.09 26.72
N ILE M 123 -63.37 32.04 26.65
CA ILE M 123 -64.08 31.75 25.41
C ILE M 123 -63.97 32.87 24.38
N GLY M 124 -63.50 34.06 24.79
CA GLY M 124 -63.47 35.20 23.89
C GLY M 124 -62.50 35.04 22.73
N ASP M 125 -61.34 34.45 22.98
CA ASP M 125 -60.34 34.29 21.94
C ASP M 125 -59.54 33.02 22.16
N LEU M 126 -59.22 32.36 21.05
CA LEU M 126 -58.41 31.14 21.07
C LEU M 126 -57.16 31.30 20.24
N GLN M 127 -57.34 31.81 19.02
CA GLN M 127 -56.27 31.78 18.03
C GLN M 127 -55.13 32.72 18.38
N VAL M 128 -55.45 34.00 18.64
CA VAL M 128 -54.40 34.98 18.88
C VAL M 128 -53.81 34.77 20.26
N THR M 129 -54.58 34.17 21.17
CA THR M 129 -54.03 33.75 22.46
C THR M 129 -53.02 32.64 22.28
N LYS M 130 -53.33 31.67 21.43
CA LYS M 130 -52.36 30.64 21.05
C LYS M 130 -51.14 31.25 20.39
N GLU M 131 -51.34 32.32 19.60
CA GLU M 131 -50.22 32.93 18.88
C GLU M 131 -49.31 33.69 19.84
N THR M 132 -49.87 34.36 20.83
CA THR M 132 -49.02 35.01 21.81
C THR M 132 -48.48 34.02 22.84
N ILE M 133 -49.10 32.84 22.98
CA ILE M 133 -48.45 31.74 23.70
C ILE M 133 -47.20 31.28 22.96
N GLU M 134 -47.32 31.15 21.63
CA GLU M 134 -46.18 30.89 20.77
C GLU M 134 -45.14 32.00 20.88
N ASP M 135 -45.59 33.23 21.12
CA ASP M 135 -44.65 34.31 21.39
C ASP M 135 -44.00 34.14 22.76
N VAL M 136 -44.74 33.63 23.76
CA VAL M 136 -44.19 33.43 25.10
C VAL M 136 -43.06 32.42 25.09
N GLU M 137 -43.28 31.27 24.43
CA GLU M 137 -42.18 30.34 24.25
C GLU M 137 -41.12 30.87 23.29
N GLU M 138 -41.48 31.81 22.42
CA GLU M 138 -40.53 32.37 21.48
C GLU M 138 -39.59 33.38 22.13
N MET M 139 -39.99 34.01 23.25
CA MET M 139 -39.24 35.13 23.77
C MET M 139 -37.92 34.69 24.41
N LEU M 140 -37.99 33.93 25.48
CA LEU M 140 -36.80 33.61 26.25
C LEU M 140 -36.44 32.14 26.05
N ASN M 141 -35.46 31.90 25.20
CA ASN M 141 -34.72 30.64 25.19
C ASN M 141 -33.38 30.79 25.89
N ASN M 142 -33.28 31.68 26.86
CA ASN M 142 -32.02 32.01 27.51
C ASN M 142 -31.79 31.09 28.70
N LEU M 143 -30.85 31.47 29.57
CA LEU M 143 -30.52 30.81 30.83
C LEU M 143 -31.64 30.65 31.88
N PRO M 144 -32.76 31.47 31.94
CA PRO M 144 -33.80 31.11 32.91
C PRO M 144 -34.58 29.84 32.57
N GLY M 145 -33.95 28.69 32.84
CA GLY M 145 -34.65 27.42 32.86
C GLY M 145 -35.16 27.12 34.24
N VAL M 146 -35.70 28.14 34.91
CA VAL M 146 -36.31 28.05 36.23
C VAL M 146 -37.54 27.18 36.13
N THR M 147 -38.26 27.31 35.01
CA THR M 147 -39.39 26.50 34.52
C THR M 147 -40.65 26.74 35.36
N SER M 148 -40.59 27.55 36.41
CA SER M 148 -41.79 27.99 37.11
C SER M 148 -42.68 28.78 36.17
N VAL M 149 -42.11 29.78 35.51
CA VAL M 149 -42.73 30.44 34.38
C VAL M 149 -43.15 29.45 33.30
N HIS M 150 -42.34 28.42 33.05
CA HIS M 150 -42.65 27.50 31.98
C HIS M 150 -43.61 26.40 32.42
N SER M 151 -43.76 26.18 33.73
CA SER M 151 -44.87 25.35 34.17
C SER M 151 -46.18 26.13 34.14
N ARG M 152 -46.09 27.45 34.32
CA ARG M 152 -47.23 28.30 34.01
C ARG M 152 -47.51 28.28 32.50
N PHE M 153 -46.46 28.15 31.69
CA PHE M 153 -46.65 27.92 30.27
C PHE M 153 -47.31 26.57 30.02
N TYR M 154 -47.03 25.58 30.88
CA TYR M 154 -47.76 24.32 30.79
C TYR M 154 -49.22 24.51 31.20
N ASP M 155 -49.51 25.47 32.08
CA ASP M 155 -50.90 25.78 32.37
C ASP M 155 -51.56 26.41 31.17
N LEU M 156 -50.80 27.20 30.40
CA LEU M 156 -51.30 27.79 29.17
C LEU M 156 -51.54 26.73 28.11
N SER M 157 -50.67 25.71 28.03
CA SER M 157 -50.90 24.62 27.10
C SER M 157 -51.93 23.63 27.61
N SER M 158 -52.27 23.71 28.89
CA SER M 158 -53.36 22.93 29.46
C SER M 158 -54.70 23.55 29.10
N LYS M 159 -54.77 24.88 29.17
CA LYS M 159 -55.92 25.56 28.62
C LYS M 159 -55.94 25.47 27.10
N TYR M 160 -54.80 25.26 26.47
CA TYR M 160 -54.80 24.90 25.05
C TYR M 160 -55.24 23.46 24.85
N TYR M 161 -55.09 22.62 25.86
CA TYR M 161 -55.67 21.29 25.78
C TYR M 161 -57.16 21.31 26.06
N GLN M 162 -57.66 22.39 26.68
CA GLN M 162 -59.11 22.57 26.74
C GLN M 162 -59.69 22.77 25.34
N THR M 163 -58.92 23.36 24.43
CA THR M 163 -59.20 23.20 23.02
C THR M 163 -58.86 21.77 22.62
N ILE M 164 -59.79 21.12 21.91
CA ILE M 164 -59.65 19.70 21.59
C ILE M 164 -58.80 19.51 20.33
N GLY M 165 -58.19 20.58 19.82
CA GLY M 165 -57.38 20.54 18.62
C GLY M 165 -56.16 19.65 18.68
N ASN M 166 -55.46 19.66 19.81
CA ASN M 166 -54.14 19.04 19.88
C ASN M 166 -53.98 18.31 21.20
N HIS M 167 -53.92 16.98 21.14
CA HIS M 167 -53.49 16.19 22.30
C HIS M 167 -51.98 16.18 22.44
N ALA M 168 -51.26 16.32 21.32
CA ALA M 168 -49.86 15.94 21.29
C ALA M 168 -48.96 16.99 21.92
N SER M 169 -49.17 18.27 21.58
CA SER M 169 -48.34 19.34 22.14
C SER M 169 -48.60 19.53 23.62
N TYR M 170 -49.82 19.23 24.07
CA TYR M 170 -50.07 19.13 25.49
C TYR M 170 -49.32 17.95 26.10
N TYR M 171 -49.14 16.87 25.34
CA TYR M 171 -48.35 15.76 25.85
C TYR M 171 -46.85 16.03 25.73
N LYS M 172 -46.43 16.76 24.69
CA LYS M 172 -45.04 17.17 24.58
C LYS M 172 -44.67 18.14 25.70
N ASP M 173 -45.57 19.04 26.05
CA ASP M 173 -45.39 19.89 27.22
C ASP M 173 -45.64 19.11 28.50
N ALA M 174 -46.34 17.99 28.42
CA ALA M 174 -46.61 17.20 29.61
C ALA M 174 -45.42 16.33 29.95
N LEU M 175 -44.52 16.09 29.00
CA LEU M 175 -43.20 15.59 29.36
C LEU M 175 -42.43 16.65 30.13
N ARG M 176 -42.63 17.91 29.76
CA ARG M 176 -41.93 18.99 30.42
C ARG M 176 -42.53 19.25 31.81
N PHE M 177 -43.83 19.02 31.95
CA PHE M 177 -44.43 19.05 33.28
C PHE M 177 -44.08 17.80 34.06
N LEU M 178 -43.82 16.69 33.36
CA LEU M 178 -43.29 15.49 33.99
C LEU M 178 -41.88 15.72 34.52
N GLY M 179 -41.14 16.65 33.91
CA GLY M 179 -39.80 16.93 34.39
C GLY M 179 -39.66 18.15 35.30
N CYS M 180 -40.66 19.03 35.31
CA CYS M 180 -40.55 20.24 36.12
C CYS M 180 -41.30 20.15 37.44
N VAL M 181 -41.94 19.01 37.71
CA VAL M 181 -42.48 18.77 39.05
C VAL M 181 -41.31 18.67 40.03
N ASP M 182 -41.47 19.25 41.21
CA ASP M 182 -40.39 19.26 42.17
C ASP M 182 -40.58 18.15 43.19
N ILE M 183 -41.64 18.26 43.98
CA ILE M 183 -42.02 17.30 45.00
C ILE M 183 -43.54 17.20 45.01
N LYS M 184 -44.07 16.43 45.94
CA LYS M 184 -45.50 16.22 46.04
C LYS M 184 -46.19 17.29 46.89
N ASP M 185 -45.56 18.45 47.08
CA ASP M 185 -46.16 19.54 47.83
C ASP M 185 -47.44 20.05 47.19
N LEU M 186 -47.48 20.10 45.86
CA LEU M 186 -48.73 20.38 45.18
C LEU M 186 -49.63 19.16 45.32
N PRO M 187 -50.90 19.42 45.67
CA PRO M 187 -52.07 18.59 45.96
C PRO M 187 -52.12 17.18 45.38
N VAL M 188 -52.09 16.19 46.27
CA VAL M 188 -52.22 14.80 45.85
C VAL M 188 -53.64 14.76 45.35
N SER M 189 -54.53 15.34 46.15
CA SER M 189 -55.93 15.47 45.80
C SER M 189 -56.10 16.13 44.43
N GLU M 190 -55.15 16.97 44.03
CA GLU M 190 -55.09 17.43 42.65
C GLU M 190 -54.41 16.41 41.76
N GLN M 191 -53.33 15.78 42.25
CA GLN M 191 -52.50 14.90 41.44
C GLN M 191 -53.21 13.62 41.04
N GLN M 192 -54.33 13.30 41.68
CA GLN M 192 -55.26 12.30 41.17
C GLN M 192 -55.71 12.65 39.76
N GLU M 193 -56.26 13.85 39.59
CA GLU M 193 -56.77 14.25 38.28
C GLU M 193 -55.65 14.67 37.35
N ARG M 194 -54.55 15.21 37.90
CA ARG M 194 -53.35 15.49 37.11
C ARG M 194 -52.85 14.21 36.46
N ALA M 195 -52.73 13.14 37.24
CA ALA M 195 -52.31 11.86 36.69
C ALA M 195 -53.42 11.21 35.87
N PHE M 196 -54.68 11.56 36.12
CA PHE M 196 -55.79 10.91 35.45
C PHE M 196 -55.94 11.40 34.02
N THR M 197 -56.12 12.71 33.84
CA THR M 197 -56.12 13.25 32.49
C THR M 197 -54.71 13.33 31.91
N LEU M 198 -53.68 13.16 32.75
CA LEU M 198 -52.34 12.96 32.21
C LEU M 198 -52.21 11.58 31.58
N GLY M 199 -52.90 10.59 32.13
CA GLY M 199 -52.88 9.26 31.55
C GLY M 199 -53.77 9.15 30.33
N LEU M 200 -54.97 9.74 30.41
CA LEU M 200 -55.85 9.78 29.24
C LEU M 200 -55.24 10.63 28.13
N ALA M 201 -54.62 11.75 28.50
CA ALA M 201 -53.92 12.58 27.52
C ALA M 201 -52.68 11.89 26.98
N GLY M 202 -52.04 11.07 27.81
CA GLY M 202 -50.90 10.31 27.33
C GLY M 202 -51.30 9.25 26.33
N LEU M 203 -52.43 8.59 26.57
CA LEU M 203 -53.00 7.66 25.61
C LEU M 203 -53.41 8.37 24.32
N LEU M 204 -54.22 9.41 24.43
CA LEU M 204 -54.83 10.07 23.30
C LEU M 204 -53.89 10.99 22.55
N GLY M 205 -52.67 11.19 23.05
CA GLY M 205 -51.63 11.81 22.25
C GLY M 205 -51.28 10.92 21.09
N GLU M 206 -51.51 11.38 19.86
CA GLU M 206 -51.44 10.52 18.69
C GLU M 206 -50.16 10.72 17.89
N GLY M 207 -49.19 11.42 18.43
CA GLY M 207 -47.89 11.53 17.82
C GLY M 207 -46.82 10.68 18.47
N VAL M 208 -47.20 9.62 19.18
CA VAL M 208 -46.25 8.87 19.98
C VAL M 208 -46.54 7.39 19.77
N PHE M 209 -45.50 6.56 19.92
CA PHE M 209 -45.64 5.11 19.89
C PHE M 209 -45.54 4.52 21.29
N ASN M 210 -44.63 5.03 22.12
CA ASN M 210 -44.35 4.42 23.41
C ASN M 210 -45.07 5.17 24.52
N PHE M 211 -45.45 4.43 25.55
CA PHE M 211 -45.94 4.99 26.80
C PHE M 211 -44.96 4.78 27.92
N GLY M 212 -43.85 4.10 27.64
CA GLY M 212 -42.86 3.75 28.63
C GLY M 212 -42.04 4.92 29.13
N GLU M 213 -42.09 6.06 28.44
CA GLU M 213 -41.48 7.26 29.02
C GLU M 213 -42.28 7.74 30.22
N LEU M 214 -43.61 7.70 30.12
CA LEU M 214 -44.47 8.16 31.20
C LEU M 214 -44.45 7.19 32.38
N LEU M 215 -44.62 5.90 32.10
CA LEU M 215 -44.57 4.86 33.11
C LEU M 215 -43.16 4.66 33.64
N MET M 216 -42.14 5.06 32.87
CA MET M 216 -40.76 4.95 33.32
C MET M 216 -40.46 5.96 34.42
N HIS M 217 -41.09 7.14 34.35
CA HIS M 217 -40.82 8.15 35.34
C HIS M 217 -41.57 7.79 36.62
N PRO M 218 -40.89 7.65 37.76
CA PRO M 218 -41.51 6.95 38.90
C PRO M 218 -42.47 7.79 39.71
N VAL M 219 -42.47 9.12 39.56
CA VAL M 219 -43.32 9.95 40.41
C VAL M 219 -44.78 9.78 40.04
N LEU M 220 -45.06 9.33 38.82
CA LEU M 220 -46.44 9.16 38.37
C LEU M 220 -47.03 7.86 38.90
N GLU M 221 -46.29 6.76 38.76
CA GLU M 221 -46.72 5.49 39.31
C GLU M 221 -46.70 5.49 40.83
N SER M 222 -45.89 6.36 41.45
CA SER M 222 -46.03 6.57 42.89
C SER M 222 -47.18 7.51 43.22
N LEU M 223 -47.64 8.31 42.26
CA LEU M 223 -48.86 9.10 42.43
C LEU M 223 -50.13 8.39 42.00
N ARG M 224 -50.02 7.17 41.51
CA ARG M 224 -51.21 6.50 41.01
C ARG M 224 -51.57 5.25 41.80
N ASN M 225 -50.77 4.88 42.82
CA ASN M 225 -51.23 3.84 43.74
C ASN M 225 -52.40 4.33 44.57
N THR M 226 -52.46 5.65 44.83
CA THR M 226 -53.66 6.27 45.38
C THR M 226 -54.83 6.12 44.43
N ASP M 227 -54.58 6.32 43.13
CA ASP M 227 -55.59 6.12 42.10
C ASP M 227 -55.97 4.65 42.01
N ARG M 228 -57.16 4.40 41.48
CA ARG M 228 -57.58 3.02 41.30
C ARG M 228 -56.80 2.38 40.16
N GLN M 229 -56.31 1.17 40.39
CA GLN M 229 -55.28 0.56 39.55
C GLN M 229 -55.84 -0.12 38.30
N TRP M 230 -57.05 0.22 37.87
CA TRP M 230 -57.53 -0.22 36.56
C TRP M 230 -56.76 0.44 35.43
N LEU M 231 -56.22 1.64 35.67
CA LEU M 231 -55.61 2.42 34.59
C LEU M 231 -54.11 2.19 34.51
N ILE M 232 -53.46 1.99 35.66
CA ILE M 232 -52.05 1.64 35.70
C ILE M 232 -51.83 0.27 35.06
N ASP M 233 -52.82 -0.61 35.23
CA ASP M 233 -52.75 -1.95 34.63
C ASP M 233 -52.78 -1.86 33.11
N THR M 234 -53.68 -1.04 32.55
CA THR M 234 -53.73 -0.97 31.10
C THR M 234 -52.67 -0.07 30.50
N LEU M 235 -52.12 0.89 31.25
CA LEU M 235 -50.97 1.59 30.73
C LEU M 235 -49.72 0.72 30.82
N TYR M 236 -49.72 -0.22 31.77
CA TYR M 236 -48.69 -1.24 31.82
C TYR M 236 -48.85 -2.23 30.68
N ALA M 237 -50.09 -2.51 30.28
CA ALA M 237 -50.32 -3.38 29.12
C ALA M 237 -50.01 -2.66 27.82
N PHE M 238 -50.30 -1.37 27.75
CA PHE M 238 -50.00 -0.58 26.57
C PHE M 238 -48.51 -0.30 26.47
N ASN M 239 -47.81 -0.29 27.60
CA ASN M 239 -46.36 -0.25 27.54
C ASN M 239 -45.79 -1.59 27.13
N SER M 240 -46.18 -2.65 27.84
CA SER M 240 -45.56 -3.96 27.74
C SER M 240 -46.15 -4.84 26.66
N GLY M 241 -47.17 -4.38 25.96
CA GLY M 241 -47.71 -5.19 24.88
C GLY M 241 -48.99 -5.89 25.26
N ASN M 242 -49.97 -5.84 24.36
CA ASN M 242 -51.22 -6.57 24.52
C ASN M 242 -51.08 -7.90 23.81
N VAL M 243 -50.85 -8.95 24.61
CA VAL M 243 -50.99 -10.30 24.09
C VAL M 243 -52.46 -10.70 24.13
N GLU M 244 -53.29 -9.96 24.86
CA GLU M 244 -54.72 -10.17 24.92
C GLU M 244 -55.43 -9.02 24.23
N ARG M 245 -56.66 -9.28 23.83
CA ARG M 245 -57.55 -8.22 23.38
C ARG M 245 -58.69 -8.01 24.36
N PHE M 246 -58.73 -8.79 25.44
CA PHE M 246 -59.84 -8.73 26.38
C PHE M 246 -59.63 -7.64 27.42
N GLN M 247 -58.40 -7.52 27.95
CA GLN M 247 -58.14 -6.49 28.94
C GLN M 247 -58.13 -5.10 28.30
N THR M 248 -57.44 -4.97 27.17
CA THR M 248 -57.51 -3.75 26.39
C THR M 248 -58.88 -3.54 25.74
N LEU M 249 -59.68 -4.60 25.65
CA LEU M 249 -61.09 -4.42 25.27
C LEU M 249 -61.89 -3.82 26.42
N LYS M 250 -61.69 -4.32 27.63
CA LYS M 250 -62.48 -3.87 28.77
C LYS M 250 -62.11 -2.46 29.20
N THR M 251 -60.85 -2.08 29.01
CA THR M 251 -60.54 -0.68 29.18
C THR M 251 -60.76 0.12 27.91
N ALA M 252 -60.89 -0.55 26.76
CA ALA M 252 -61.30 0.15 25.56
C ALA M 252 -62.76 0.57 25.64
N TRP M 253 -63.54 -0.11 26.48
CA TRP M 253 -64.91 0.29 26.77
C TRP M 253 -65.08 0.78 28.19
N GLY M 254 -64.00 0.82 28.97
CA GLY M 254 -64.09 1.34 30.33
C GLY M 254 -64.17 2.85 30.36
N GLN M 255 -63.36 3.49 29.52
CA GLN M 255 -63.41 4.95 29.36
C GLN M 255 -64.50 5.24 28.35
N GLN M 256 -65.62 5.78 28.83
CA GLN M 256 -66.79 5.94 27.97
C GLN M 256 -66.68 7.08 26.96
N PRO M 257 -66.39 8.34 27.33
CA PRO M 257 -66.49 9.41 26.33
C PRO M 257 -65.36 9.39 25.31
N ASP M 258 -65.74 9.63 24.05
CA ASP M 258 -64.86 10.04 22.95
C ASP M 258 -63.90 8.95 22.50
N LEU M 259 -64.04 7.73 22.99
CA LEU M 259 -63.03 6.73 22.73
C LEU M 259 -63.37 5.87 21.52
N ALA M 260 -64.58 6.00 20.99
CA ALA M 260 -64.99 5.20 19.83
C ALA M 260 -64.32 5.69 18.55
N ALA M 261 -64.32 7.01 18.33
CA ALA M 261 -63.72 7.55 17.12
C ALA M 261 -62.20 7.48 17.16
N ASN M 262 -61.61 7.59 18.34
CA ASN M 262 -60.18 7.39 18.49
C ASN M 262 -59.81 5.91 18.48
N GLU M 263 -60.78 5.03 18.75
CA GLU M 263 -60.51 3.67 19.19
C GLU M 263 -59.81 2.85 18.12
N ALA M 264 -60.26 2.97 16.87
CA ALA M 264 -59.63 2.24 15.78
C ALA M 264 -58.21 2.74 15.51
N GLN M 265 -57.99 4.04 15.68
CA GLN M 265 -56.64 4.58 15.56
C GLN M 265 -55.76 4.08 16.70
N LEU M 266 -56.35 3.90 17.89
CA LEU M 266 -55.61 3.31 19.00
C LEU M 266 -55.29 1.85 18.72
N LEU M 267 -56.19 1.16 18.03
CA LEU M 267 -55.90 -0.20 17.56
C LEU M 267 -54.73 -0.20 16.59
N ARG M 268 -54.71 0.79 15.69
CA ARG M 268 -53.60 0.96 14.77
C ARG M 268 -52.29 1.30 15.48
N LYS M 269 -52.37 1.90 16.67
CA LYS M 269 -51.14 2.17 17.41
C LYS M 269 -50.67 0.95 18.17
N ILE M 270 -51.58 0.26 18.86
CA ILE M 270 -51.20 -0.90 19.67
C ILE M 270 -50.91 -2.12 18.83
N GLN M 271 -51.29 -2.11 17.54
CA GLN M 271 -50.92 -3.22 16.69
C GLN M 271 -49.49 -3.07 16.17
N LEU M 272 -48.88 -1.91 16.35
CA LEU M 272 -47.46 -1.71 16.11
C LEU M 272 -46.62 -2.13 17.31
N LEU M 273 -47.23 -2.08 18.50
CA LEU M 273 -46.57 -2.43 19.75
C LEU M 273 -46.11 -3.90 19.74
N CYS M 274 -47.00 -4.80 19.33
CA CYS M 274 -46.63 -6.21 19.24
C CYS M 274 -45.56 -6.44 18.18
N LEU M 275 -45.56 -5.63 17.11
CA LEU M 275 -44.54 -5.74 16.08
C LEU M 275 -43.16 -5.39 16.62
N MET M 276 -43.04 -4.20 17.25
CA MET M 276 -41.73 -3.78 17.75
C MET M 276 -41.27 -4.66 18.92
N GLU M 277 -42.21 -5.21 19.70
CA GLU M 277 -41.81 -6.12 20.76
C GLU M 277 -41.37 -7.48 20.21
N MET M 278 -42.01 -7.97 19.14
CA MET M 278 -41.62 -9.28 18.64
C MET M 278 -40.36 -9.20 17.78
N THR M 279 -40.03 -8.02 17.25
CA THR M 279 -38.74 -7.89 16.61
C THR M 279 -37.66 -7.46 17.60
N PHE M 280 -38.04 -7.02 18.79
CA PHE M 280 -37.06 -6.85 19.86
C PHE M 280 -36.98 -8.11 20.73
N THR M 281 -37.79 -9.13 20.42
CA THR M 281 -37.80 -10.33 21.25
C THR M 281 -36.62 -11.23 20.95
N ARG M 282 -36.46 -11.64 19.69
CA ARG M 282 -35.38 -12.55 19.30
C ARG M 282 -34.19 -11.74 18.78
N PRO M 283 -33.08 -11.68 19.52
CA PRO M 283 -31.92 -10.91 19.03
C PRO M 283 -31.23 -11.54 17.83
N ALA M 284 -31.03 -12.85 17.83
CA ALA M 284 -30.36 -13.58 16.77
C ALA M 284 -31.11 -14.89 16.59
N ASN M 285 -30.47 -15.83 15.88
CA ASN M 285 -30.97 -17.18 15.63
C ASN M 285 -32.32 -17.13 14.92
N HIS M 286 -32.22 -16.92 13.59
CA HIS M 286 -33.35 -16.78 12.67
C HIS M 286 -34.22 -15.57 13.06
N ARG M 287 -33.58 -14.40 12.93
CA ARG M 287 -34.23 -13.09 12.98
C ARG M 287 -35.47 -13.01 12.08
N GLN M 288 -35.44 -13.66 10.92
CA GLN M 288 -36.58 -13.85 10.04
C GLN M 288 -37.78 -14.43 10.79
N LEU M 289 -38.96 -13.87 10.55
CA LEU M 289 -40.20 -14.38 11.14
C LEU M 289 -41.30 -14.44 10.09
N THR M 290 -42.53 -14.67 10.51
CA THR M 290 -43.63 -14.88 9.58
C THR M 290 -44.89 -14.14 10.05
N PHE M 291 -45.85 -14.06 9.13
CA PHE M 291 -47.10 -13.33 9.38
C PHE M 291 -48.01 -14.03 10.36
N GLU M 292 -47.79 -15.32 10.64
CA GLU M 292 -48.75 -16.08 11.44
C GLU M 292 -48.68 -15.67 12.90
N GLU M 293 -47.49 -15.28 13.37
CA GLU M 293 -47.38 -14.77 14.73
C GLU M 293 -47.92 -13.35 14.84
N ILE M 294 -47.76 -12.55 13.78
CA ILE M 294 -48.30 -11.20 13.76
C ILE M 294 -49.81 -11.23 13.76
N ALA M 295 -50.41 -11.97 12.83
CA ALA M 295 -51.86 -12.09 12.76
C ALA M 295 -52.41 -12.84 13.95
N LYS M 296 -51.63 -13.75 14.54
CA LYS M 296 -52.06 -14.39 15.77
C LYS M 296 -51.96 -13.42 16.95
N SER M 297 -51.02 -12.48 16.88
CA SER M 297 -50.97 -11.42 17.88
C SER M 297 -52.09 -10.40 17.70
N ALA M 298 -52.56 -10.22 16.47
CA ALA M 298 -53.44 -9.11 16.13
C ALA M 298 -54.85 -9.54 15.79
N LYS M 299 -55.15 -10.85 15.88
CA LYS M 299 -56.40 -11.52 15.48
C LYS M 299 -56.95 -11.03 14.14
N ILE M 300 -56.06 -10.83 13.17
CA ILE M 300 -56.37 -10.18 11.91
C ILE M 300 -56.18 -11.21 10.80
N THR M 301 -56.81 -10.95 9.66
CA THR M 301 -56.68 -11.84 8.52
C THR M 301 -55.35 -11.59 7.79
N VAL M 302 -55.04 -12.48 6.84
CA VAL M 302 -53.83 -12.37 6.04
C VAL M 302 -54.02 -11.40 4.88
N ASN M 303 -55.27 -10.98 4.62
CA ASN M 303 -55.49 -9.96 3.60
C ASN M 303 -55.06 -8.59 4.08
N GLU M 304 -55.05 -8.36 5.39
CA GLU M 304 -54.79 -7.05 5.96
C GLU M 304 -53.37 -6.90 6.50
N VAL M 305 -52.57 -7.97 6.52
CA VAL M 305 -51.25 -7.86 7.11
C VAL M 305 -50.30 -7.10 6.21
N GLU M 306 -50.56 -7.07 4.91
CA GLU M 306 -49.78 -6.23 4.01
C GLU M 306 -50.08 -4.77 4.27
N LEU M 307 -51.34 -4.46 4.58
CA LEU M 307 -51.71 -3.12 5.01
C LEU M 307 -51.11 -2.80 6.36
N LEU M 308 -50.95 -3.82 7.20
CA LEU M 308 -50.42 -3.61 8.54
C LEU M 308 -48.93 -3.31 8.49
N VAL M 309 -48.18 -4.05 7.68
CA VAL M 309 -46.75 -3.79 7.56
C VAL M 309 -46.50 -2.55 6.72
N MET M 310 -47.40 -2.22 5.79
CA MET M 310 -47.28 -0.97 5.06
C MET M 310 -47.50 0.21 5.99
N LYS M 311 -48.43 0.07 6.94
CA LYS M 311 -48.62 1.09 7.95
C LYS M 311 -47.43 1.17 8.90
N ALA M 312 -46.85 0.02 9.24
CA ALA M 312 -45.71 -0.01 10.15
C ALA M 312 -44.50 0.63 9.52
N LEU M 313 -44.31 0.43 8.22
CA LEU M 313 -43.30 1.17 7.49
C LEU M 313 -43.72 2.61 7.25
N SER M 314 -45.03 2.90 7.28
CA SER M 314 -45.51 4.24 7.06
C SER M 314 -45.26 5.13 8.26
N VAL M 315 -45.22 4.56 9.46
CA VAL M 315 -44.84 5.32 10.64
C VAL M 315 -43.35 5.67 10.57
N GLY M 316 -42.52 4.70 10.22
CA GLY M 316 -41.10 4.92 10.11
C GLY M 316 -40.30 4.52 11.31
N LEU M 317 -40.89 3.82 12.28
CA LEU M 317 -40.14 3.24 13.38
C LEU M 317 -39.37 2.00 12.98
N VAL M 318 -39.64 1.43 11.81
CA VAL M 318 -38.99 0.21 11.35
C VAL M 318 -38.58 0.42 9.90
N LYS M 319 -37.44 -0.15 9.52
CA LYS M 319 -36.92 -0.03 8.16
C LYS M 319 -36.99 -1.35 7.41
N GLY M 320 -37.46 -2.42 8.06
CA GLY M 320 -37.42 -3.75 7.51
C GLY M 320 -38.22 -3.94 6.23
N SER M 321 -37.57 -4.48 5.20
CA SER M 321 -38.20 -4.77 3.93
C SER M 321 -37.98 -6.24 3.64
N ILE M 322 -39.05 -6.96 3.33
CA ILE M 322 -39.02 -8.41 3.27
C ILE M 322 -38.96 -8.83 1.81
N ASP M 323 -37.93 -9.60 1.46
CA ASP M 323 -37.68 -9.99 0.08
C ASP M 323 -38.41 -11.30 -0.28
N GLU M 324 -39.43 -11.67 0.49
CA GLU M 324 -40.05 -12.98 0.35
C GLU M 324 -40.86 -13.07 -0.94
N VAL M 325 -41.10 -14.30 -1.37
CA VAL M 325 -42.21 -14.54 -2.30
C VAL M 325 -43.30 -15.21 -1.48
N ASP M 326 -43.02 -16.41 -0.98
CA ASP M 326 -43.89 -17.03 0.01
C ASP M 326 -43.73 -16.32 1.34
N LYS M 327 -44.88 -16.05 1.98
CA LYS M 327 -45.05 -14.96 2.95
C LYS M 327 -44.14 -15.09 4.17
N ARG M 328 -43.36 -14.04 4.43
CA ARG M 328 -42.37 -14.01 5.50
C ARG M 328 -42.32 -12.59 6.04
N VAL M 329 -41.82 -12.45 7.26
CA VAL M 329 -41.66 -11.15 7.91
C VAL M 329 -40.23 -11.06 8.40
N HIS M 330 -39.37 -10.43 7.61
CA HIS M 330 -38.00 -10.12 7.98
C HIS M 330 -37.92 -8.66 8.42
N MET M 331 -37.15 -8.42 9.47
CA MET M 331 -37.14 -7.15 10.15
C MET M 331 -35.74 -6.54 10.19
N THR M 332 -35.71 -5.24 10.46
CA THR M 332 -34.50 -4.47 10.71
C THR M 332 -34.82 -3.57 11.91
N TRP M 333 -34.05 -2.48 12.00
CA TRP M 333 -34.01 -1.55 13.14
C TRP M 333 -35.38 -1.11 13.65
N VAL M 334 -35.52 -1.13 14.98
CA VAL M 334 -36.57 -0.46 15.71
C VAL M 334 -35.93 0.01 17.02
N GLN M 335 -36.62 0.90 17.74
CA GLN M 335 -36.06 1.50 18.95
C GLN M 335 -36.69 0.86 20.18
N PRO M 336 -35.87 0.39 21.13
CA PRO M 336 -36.42 -0.26 22.33
C PRO M 336 -37.18 0.68 23.23
N ARG M 337 -36.51 1.76 23.66
CA ARG M 337 -37.08 3.01 24.14
C ARG M 337 -37.70 2.92 25.54
N VAL M 338 -37.93 1.72 26.08
CA VAL M 338 -38.63 1.69 27.36
C VAL M 338 -37.76 1.20 28.52
N LEU M 339 -37.45 -0.11 28.57
CA LEU M 339 -36.55 -0.85 29.46
C LEU M 339 -36.78 -2.32 29.16
N ASP M 340 -35.75 -3.13 29.38
CA ASP M 340 -35.84 -4.59 29.50
C ASP M 340 -34.66 -5.06 30.32
N LEU M 341 -34.94 -5.61 31.49
CA LEU M 341 -33.85 -6.12 32.32
C LEU M 341 -33.25 -7.40 31.73
N GLN M 342 -34.06 -8.17 30.98
CA GLN M 342 -33.50 -9.34 30.30
C GLN M 342 -32.56 -8.94 29.17
N GLN M 343 -32.74 -7.75 28.60
CA GLN M 343 -31.81 -7.24 27.61
C GLN M 343 -30.69 -6.43 28.23
N ILE M 344 -30.87 -6.00 29.49
CA ILE M 344 -29.72 -5.56 30.27
C ILE M 344 -28.78 -6.72 30.54
N LYS M 345 -29.35 -7.86 30.94
CA LYS M 345 -28.53 -9.01 31.28
C LYS M 345 -27.99 -9.70 30.04
N GLY M 346 -28.82 -9.83 29.00
CA GLY M 346 -28.32 -10.32 27.73
C GLY M 346 -27.37 -9.36 27.06
N MET M 347 -27.53 -8.06 27.33
CA MET M 347 -26.56 -7.06 26.92
C MET M 347 -25.21 -7.33 27.57
N LYS M 348 -25.21 -7.60 28.87
CA LYS M 348 -23.98 -7.98 29.56
C LYS M 348 -23.43 -9.30 29.05
N ASP M 349 -24.31 -10.19 28.59
CA ASP M 349 -23.92 -11.52 28.16
C ASP M 349 -23.19 -11.47 26.82
N ARG M 350 -23.88 -10.98 25.78
CA ARG M 350 -23.26 -10.87 24.46
C ARG M 350 -22.17 -9.80 24.46
N LEU M 351 -22.28 -8.80 25.33
CA LEU M 351 -21.26 -7.77 25.44
C LEU M 351 -19.96 -8.33 26.00
N GLU M 352 -20.05 -9.03 27.14
CA GLU M 352 -18.89 -9.68 27.73
C GLU M 352 -18.34 -10.77 26.81
N PHE M 353 -19.24 -11.49 26.14
CA PHE M 353 -18.86 -12.52 25.17
C PHE M 353 -18.05 -11.93 24.02
N TRP M 354 -18.52 -10.80 23.49
CA TRP M 354 -17.79 -10.10 22.43
C TRP M 354 -16.44 -9.60 22.92
N CYS M 355 -16.39 -9.17 24.20
CA CYS M 355 -15.14 -8.67 24.76
C CYS M 355 -14.11 -9.78 24.92
N THR M 356 -14.53 -10.94 25.42
CA THR M 356 -13.58 -12.03 25.59
C THR M 356 -13.25 -12.70 24.26
N ASP M 357 -14.08 -12.52 23.24
CA ASP M 357 -13.74 -13.03 21.93
C ASP M 357 -12.71 -12.15 21.25
N VAL M 358 -12.87 -10.83 21.35
CA VAL M 358 -11.90 -9.90 20.79
C VAL M 358 -10.58 -9.98 21.54
N LYS M 359 -10.65 -10.10 22.87
CA LYS M 359 -9.46 -10.35 23.67
C LYS M 359 -8.80 -11.68 23.30
N SER M 360 -9.61 -12.71 23.04
CA SER M 360 -9.09 -14.02 22.70
C SER M 360 -8.37 -14.00 21.36
N MET M 361 -8.94 -13.30 20.38
CA MET M 361 -8.28 -13.22 19.08
C MET M 361 -7.07 -12.32 19.13
N GLU M 362 -7.09 -11.30 19.98
CA GLU M 362 -5.94 -10.40 20.09
C GLU M 362 -4.75 -11.11 20.72
N MET M 363 -5.01 -11.86 21.80
CA MET M 363 -3.97 -12.68 22.40
C MET M 363 -3.54 -13.78 21.44
N LEU M 364 -4.49 -14.30 20.66
CA LEU M 364 -4.22 -15.43 19.78
C LEU M 364 -3.31 -15.04 18.63
N VAL M 365 -3.66 -13.95 17.93
CA VAL M 365 -2.78 -13.44 16.88
C VAL M 365 -1.49 -12.92 17.48
N GLU M 366 -1.60 -12.20 18.60
CA GLU M 366 -0.49 -11.41 19.12
C GLU M 366 0.61 -12.28 19.74
N HIS M 367 0.27 -13.49 20.21
CA HIS M 367 1.28 -14.32 20.88
C HIS M 367 2.39 -14.75 19.93
N GLN M 368 2.04 -15.43 18.84
CA GLN M 368 3.03 -15.71 17.82
C GLN M 368 3.36 -14.49 16.98
N ALA M 369 2.47 -13.51 16.89
CA ALA M 369 2.67 -12.38 15.99
C ALA M 369 3.76 -11.45 16.48
N HIS M 370 3.74 -11.12 17.78
CA HIS M 370 4.78 -10.27 18.34
C HIS M 370 6.14 -10.95 18.34
N ASP M 371 6.16 -12.27 18.51
CA ASP M 371 7.43 -12.99 18.59
C ASP M 371 8.09 -13.13 17.22
N ILE M 372 7.31 -13.06 16.14
CA ILE M 372 7.90 -13.14 14.80
C ILE M 372 8.01 -11.79 14.12
N LEU M 373 7.24 -10.79 14.55
CA LEU M 373 7.23 -9.53 13.83
C LEU M 373 7.73 -8.39 14.72
N THR M 374 7.09 -8.24 15.88
CA THR M 374 7.34 -7.16 16.85
C THR M 374 7.29 -5.75 16.25
N MET N 1 5.44 52.38 54.57
CA MET N 1 4.10 52.68 55.06
C MET N 1 3.38 51.40 55.48
N VAL N 2 2.11 51.30 55.15
CA VAL N 2 1.32 50.11 55.46
C VAL N 2 1.17 49.27 54.20
N LEU N 3 1.73 48.07 54.25
CA LEU N 3 1.73 47.15 53.12
C LEU N 3 0.71 46.06 53.40
N GLU N 4 -0.49 46.21 52.82
CA GLU N 4 -1.54 45.22 53.01
C GLU N 4 -2.52 45.29 51.86
N SER N 5 -3.19 44.17 51.65
CA SER N 5 -4.22 44.04 50.62
C SER N 5 -5.59 44.22 51.25
N THR N 6 -6.51 44.81 50.50
CA THR N 6 -7.85 45.12 50.98
C THR N 6 -8.87 44.37 50.14
N MET N 7 -9.77 43.65 50.80
CA MET N 7 -10.85 42.94 50.12
C MET N 7 -12.19 43.36 50.69
N VAL N 8 -13.12 43.70 49.81
CA VAL N 8 -14.45 44.15 50.19
C VAL N 8 -15.47 43.19 49.60
N CYS N 9 -16.49 42.87 50.38
CA CYS N 9 -17.61 42.03 49.96
C CYS N 9 -18.89 42.85 50.10
N VAL N 10 -19.57 43.06 48.99
CA VAL N 10 -20.65 44.05 48.92
C VAL N 10 -21.99 43.36 48.75
N ASP N 11 -23.02 43.93 49.36
CA ASP N 11 -24.37 43.40 49.26
C ASP N 11 -24.99 43.85 47.94
N ASN N 12 -25.63 42.91 47.26
CA ASN N 12 -26.41 43.21 46.08
C ASN N 12 -27.87 42.78 46.18
N SER N 13 -28.34 42.47 47.39
CA SER N 13 -29.75 42.14 47.54
C SER N 13 -30.62 43.37 47.34
N GLU N 14 -31.93 43.16 47.32
CA GLU N 14 -32.86 44.27 47.24
C GLU N 14 -33.13 44.90 48.60
N TYR N 15 -32.42 44.46 49.64
CA TYR N 15 -32.55 45.00 50.99
C TYR N 15 -31.80 46.31 51.16
N MET N 16 -31.12 46.77 50.12
CA MET N 16 -30.28 47.96 50.16
C MET N 16 -30.97 49.16 49.53
N ARG N 17 -32.20 49.01 49.08
CA ARG N 17 -32.98 50.09 48.54
C ARG N 17 -34.23 50.36 49.36
N ASN N 18 -34.34 49.73 50.53
CA ASN N 18 -35.52 49.87 51.36
C ASN N 18 -35.64 51.29 51.90
N GLY N 19 -36.87 51.80 51.82
CA GLY N 19 -37.13 53.21 52.04
C GLY N 19 -37.09 53.69 53.46
N ASP N 20 -36.80 52.80 54.41
CA ASP N 20 -36.54 53.24 55.78
C ASP N 20 -35.21 53.98 55.88
N PHE N 21 -34.11 53.33 55.50
CA PHE N 21 -32.77 53.90 55.62
C PHE N 21 -32.48 54.79 54.41
N LEU N 22 -31.19 55.09 54.21
CA LEU N 22 -30.65 56.05 53.26
C LEU N 22 -31.14 55.78 51.83
N PRO N 23 -31.28 56.82 51.00
CA PRO N 23 -31.84 56.62 49.67
C PRO N 23 -30.90 55.87 48.74
N THR N 24 -31.03 54.54 48.74
CA THR N 24 -30.13 53.58 48.10
C THR N 24 -28.71 53.74 48.67
N ARG N 25 -28.59 53.28 49.92
CA ARG N 25 -27.34 53.39 50.67
C ARG N 25 -26.22 52.56 50.05
N LEU N 26 -26.55 51.68 49.10
CA LEU N 26 -25.59 51.14 48.14
C LEU N 26 -24.67 52.22 47.57
N GLN N 27 -25.25 53.36 47.20
CA GLN N 27 -24.45 54.51 46.80
C GLN N 27 -23.62 55.06 47.95
N ALA N 28 -24.17 55.02 49.18
CA ALA N 28 -23.48 55.60 50.33
C ALA N 28 -22.25 54.77 50.70
N GLN N 29 -22.40 53.45 50.74
CA GLN N 29 -21.28 52.56 50.99
C GLN N 29 -20.35 52.48 49.79
N GLN N 30 -20.85 52.76 48.58
CA GLN N 30 -19.97 52.92 47.43
C GLN N 30 -19.06 54.14 47.61
N ASP N 31 -19.61 55.22 48.15
CA ASP N 31 -18.78 56.38 48.47
C ASP N 31 -17.90 56.13 49.68
N ALA N 32 -18.32 55.22 50.56
CA ALA N 32 -17.45 54.78 51.64
C ALA N 32 -16.25 54.03 51.09
N VAL N 33 -16.49 53.19 50.07
CA VAL N 33 -15.40 52.54 49.33
C VAL N 33 -14.50 53.59 48.69
N ASN N 34 -15.10 54.68 48.18
CA ASN N 34 -14.31 55.73 47.56
C ASN N 34 -13.42 56.45 48.57
N ILE N 35 -13.96 56.75 49.76
CA ILE N 35 -13.15 57.49 50.71
C ILE N 35 -12.15 56.59 51.42
N VAL N 36 -12.44 55.29 51.58
CA VAL N 36 -11.43 54.45 52.18
C VAL N 36 -10.37 54.06 51.16
N CYS N 37 -10.72 53.97 49.87
CA CYS N 37 -9.70 53.59 48.91
C CYS N 37 -8.82 54.78 48.57
N HIS N 38 -9.38 55.98 48.58
CA HIS N 38 -8.56 57.16 48.42
C HIS N 38 -7.80 57.49 49.70
N SER N 39 -8.32 57.07 50.86
CA SER N 39 -7.59 57.30 52.10
C SER N 39 -6.43 56.31 52.24
N LYS N 40 -6.63 55.05 51.84
CA LYS N 40 -5.52 54.11 51.76
C LYS N 40 -4.53 54.53 50.68
N THR N 41 -5.03 55.08 49.57
CA THR N 41 -4.17 55.62 48.52
C THR N 41 -3.32 56.77 49.06
N ARG N 42 -3.89 57.61 49.93
CA ARG N 42 -3.09 58.67 50.53
C ARG N 42 -2.14 58.13 51.58
N SER N 43 -2.49 57.05 52.27
CA SER N 43 -1.59 56.46 53.28
C SER N 43 -0.47 55.71 52.56
N ASN N 44 -0.83 54.73 51.74
CA ASN N 44 0.14 53.96 50.95
C ASN N 44 -0.50 53.68 49.59
N PRO N 45 -0.04 54.35 48.54
CA PRO N 45 -0.71 54.24 47.23
C PRO N 45 -0.54 52.90 46.55
N GLU N 46 0.33 52.03 47.05
CA GLU N 46 0.56 50.74 46.43
C GLU N 46 -0.34 49.64 46.98
N ASN N 47 -1.31 49.95 47.83
CA ASN N 47 -2.20 48.92 48.31
C ASN N 47 -3.22 48.54 47.23
N ASN N 48 -3.41 47.24 47.07
CA ASN N 48 -4.26 46.68 46.04
C ASN N 48 -5.61 46.26 46.62
N VAL N 49 -6.66 46.55 45.87
CA VAL N 49 -8.04 46.33 46.31
C VAL N 49 -8.75 45.47 45.28
N GLY N 50 -9.32 44.35 45.74
CA GLY N 50 -10.19 43.55 44.91
C GLY N 50 -11.65 43.76 45.27
N LEU N 51 -12.52 43.44 44.32
CA LEU N 51 -13.94 43.75 44.42
C LEU N 51 -14.78 42.54 44.07
N ILE N 52 -15.72 42.19 44.95
CA ILE N 52 -16.57 41.02 44.78
C ILE N 52 -17.80 41.18 45.67
N THR N 53 -18.89 40.52 45.28
CA THR N 53 -20.17 40.59 45.96
C THR N 53 -20.35 39.41 46.93
N LEU N 54 -21.55 39.36 47.52
CA LEU N 54 -21.99 38.23 48.33
C LEU N 54 -23.14 37.45 47.71
N ALA N 55 -23.28 37.46 46.39
CA ALA N 55 -24.36 36.74 45.73
C ALA N 55 -24.12 35.23 45.79
N ASN N 56 -25.03 34.49 45.15
CA ASN N 56 -24.83 33.06 44.97
C ASN N 56 -23.59 32.79 44.12
N ASP N 57 -23.56 33.36 42.93
CA ASP N 57 -22.41 33.25 42.03
C ASP N 57 -21.60 34.53 42.16
N CYS N 58 -20.64 34.54 43.08
CA CYS N 58 -19.78 35.69 43.30
C CYS N 58 -18.81 35.82 42.13
N GLU N 59 -18.52 37.06 41.73
CA GLU N 59 -17.66 37.33 40.59
C GLU N 59 -16.63 38.36 41.01
N VAL N 60 -15.36 38.08 40.74
CA VAL N 60 -14.31 39.07 40.97
C VAL N 60 -14.53 40.20 40.00
N LEU N 61 -15.04 41.32 40.52
CA LEU N 61 -15.35 42.45 39.65
C LEU N 61 -14.08 43.15 39.22
N THR N 62 -13.16 43.34 40.15
CA THR N 62 -11.82 43.81 39.80
C THR N 62 -10.80 42.99 40.58
N THR N 63 -9.78 42.52 39.89
CA THR N 63 -8.63 41.92 40.53
C THR N 63 -7.88 42.98 41.33
N LEU N 64 -7.17 42.55 42.37
CA LEU N 64 -6.48 43.44 43.29
C LEU N 64 -5.41 44.24 42.58
N THR N 65 -5.60 45.55 42.55
CA THR N 65 -4.65 46.46 41.92
C THR N 65 -4.74 47.80 42.65
N PRO N 66 -3.63 48.53 42.76
CA PRO N 66 -3.71 49.88 43.33
C PRO N 66 -4.42 50.88 42.45
N ASP N 67 -4.59 50.60 41.16
CA ASP N 67 -5.35 51.46 40.26
C ASP N 67 -6.83 51.32 40.59
N THR N 68 -7.36 52.28 41.35
CA THR N 68 -8.77 52.31 41.70
C THR N 68 -9.60 53.11 40.71
N GLY N 69 -8.97 53.66 39.67
CA GLY N 69 -9.68 54.53 38.74
C GLY N 69 -10.74 53.80 37.94
N ARG N 70 -10.44 52.56 37.52
CA ARG N 70 -11.47 51.75 36.89
C ARG N 70 -12.28 50.96 37.91
N ILE N 71 -11.80 50.85 39.15
CA ILE N 71 -12.63 50.31 40.24
C ILE N 71 -13.81 51.23 40.50
N LEU N 72 -13.61 52.54 40.33
CA LEU N 72 -14.70 53.51 40.34
C LEU N 72 -15.77 53.16 39.30
N SER N 73 -15.35 52.72 38.12
CA SER N 73 -16.31 52.29 37.11
C SER N 73 -16.97 50.97 37.49
N LYS N 74 -16.20 50.02 38.02
CA LYS N 74 -16.73 48.70 38.34
C LYS N 74 -17.65 48.71 39.56
N LEU N 75 -17.63 49.78 40.36
CA LEU N 75 -18.62 49.94 41.42
C LEU N 75 -20.02 50.18 40.89
N HIS N 76 -20.16 50.58 39.62
CA HIS N 76 -21.47 50.69 38.99
C HIS N 76 -21.77 49.32 38.39
N THR N 77 -22.86 49.24 37.59
CA THR N 77 -23.54 48.02 37.10
C THR N 77 -23.55 46.90 38.16
N VAL N 78 -24.16 47.23 39.31
CA VAL N 78 -24.07 46.40 40.50
C VAL N 78 -24.86 45.11 40.40
N GLN N 79 -25.82 45.03 39.45
CA GLN N 79 -26.76 43.92 39.26
C GLN N 79 -27.48 43.55 40.55
N PRO N 80 -28.46 44.33 40.99
CA PRO N 80 -29.10 44.06 42.29
C PRO N 80 -29.97 42.82 42.32
N LYS N 81 -29.33 41.66 42.35
CA LYS N 81 -29.99 40.36 42.37
C LYS N 81 -29.59 39.58 43.62
N GLY N 82 -30.25 38.44 43.84
CA GLY N 82 -29.91 37.51 44.91
C GLY N 82 -30.19 38.05 46.31
N LYS N 83 -29.84 37.23 47.30
CA LYS N 83 -29.99 37.68 48.68
C LYS N 83 -28.65 37.78 49.40
N ILE N 84 -27.97 36.64 49.59
CA ILE N 84 -26.71 36.59 50.33
C ILE N 84 -26.10 35.21 50.09
N THR N 85 -24.77 35.13 50.22
CA THR N 85 -24.10 33.87 50.49
C THR N 85 -22.87 34.16 51.34
N PHE N 86 -22.79 33.52 52.50
CA PHE N 86 -21.82 33.91 53.51
C PHE N 86 -20.51 33.13 53.39
N CYS N 87 -20.62 31.80 53.30
CA CYS N 87 -19.45 30.92 53.40
C CYS N 87 -18.51 31.09 52.22
N THR N 88 -19.04 30.94 50.99
CA THR N 88 -18.18 31.11 49.84
C THR N 88 -17.85 32.57 49.57
N GLY N 89 -18.57 33.50 50.21
CA GLY N 89 -18.11 34.87 50.24
C GLY N 89 -16.84 35.03 51.06
N ILE N 90 -16.74 34.29 52.15
CA ILE N 90 -15.49 34.25 52.91
C ILE N 90 -14.40 33.53 52.13
N ARG N 91 -14.70 32.32 51.65
CA ARG N 91 -13.71 31.48 50.97
C ARG N 91 -13.27 32.06 49.64
N VAL N 92 -14.08 32.93 49.03
CA VAL N 92 -13.75 33.48 47.72
C VAL N 92 -12.74 34.60 47.84
N ALA N 93 -12.46 35.09 49.05
CA ALA N 93 -11.50 36.15 49.26
C ALA N 93 -10.29 35.66 50.04
N HIS N 94 -10.51 34.89 51.11
CA HIS N 94 -9.43 34.48 52.00
C HIS N 94 -8.43 33.55 51.33
N LEU N 95 -8.91 32.67 50.46
CA LEU N 95 -7.97 31.86 49.70
C LEU N 95 -7.50 32.57 48.44
N ALA N 96 -8.24 33.57 47.97
CA ALA N 96 -7.80 34.38 46.85
C ALA N 96 -6.77 35.42 47.25
N LEU N 97 -6.48 35.55 48.54
CA LEU N 97 -5.35 36.36 48.97
C LEU N 97 -4.01 35.81 48.53
N LYS N 98 -3.93 34.53 48.20
CA LYS N 98 -2.65 33.91 47.87
C LYS N 98 -2.24 34.16 46.42
N HIS N 99 -3.09 34.78 45.61
CA HIS N 99 -2.74 35.14 44.24
C HIS N 99 -2.07 36.51 44.15
N ARG N 100 -1.89 37.20 45.27
CA ARG N 100 -1.47 38.59 45.23
C ARG N 100 -0.01 38.72 44.81
N GLN N 101 0.30 39.87 44.23
CA GLN N 101 1.64 40.14 43.70
C GLN N 101 2.62 40.41 44.83
N GLY N 102 2.38 41.46 45.60
CA GLY N 102 3.24 41.75 46.72
C GLY N 102 2.95 40.82 47.88
N LYS N 103 3.88 39.91 48.14
CA LYS N 103 3.73 38.96 49.23
C LYS N 103 3.94 39.58 50.59
N ASN N 104 4.58 40.75 50.66
CA ASN N 104 4.72 41.47 51.90
C ASN N 104 3.44 42.23 52.28
N HIS N 105 2.49 42.33 51.36
CA HIS N 105 1.21 42.93 51.68
C HIS N 105 0.40 42.00 52.58
N LYS N 106 0.17 42.47 53.80
CA LYS N 106 -0.57 41.76 54.83
C LYS N 106 -2.02 41.53 54.43
N MET N 107 -2.69 40.70 55.21
CA MET N 107 -4.02 40.22 54.88
C MET N 107 -5.07 41.02 55.63
N ARG N 108 -5.94 41.71 54.88
CA ARG N 108 -7.06 42.44 55.45
C ARG N 108 -8.28 42.25 54.55
N ILE N 109 -9.37 41.74 55.11
CA ILE N 109 -10.61 41.57 54.38
C ILE N 109 -11.74 42.14 55.21
N ILE N 110 -12.56 42.99 54.59
CA ILE N 110 -13.78 43.48 55.22
C ILE N 110 -14.96 42.94 54.42
N ALA N 111 -16.18 43.19 54.90
CA ALA N 111 -17.37 42.74 54.21
C ALA N 111 -18.53 43.66 54.59
N PHE N 112 -19.32 44.02 53.59
CA PHE N 112 -20.50 44.88 53.78
C PHE N 112 -21.71 43.97 53.76
N VAL N 113 -22.32 43.79 54.94
CA VAL N 113 -23.39 42.82 55.11
C VAL N 113 -24.69 43.59 55.27
N GLY N 114 -25.57 43.47 54.28
CA GLY N 114 -26.87 44.10 54.31
C GLY N 114 -28.03 43.15 54.39
N SER N 115 -27.80 41.87 54.66
CA SER N 115 -28.83 40.87 54.81
C SER N 115 -28.58 40.10 56.09
N PRO N 116 -29.61 39.48 56.68
CA PRO N 116 -29.36 38.56 57.79
C PRO N 116 -28.57 37.35 57.32
N VAL N 117 -27.72 36.84 58.20
CA VAL N 117 -26.84 35.73 57.87
C VAL N 117 -27.64 34.44 57.82
N GLU N 118 -27.47 33.68 56.73
CA GLU N 118 -28.18 32.43 56.54
C GLU N 118 -27.49 31.24 57.19
N ASP N 119 -26.23 31.39 57.59
CA ASP N 119 -25.47 30.29 58.15
C ASP N 119 -25.73 30.16 59.64
N ASN N 120 -25.81 28.92 60.11
CA ASN N 120 -25.99 28.64 61.52
C ASN N 120 -24.69 28.90 62.28
N GLU N 121 -24.76 28.79 63.61
CA GLU N 121 -23.58 28.98 64.46
C GLU N 121 -22.54 27.90 64.24
N LYS N 122 -22.99 26.72 63.80
CA LYS N 122 -22.07 25.63 63.49
C LYS N 122 -21.16 25.99 62.33
N ASP N 123 -21.69 26.69 61.33
CA ASP N 123 -20.84 27.19 60.25
C ASP N 123 -20.07 28.44 60.67
N LEU N 124 -20.66 29.23 61.59
CA LEU N 124 -19.97 30.41 62.09
C LEU N 124 -18.71 30.06 62.86
N VAL N 125 -18.71 28.93 63.56
CA VAL N 125 -17.53 28.55 64.33
C VAL N 125 -16.53 27.81 63.44
N LYS N 126 -17.00 27.14 62.39
CA LYS N 126 -16.08 26.56 61.42
C LYS N 126 -15.35 27.64 60.63
N LEU N 127 -16.07 28.71 60.28
CA LEU N 127 -15.44 29.78 59.52
C LEU N 127 -14.64 30.70 60.43
N ALA N 128 -15.12 30.96 61.65
CA ALA N 128 -14.36 31.78 62.58
C ALA N 128 -13.08 31.06 63.01
N LYS N 129 -13.16 29.74 63.21
CA LYS N 129 -11.96 28.94 63.45
C LYS N 129 -11.10 28.89 62.20
N ARG N 130 -11.72 28.90 61.02
CA ARG N 130 -10.99 28.86 59.76
C ARG N 130 -10.17 30.12 59.55
N LEU N 131 -10.72 31.28 59.92
CA LEU N 131 -10.03 32.54 59.67
C LEU N 131 -9.08 32.88 60.80
N LYS N 132 -9.44 32.55 62.04
CA LYS N 132 -8.50 32.66 63.15
C LYS N 132 -7.34 31.70 62.98
N LYS N 133 -7.55 30.60 62.25
CA LYS N 133 -6.46 29.70 61.89
C LYS N 133 -5.45 30.36 60.97
N GLU N 134 -5.89 30.82 59.79
CA GLU N 134 -4.98 31.39 58.81
C GLU N 134 -4.61 32.83 59.11
N LYS N 135 -5.19 33.42 60.16
CA LYS N 135 -4.75 34.67 60.80
C LYS N 135 -4.82 35.86 59.83
N VAL N 136 -6.04 36.17 59.44
CA VAL N 136 -6.34 37.28 58.55
C VAL N 136 -7.07 38.35 59.36
N ASN N 137 -6.66 39.61 59.20
CA ASN N 137 -7.35 40.71 59.85
C ASN N 137 -8.71 40.90 59.20
N VAL N 138 -9.78 40.65 59.95
CA VAL N 138 -11.13 40.61 59.41
C VAL N 138 -12.01 41.59 60.18
N ASP N 139 -12.52 42.59 59.49
CA ASP N 139 -13.37 43.61 60.10
C ASP N 139 -14.77 43.45 59.54
N ILE N 140 -15.72 43.20 60.44
CA ILE N 140 -17.08 42.80 60.07
C ILE N 140 -17.97 44.04 60.15
N ILE N 141 -18.58 44.41 59.03
CA ILE N 141 -19.36 45.63 58.91
C ILE N 141 -20.78 45.24 58.52
N ASN N 142 -21.73 45.48 59.42
CA ASN N 142 -23.07 44.92 59.30
C ASN N 142 -24.11 46.02 59.17
N PHE N 143 -24.63 46.18 57.95
CA PHE N 143 -25.59 47.22 57.63
C PHE N 143 -27.00 46.68 57.71
N GLY N 144 -27.87 47.41 58.41
CA GLY N 144 -29.26 47.06 58.47
C GLY N 144 -29.54 45.86 59.37
N GLU N 145 -30.80 45.74 59.75
CA GLU N 145 -31.23 44.70 60.67
C GLU N 145 -32.70 44.36 60.40
N GLU N 146 -33.05 43.11 60.68
CA GLU N 146 -34.44 42.73 60.79
C GLU N 146 -34.66 42.20 62.20
N GLU N 147 -33.82 41.27 62.60
CA GLU N 147 -33.71 40.82 63.97
C GLU N 147 -32.64 41.70 64.63
N VAL N 148 -32.17 41.33 65.83
CA VAL N 148 -31.09 42.06 66.46
C VAL N 148 -29.81 41.90 65.63
N ASN N 149 -28.98 42.94 65.65
CA ASN N 149 -27.75 43.00 64.87
C ASN N 149 -26.81 41.87 65.20
N THR N 150 -26.33 41.82 66.45
CA THR N 150 -25.34 40.83 66.87
C THR N 150 -25.87 40.10 68.10
N GLU N 151 -26.27 38.85 67.92
CA GLU N 151 -26.54 37.97 69.05
C GLU N 151 -25.55 36.81 69.04
N LYS N 152 -25.55 36.04 67.95
CA LYS N 152 -24.50 35.06 67.73
C LYS N 152 -23.36 35.66 66.93
N LEU N 153 -23.59 36.84 66.35
CA LEU N 153 -22.53 37.53 65.63
C LEU N 153 -21.49 38.06 66.60
N THR N 154 -21.88 38.33 67.84
CA THR N 154 -20.95 38.76 68.88
C THR N 154 -19.91 37.69 69.16
N ALA N 155 -20.38 36.50 69.57
CA ALA N 155 -19.47 35.39 69.85
C ALA N 155 -18.83 34.86 68.57
N PHE N 156 -19.46 35.10 67.41
CA PHE N 156 -18.80 34.86 66.14
C PHE N 156 -17.57 35.76 65.97
N VAL N 157 -17.66 37.01 66.42
CA VAL N 157 -16.50 37.88 66.35
C VAL N 157 -15.46 37.50 67.40
N ASN N 158 -15.88 37.27 68.66
CA ASN N 158 -14.93 36.98 69.73
C ASN N 158 -14.21 35.66 69.51
N THR N 159 -14.91 34.67 68.96
CA THR N 159 -14.24 33.45 68.54
C THR N 159 -13.49 33.63 67.22
N LEU N 160 -13.87 34.62 66.43
CA LEU N 160 -13.08 34.95 65.24
C LEU N 160 -11.85 35.77 65.60
N ASN N 161 -11.91 36.56 66.66
CA ASN N 161 -10.86 37.51 66.97
C ASN N 161 -9.87 36.87 67.93
N GLY N 162 -8.66 36.57 67.44
CA GLY N 162 -7.52 36.35 68.29
C GLY N 162 -6.67 37.62 68.34
N LYS N 163 -5.54 37.54 69.06
CA LYS N 163 -4.54 38.60 69.15
C LYS N 163 -5.17 39.89 69.72
N ASP N 164 -5.44 39.80 71.03
CA ASP N 164 -6.16 40.85 71.77
C ASP N 164 -5.49 42.22 71.63
N GLY N 165 -4.15 42.24 71.60
CA GLY N 165 -3.45 43.47 71.25
C GLY N 165 -3.56 43.73 69.75
N THR N 166 -4.04 44.93 69.39
CA THR N 166 -4.25 45.51 68.06
C THR N 166 -4.75 44.53 66.99
N GLY N 167 -5.70 43.69 67.36
CA GLY N 167 -6.29 42.74 66.45
C GLY N 167 -7.37 43.37 65.57
N SER N 168 -8.35 42.55 65.22
CA SER N 168 -9.44 43.02 64.38
C SER N 168 -10.49 43.77 65.20
N HIS N 169 -11.24 44.64 64.53
CA HIS N 169 -12.35 45.36 65.13
C HIS N 169 -13.66 44.94 64.49
N LEU N 170 -14.73 45.05 65.27
CA LEU N 170 -16.09 44.79 64.80
C LEU N 170 -16.83 46.10 64.59
N VAL N 171 -17.51 46.22 63.46
CA VAL N 171 -18.35 47.37 63.15
C VAL N 171 -19.80 46.96 63.30
N THR N 172 -20.48 47.55 64.27
CA THR N 172 -21.92 47.43 64.44
C THR N 172 -22.51 48.83 64.31
N VAL N 173 -23.31 49.06 63.29
CA VAL N 173 -23.90 50.36 63.06
C VAL N 173 -25.34 50.34 63.56
N PRO N 174 -25.77 51.34 64.33
CA PRO N 174 -27.17 51.43 64.71
C PRO N 174 -28.01 51.98 63.58
N PRO N 175 -29.33 52.04 63.72
CA PRO N 175 -30.11 52.85 62.77
C PRO N 175 -29.77 54.32 62.92
N GLY N 176 -29.90 55.05 61.81
CA GLY N 176 -29.64 56.45 61.83
C GLY N 176 -29.64 57.08 60.45
N PRO N 177 -30.19 58.30 60.35
CA PRO N 177 -30.09 59.04 59.09
C PRO N 177 -28.70 59.58 58.83
N SER N 178 -27.82 59.56 59.83
CA SER N 178 -26.40 59.79 59.59
C SER N 178 -25.84 58.69 58.69
N LEU N 179 -24.74 59.01 58.02
CA LEU N 179 -24.19 58.16 56.99
C LEU N 179 -23.57 56.90 57.58
N ALA N 180 -23.23 55.97 56.71
CA ALA N 180 -22.35 54.87 57.08
C ALA N 180 -20.89 55.29 57.05
N ASP N 181 -20.58 56.42 56.40
CA ASP N 181 -19.22 56.72 56.00
C ASP N 181 -18.37 57.16 57.20
N ALA N 182 -18.75 58.27 57.83
CA ALA N 182 -18.03 58.73 59.01
C ALA N 182 -18.27 57.82 60.20
N LEU N 183 -19.35 57.06 60.18
CA LEU N 183 -19.62 56.13 61.27
C LEU N 183 -18.71 54.91 61.22
N ILE N 184 -18.34 54.44 60.01
CA ILE N 184 -17.29 53.43 59.95
C ILE N 184 -15.91 54.05 59.91
N SER N 185 -15.81 55.37 59.74
CA SER N 185 -14.55 56.06 59.89
C SER N 185 -14.18 56.30 61.34
N SER N 186 -15.09 56.02 62.27
CA SER N 186 -14.89 56.16 63.70
C SER N 186 -13.87 55.16 64.30
N PRO N 187 -13.81 53.85 63.88
CA PRO N 187 -12.68 53.04 64.35
C PRO N 187 -11.38 53.37 63.64
N ILE N 188 -10.31 52.68 64.04
CA ILE N 188 -8.97 52.92 63.50
C ILE N 188 -8.79 52.29 62.12
N LEU N 189 -9.74 51.46 61.68
CA LEU N 189 -9.67 50.80 60.38
C LEU N 189 -9.67 51.81 59.23
N ALA N 190 -10.33 52.93 59.40
CA ALA N 190 -10.11 54.10 58.56
C ALA N 190 -9.10 54.99 59.27
N GLY N 191 -7.85 54.95 58.82
CA GLY N 191 -6.78 55.70 59.44
C GLY N 191 -5.42 55.05 59.27
N ALA O 1 41.10 36.89 34.09
CA ALA O 1 41.31 36.40 32.73
C ALA O 1 41.01 34.91 32.65
N VAL O 2 39.79 34.57 32.26
CA VAL O 2 39.35 33.18 32.17
C VAL O 2 38.24 33.07 31.13
N ASP O 3 38.22 31.95 30.40
CA ASP O 3 37.10 31.57 29.56
C ASP O 3 36.94 30.06 29.63
N THR O 4 35.70 29.59 29.49
CA THR O 4 35.37 28.19 29.72
C THR O 4 34.70 27.63 28.47
N ALA O 5 34.17 26.40 28.61
CA ALA O 5 33.52 25.68 27.52
C ALA O 5 32.04 25.56 27.81
N GLU O 6 31.25 26.39 27.15
CA GLU O 6 29.84 26.52 27.44
C GLU O 6 29.03 25.74 26.40
N GLN O 7 27.84 25.28 26.79
CA GLN O 7 26.99 24.54 25.89
C GLN O 7 25.53 24.81 26.21
N VAL O 8 24.74 25.11 25.18
CA VAL O 8 23.43 25.73 25.36
C VAL O 8 22.34 24.67 25.38
N TYR O 9 21.60 24.60 26.49
CA TYR O 9 20.49 23.68 26.62
C TYR O 9 19.26 24.32 26.00
N ILE O 10 18.60 23.58 25.11
CA ILE O 10 17.44 24.08 24.39
C ILE O 10 16.28 23.12 24.62
N SER O 11 15.20 23.62 25.20
CA SER O 11 13.99 22.83 25.35
C SER O 11 13.15 22.92 24.09
N SER O 12 12.04 22.18 24.07
CA SER O 12 11.11 22.30 22.97
C SER O 12 10.18 23.49 23.14
N LEU O 13 10.11 24.02 24.36
CA LEU O 13 9.33 25.21 24.68
C LEU O 13 9.85 26.38 23.86
N ALA O 14 11.11 26.74 24.12
CA ALA O 14 11.81 27.78 23.37
C ALA O 14 11.87 27.49 21.89
N LEU O 15 11.98 26.20 21.54
CA LEU O 15 12.09 25.80 20.14
C LEU O 15 10.81 26.10 19.37
N LEU O 16 9.68 25.59 19.86
CA LEU O 16 8.41 25.86 19.17
C LEU O 16 7.95 27.29 19.34
N LYS O 17 8.43 28.01 20.35
CA LYS O 17 8.21 29.45 20.34
C LYS O 17 9.00 30.13 19.25
N MET O 18 10.20 29.63 18.94
CA MET O 18 10.93 30.14 17.79
C MET O 18 10.38 29.61 16.47
N LEU O 19 9.53 28.58 16.51
CA LEU O 19 8.95 28.07 15.26
C LEU O 19 7.60 28.70 14.96
N LYS O 20 6.81 28.99 16.00
CA LYS O 20 5.70 29.92 15.83
C LYS O 20 6.21 31.31 15.48
N HIS O 21 7.33 31.70 16.08
CA HIS O 21 7.98 32.96 15.74
C HIS O 21 8.60 32.90 14.35
N GLY O 22 8.92 31.71 13.86
CA GLY O 22 9.43 31.57 12.50
C GLY O 22 8.32 31.50 11.47
N ARG O 23 7.15 31.02 11.86
CA ARG O 23 5.95 31.26 11.06
C ARG O 23 5.60 32.74 11.10
N ALA O 24 5.92 33.41 12.20
CA ALA O 24 5.95 34.85 12.31
C ALA O 24 7.27 35.43 11.82
N GLY O 25 8.03 34.68 11.03
CA GLY O 25 9.24 35.14 10.41
C GLY O 25 8.97 35.67 9.01
N VAL O 26 7.95 36.51 8.89
CA VAL O 26 7.69 37.16 7.61
C VAL O 26 8.83 38.18 7.44
N PRO O 27 9.16 38.51 6.18
CA PRO O 27 10.22 39.42 5.73
C PRO O 27 10.73 40.49 6.72
N MET O 28 9.86 41.00 7.59
CA MET O 28 10.22 42.03 8.55
C MET O 28 11.07 41.45 9.68
N GLU O 29 11.95 42.29 10.23
CA GLU O 29 12.67 41.94 11.44
C GLU O 29 11.69 41.73 12.59
N VAL O 30 11.89 40.65 13.34
CA VAL O 30 11.04 40.34 14.48
C VAL O 30 11.90 40.23 15.73
N MET O 31 11.27 40.30 16.89
CA MET O 31 11.98 40.49 18.15
C MET O 31 11.44 39.52 19.18
N GLY O 32 12.35 39.02 20.02
CA GLY O 32 11.96 38.11 21.09
C GLY O 32 13.04 38.06 22.15
N LEU O 33 12.68 37.48 23.29
CA LEU O 33 13.56 37.46 24.46
C LEU O 33 13.64 36.04 25.00
N MET O 34 14.87 35.57 25.22
CA MET O 34 15.12 34.27 25.85
C MET O 34 15.31 34.43 27.35
N LEU O 35 14.68 33.53 28.10
CA LEU O 35 14.77 33.56 29.56
C LEU O 35 15.13 32.18 30.10
N GLY O 36 15.52 32.16 31.37
CA GLY O 36 16.00 30.95 31.99
C GLY O 36 16.84 31.31 33.20
N GLU O 37 17.67 30.36 33.61
CA GLU O 37 18.60 30.59 34.70
C GLU O 37 19.98 30.07 34.33
N PHE O 38 21.00 30.82 34.75
CA PHE O 38 22.40 30.42 34.63
C PHE O 38 22.79 29.70 35.92
N VAL O 39 23.01 28.39 35.84
CA VAL O 39 23.32 27.64 37.04
C VAL O 39 24.82 27.68 37.37
N ASP O 40 25.67 27.76 36.34
CA ASP O 40 27.11 27.85 36.56
C ASP O 40 27.70 28.78 35.52
N ASP O 41 29.02 28.69 35.36
CA ASP O 41 29.70 29.41 34.28
C ASP O 41 29.43 28.72 32.95
N TYR O 42 29.68 27.42 32.85
CA TYR O 42 29.84 26.80 31.54
C TYR O 42 28.64 25.95 31.11
N THR O 43 27.47 26.08 31.73
CA THR O 43 26.24 25.51 31.20
C THR O 43 25.15 26.58 31.26
N VAL O 44 24.24 26.54 30.29
CA VAL O 44 23.19 27.55 30.15
C VAL O 44 21.91 26.86 29.69
N ARG O 45 20.81 27.12 30.40
CA ARG O 45 19.53 26.46 30.17
C ARG O 45 18.47 27.50 29.85
N VAL O 46 17.73 27.29 28.77
CA VAL O 46 16.61 28.15 28.40
C VAL O 46 15.32 27.44 28.79
N ILE O 47 14.35 28.21 29.27
CA ILE O 47 12.98 27.71 29.41
C ILE O 47 11.98 28.64 28.75
N ASP O 48 11.99 29.91 29.12
CA ASP O 48 10.92 30.83 28.75
C ASP O 48 11.35 31.68 27.57
N VAL O 49 10.53 31.68 26.53
CA VAL O 49 10.76 32.45 25.31
C VAL O 49 9.43 32.99 24.82
N PHE O 50 9.36 34.30 24.62
CA PHE O 50 8.18 34.94 24.03
C PHE O 50 8.61 35.82 22.86
N ALA O 51 7.61 36.36 22.17
CA ALA O 51 7.82 37.23 21.02
C ALA O 51 7.49 38.68 21.39
N MET O 52 7.82 39.58 20.49
CA MET O 52 7.63 41.01 20.68
C MET O 52 6.91 41.60 19.48
N PRO O 53 6.10 42.64 19.68
CA PRO O 53 5.43 43.28 18.54
C PRO O 53 6.41 44.04 17.65
N GLN O 54 6.10 44.05 16.35
CA GLN O 54 7.00 44.62 15.36
C GLN O 54 6.99 46.14 15.41
N SER O 55 8.00 46.72 14.77
CA SER O 55 8.07 48.16 14.53
C SER O 55 8.66 48.37 13.15
N GLY O 56 8.36 49.55 12.58
CA GLY O 56 8.95 49.91 11.30
C GLY O 56 10.46 50.12 11.35
N THR O 57 11.00 50.42 12.53
CA THR O 57 12.45 50.45 12.71
C THR O 57 13.05 49.05 12.61
N GLY O 58 12.32 48.05 13.08
CA GLY O 58 12.83 46.69 13.11
C GLY O 58 13.47 46.36 14.44
N VAL O 59 14.49 45.52 14.38
CA VAL O 59 15.26 45.16 15.58
C VAL O 59 16.17 46.32 15.94
N SER O 60 16.01 46.84 17.15
CA SER O 60 16.86 47.91 17.65
C SER O 60 16.79 47.93 19.16
N VAL O 61 17.75 48.64 19.76
CA VAL O 61 17.66 48.94 21.17
C VAL O 61 16.50 49.90 21.45
N GLU O 62 16.11 50.71 20.47
CA GLU O 62 14.92 51.53 20.57
C GLU O 62 13.64 50.70 20.45
N ALA O 63 13.71 49.55 19.78
CA ALA O 63 12.55 48.68 19.68
C ALA O 63 12.23 48.02 21.01
N VAL O 64 13.22 47.87 21.87
CA VAL O 64 13.01 47.29 23.19
C VAL O 64 12.32 48.32 24.07
N ASP O 65 11.02 48.10 24.33
CA ASP O 65 10.28 48.95 25.24
C ASP O 65 10.53 48.44 26.66
N PRO O 66 11.30 49.17 27.48
CA PRO O 66 11.75 48.59 28.76
C PRO O 66 10.66 48.48 29.81
N VAL O 67 9.65 49.35 29.76
CA VAL O 67 8.56 49.23 30.71
C VAL O 67 7.57 48.17 30.24
N PHE O 68 7.50 47.95 28.93
CA PHE O 68 6.74 46.81 28.42
C PHE O 68 7.47 45.51 28.66
N GLN O 69 8.78 45.50 28.42
CA GLN O 69 9.64 44.37 28.78
C GLN O 69 9.47 43.99 30.24
N ALA O 70 9.82 44.90 31.15
CA ALA O 70 9.78 44.59 32.57
C ALA O 70 8.36 44.44 33.09
N LYS O 71 7.39 45.02 32.39
CA LYS O 71 5.99 44.80 32.73
C LYS O 71 5.58 43.36 32.46
N MET O 72 5.88 42.84 31.27
CA MET O 72 5.60 41.45 30.96
C MET O 72 6.43 40.51 31.84
N LEU O 73 7.67 40.90 32.14
CA LEU O 73 8.52 40.11 33.04
C LEU O 73 7.92 40.00 34.43
N ASP O 74 7.40 41.11 34.96
CA ASP O 74 6.80 41.07 36.29
C ASP O 74 5.49 40.32 36.27
N MET O 75 4.76 40.36 35.15
CA MET O 75 3.57 39.52 35.03
C MET O 75 3.93 38.05 34.92
N LEU O 76 5.12 37.74 34.41
CA LEU O 76 5.63 36.39 34.51
C LEU O 76 6.08 36.05 35.92
N LYS O 77 6.49 37.06 36.69
CA LYS O 77 6.94 36.83 38.05
C LYS O 77 5.76 36.56 38.99
N GLN O 78 4.61 37.18 38.74
CA GLN O 78 3.44 36.87 39.53
C GLN O 78 2.81 35.55 39.10
N THR O 79 3.23 35.00 37.97
CA THR O 79 2.98 33.61 37.64
C THR O 79 4.19 32.80 38.06
N GLY O 80 4.26 31.55 37.62
CA GLY O 80 5.32 30.65 38.06
C GLY O 80 6.65 30.79 37.35
N ARG O 81 7.03 32.01 36.94
CA ARG O 81 8.26 32.23 36.18
C ARG O 81 9.17 33.25 36.85
N PRO O 82 10.01 32.83 37.81
CA PRO O 82 11.03 33.74 38.35
C PRO O 82 12.38 33.62 37.66
N GLU O 83 12.39 33.76 36.33
CA GLU O 83 13.64 33.62 35.57
C GLU O 83 14.04 34.96 34.97
N MET O 84 15.33 35.23 35.01
CA MET O 84 15.90 36.39 34.34
C MET O 84 16.04 36.09 32.85
N VAL O 85 16.15 37.13 32.04
CA VAL O 85 16.48 36.98 30.64
C VAL O 85 17.87 36.35 30.51
N VAL O 86 18.01 35.44 29.55
CA VAL O 86 19.32 34.85 29.28
C VAL O 86 19.86 35.25 27.92
N GLY O 87 19.08 35.94 27.11
CA GLY O 87 19.56 36.41 25.83
C GLY O 87 18.40 36.94 25.01
N TRP O 88 18.73 37.46 23.84
CA TRP O 88 17.71 37.96 22.93
C TRP O 88 17.99 37.39 21.56
N TYR O 89 16.92 37.04 20.85
CA TYR O 89 17.02 36.37 19.57
C TYR O 89 16.14 37.09 18.57
N HIS O 90 16.31 36.74 17.30
CA HIS O 90 15.53 37.31 16.21
C HIS O 90 15.65 36.41 15.00
N SER O 91 15.10 36.89 13.89
CA SER O 91 15.14 36.19 12.61
C SER O 91 15.92 37.04 11.62
N HIS O 92 16.77 36.40 10.82
CA HIS O 92 17.43 37.05 9.69
C HIS O 92 17.07 36.28 8.42
N PRO O 93 15.91 36.58 7.82
CA PRO O 93 15.49 35.87 6.62
C PRO O 93 16.31 36.24 5.39
N GLY O 94 16.56 35.24 4.55
CA GLY O 94 17.11 35.46 3.22
C GLY O 94 18.60 35.71 3.17
N PHE O 95 19.09 36.75 3.85
CA PHE O 95 20.49 37.16 3.71
C PHE O 95 21.43 36.41 4.63
N GLY O 96 20.95 35.35 5.27
CA GLY O 96 21.84 34.53 6.06
C GLY O 96 21.82 34.90 7.53
N CYS O 97 22.29 33.97 8.35
CA CYS O 97 22.11 34.01 9.78
C CYS O 97 23.03 34.97 10.50
N TRP O 98 23.91 35.67 9.79
CA TRP O 98 24.89 36.50 10.46
C TRP O 98 24.26 37.82 10.92
N LEU O 99 25.01 38.59 11.69
CA LEU O 99 24.47 39.67 12.49
C LEU O 99 25.03 41.01 12.05
N SER O 100 24.14 41.97 11.80
CA SER O 100 24.54 43.26 11.26
C SER O 100 25.16 44.14 12.34
N GLY O 101 25.55 45.35 11.95
CA GLY O 101 26.13 46.30 12.90
C GLY O 101 25.15 46.74 13.95
N VAL O 102 23.88 46.90 13.56
CA VAL O 102 22.82 47.15 14.53
C VAL O 102 22.71 45.97 15.48
N ASP O 103 22.83 44.76 14.95
CA ASP O 103 22.72 43.54 15.75
C ASP O 103 23.88 43.42 16.72
N ILE O 104 25.09 43.72 16.25
CA ILE O 104 26.26 43.60 17.10
C ILE O 104 26.33 44.75 18.09
N ASN O 105 25.69 45.89 17.80
CA ASN O 105 25.76 47.02 18.72
C ASN O 105 24.71 46.91 19.80
N THR O 106 23.48 46.51 19.45
CA THR O 106 22.50 46.26 20.50
C THR O 106 22.83 44.98 21.25
N GLN O 107 23.57 44.07 20.62
CA GLN O 107 24.18 42.97 21.35
C GLN O 107 25.21 43.51 22.32
N GLN O 108 26.03 44.46 21.86
CA GLN O 108 27.07 45.08 22.69
C GLN O 108 26.46 45.83 23.88
N SER O 109 25.26 46.37 23.71
CA SER O 109 24.58 47.02 24.81
C SER O 109 23.89 46.03 25.73
N PHE O 110 23.34 44.95 25.18
CA PHE O 110 22.57 44.01 25.99
C PHE O 110 23.44 42.96 26.66
N GLU O 111 24.73 42.95 26.38
CA GLU O 111 25.67 42.06 27.05
C GLU O 111 26.34 42.72 28.25
N ALA O 112 26.00 43.97 28.54
CA ALA O 112 26.58 44.63 29.71
C ALA O 112 26.08 44.04 31.01
N LEU O 113 24.85 43.55 31.02
CA LEU O 113 24.26 42.98 32.23
C LEU O 113 24.64 41.51 32.35
N SER O 114 24.24 40.70 31.38
CA SER O 114 24.56 39.28 31.36
C SER O 114 25.85 39.06 30.59
N GLU O 115 26.81 38.38 31.22
CA GLU O 115 28.10 38.17 30.58
C GLU O 115 28.02 37.12 29.48
N ARG O 116 27.05 36.21 29.56
CA ARG O 116 26.90 35.19 28.54
C ARG O 116 26.22 35.76 27.30
N ALA O 117 24.99 36.23 27.45
CA ALA O 117 24.23 37.02 26.46
C ALA O 117 24.11 36.30 25.11
N VAL O 118 23.32 35.23 25.14
CA VAL O 118 23.16 34.37 23.98
C VAL O 118 22.37 35.09 22.89
N ALA O 119 22.79 34.95 21.64
CA ALA O 119 22.08 35.48 20.49
C ALA O 119 21.81 34.34 19.51
N VAL O 120 20.55 34.21 19.08
CA VAL O 120 20.08 33.09 18.26
C VAL O 120 19.38 33.66 17.04
N VAL O 121 19.62 33.07 15.87
CA VAL O 121 18.92 33.43 14.64
C VAL O 121 18.19 32.21 14.10
N VAL O 122 16.86 32.28 14.06
CA VAL O 122 16.02 31.31 13.39
C VAL O 122 15.76 31.82 11.97
N ASP O 123 15.91 30.95 10.99
CA ASP O 123 15.69 31.32 9.59
C ASP O 123 15.10 30.14 8.84
N PRO O 124 13.80 29.88 9.02
CA PRO O 124 13.16 28.77 8.29
C PRO O 124 12.86 29.10 6.84
N ILE O 125 13.19 30.31 6.39
CA ILE O 125 12.79 30.79 5.08
C ILE O 125 13.60 30.09 3.99
N GLN O 126 14.91 30.05 4.15
CA GLN O 126 15.72 29.20 3.27
C GLN O 126 16.07 27.87 3.90
N SER O 127 15.67 27.63 5.15
CA SER O 127 15.82 26.32 5.75
C SER O 127 14.69 25.43 5.26
N VAL O 128 15.07 24.23 4.82
CA VAL O 128 14.14 23.26 4.26
C VAL O 128 13.36 22.63 5.41
N LYS O 129 12.27 21.92 5.11
CA LYS O 129 11.53 21.19 6.12
C LYS O 129 12.20 19.89 6.53
N GLY O 130 13.26 19.47 5.82
CA GLY O 130 13.99 18.30 6.26
C GLY O 130 14.83 18.53 7.49
N LYS O 131 15.58 19.62 7.53
CA LYS O 131 16.44 19.94 8.67
C LYS O 131 16.03 21.28 9.25
N VAL O 132 16.08 21.39 10.58
CA VAL O 132 15.74 22.63 11.26
C VAL O 132 17.00 23.19 11.91
N VAL O 133 18.04 23.34 11.11
CA VAL O 133 19.33 23.85 11.58
C VAL O 133 19.30 25.28 12.07
N ILE O 134 19.51 25.46 13.37
CA ILE O 134 19.56 26.78 13.98
C ILE O 134 20.86 26.86 14.77
N ASP O 135 21.41 28.06 14.90
CA ASP O 135 22.65 28.23 15.65
C ASP O 135 22.58 29.43 16.59
N ALA O 136 23.20 29.28 17.74
CA ALA O 136 23.37 30.38 18.69
C ALA O 136 24.76 30.97 18.53
N PHE O 137 24.81 32.30 18.46
CA PHE O 137 26.01 33.02 18.08
C PHE O 137 26.57 33.81 19.26
N ARG O 138 27.83 34.22 19.13
CA ARG O 138 28.57 34.84 20.23
C ARG O 138 29.39 36.02 19.74
N LEU O 139 29.73 36.87 20.70
CA LEU O 139 30.56 38.04 20.49
C LEU O 139 31.90 37.79 21.17
N ILE O 140 32.99 37.98 20.44
CA ILE O 140 34.30 37.92 21.08
C ILE O 140 34.63 39.30 21.61
N ASN O 141 35.49 39.35 22.62
CA ASN O 141 35.97 40.63 23.10
C ASN O 141 37.07 41.16 22.19
N ALA O 142 37.00 42.46 21.91
CA ALA O 142 37.93 43.11 21.00
C ALA O 142 39.35 43.20 21.56
N ASN O 143 39.52 43.09 22.88
CA ASN O 143 40.84 43.11 23.48
C ASN O 143 41.48 41.73 23.53
N MET O 144 40.77 40.70 23.09
CA MET O 144 41.31 39.35 23.02
C MET O 144 41.99 39.06 21.69
N MET O 145 42.15 40.08 20.84
CA MET O 145 42.73 39.88 19.52
C MET O 145 44.23 39.62 19.59
N VAL O 146 44.89 40.07 20.65
CA VAL O 146 46.33 39.85 20.78
C VAL O 146 46.62 38.39 21.13
N LEU O 147 45.83 37.84 22.04
CA LEU O 147 45.96 36.46 22.47
C LEU O 147 45.28 35.57 21.42
N GLY O 148 45.32 34.25 21.62
CA GLY O 148 44.48 33.36 20.84
C GLY O 148 43.00 33.66 21.04
N HIS O 149 42.23 33.36 19.99
CA HIS O 149 40.87 33.90 19.85
C HIS O 149 39.92 33.34 20.90
N GLU O 150 39.65 32.04 20.83
CA GLU O 150 38.71 31.43 21.76
C GLU O 150 39.43 30.39 22.61
N PRO O 151 39.74 30.70 23.87
CA PRO O 151 40.35 29.72 24.78
C PRO O 151 39.31 28.79 25.40
N ARG O 152 38.59 28.07 24.55
CA ARG O 152 37.57 27.14 24.97
C ARG O 152 38.19 25.76 25.12
N GLN O 153 38.04 25.17 26.30
CA GLN O 153 38.54 23.82 26.51
C GLN O 153 37.60 22.81 25.87
N THR O 154 38.02 21.53 25.95
CA THR O 154 37.21 20.34 25.63
C THR O 154 36.66 20.40 24.20
N THR O 155 37.59 20.28 23.26
CA THR O 155 37.39 20.59 21.85
C THR O 155 36.72 19.44 21.09
N SER O 156 36.05 18.52 21.80
CA SER O 156 35.38 17.38 21.16
C SER O 156 34.22 17.82 20.27
N ASN O 157 33.30 18.60 20.85
CA ASN O 157 32.07 18.99 20.18
C ASN O 157 32.26 19.92 18.99
N LEU O 158 33.47 20.44 18.77
CA LEU O 158 33.69 21.36 17.64
C LEU O 158 33.61 20.64 16.30
N GLY O 159 33.84 19.32 16.30
CA GLY O 159 33.54 18.53 15.12
C GLY O 159 32.07 18.56 14.76
N HIS O 160 31.20 18.67 15.76
CA HIS O 160 29.80 18.94 15.50
C HIS O 160 29.53 20.42 15.22
N LEU O 161 30.43 21.30 15.66
CA LEU O 161 30.25 22.74 15.41
C LEU O 161 30.85 23.18 14.09
N ASN O 162 31.43 22.27 13.32
CA ASN O 162 31.80 22.58 11.95
C ASN O 162 30.69 22.20 10.97
N LYS O 163 29.53 21.78 11.47
CA LYS O 163 28.35 21.69 10.62
C LYS O 163 27.91 23.03 10.02
N PRO O 164 27.99 24.21 10.71
CA PRO O 164 27.89 25.47 9.96
C PRO O 164 29.16 25.73 9.17
N SER O 165 29.22 25.20 7.96
CA SER O 165 30.39 25.34 7.12
C SER O 165 30.06 25.98 5.77
N ILE O 166 29.09 26.89 5.72
CA ILE O 166 28.84 27.62 4.47
C ILE O 166 30.03 28.51 4.17
N GLN O 167 30.42 28.52 2.90
CA GLN O 167 31.70 29.03 2.46
C GLN O 167 31.73 30.55 2.24
N ALA O 168 30.80 31.28 2.84
CA ALA O 168 30.89 32.74 2.88
C ALA O 168 30.65 33.25 4.30
N LEU O 169 29.65 32.72 5.00
CA LEU O 169 29.11 33.42 6.17
C LEU O 169 29.89 33.08 7.43
N ILE O 170 30.14 31.79 7.66
CA ILE O 170 30.66 31.34 8.95
C ILE O 170 32.11 31.76 9.13
N HIS O 171 32.98 31.28 8.24
CA HIS O 171 34.36 31.73 8.19
C HIS O 171 34.55 32.94 7.29
N GLY O 172 33.54 33.31 6.51
CA GLY O 172 33.57 34.56 5.78
C GLY O 172 33.37 35.73 6.72
N LEU O 173 32.71 35.48 7.85
CA LEU O 173 32.40 36.51 8.83
C LEU O 173 32.75 36.11 10.26
N ASN O 174 33.56 35.06 10.44
CA ASN O 174 33.80 34.48 11.76
C ASN O 174 34.71 35.34 12.64
N ARG O 175 35.47 36.25 12.04
CA ARG O 175 36.29 37.14 12.85
C ARG O 175 35.39 38.11 13.62
N HIS O 176 35.74 38.32 14.89
CA HIS O 176 35.06 39.15 15.89
C HIS O 176 33.69 38.62 16.26
N TYR O 177 33.37 37.39 15.90
CA TYR O 177 31.99 36.93 15.82
C TYR O 177 31.96 35.42 15.76
N TYR O 178 31.80 34.77 16.90
CA TYR O 178 31.88 33.32 16.93
C TYR O 178 30.56 32.72 17.39
N SER O 179 30.56 31.41 17.61
CA SER O 179 29.33 30.68 17.90
C SER O 179 29.52 29.69 19.03
N ILE O 180 28.42 29.01 19.36
CA ILE O 180 28.36 28.12 20.51
C ILE O 180 27.49 26.93 20.14
N THR O 181 27.82 25.76 20.70
CA THR O 181 27.12 24.52 20.38
C THR O 181 25.74 24.48 21.02
N ILE O 182 24.88 23.64 20.46
CA ILE O 182 23.49 23.51 20.86
C ILE O 182 23.19 22.05 21.14
N ASN O 183 22.78 21.73 22.37
CA ASN O 183 22.20 20.44 22.66
C ASN O 183 20.83 20.64 23.31
N TYR O 184 20.12 19.54 23.47
CA TYR O 184 18.72 19.58 23.86
C TYR O 184 18.53 18.92 25.20
N ARG O 185 17.26 18.81 25.59
CA ARG O 185 16.83 18.01 26.73
C ARG O 185 15.39 17.61 26.50
N LYS O 186 15.06 16.36 26.82
CA LYS O 186 13.70 15.85 26.70
C LYS O 186 13.45 14.89 27.85
N ASN O 187 12.53 15.24 28.73
CA ASN O 187 12.17 14.35 29.81
C ASN O 187 11.06 13.40 29.34
N GLU O 188 10.75 12.42 30.19
CA GLU O 188 9.90 11.31 29.76
C GLU O 188 8.45 11.72 29.61
N LEU O 189 8.03 12.81 30.25
CA LEU O 189 6.67 13.29 30.03
C LEU O 189 6.57 13.99 28.68
N GLU O 190 7.58 14.78 28.33
CA GLU O 190 7.68 15.28 26.97
C GLU O 190 7.87 14.14 25.97
N GLN O 191 8.62 13.11 26.37
CA GLN O 191 8.93 12.03 25.46
C GLN O 191 7.71 11.19 25.14
N LYS O 192 6.96 10.78 26.16
CA LYS O 192 5.82 9.91 25.94
C LYS O 192 4.56 10.71 25.62
N MET O 193 4.45 11.93 26.15
CA MET O 193 3.35 12.80 25.78
C MET O 193 3.48 13.25 24.35
N LEU O 194 4.68 13.67 23.96
CA LEU O 194 4.91 14.06 22.58
C LEU O 194 4.95 12.84 21.67
N LEU O 195 5.38 11.70 22.21
CA LEU O 195 5.50 10.48 21.41
C LEU O 195 4.13 9.91 21.09
N ASN O 196 3.34 9.62 22.13
CA ASN O 196 1.97 9.15 21.91
C ASN O 196 1.11 10.26 21.31
N LEU O 197 1.50 11.51 21.54
CA LEU O 197 0.87 12.62 20.84
C LEU O 197 1.10 12.54 19.34
N HIS O 198 2.28 12.10 18.93
CA HIS O 198 2.60 12.09 17.51
C HIS O 198 2.16 10.79 16.85
N LYS O 199 2.30 9.65 17.56
CA LYS O 199 1.76 8.39 17.10
C LYS O 199 0.25 8.46 16.99
N LYS O 200 -0.40 9.05 18.00
CA LYS O 200 -1.82 9.36 17.92
C LYS O 200 -2.11 10.39 16.83
N SER O 201 -1.15 11.28 16.55
CA SER O 201 -1.28 12.18 15.41
C SER O 201 -1.14 11.43 14.08
N TRP O 202 -0.64 10.19 14.12
CA TRP O 202 -0.69 9.32 12.97
C TRP O 202 -1.63 8.13 13.14
N MET O 203 -2.29 7.99 14.29
CA MET O 203 -3.25 6.92 14.50
C MET O 203 -4.64 7.54 14.54
N GLU O 204 -5.66 6.70 14.67
CA GLU O 204 -7.03 7.16 14.63
C GLU O 204 -7.55 7.32 16.06
N GLY O 205 -8.84 7.64 16.20
CA GLY O 205 -9.44 7.83 17.51
C GLY O 205 -9.66 6.55 18.30
N LEU O 206 -10.60 5.73 17.87
CA LEU O 206 -10.79 4.38 18.40
C LEU O 206 -9.85 3.40 17.73
N THR O 207 -9.20 3.86 16.65
CA THR O 207 -8.13 3.26 15.86
C THR O 207 -8.57 2.10 14.99
N LEU O 208 -9.74 1.53 15.23
CA LEU O 208 -10.26 0.47 14.36
C LEU O 208 -11.04 1.03 13.20
N GLN O 209 -11.06 2.36 13.08
CA GLN O 209 -12.03 3.06 12.25
C GLN O 209 -11.69 2.96 10.77
N ASP O 210 -10.50 3.41 10.40
CA ASP O 210 -10.10 3.47 8.99
C ASP O 210 -9.54 2.16 8.48
N TYR O 211 -9.64 1.07 9.24
CA TYR O 211 -9.09 -0.21 8.83
C TYR O 211 -9.94 -0.85 7.73
N SER O 212 -11.19 -1.15 8.08
CA SER O 212 -12.13 -1.78 7.15
C SER O 212 -12.41 -0.89 5.95
N GLU O 213 -12.22 0.41 6.09
CA GLU O 213 -12.32 1.36 5.00
C GLU O 213 -11.34 1.00 3.88
N HIS O 214 -10.07 0.79 4.21
CA HIS O 214 -9.12 0.43 3.17
C HIS O 214 -9.15 -1.06 2.86
N CYS O 215 -9.64 -1.87 3.81
CA CYS O 215 -9.92 -3.27 3.51
C CYS O 215 -10.96 -3.41 2.41
N LYS O 216 -11.92 -2.50 2.38
CA LYS O 216 -13.01 -2.47 1.42
C LYS O 216 -12.74 -1.49 0.27
N HIS O 217 -11.73 -0.64 0.40
CA HIS O 217 -11.17 0.03 -0.77
C HIS O 217 -10.23 -0.87 -1.54
N ASN O 218 -9.74 -1.95 -0.90
CA ASN O 218 -9.13 -3.04 -1.66
C ASN O 218 -10.10 -3.64 -2.66
N GLU O 219 -11.39 -3.63 -2.35
CA GLU O 219 -12.43 -4.10 -3.24
C GLU O 219 -12.99 -3.00 -4.13
N SER O 220 -12.84 -1.73 -3.77
CA SER O 220 -13.45 -0.68 -4.57
C SER O 220 -12.41 0.14 -5.32
N VAL O 221 -11.37 0.59 -4.63
CA VAL O 221 -10.41 1.49 -5.26
C VAL O 221 -9.14 0.74 -5.66
N VAL O 222 -8.54 0.01 -4.72
CA VAL O 222 -7.17 -0.49 -4.86
C VAL O 222 -7.08 -1.54 -5.99
N LYS O 223 -8.21 -2.19 -6.33
CA LYS O 223 -8.26 -3.05 -7.52
C LYS O 223 -7.84 -2.33 -8.78
N GLU O 224 -8.21 -1.06 -8.90
CA GLU O 224 -7.71 -0.24 -10.01
C GLU O 224 -6.20 -0.03 -9.89
N MET O 225 -5.73 0.23 -8.67
CA MET O 225 -4.29 0.35 -8.45
C MET O 225 -3.59 -1.00 -8.54
N LEU O 226 -4.34 -2.10 -8.37
CA LEU O 226 -3.75 -3.41 -8.62
C LEU O 226 -3.60 -3.68 -10.10
N GLU O 227 -4.60 -3.30 -10.90
CA GLU O 227 -4.49 -3.45 -12.35
C GLU O 227 -3.42 -2.53 -12.92
N LEU O 228 -3.37 -1.28 -12.45
CA LEU O 228 -2.31 -0.37 -12.88
C LEU O 228 -0.96 -0.85 -12.40
N ALA O 229 -0.92 -1.46 -11.21
CA ALA O 229 0.30 -2.11 -10.73
C ALA O 229 0.76 -3.21 -11.68
N LYS O 230 -0.18 -4.04 -12.14
CA LYS O 230 0.14 -5.03 -13.16
C LYS O 230 0.51 -4.39 -14.49
N ASN O 231 0.06 -3.16 -14.72
CA ASN O 231 0.40 -2.47 -15.96
C ASN O 231 1.83 -1.93 -15.92
N TYR O 232 2.27 -1.44 -14.76
CA TYR O 232 3.68 -1.07 -14.65
C TYR O 232 4.56 -2.30 -14.61
N ASN O 233 4.07 -3.39 -14.00
CA ASN O 233 4.82 -4.65 -13.99
C ASN O 233 5.02 -5.18 -15.39
N LYS O 234 3.93 -5.41 -16.13
CA LYS O 234 4.00 -5.90 -17.50
C LYS O 234 4.68 -4.89 -18.42
N ALA O 235 4.51 -3.59 -18.11
CA ALA O 235 5.17 -2.54 -18.87
C ALA O 235 6.67 -2.50 -18.63
N VAL O 236 7.14 -3.11 -17.53
CA VAL O 236 8.57 -3.36 -17.42
C VAL O 236 8.93 -4.71 -18.04
N GLU O 237 8.00 -5.67 -18.00
CA GLU O 237 8.26 -7.00 -18.56
C GLU O 237 8.46 -6.96 -20.06
N GLU O 238 7.87 -5.98 -20.74
CA GLU O 238 8.20 -5.78 -22.13
C GLU O 238 9.62 -5.23 -22.31
N GLU O 239 10.18 -4.55 -21.29
CA GLU O 239 11.57 -4.14 -21.35
C GLU O 239 12.50 -5.30 -21.01
N ASP O 240 12.15 -6.10 -19.99
CA ASP O 240 12.94 -7.25 -19.61
C ASP O 240 12.81 -8.39 -20.60
N LYS O 241 11.86 -8.30 -21.53
CA LYS O 241 11.79 -9.21 -22.67
C LYS O 241 13.03 -9.06 -23.55
N MET O 242 13.52 -7.85 -23.71
CA MET O 242 14.68 -7.58 -24.56
C MET O 242 16.01 -7.83 -23.84
N THR O 243 16.04 -7.75 -22.51
CA THR O 243 17.26 -7.91 -21.73
C THR O 243 18.03 -9.23 -21.85
N PRO O 244 17.45 -10.44 -22.00
CA PRO O 244 18.30 -11.63 -22.09
C PRO O 244 19.09 -11.74 -23.37
N GLU O 245 18.77 -10.94 -24.39
CA GLU O 245 19.64 -10.84 -25.55
C GLU O 245 20.90 -10.06 -25.20
N GLN O 246 20.72 -8.92 -24.52
CA GLN O 246 21.85 -8.11 -24.04
C GLN O 246 22.73 -8.90 -23.10
N LEU O 247 22.11 -9.60 -22.15
CA LEU O 247 22.83 -10.50 -21.26
C LEU O 247 23.36 -11.72 -22.00
N ALA O 248 22.78 -12.05 -23.15
CA ALA O 248 23.29 -13.11 -24.00
C ALA O 248 24.35 -12.63 -24.98
N ILE O 249 24.74 -11.36 -24.92
CA ILE O 249 25.82 -10.83 -25.76
C ILE O 249 26.99 -10.32 -24.93
N LYS O 250 26.76 -9.34 -24.06
CA LYS O 250 27.90 -8.58 -23.54
C LYS O 250 28.40 -9.03 -22.16
N ASN O 251 27.55 -8.98 -21.13
CA ASN O 251 27.79 -9.39 -19.75
C ASN O 251 28.92 -8.64 -19.04
N VAL O 252 29.55 -7.65 -19.68
CA VAL O 252 30.69 -6.94 -19.11
C VAL O 252 30.32 -5.48 -18.98
N GLY O 253 30.28 -4.98 -17.75
CA GLY O 253 29.91 -3.61 -17.50
C GLY O 253 28.41 -3.41 -17.51
N LYS O 254 27.97 -2.37 -16.79
CA LYS O 254 26.54 -2.05 -16.66
C LYS O 254 26.33 -0.62 -17.08
N GLN O 255 25.35 -0.42 -17.98
CA GLN O 255 25.11 0.87 -18.61
C GLN O 255 23.76 1.48 -18.22
N ASP O 256 22.84 0.67 -17.69
CA ASP O 256 21.51 1.14 -17.36
C ASP O 256 21.42 1.52 -15.90
N PRO O 257 21.09 2.76 -15.55
CA PRO O 257 20.80 3.09 -14.14
C PRO O 257 19.45 2.57 -13.66
N LYS O 258 18.63 2.02 -14.54
CA LYS O 258 17.33 1.48 -14.17
C LYS O 258 17.51 0.02 -13.73
N ARG O 259 16.94 -0.34 -12.58
CA ARG O 259 17.29 -1.61 -11.94
C ARG O 259 16.25 -2.70 -12.16
N HIS O 260 14.97 -2.32 -12.32
CA HIS O 260 13.80 -3.16 -12.59
C HIS O 260 13.44 -4.10 -11.46
N LEU O 261 14.15 -4.09 -10.34
CA LEU O 261 13.89 -5.08 -9.31
C LEU O 261 13.17 -4.48 -8.11
N GLU O 262 13.79 -3.48 -7.49
CA GLU O 262 13.35 -2.98 -6.19
C GLU O 262 12.02 -2.24 -6.30
N GLU O 263 11.76 -1.65 -7.47
CA GLU O 263 10.45 -1.09 -7.76
C GLU O 263 9.38 -2.16 -7.69
N HIS O 264 9.68 -3.34 -8.22
CA HIS O 264 8.69 -4.40 -8.29
C HIS O 264 8.55 -5.10 -6.95
N VAL O 265 9.63 -5.10 -6.15
CA VAL O 265 9.53 -5.48 -4.75
C VAL O 265 8.56 -4.56 -4.04
N ASP O 266 8.68 -3.25 -4.28
CA ASP O 266 7.77 -2.27 -3.69
C ASP O 266 6.33 -2.47 -4.18
N VAL O 267 6.18 -2.83 -5.46
CA VAL O 267 4.86 -3.14 -6.02
C VAL O 267 4.26 -4.35 -5.31
N LEU O 268 5.09 -5.34 -4.99
CA LEU O 268 4.61 -6.48 -4.22
C LEU O 268 4.25 -6.07 -2.79
N MET O 269 5.04 -5.17 -2.19
CA MET O 269 4.76 -4.70 -0.83
C MET O 269 3.43 -3.97 -0.75
N THR O 270 3.15 -3.15 -1.75
CA THR O 270 1.84 -2.54 -1.86
C THR O 270 0.75 -3.54 -2.22
N SER O 271 1.11 -4.62 -2.91
CA SER O 271 0.14 -5.65 -3.25
C SER O 271 -0.20 -6.52 -2.06
N ASN O 272 0.67 -6.58 -1.06
CA ASN O 272 0.46 -7.41 0.12
C ASN O 272 -0.45 -6.75 1.14
N ILE O 273 -0.86 -5.51 0.89
CA ILE O 273 -1.91 -4.86 1.68
C ILE O 273 -3.20 -5.65 1.60
N VAL O 274 -3.47 -6.24 0.43
CA VAL O 274 -4.62 -7.13 0.23
C VAL O 274 -4.52 -8.33 1.17
N GLN O 275 -3.33 -8.91 1.28
CA GLN O 275 -3.14 -10.08 2.16
C GLN O 275 -3.24 -9.69 3.63
N CYS O 276 -2.63 -8.57 4.00
CA CYS O 276 -2.62 -8.15 5.39
C CYS O 276 -4.01 -7.73 5.86
N LEU O 277 -4.80 -7.15 4.96
CA LEU O 277 -6.12 -6.69 5.31
C LEU O 277 -7.20 -7.75 5.10
N ALA O 278 -6.87 -8.84 4.40
CA ALA O 278 -7.79 -9.96 4.32
C ALA O 278 -8.01 -10.60 5.68
N ALA O 279 -6.92 -10.78 6.45
CA ALA O 279 -7.04 -11.30 7.80
C ALA O 279 -7.73 -10.30 8.72
N MET O 280 -7.56 -9.00 8.44
CA MET O 280 -8.30 -7.98 9.18
C MET O 280 -9.79 -8.11 8.94
N LEU O 281 -10.17 -8.35 7.69
CA LEU O 281 -11.56 -8.69 7.36
C LEU O 281 -12.00 -9.95 8.06
N ASP O 282 -11.09 -10.92 8.22
CA ASP O 282 -11.43 -12.15 8.92
C ASP O 282 -11.70 -11.89 10.39
N THR O 283 -10.97 -10.95 10.99
CA THR O 283 -11.20 -10.61 12.38
C THR O 283 -12.50 -9.85 12.57
N VAL O 284 -12.81 -8.92 11.66
CA VAL O 284 -14.06 -8.17 11.76
C VAL O 284 -15.25 -9.09 11.51
N VAL O 285 -15.09 -10.04 10.59
CA VAL O 285 -16.16 -10.99 10.30
C VAL O 285 -16.31 -11.99 11.45
N PHE O 286 -15.21 -12.32 12.12
CA PHE O 286 -15.26 -13.17 13.29
C PHE O 286 -16.04 -12.47 14.42
N LYS O 287 -15.48 -11.40 14.97
CA LYS O 287 -16.18 -10.59 15.97
C LYS O 287 -15.79 -9.14 15.78
N MET P 1 13.71 -90.31 10.96
CA MET P 1 15.01 -90.38 11.62
C MET P 1 14.84 -90.82 13.06
N TYR P 2 14.32 -89.90 13.87
CA TYR P 2 14.09 -90.16 15.28
C TYR P 2 12.92 -91.10 15.52
N GLU P 3 11.84 -90.99 14.75
CA GLU P 3 10.75 -91.97 14.77
C GLU P 3 10.01 -91.91 13.44
N GLN P 4 9.00 -92.76 13.30
CA GLN P 4 8.33 -92.97 12.02
C GLN P 4 7.49 -91.77 11.62
N LEU P 5 6.54 -91.39 12.49
CA LEU P 5 5.61 -90.25 12.41
C LEU P 5 4.52 -90.44 11.35
N LYS P 6 4.60 -91.50 10.56
CA LYS P 6 3.72 -91.70 9.43
C LYS P 6 2.47 -92.50 9.76
N GLY P 7 2.31 -92.94 11.01
CA GLY P 7 1.13 -93.70 11.38
C GLY P 7 -0.12 -92.83 11.44
N GLU P 8 -0.04 -91.70 12.15
CA GLU P 8 -1.14 -90.78 12.28
C GLU P 8 -1.07 -89.62 11.30
N TRP P 9 -0.03 -89.59 10.46
CA TRP P 9 0.18 -88.50 9.51
C TRP P 9 -0.86 -88.53 8.40
N ASN P 10 -0.88 -89.61 7.63
CA ASN P 10 -1.90 -89.76 6.60
C ASN P 10 -3.25 -90.14 7.19
N ARG P 11 -3.25 -90.59 8.45
CA ARG P 11 -4.49 -90.90 9.15
C ARG P 11 -5.26 -89.60 9.38
N LYS P 12 -6.32 -89.43 8.60
CA LYS P 12 -7.19 -88.26 8.67
C LYS P 12 -7.93 -88.33 10.01
N SER P 13 -7.45 -87.59 10.98
CA SER P 13 -7.99 -87.69 12.32
C SER P 13 -9.09 -86.66 12.51
N PRO P 14 -10.32 -87.09 12.81
CA PRO P 14 -11.36 -86.11 13.17
C PRO P 14 -11.05 -85.40 14.47
N ASN P 15 -10.41 -86.10 15.41
CA ASN P 15 -10.13 -85.55 16.73
C ASN P 15 -8.75 -84.90 16.72
N LEU P 16 -8.70 -83.59 16.98
CA LEU P 16 -7.45 -82.86 16.98
C LEU P 16 -6.86 -82.69 18.36
N SER P 17 -7.59 -83.06 19.41
CA SER P 17 -7.00 -83.13 20.74
C SER P 17 -5.97 -84.24 20.81
N LYS P 18 -6.16 -85.30 20.03
CA LYS P 18 -5.11 -86.27 19.79
C LYS P 18 -3.98 -85.66 18.99
N CYS P 19 -4.31 -84.76 18.06
CA CYS P 19 -3.30 -84.14 17.21
C CYS P 19 -2.61 -82.97 17.90
N GLY P 20 -3.15 -82.48 19.00
CA GLY P 20 -2.44 -81.47 19.77
C GLY P 20 -1.23 -82.05 20.50
N GLU P 21 -1.37 -83.29 20.98
CA GLU P 21 -0.27 -83.97 21.64
C GLU P 21 0.85 -84.30 20.65
N GLU P 22 0.48 -84.81 19.47
CA GLU P 22 1.45 -85.03 18.41
C GLU P 22 2.01 -83.71 17.90
N LEU P 23 1.20 -82.65 17.94
CA LEU P 23 1.60 -81.36 17.39
C LEU P 23 2.65 -80.69 18.26
N GLY P 24 2.33 -80.48 19.54
CA GLY P 24 3.30 -79.96 20.48
C GLY P 24 4.45 -80.92 20.73
N ARG P 25 4.21 -82.23 20.52
CA ARG P 25 5.29 -83.20 20.51
C ARG P 25 6.29 -82.89 19.40
N LEU P 26 5.79 -82.57 18.21
CA LEU P 26 6.68 -82.19 17.12
C LEU P 26 7.31 -80.83 17.36
N LYS P 27 6.66 -79.96 18.15
CA LYS P 27 7.32 -78.75 18.60
C LYS P 27 8.48 -79.07 19.54
N LEU P 28 8.33 -80.12 20.36
CA LEU P 28 9.40 -80.49 21.28
C LEU P 28 10.53 -81.21 20.57
N VAL P 29 10.23 -81.98 19.53
CA VAL P 29 11.30 -82.65 18.81
C VAL P 29 12.03 -81.67 17.90
N LEU P 30 11.26 -80.88 17.14
CA LEU P 30 11.85 -79.83 16.31
C LEU P 30 12.37 -78.65 17.12
N LEU P 31 12.14 -78.66 18.44
CA LEU P 31 12.57 -77.56 19.31
C LEU P 31 14.08 -77.38 19.30
N GLU P 32 14.82 -78.49 19.24
CA GLU P 32 16.27 -78.42 19.06
C GLU P 32 16.70 -78.55 17.61
N LEU P 33 15.78 -78.91 16.70
CA LEU P 33 16.14 -79.26 15.35
C LEU P 33 16.19 -78.07 14.39
N ASN P 34 16.43 -76.86 14.90
CA ASN P 34 16.84 -75.70 14.11
C ASN P 34 15.77 -75.31 13.08
N PHE P 35 14.70 -74.69 13.61
CA PHE P 35 13.57 -74.21 12.81
C PHE P 35 14.00 -73.37 11.61
N LEU P 36 15.02 -72.52 11.79
CA LEU P 36 15.56 -71.75 10.68
C LEU P 36 16.21 -72.67 9.66
N PRO P 37 16.14 -72.36 8.37
CA PRO P 37 16.74 -73.23 7.35
C PRO P 37 18.25 -73.31 7.49
N THR P 38 18.76 -74.54 7.39
CA THR P 38 20.18 -74.83 7.59
C THR P 38 20.75 -75.42 6.31
N THR P 39 21.63 -74.67 5.66
CA THR P 39 22.32 -75.13 4.46
C THR P 39 23.58 -75.92 4.78
N GLY P 40 23.85 -76.19 6.05
CA GLY P 40 24.98 -77.02 6.42
C GLY P 40 24.75 -78.46 6.04
N THR P 41 25.70 -79.04 5.30
CA THR P 41 25.91 -80.48 5.04
C THR P 41 24.85 -81.05 4.07
N LYS P 42 23.77 -80.31 3.83
CA LYS P 42 22.81 -80.38 2.72
C LYS P 42 22.01 -81.67 2.64
N LEU P 43 22.30 -82.65 3.49
CA LEU P 43 21.48 -83.85 3.58
C LEU P 43 20.39 -83.71 4.63
N THR P 44 20.37 -82.59 5.34
CA THR P 44 19.30 -82.24 6.26
C THR P 44 18.03 -81.79 5.53
N LYS P 45 18.08 -81.67 4.20
CA LYS P 45 16.89 -81.37 3.40
C LYS P 45 15.80 -82.42 3.56
N GLN P 46 16.18 -83.66 3.89
CA GLN P 46 15.20 -84.71 4.15
C GLN P 46 14.33 -84.36 5.35
N GLN P 47 14.93 -84.18 6.52
CA GLN P 47 14.18 -83.87 7.72
C GLN P 47 13.62 -82.44 7.71
N LEU P 48 14.23 -81.53 6.96
CA LEU P 48 13.68 -80.18 6.88
C LEU P 48 12.48 -80.12 5.93
N ILE P 49 12.48 -80.96 4.89
CA ILE P 49 11.32 -80.95 4.00
C ILE P 49 10.21 -81.83 4.56
N LEU P 50 10.55 -82.82 5.38
CA LEU P 50 9.50 -83.59 6.05
C LEU P 50 8.95 -82.80 7.23
N ALA P 51 9.80 -81.99 7.86
CA ALA P 51 9.34 -81.02 8.83
C ALA P 51 8.43 -79.99 8.17
N ARG P 52 8.78 -79.58 6.95
CA ARG P 52 7.90 -78.76 6.14
C ARG P 52 6.55 -79.45 5.93
N ASP P 53 6.58 -80.74 5.59
CA ASP P 53 5.34 -81.46 5.28
C ASP P 53 4.45 -81.63 6.50
N ILE P 54 5.05 -81.91 7.66
CA ILE P 54 4.22 -82.10 8.85
C ILE P 54 3.74 -80.74 9.38
N LEU P 55 4.44 -79.65 9.08
CA LEU P 55 3.84 -78.35 9.38
C LEU P 55 2.81 -77.94 8.34
N GLU P 56 2.85 -78.56 7.16
CA GLU P 56 1.82 -78.31 6.14
C GLU P 56 0.52 -79.00 6.51
N ILE P 57 0.57 -80.29 6.84
CA ILE P 57 -0.65 -80.98 7.22
C ILE P 57 -1.07 -80.59 8.63
N GLY P 58 -0.12 -80.15 9.46
CA GLY P 58 -0.49 -79.57 10.74
C GLY P 58 -1.13 -78.21 10.58
N ALA P 59 -0.74 -77.48 9.54
CA ALA P 59 -1.48 -76.26 9.19
C ALA P 59 -2.85 -76.60 8.62
N GLN P 60 -2.96 -77.75 7.94
CA GLN P 60 -4.25 -78.19 7.43
C GLN P 60 -5.21 -78.52 8.55
N TRP P 61 -4.75 -79.22 9.60
CA TRP P 61 -5.65 -79.38 10.74
C TRP P 61 -5.71 -78.12 11.58
N SER P 62 -4.78 -77.17 11.40
CA SER P 62 -4.87 -75.89 12.10
C SER P 62 -5.98 -75.02 11.52
N ILE P 63 -6.29 -75.20 10.23
CA ILE P 63 -7.47 -74.53 9.68
C ILE P 63 -8.69 -75.43 9.77
N LEU P 64 -8.51 -76.74 9.94
CA LEU P 64 -9.66 -77.61 10.23
C LEU P 64 -10.20 -77.32 11.62
N ARG P 65 -9.32 -76.96 12.55
CA ARG P 65 -9.77 -76.45 13.84
C ARG P 65 -10.08 -74.97 13.80
N LYS P 66 -9.77 -74.30 12.68
CA LYS P 66 -10.08 -72.89 12.40
C LYS P 66 -9.46 -71.98 13.47
N ASP P 67 -8.12 -71.96 13.46
CA ASP P 67 -7.34 -71.21 14.43
C ASP P 67 -6.50 -70.19 13.67
N ILE P 68 -6.94 -68.93 13.71
CA ILE P 68 -6.35 -67.85 12.91
C ILE P 68 -4.93 -67.47 13.32
N PRO P 69 -4.58 -67.18 14.60
CA PRO P 69 -3.17 -66.81 14.86
C PRO P 69 -2.22 -67.98 14.69
N SER P 70 -2.71 -69.19 14.96
CA SER P 70 -1.94 -70.39 14.63
C SER P 70 -1.80 -70.54 13.11
N PHE P 71 -2.78 -70.06 12.34
CA PHE P 71 -2.71 -70.22 10.90
C PHE P 71 -1.62 -69.35 10.30
N GLU P 72 -1.59 -68.07 10.68
CA GLU P 72 -0.51 -67.20 10.22
C GLU P 72 0.81 -67.58 10.86
N ARG P 73 0.77 -68.25 12.02
CA ARG P 73 1.97 -68.83 12.59
C ARG P 73 2.55 -69.90 11.68
N TYR P 74 1.75 -70.92 11.32
CA TYR P 74 2.27 -72.01 10.52
C TYR P 74 2.52 -71.58 9.07
N MET P 75 1.78 -70.61 8.55
CA MET P 75 2.07 -70.14 7.20
C MET P 75 3.33 -69.28 7.18
N ALA P 76 3.52 -68.47 8.23
CA ALA P 76 4.73 -67.66 8.33
C ALA P 76 5.97 -68.51 8.60
N GLN P 77 5.78 -69.70 9.18
CA GLN P 77 6.90 -70.62 9.38
C GLN P 77 7.13 -71.49 8.16
N LEU P 78 6.07 -71.79 7.40
CA LEU P 78 6.21 -72.59 6.19
C LEU P 78 6.70 -71.80 5.00
N LYS P 79 6.51 -70.48 4.99
CA LYS P 79 7.16 -69.62 4.02
C LYS P 79 8.68 -69.75 4.08
N CYS P 80 9.23 -69.95 5.28
CA CYS P 80 10.67 -70.05 5.49
C CYS P 80 11.26 -71.26 4.76
N TYR P 81 10.49 -72.35 4.65
CA TYR P 81 10.97 -73.47 3.86
C TYR P 81 10.50 -73.37 2.42
N TYR P 82 9.46 -72.56 2.18
CA TYR P 82 9.08 -72.22 0.80
C TYR P 82 10.04 -71.23 0.19
N PHE P 83 10.37 -70.17 0.92
CA PHE P 83 11.31 -69.15 0.49
C PHE P 83 12.66 -69.51 1.08
N ASP P 84 13.50 -70.14 0.28
CA ASP P 84 14.86 -70.48 0.68
C ASP P 84 15.75 -70.29 -0.53
N TYR P 85 17.05 -70.17 -0.28
CA TYR P 85 17.99 -69.84 -1.35
C TYR P 85 18.20 -71.02 -2.29
N LYS P 86 18.26 -72.23 -1.73
CA LYS P 86 18.50 -73.42 -2.53
C LYS P 86 17.25 -73.81 -3.31
N GLU P 87 17.38 -73.86 -4.63
CA GLU P 87 16.31 -74.36 -5.49
C GLU P 87 16.35 -75.87 -5.64
N GLN P 88 17.30 -76.53 -4.98
CA GLN P 88 17.35 -77.99 -4.91
C GLN P 88 16.22 -78.58 -4.09
N LEU P 89 15.53 -77.77 -3.30
CA LEU P 89 14.34 -78.23 -2.59
C LEU P 89 13.25 -78.59 -3.59
N PRO P 90 12.83 -79.86 -3.65
CA PRO P 90 11.78 -80.23 -4.61
C PRO P 90 10.44 -79.65 -4.19
N GLU P 91 9.66 -79.26 -5.19
CA GLU P 91 8.39 -78.59 -4.97
C GLU P 91 7.38 -79.61 -4.44
N SER P 92 6.67 -79.24 -3.38
CA SER P 92 5.57 -80.05 -2.92
C SER P 92 4.43 -80.01 -3.93
N ALA P 93 3.77 -81.15 -4.11
CA ALA P 93 2.55 -81.18 -4.89
C ALA P 93 1.42 -80.43 -4.20
N TYR P 94 1.49 -80.27 -2.89
CA TYR P 94 0.48 -79.58 -2.11
C TYR P 94 0.93 -78.16 -1.77
N MET P 95 2.10 -77.76 -2.27
CA MET P 95 2.61 -76.40 -2.07
C MET P 95 1.68 -75.38 -2.70
N HIS P 96 1.32 -75.58 -3.97
CA HIS P 96 0.40 -74.67 -4.64
C HIS P 96 -1.00 -74.75 -4.06
N GLN P 97 -1.36 -75.90 -3.50
CA GLN P 97 -2.62 -76.05 -2.78
C GLN P 97 -2.65 -75.13 -1.56
N LEU P 98 -1.57 -75.17 -0.77
CA LEU P 98 -1.50 -74.40 0.46
C LEU P 98 -1.29 -72.92 0.19
N LEU P 99 -0.55 -72.60 -0.87
CA LEU P 99 -0.45 -71.21 -1.31
C LEU P 99 -1.79 -70.71 -1.85
N GLY P 100 -2.58 -71.59 -2.46
CA GLY P 100 -3.92 -71.19 -2.89
C GLY P 100 -4.84 -70.92 -1.72
N LEU P 101 -4.71 -71.70 -0.65
CA LEU P 101 -5.43 -71.36 0.57
C LEU P 101 -4.83 -70.14 1.25
N ASN P 102 -3.57 -69.81 0.94
CA ASN P 102 -3.00 -68.57 1.44
C ASN P 102 -3.61 -67.38 0.73
N LEU P 103 -3.89 -67.53 -0.57
CA LEU P 103 -4.59 -66.48 -1.29
C LEU P 103 -6.03 -66.36 -0.79
N LEU P 104 -6.64 -67.51 -0.46
CA LEU P 104 -7.92 -67.54 0.24
C LEU P 104 -7.85 -66.79 1.56
N PHE P 105 -6.74 -66.92 2.28
CA PHE P 105 -6.60 -66.24 3.56
C PHE P 105 -6.42 -64.75 3.39
N LEU P 106 -5.69 -64.35 2.35
CA LEU P 106 -5.51 -62.92 2.07
C LEU P 106 -6.83 -62.28 1.65
N LEU P 107 -7.63 -62.96 0.84
CA LEU P 107 -8.92 -62.39 0.49
C LEU P 107 -9.89 -62.49 1.66
N SER P 108 -9.67 -63.45 2.55
CA SER P 108 -10.50 -63.60 3.74
C SER P 108 -10.26 -62.50 4.76
N GLN P 109 -9.02 -62.09 4.94
CA GLN P 109 -8.67 -61.09 5.94
C GLN P 109 -8.69 -59.67 5.41
N ASN P 110 -9.05 -59.51 4.13
CA ASN P 110 -9.11 -58.22 3.43
C ASN P 110 -7.75 -57.53 3.41
N ARG P 111 -6.67 -58.33 3.41
CA ARG P 111 -5.31 -57.87 3.17
C ARG P 111 -4.95 -57.91 1.69
N VAL P 112 -5.93 -57.75 0.81
CA VAL P 112 -5.85 -58.15 -0.59
C VAL P 112 -4.91 -57.26 -1.39
N ALA P 113 -4.52 -56.11 -0.82
CA ALA P 113 -3.45 -55.32 -1.42
C ALA P 113 -2.12 -56.07 -1.36
N GLU P 114 -1.89 -56.79 -0.25
CA GLU P 114 -0.69 -57.59 -0.14
C GLU P 114 -0.77 -58.85 -1.00
N PHE P 115 -1.99 -59.32 -1.27
CA PHE P 115 -2.19 -60.28 -2.35
C PHE P 115 -1.76 -59.71 -3.69
N HIS P 116 -2.18 -58.47 -3.98
CA HIS P 116 -1.91 -57.87 -5.28
C HIS P 116 -0.43 -57.59 -5.47
N THR P 117 0.29 -57.28 -4.39
CA THR P 117 1.73 -57.20 -4.52
C THR P 117 2.40 -58.56 -4.43
N GLU P 118 1.70 -59.57 -3.94
CA GLU P 118 2.20 -60.93 -3.89
C GLU P 118 2.05 -61.61 -5.25
N LEU P 119 1.25 -61.04 -6.16
CA LEU P 119 0.93 -61.64 -7.44
C LEU P 119 2.11 -61.80 -8.41
N GLU P 120 3.31 -61.33 -8.07
CA GLU P 120 4.43 -61.55 -8.99
C GLU P 120 5.00 -62.96 -8.88
N ARG P 121 5.16 -63.47 -7.66
CA ARG P 121 5.83 -64.75 -7.47
C ARG P 121 5.00 -65.94 -7.93
N LEU P 122 3.68 -65.83 -7.95
CA LEU P 122 2.86 -67.02 -8.13
C LEU P 122 2.76 -67.54 -9.57
N PRO P 123 2.74 -66.71 -10.66
CA PRO P 123 2.83 -67.37 -11.98
C PRO P 123 4.27 -67.73 -12.35
N ALA P 124 4.85 -68.65 -11.59
CA ALA P 124 6.20 -69.14 -11.85
C ALA P 124 6.23 -70.25 -12.89
N LYS P 125 5.06 -70.60 -13.44
CA LYS P 125 4.87 -71.60 -14.48
C LYS P 125 5.40 -72.97 -14.04
N ASP P 126 4.92 -73.40 -12.87
CA ASP P 126 5.13 -74.77 -12.44
C ASP P 126 4.15 -75.68 -13.17
N ILE P 127 2.86 -75.38 -13.07
CA ILE P 127 1.86 -76.16 -13.79
C ILE P 127 1.09 -75.26 -14.74
N GLN P 128 0.32 -74.31 -14.19
CA GLN P 128 -0.49 -73.29 -14.86
C GLN P 128 -1.63 -73.84 -15.71
N THR P 129 -1.78 -75.15 -15.83
CA THR P 129 -2.91 -75.74 -16.54
C THR P 129 -3.90 -76.41 -15.59
N ASN P 130 -3.53 -76.59 -14.33
CA ASN P 130 -4.46 -77.03 -13.31
C ASN P 130 -5.37 -75.86 -12.95
N VAL P 131 -6.65 -76.17 -12.71
CA VAL P 131 -7.64 -75.13 -12.46
C VAL P 131 -7.40 -74.47 -11.10
N TYR P 132 -6.72 -75.14 -10.18
CA TYR P 132 -6.48 -74.53 -8.88
C TYR P 132 -5.31 -73.57 -8.93
N ILE P 133 -4.43 -73.72 -9.91
CA ILE P 133 -3.35 -72.76 -10.12
C ILE P 133 -3.93 -71.40 -10.53
N LYS P 134 -4.96 -71.44 -11.37
CA LYS P 134 -5.61 -70.25 -11.91
C LYS P 134 -6.79 -69.81 -11.05
N HIS P 135 -7.18 -70.62 -10.06
CA HIS P 135 -8.49 -70.45 -9.44
C HIS P 135 -8.60 -69.25 -8.47
N PRO P 136 -7.68 -69.02 -7.51
CA PRO P 136 -7.93 -67.88 -6.62
C PRO P 136 -7.73 -66.54 -7.29
N VAL P 137 -6.88 -66.47 -8.31
CA VAL P 137 -6.68 -65.20 -8.99
C VAL P 137 -7.82 -64.92 -9.96
N SER P 138 -8.44 -65.97 -10.52
CA SER P 138 -9.63 -65.77 -11.33
C SER P 138 -10.81 -65.38 -10.45
N LEU P 139 -10.89 -65.98 -9.27
CA LEU P 139 -11.90 -65.59 -8.29
C LEU P 139 -11.68 -64.17 -7.82
N GLU P 140 -10.43 -63.72 -7.77
CA GLU P 140 -10.15 -62.35 -7.36
C GLU P 140 -10.37 -61.37 -8.50
N GLN P 141 -10.26 -61.82 -9.75
CA GLN P 141 -10.63 -60.93 -10.84
C GLN P 141 -12.14 -60.86 -10.96
N TYR P 142 -12.83 -61.92 -10.54
CA TYR P 142 -14.26 -61.83 -10.30
C TYR P 142 -14.58 -60.88 -9.15
N LEU P 143 -13.69 -60.79 -8.16
CA LEU P 143 -13.85 -59.81 -7.08
C LEU P 143 -13.68 -58.39 -7.59
N MET P 144 -12.71 -58.17 -8.48
CA MET P 144 -12.55 -56.84 -9.06
C MET P 144 -13.69 -56.53 -10.02
N GLU P 145 -14.30 -57.56 -10.61
CA GLU P 145 -15.63 -57.38 -11.18
C GLU P 145 -16.65 -57.13 -10.08
N GLY P 146 -16.51 -57.83 -8.95
CA GLY P 146 -17.54 -57.90 -7.96
C GLY P 146 -18.64 -58.90 -8.29
N SER P 147 -18.51 -59.60 -9.42
CA SER P 147 -19.54 -60.52 -9.89
C SER P 147 -19.61 -61.72 -8.97
N TYR P 148 -20.66 -61.77 -8.16
CA TYR P 148 -20.93 -62.91 -7.32
C TYR P 148 -21.83 -63.92 -8.01
N ASN P 149 -22.58 -63.49 -9.04
CA ASN P 149 -23.46 -64.37 -9.79
C ASN P 149 -22.66 -65.43 -10.54
N LYS P 150 -21.53 -65.03 -11.12
CA LYS P 150 -20.65 -66.00 -11.75
C LYS P 150 -19.96 -66.88 -10.71
N VAL P 151 -19.73 -66.33 -9.52
CA VAL P 151 -19.18 -67.12 -8.43
C VAL P 151 -20.23 -68.09 -7.91
N PHE P 152 -21.47 -67.62 -7.75
CA PHE P 152 -22.54 -68.47 -7.23
C PHE P 152 -22.90 -69.58 -8.21
N LEU P 153 -22.92 -69.26 -9.51
CA LEU P 153 -23.01 -70.32 -10.52
C LEU P 153 -21.74 -71.16 -10.58
N ALA P 154 -20.62 -70.59 -10.13
CA ALA P 154 -19.32 -71.26 -10.14
C ALA P 154 -19.05 -72.01 -8.86
N LYS P 155 -20.04 -72.17 -7.98
CA LYS P 155 -19.86 -72.92 -6.75
C LYS P 155 -19.58 -74.40 -7.02
N GLY P 156 -20.38 -75.03 -7.88
CA GLY P 156 -20.18 -76.41 -8.24
C GLY P 156 -19.27 -76.64 -9.42
N ASN P 157 -18.57 -75.62 -9.89
CA ASN P 157 -17.58 -75.77 -10.96
C ASN P 157 -16.22 -76.17 -10.41
N ILE P 158 -16.03 -76.04 -9.10
CA ILE P 158 -14.86 -76.64 -8.45
C ILE P 158 -15.10 -78.14 -8.35
N PRO P 159 -14.11 -79.00 -8.65
CA PRO P 159 -14.30 -80.45 -8.53
C PRO P 159 -14.37 -80.95 -7.10
N ALA P 160 -14.30 -82.27 -6.92
CA ALA P 160 -14.38 -82.91 -5.60
C ALA P 160 -13.23 -82.55 -4.65
N GLU P 161 -12.27 -81.73 -5.08
CA GLU P 161 -11.37 -80.99 -4.22
C GLU P 161 -12.09 -80.39 -3.01
N SER P 162 -11.66 -80.81 -1.82
CA SER P 162 -12.43 -80.67 -0.60
C SER P 162 -12.37 -79.29 0.04
N TYR P 163 -11.97 -78.25 -0.69
CA TYR P 163 -11.89 -76.93 -0.07
C TYR P 163 -13.01 -76.02 -0.51
N THR P 164 -14.09 -76.58 -1.06
CA THR P 164 -15.23 -75.78 -1.45
C THR P 164 -15.93 -75.19 -0.23
N PHE P 165 -15.84 -75.87 0.91
CA PHE P 165 -16.31 -75.28 2.15
C PHE P 165 -15.42 -74.12 2.59
N PHE P 166 -14.13 -74.17 2.26
CA PHE P 166 -13.25 -73.03 2.54
C PHE P 166 -13.55 -71.88 1.61
N ILE P 167 -13.94 -72.18 0.37
CA ILE P 167 -14.51 -71.16 -0.52
C ILE P 167 -15.78 -70.59 0.09
N ASP P 168 -16.56 -71.43 0.77
CA ASP P 168 -17.75 -70.95 1.48
C ASP P 168 -17.39 -70.11 2.69
N ILE P 169 -16.22 -70.35 3.28
CA ILE P 169 -15.71 -69.45 4.31
C ILE P 169 -15.40 -68.09 3.70
N LEU P 170 -14.88 -68.10 2.48
CA LEU P 170 -14.63 -66.83 1.78
C LEU P 170 -15.92 -66.11 1.41
N LEU P 171 -16.88 -66.84 0.85
CA LEU P 171 -18.16 -66.23 0.46
C LEU P 171 -18.90 -65.72 1.68
N ASP P 172 -18.78 -66.43 2.80
CA ASP P 172 -19.40 -66.01 4.03
C ASP P 172 -18.66 -64.83 4.65
N THR P 173 -17.37 -64.67 4.37
CA THR P 173 -16.65 -63.53 4.93
C THR P 173 -16.60 -62.32 4.01
N ILE P 174 -17.12 -62.43 2.78
CA ILE P 174 -17.20 -61.27 1.90
C ILE P 174 -18.60 -60.69 1.83
N ARG P 175 -19.62 -61.43 2.28
CA ARG P 175 -21.00 -60.94 2.16
C ARG P 175 -21.30 -59.78 3.10
N ASP P 176 -20.46 -59.58 4.11
CA ASP P 176 -20.49 -58.34 4.88
C ASP P 176 -20.19 -57.14 4.01
N GLU P 177 -19.23 -57.28 3.08
CA GLU P 177 -18.83 -56.16 2.24
C GLU P 177 -19.74 -56.04 1.04
N ILE P 178 -20.18 -57.17 0.49
CA ILE P 178 -21.09 -57.15 -0.65
C ILE P 178 -22.46 -56.62 -0.21
N ALA P 179 -22.96 -57.12 0.91
CA ALA P 179 -24.22 -56.65 1.45
C ALA P 179 -24.09 -55.23 1.99
N GLY P 180 -22.92 -54.88 2.54
CA GLY P 180 -22.72 -53.52 3.01
C GLY P 180 -22.64 -52.51 1.88
N CYS P 181 -22.04 -52.90 0.77
CA CYS P 181 -21.93 -51.99 -0.38
C CYS P 181 -23.22 -51.93 -1.18
N ILE P 182 -23.99 -53.01 -1.22
CA ILE P 182 -25.29 -52.91 -1.89
C ILE P 182 -26.28 -52.17 -1.01
N GLU P 183 -26.09 -52.18 0.31
CA GLU P 183 -26.88 -51.35 1.21
C GLU P 183 -26.13 -50.09 1.62
N LYS P 184 -25.20 -49.62 0.78
CA LYS P 184 -24.56 -48.33 0.98
C LYS P 184 -25.58 -47.20 0.92
N ALA P 185 -26.54 -47.30 -0.01
CA ALA P 185 -27.80 -46.56 -0.02
C ALA P 185 -27.57 -45.05 -0.09
N TYR P 186 -27.08 -44.62 -1.26
CA TYR P 186 -26.86 -43.18 -1.49
C TYR P 186 -28.17 -42.40 -1.50
N GLU P 187 -29.17 -42.84 -2.25
CA GLU P 187 -30.45 -42.14 -2.32
C GLU P 187 -31.53 -42.93 -1.61
N LYS P 188 -31.85 -44.14 -2.09
CA LYS P 188 -32.61 -45.22 -1.48
C LYS P 188 -32.57 -46.39 -2.45
N ILE P 189 -32.80 -47.60 -1.92
CA ILE P 189 -32.91 -48.80 -2.75
C ILE P 189 -34.14 -49.58 -2.29
N LEU P 190 -34.80 -50.23 -3.23
CA LEU P 190 -36.08 -50.86 -2.98
C LEU P 190 -35.85 -52.32 -2.60
N PHE P 191 -36.81 -52.90 -1.87
CA PHE P 191 -36.72 -54.27 -1.39
C PHE P 191 -36.63 -55.32 -2.49
N THR P 192 -37.31 -55.12 -3.62
CA THR P 192 -37.53 -56.24 -4.53
C THR P 192 -36.29 -56.56 -5.36
N GLU P 193 -35.33 -55.63 -5.46
CA GLU P 193 -34.03 -56.00 -6.00
C GLU P 193 -33.20 -56.70 -4.94
N ALA P 194 -33.38 -56.29 -3.67
CA ALA P 194 -32.70 -56.96 -2.57
C ALA P 194 -33.24 -58.36 -2.34
N THR P 195 -34.40 -58.70 -2.91
CA THR P 195 -34.85 -60.08 -2.96
C THR P 195 -33.86 -60.96 -3.72
N ARG P 196 -33.38 -60.48 -4.87
CA ARG P 196 -32.45 -61.26 -5.66
C ARG P 196 -31.01 -61.09 -5.17
N ILE P 197 -30.57 -59.84 -4.99
CA ILE P 197 -29.19 -59.58 -4.57
C ILE P 197 -28.95 -60.10 -3.16
N LEU P 198 -29.87 -59.81 -2.24
CA LEU P 198 -29.72 -60.42 -0.93
C LEU P 198 -30.09 -61.91 -1.02
N PHE P 199 -29.68 -62.66 0.00
CA PHE P 199 -29.58 -64.11 -0.09
C PHE P 199 -30.94 -64.76 0.14
N PHE P 200 -30.92 -66.07 0.44
CA PHE P 200 -32.09 -66.94 0.45
C PHE P 200 -33.15 -66.51 1.47
N ASN P 201 -34.26 -67.24 1.45
CA ASN P 201 -35.50 -66.82 2.09
C ASN P 201 -35.44 -66.76 3.61
N THR P 202 -34.38 -67.28 4.23
CA THR P 202 -34.21 -67.12 5.66
C THR P 202 -33.86 -65.67 5.95
N PRO P 203 -34.64 -64.95 6.76
CA PRO P 203 -34.47 -63.50 6.87
C PRO P 203 -33.34 -63.06 7.77
N LYS P 204 -32.14 -63.63 7.59
CA LYS P 204 -31.04 -63.32 8.49
C LYS P 204 -30.38 -61.99 8.18
N LYS P 205 -30.50 -61.52 6.93
CA LYS P 205 -29.98 -60.20 6.60
C LYS P 205 -30.84 -59.10 7.20
N MET P 206 -32.16 -59.24 7.12
CA MET P 206 -33.01 -58.22 7.74
C MET P 206 -33.11 -58.40 9.25
N THR P 207 -32.65 -59.53 9.78
CA THR P 207 -32.55 -59.71 11.22
C THR P 207 -31.26 -59.12 11.76
N ASP P 208 -30.12 -59.62 11.26
CA ASP P 208 -28.81 -59.18 11.71
C ASP P 208 -28.56 -57.73 11.36
N TYR P 209 -29.01 -57.29 10.18
CA TYR P 209 -28.72 -55.94 9.74
C TYR P 209 -29.65 -54.92 10.37
N ALA P 210 -30.74 -55.36 11.00
CA ALA P 210 -31.55 -54.42 11.78
C ALA P 210 -30.87 -54.08 13.09
N LYS P 211 -30.02 -54.98 13.59
CA LYS P 211 -29.21 -54.74 14.77
C LYS P 211 -27.79 -54.32 14.44
N LYS P 212 -27.40 -54.43 13.17
CA LYS P 212 -26.06 -54.05 12.72
C LYS P 212 -26.10 -52.64 12.17
N ARG P 213 -26.94 -52.42 11.15
CA ARG P 213 -27.16 -51.08 10.64
C ARG P 213 -27.93 -50.23 11.65
N GLY P 214 -29.05 -50.73 12.15
CA GLY P 214 -29.88 -49.97 13.05
C GLY P 214 -30.53 -48.80 12.35
N TRP P 215 -31.27 -49.08 11.29
CA TRP P 215 -31.86 -48.06 10.43
C TRP P 215 -33.38 -48.13 10.53
N VAL P 216 -34.03 -47.37 9.69
CA VAL P 216 -35.49 -47.40 9.62
C VAL P 216 -35.90 -48.39 8.52
N LEU P 217 -36.85 -49.24 8.86
CA LEU P 217 -37.39 -50.23 7.94
C LEU P 217 -38.83 -49.86 7.62
N GLY P 218 -39.06 -49.41 6.40
CA GLY P 218 -40.32 -48.80 6.04
C GLY P 218 -41.31 -49.77 5.44
N PRO P 219 -42.36 -49.24 4.80
CA PRO P 219 -43.37 -50.10 4.17
C PRO P 219 -42.85 -50.79 2.92
N ASN P 220 -42.17 -51.92 3.13
CA ASN P 220 -41.58 -52.77 2.09
C ASN P 220 -40.57 -51.98 1.24
N ASN P 221 -39.75 -51.18 1.91
CA ASN P 221 -38.70 -50.42 1.23
C ASN P 221 -37.53 -50.30 2.20
N TYR P 222 -36.34 -50.11 1.62
CA TYR P 222 -35.12 -49.91 2.38
C TYR P 222 -34.72 -48.44 2.30
N TYR P 223 -34.74 -47.77 3.45
CA TYR P 223 -34.64 -46.32 3.50
C TYR P 223 -33.21 -45.87 3.75
N SER P 224 -32.86 -44.73 3.15
CA SER P 224 -31.51 -44.16 3.24
C SER P 224 -31.59 -42.76 3.80
N PHE P 225 -31.04 -42.58 5.00
CA PHE P 225 -30.97 -41.28 5.64
C PHE P 225 -29.52 -40.91 5.89
N ALA P 226 -29.32 -39.67 6.38
CA ALA P 226 -28.01 -39.06 6.64
C ALA P 226 -27.13 -39.03 5.39
N SER P 227 -27.76 -38.75 4.24
CA SER P 227 -27.09 -38.78 2.94
C SER P 227 -27.08 -37.37 2.37
N GLN P 228 -25.90 -36.73 2.37
CA GLN P 228 -25.66 -35.39 1.85
C GLN P 228 -26.53 -34.34 2.54
N GLN P 229 -26.72 -34.51 3.85
CA GLN P 229 -27.60 -33.67 4.65
C GLN P 229 -26.87 -32.48 5.27
N GLN P 230 -25.54 -32.43 5.13
CA GLN P 230 -24.71 -31.58 5.97
C GLN P 230 -24.88 -30.09 5.64
N LYS P 231 -25.02 -29.30 6.68
CA LYS P 231 -25.05 -27.85 6.59
C LYS P 231 -23.64 -27.32 6.42
N PRO P 232 -23.41 -26.37 5.49
CA PRO P 232 -22.03 -25.90 5.25
C PRO P 232 -21.47 -25.07 6.40
N GLU P 233 -20.18 -24.75 6.33
CA GLU P 233 -19.50 -24.15 7.46
C GLU P 233 -19.87 -22.68 7.61
N ASP P 234 -19.48 -22.10 8.73
CA ASP P 234 -19.79 -20.74 9.11
C ASP P 234 -18.88 -19.74 8.40
N THR P 235 -17.79 -20.23 7.79
CA THR P 235 -16.66 -19.53 7.19
C THR P 235 -15.82 -18.76 8.20
N THR P 236 -16.14 -18.83 9.50
CA THR P 236 -15.45 -18.03 10.51
C THR P 236 -14.18 -18.71 10.97
N ILE P 237 -14.29 -19.97 11.39
CA ILE P 237 -13.10 -20.76 11.74
C ILE P 237 -12.11 -20.91 10.58
N PRO P 238 -12.54 -21.19 9.33
CA PRO P 238 -11.56 -21.08 8.24
C PRO P 238 -11.09 -19.67 7.96
N SER P 239 -11.83 -18.64 8.37
CA SER P 239 -11.24 -17.30 8.30
C SER P 239 -10.18 -17.11 9.38
N THR P 240 -10.33 -17.80 10.52
CA THR P 240 -9.29 -17.71 11.54
C THR P 240 -8.04 -18.46 11.12
N GLU P 241 -8.20 -19.63 10.49
CA GLU P 241 -7.01 -20.33 10.03
C GLU P 241 -6.43 -19.67 8.80
N LEU P 242 -7.24 -18.93 8.03
CA LEU P 242 -6.67 -18.09 6.98
C LEU P 242 -5.93 -16.91 7.57
N ALA P 243 -6.39 -16.41 8.72
CA ALA P 243 -5.66 -15.36 9.41
C ALA P 243 -4.33 -15.89 9.93
N LYS P 244 -4.32 -17.14 10.39
CA LYS P 244 -3.08 -17.79 10.76
C LYS P 244 -2.19 -18.01 9.54
N GLN P 245 -2.81 -18.24 8.37
CA GLN P 245 -2.02 -18.29 7.15
C GLN P 245 -1.42 -16.93 6.83
N VAL P 246 -2.12 -15.85 7.12
CA VAL P 246 -1.58 -14.51 6.90
C VAL P 246 -0.44 -14.22 7.87
N ILE P 247 -0.57 -14.71 9.11
CA ILE P 247 0.51 -14.62 10.08
C ILE P 247 1.74 -15.37 9.59
N GLU P 248 1.53 -16.56 9.03
CA GLU P 248 2.67 -17.34 8.54
C GLU P 248 3.16 -16.83 7.20
N TYR P 249 2.37 -15.98 6.53
CA TYR P 249 2.88 -15.31 5.33
C TYR P 249 3.75 -14.12 5.71
N ALA P 250 3.39 -13.44 6.81
CA ALA P 250 4.30 -12.43 7.34
C ALA P 250 5.57 -13.07 7.88
N ARG P 251 5.44 -14.28 8.46
CA ARG P 251 6.58 -15.05 8.89
C ARG P 251 7.48 -15.43 7.72
N GLN P 252 6.94 -16.23 6.79
CA GLN P 252 7.76 -16.83 5.74
C GLN P 252 8.21 -15.80 4.73
N LEU P 253 7.40 -14.77 4.49
CA LEU P 253 7.89 -13.64 3.70
C LEU P 253 8.95 -12.86 4.46
N GLU P 254 8.71 -12.57 5.74
CA GLU P 254 9.63 -11.75 6.52
C GLU P 254 9.95 -12.44 7.83
N MET P 255 10.96 -13.32 7.83
CA MET P 255 11.53 -13.79 9.09
C MET P 255 12.99 -13.42 9.22
N ILE P 256 13.80 -13.85 8.25
CA ILE P 256 15.21 -13.48 8.23
C ILE P 256 15.33 -12.00 7.88
N VAL P 257 14.52 -11.56 6.92
CA VAL P 257 14.37 -10.18 6.45
C VAL P 257 15.73 -9.64 5.98
N MET Q 1 23.29 -42.42 -12.06
CA MET Q 1 24.31 -43.34 -12.56
C MET Q 1 24.45 -43.23 -14.06
N SER Q 2 23.33 -43.46 -14.74
CA SER Q 2 23.15 -43.43 -16.20
C SER Q 2 23.91 -44.55 -16.91
N GLU Q 3 24.51 -45.47 -16.14
CA GLU Q 3 25.08 -46.70 -16.66
C GLU Q 3 24.07 -47.83 -16.67
N LYS Q 4 22.96 -47.67 -15.98
CA LYS Q 4 21.82 -48.56 -16.11
C LYS Q 4 20.99 -48.23 -17.34
N LYS Q 5 21.29 -47.10 -17.98
CA LYS Q 5 20.82 -46.85 -19.32
C LYS Q 5 21.42 -47.83 -20.32
N GLN Q 6 22.61 -48.37 -20.02
CA GLN Q 6 23.28 -49.26 -20.98
C GLN Q 6 22.57 -50.59 -21.21
N PRO Q 7 22.13 -51.36 -20.18
CA PRO Q 7 21.38 -52.59 -20.53
C PRO Q 7 19.99 -52.32 -21.07
N VAL Q 8 19.38 -51.19 -20.69
CA VAL Q 8 18.11 -50.79 -21.27
C VAL Q 8 18.30 -50.45 -22.75
N ASP Q 9 19.43 -49.83 -23.08
CA ASP Q 9 19.78 -49.58 -24.48
C ASP Q 9 20.22 -50.84 -25.22
N LEU Q 10 20.73 -51.84 -24.51
CA LEU Q 10 20.94 -53.14 -25.15
C LEU Q 10 19.61 -53.78 -25.50
N GLY Q 11 18.62 -53.60 -24.62
CA GLY Q 11 17.26 -53.94 -24.96
C GLY Q 11 16.74 -53.15 -26.14
N LEU Q 12 17.12 -51.87 -26.23
CA LEU Q 12 16.70 -51.05 -27.36
C LEU Q 12 17.35 -51.51 -28.66
N LEU Q 13 18.61 -51.92 -28.60
CA LEU Q 13 19.25 -52.44 -29.79
C LEU Q 13 18.70 -53.80 -30.17
N GLU Q 14 18.19 -54.56 -29.20
CA GLU Q 14 17.46 -55.77 -29.56
C GLU Q 14 16.11 -55.42 -30.20
N GLU Q 15 15.47 -54.34 -29.74
CA GLU Q 15 14.21 -53.90 -30.35
C GLU Q 15 14.43 -53.40 -31.78
N ASP Q 16 15.53 -52.68 -32.01
CA ASP Q 16 15.87 -52.23 -33.34
C ASP Q 16 16.40 -53.36 -34.21
N ASP Q 17 16.89 -54.43 -33.60
CA ASP Q 17 17.31 -55.64 -34.30
C ASP Q 17 16.17 -56.63 -34.48
N GLU Q 18 14.98 -56.36 -33.93
CA GLU Q 18 13.81 -57.15 -34.29
C GLU Q 18 13.49 -56.98 -35.77
N PHE Q 19 13.14 -55.77 -36.17
CA PHE Q 19 12.93 -55.40 -37.56
C PHE Q 19 13.92 -54.31 -37.93
N GLU Q 20 14.72 -54.55 -38.97
CA GLU Q 20 15.75 -53.61 -39.41
C GLU Q 20 15.20 -52.74 -40.53
N GLU Q 21 14.72 -51.54 -40.15
CA GLU Q 21 14.28 -50.46 -41.02
C GLU Q 21 13.02 -50.79 -41.82
N PHE Q 22 12.32 -51.80 -41.31
CA PHE Q 22 11.03 -52.20 -41.81
C PHE Q 22 9.99 -51.28 -41.18
N PRO Q 23 10.13 -50.96 -39.87
CA PRO Q 23 9.13 -50.05 -39.28
C PRO Q 23 9.46 -48.58 -39.51
N ALA Q 24 10.73 -48.24 -39.72
CA ALA Q 24 11.08 -46.86 -40.00
C ALA Q 24 10.57 -46.43 -41.37
N GLU Q 25 10.67 -47.33 -42.36
CA GLU Q 25 10.21 -47.00 -43.71
C GLU Q 25 8.70 -47.17 -43.83
N ASP Q 26 8.15 -48.26 -43.27
CA ASP Q 26 6.71 -48.51 -43.39
C ASP Q 26 5.92 -47.55 -42.52
N TRP Q 27 6.35 -47.35 -41.28
CA TRP Q 27 5.78 -46.28 -40.45
C TRP Q 27 6.16 -44.90 -40.97
N ALA Q 28 7.24 -44.79 -41.75
CA ALA Q 28 7.51 -43.55 -42.48
C ALA Q 28 6.55 -43.38 -43.66
N GLY Q 29 5.83 -44.44 -44.04
CA GLY Q 29 4.71 -44.27 -44.95
C GLY Q 29 3.61 -43.42 -44.34
N LEU Q 30 3.41 -43.52 -43.02
CA LEU Q 30 2.49 -42.63 -42.33
C LEU Q 30 3.17 -41.34 -41.90
N ASP Q 31 4.46 -41.40 -41.63
CA ASP Q 31 5.18 -40.20 -41.20
C ASP Q 31 5.34 -39.21 -42.34
N GLU Q 32 5.43 -39.68 -43.59
CA GLU Q 32 5.57 -38.74 -44.71
C GLU Q 32 4.29 -37.94 -44.94
N ASP Q 33 3.14 -38.46 -44.50
CA ASP Q 33 1.95 -37.63 -44.40
C ASP Q 33 1.89 -36.90 -43.06
N GLU Q 34 2.69 -37.34 -42.09
CA GLU Q 34 2.55 -36.85 -40.72
C GLU Q 34 3.71 -35.96 -40.29
N ASP Q 35 4.84 -35.97 -41.01
CA ASP Q 35 6.00 -35.14 -40.69
C ASP Q 35 5.66 -33.66 -40.86
N ALA Q 36 6.13 -32.86 -39.89
CA ALA Q 36 5.95 -31.42 -39.71
C ALA Q 36 4.51 -31.02 -39.42
N HIS Q 37 3.57 -31.95 -39.40
CA HIS Q 37 2.24 -31.69 -38.90
C HIS Q 37 2.28 -31.92 -37.40
N VAL Q 38 1.76 -30.95 -36.64
CA VAL Q 38 1.88 -30.96 -35.19
C VAL Q 38 1.18 -32.18 -34.61
N TRP Q 39 1.94 -33.00 -33.90
CA TRP Q 39 1.50 -34.33 -33.52
C TRP Q 39 0.57 -34.34 -32.33
N GLU Q 40 0.36 -33.19 -31.68
CA GLU Q 40 -0.77 -33.09 -30.77
C GLU Q 40 -2.08 -33.16 -31.55
N ASP Q 41 -2.12 -32.56 -32.74
CA ASP Q 41 -3.26 -32.73 -33.62
C ASP Q 41 -3.33 -34.15 -34.19
N ASN Q 42 -2.19 -34.80 -34.40
CA ASN Q 42 -2.18 -36.18 -34.89
C ASN Q 42 -2.60 -37.18 -33.84
N TRP Q 43 -2.73 -36.77 -32.58
CA TRP Q 43 -3.30 -37.65 -31.56
C TRP Q 43 -4.83 -37.55 -31.56
N ASP Q 44 -5.36 -36.35 -31.80
CA ASP Q 44 -6.80 -36.22 -31.99
C ASP Q 44 -7.22 -36.82 -33.32
N ASP Q 45 -6.48 -36.49 -34.39
CA ASP Q 45 -6.79 -37.03 -35.71
C ASP Q 45 -6.51 -38.54 -35.75
N ASP Q 46 -5.50 -38.98 -35.01
CA ASP Q 46 -5.24 -40.41 -34.89
C ASP Q 46 -6.29 -41.07 -34.00
N ASN Q 47 -6.86 -40.29 -33.07
CA ASN Q 47 -7.84 -40.83 -32.14
C ASN Q 47 -9.16 -41.10 -32.85
N VAL Q 48 -9.71 -40.09 -33.53
CA VAL Q 48 -10.95 -40.28 -34.24
C VAL Q 48 -10.72 -41.05 -35.54
N GLU Q 49 -9.50 -40.96 -36.10
CA GLU Q 49 -9.14 -41.74 -37.27
C GLU Q 49 -9.14 -43.23 -36.97
N ASP Q 50 -8.35 -43.65 -35.98
CA ASP Q 50 -8.32 -45.04 -35.56
C ASP Q 50 -9.67 -45.47 -34.97
N ASP Q 51 -10.43 -44.52 -34.43
CA ASP Q 51 -11.79 -44.83 -34.00
C ASP Q 51 -12.67 -45.19 -35.18
N PHE Q 52 -12.53 -44.48 -36.30
CA PHE Q 52 -13.35 -44.72 -37.48
C PHE Q 52 -12.63 -45.48 -38.57
N SER Q 53 -11.37 -45.88 -38.34
CA SER Q 53 -10.70 -46.79 -39.26
C SER Q 53 -11.38 -48.15 -39.28
N ASN Q 54 -12.03 -48.53 -38.17
CA ASN Q 54 -12.83 -49.75 -38.15
C ASN Q 54 -14.08 -49.58 -39.02
N GLN Q 55 -14.98 -48.68 -38.63
CA GLN Q 55 -16.24 -48.48 -39.35
C GLN Q 55 -16.62 -47.01 -39.39
N LEU Q 56 -17.51 -46.71 -40.35
CA LEU Q 56 -18.13 -45.40 -40.59
C LEU Q 56 -17.10 -44.28 -40.66
N ARG Q 57 -16.07 -44.50 -41.47
CA ARG Q 57 -14.95 -43.58 -41.62
C ARG Q 57 -15.38 -42.22 -42.18
N ALA Q 58 -15.90 -42.19 -43.40
CA ALA Q 58 -16.37 -40.92 -43.96
C ALA Q 58 -17.77 -40.60 -43.44
N GLU Q 59 -18.75 -41.43 -43.82
CA GLU Q 59 -20.07 -41.56 -43.20
C GLU Q 59 -20.98 -40.35 -43.42
N LEU Q 60 -20.43 -39.24 -43.88
CA LEU Q 60 -21.26 -38.08 -44.20
C LEU Q 60 -21.98 -38.29 -45.51
N GLU Q 61 -21.44 -39.16 -46.36
CA GLU Q 61 -22.13 -39.64 -47.54
C GLU Q 61 -23.34 -40.50 -47.21
N LYS Q 62 -23.37 -41.10 -46.02
CA LYS Q 62 -24.45 -41.98 -45.62
C LYS Q 62 -25.58 -41.24 -44.91
N HIS Q 63 -25.30 -40.07 -44.33
CA HIS Q 63 -26.31 -39.35 -43.57
C HIS Q 63 -27.46 -38.86 -44.45
N GLY Q 64 -27.19 -38.58 -45.73
CA GLY Q 64 -28.25 -38.26 -46.66
C GLY Q 64 -29.18 -39.44 -46.91
N TYR Q 65 -28.69 -40.65 -46.71
CA TYR Q 65 -29.54 -41.83 -46.69
C TYR Q 65 -30.13 -42.08 -45.32
N LYS Q 66 -29.54 -41.51 -44.27
CA LYS Q 66 -30.11 -41.53 -42.94
C LYS Q 66 -31.23 -40.52 -42.76
N MET Q 67 -31.43 -39.63 -43.73
CA MET Q 67 -32.49 -38.64 -43.63
C MET Q 67 -33.88 -39.28 -43.74
N GLU Q 68 -34.11 -40.03 -44.82
CA GLU Q 68 -35.42 -40.62 -45.05
C GLU Q 68 -35.63 -41.86 -44.19
N THR Q 69 -34.56 -42.52 -43.78
CA THR Q 69 -34.67 -43.72 -42.95
C THR Q 69 -34.65 -43.40 -41.47
N SER Q 70 -34.26 -42.20 -41.08
CA SER Q 70 -34.23 -41.81 -39.69
C SER Q 70 -34.50 -40.33 -39.52
ZN ZN R . 17.48 42.97 6.87
#